data_6MMT
#
_entry.id   6MMT
#
_cell.length_a   1
_cell.length_b   1
_cell.length_c   1
_cell.angle_alpha   90.00
_cell.angle_beta   90.00
_cell.angle_gamma   90.00
#
_symmetry.space_group_name_H-M   'P 1'
#
loop_
_entity.id
_entity.type
_entity.pdbx_description
1 polymer 'Glutamate receptor ionotropic, NMDA 1'
2 polymer 'Glutamate receptor ionotropic, NMDA 2A'
3 polymer 'Glutamate receptor ionotropic, NMDA 2A'
4 branched 2-acetamido-2-deoxy-beta-D-glucopyranose-(1-4)-2-acetamido-2-deoxy-beta-D-glucopyranose
5 non-polymer 2-acetamido-2-deoxy-beta-D-glucopyranose
#
loop_
_entity_poly.entity_id
_entity_poly.type
_entity_poly.pdbx_seq_one_letter_code
_entity_poly.pdbx_strand_id
1 'polypeptide(L)'
;MSTMHLLTFALLFSCSFARAACDPKIVNIGAVLSTRKHEQMFREAVNQANKRHGSWKIQLNATSVTHKPNAIQMALSVCE
DLISSQVYAILVSHPPTPNDHFTPTPVSYTAGFYRIPVLGLTTRMSIYSDKSIHLSFLRTVPPYSHQSSVWFEMMRVYNW
NHIILLVSDDHEGRAAQKRLETLLEERESKAEKVLQFDPGTKNVTALLMEARELEARVIILSASEDDAATVYRAAAMLNM
TGSGYVWLVGEREISGNALRYAPDGIIGLQLINGKNESAHISDAVGVVAQAVHELLEKENITDPPRGCVGNTNIWKTGPL
FKRVLMSSKYADGVTGRVEFNEDGDRKFANYSIMNLQNRKLVQVGIYNGTHVIPNDRKIIWPGGETEKPRGYQMSTRLKI
VTIHQEPFVYVKPTMSDGTCKEEFTVNGDPVKKVICTGPNDTSPGSPRHTVPQCCYGFCIDLLIKLARTMNFTYEVHLVA
DGKFGTQERVNNSNKKEWNGMMGELLSGQADMIVAPLTINNERAQYIEFSKPFKYQGLTILVKKEIPRSTLDSFMQPFQS
TLWLLVGLSVHVVAVMLYLLDRFSPFGRFKVNSEEEEEDALTLSSAMWFSWGVLLNSGIGEGAPRSFSARILGMVWAGFA
MIIVASYTANLAAFLVLDRPEERITGINDPRLRNPSDKFIYATVKQSSVDIYFRRQVELSTMYRHMEKHNYESAAEAIQA
VRDNKLHAFIWDSAVLEFEASQKCDLVTTGELFFRSGFGIGMRKDSPWKQNVSLSILKSHENGFMEDLDKTWVRYQECDS
RSNAPATLTFENMAGVFMLVAGGIVAGIFLIFIEIAYK
;
A,C
2 'polypeptide(L)'
;MGRLGYWTLLVLPALLVWRDPAQNAAAEKGPPALNIAVLLGHSHDVTERELRNLWGPEQATGLPLDVNVVALLMNRTDPK
SLITHVCDLMSGARIHGLVFGDDTDQEAVAQMLDFISSQTFIPILGIHGGASMIMADKDPTSTFFQFGASIQQQATVMLK
IMQDYDWHVFSLVTTIFPGYRDFISFIKTTVDNSFVGWDMQNVITLDTSFEDAKTQVQLKKIHSSVILLYCSKDEAVLIL
SEARSLGLTGYDFFWIVPSLVSGNTELIPKEFPSGLISVSYDDWDYSLEARVRDGLGILTTAASSMLEKFSYIPEAKASC
YGQAEKPETPLHTLHQFMVNVTWDGKDLSFTEEGYQVHPRLVVIVLNKDREWEKVGKWENQTLSLRHAVWPRYKSFSDCE
PDDNHLSIVTLEEAPFVIVEDIDPLTETCVRNTVPCRKFVKINNSTNEGMNVKKCCKGFCIDILKKLSRTVKFTYDLYLV
TNGKHGKKVNNVWNGMIGEVVYQRAVMAVGSLTINEERSEVVDFSVPFVETGISVMVSRSNGTVSPSAFLEPFSASVWVM
MFVMLLIVSAIAVFVFEYFSPVGYNRNLAKGKAPHGPSFTIGKAIWLLWGLVFNNSVPVQNPKGTTSKIMVSVWAFFAVI
FLASYTANLAAFMIQEEFVDQVTGLSDKKFQRPHDYSPPFRFGTVPNGSTERNIRNNYPYMHQYMTRFNQRGVEDALVSL
KTGKLDAFIYDAAVLNYKAGRDEGCKLVTIGSGYIFATTGYGIALQKGSPWKRQIDLALLQFVGDGEMEELETLWLTGIC
HNEKNEVMSSQLDIDNMAGVFYMLAAAMALSLITFIW
;
B
3 'polypeptide(L)'
;MGRLGYWTLLVLPALLVWRDPAQNAAAEKGPPALNIAVLLGHSHDVTERELRNLWGPEQATGLPLDVNVVALLMNRTDPK
SLITHVCDLMSGARIHGLVFGDDTDQEAVAQMLDFISSQTFIPILGISGGASMIMADKDPTSTFFQFGASIQQQATVMLK
IMQDYDWHVFSLVTTIFPGYRDFISFIKTTVDNSFVGWDMQNVITLDTSFEDAKTQVQLKKIHSSVILLYCSKDEAVLIL
SEARSLGLTGYDFFWIVPSLVSGNTELIPKEFPSGLISVSYDDWDYSLEARVRDGLGILTTAASSMLEKFSYIPEAKASC
YGQAEKPETPLHTLHQFMVNVTWDGKDLSFTEEGYQVHPRLVVIVLNKDREWEKVGKWENQTLSLRHAVWPRYKSFSDCE
PDDNHLSIVTLEEAPFVIVEDIDPLTETCVRNTVPCRKFVKINNSTNEGMNVKKCCKGFCIDILKKLSRTVKFTYDLYLV
TNGKHGKKVNNVWNGMIGEVVYQRAVMAVGSLTINEERSEVVDFSVPFVETGISVMVSRSNGTVSPSAFLEPFSASVWVM
MFVMLLIVSAIAVFVFEYFSPVGYNRNLAKGKAPHGPSFTIGKAIWLLWGLVFNNSVPVQNPKGTTSKIMVSVWAFFAVI
FLASYTANLAAFMIQEEFVDQVTGLSDKKFQRPHDYSPPFRFGTVPQGSTERNIRNNYPYMHQYMTRFNQRGVEDALVSL
KTGKLDAFIYDAAVLNYKAGRDEGCKLVTIGSGYIFATTGYGIALQKGSPWKRQIDLALLQFVGDGEMEELETLWLTGIC
HNEKNEVMSSQLDIDNMAGVFYMLAAAMALSLITFIW
;
D
#
loop_
_chem_comp.id
_chem_comp.type
_chem_comp.name
_chem_comp.formula
NAG D-saccharide, beta linking 2-acetamido-2-deoxy-beta-D-glucopyranose 'C8 H15 N O6'
#
# COMPACT_ATOMS: atom_id res chain seq x y z
N LYS A 25 -31.59 16.31 -55.86
CA LYS A 25 -32.80 15.51 -55.97
C LYS A 25 -33.98 16.22 -55.32
N ILE A 26 -34.85 15.47 -54.65
CA ILE A 26 -35.99 16.04 -53.95
C ILE A 26 -35.96 15.60 -52.50
N VAL A 27 -36.45 16.49 -51.62
CA VAL A 27 -36.56 16.25 -50.19
C VAL A 27 -37.97 16.61 -49.76
N ASN A 28 -38.65 15.66 -49.12
CA ASN A 28 -40.01 15.88 -48.63
C ASN A 28 -39.99 16.21 -47.15
N ILE A 29 -40.82 17.17 -46.76
CA ILE A 29 -40.93 17.63 -45.38
C ILE A 29 -42.38 17.51 -44.96
N GLY A 30 -42.64 16.73 -43.91
CA GLY A 30 -43.99 16.57 -43.40
C GLY A 30 -44.32 17.58 -42.33
N ALA A 31 -45.59 17.99 -42.30
CA ALA A 31 -46.00 19.01 -41.35
C ALA A 31 -47.49 18.86 -41.04
N VAL A 32 -47.84 19.09 -39.78
CA VAL A 32 -49.25 19.27 -39.42
C VAL A 32 -49.63 20.69 -39.80
N LEU A 33 -50.63 20.82 -40.67
CA LEU A 33 -50.83 22.09 -41.38
C LEU A 33 -52.30 22.23 -41.73
N SER A 34 -52.96 23.22 -41.14
CA SER A 34 -54.31 23.61 -41.52
C SER A 34 -54.38 25.06 -41.96
N THR A 35 -53.77 25.97 -41.22
CA THR A 35 -53.79 27.39 -41.58
C THR A 35 -52.76 27.65 -42.67
N ARG A 36 -53.18 28.35 -43.71
CA ARG A 36 -52.32 28.57 -44.88
C ARG A 36 -51.29 29.67 -44.66
N LYS A 37 -51.34 30.40 -43.53
CA LYS A 37 -50.36 31.46 -43.30
C LYS A 37 -48.99 30.88 -42.93
N HIS A 38 -48.97 29.90 -42.02
CA HIS A 38 -47.70 29.25 -41.73
C HIS A 38 -47.23 28.37 -42.89
N GLU A 39 -48.15 27.88 -43.72
CA GLU A 39 -47.75 27.24 -44.98
C GLU A 39 -47.09 28.25 -45.92
N GLN A 40 -47.60 29.48 -45.95
CA GLN A 40 -47.06 30.51 -46.84
C GLN A 40 -45.67 30.93 -46.40
N MET A 41 -45.47 31.15 -45.09
CA MET A 41 -44.12 31.47 -44.62
C MET A 41 -43.22 30.24 -44.64
N PHE A 42 -43.78 29.03 -44.62
CA PHE A 42 -42.98 27.82 -44.82
C PHE A 42 -42.42 27.77 -46.23
N ARG A 43 -43.26 28.07 -47.24
CA ARG A 43 -42.79 28.14 -48.61
C ARG A 43 -41.82 29.30 -48.81
N GLU A 44 -42.02 30.40 -48.08
CA GLU A 44 -41.08 31.52 -48.14
C GLU A 44 -39.72 31.15 -47.55
N ALA A 45 -39.72 30.38 -46.46
CA ALA A 45 -38.46 29.92 -45.88
C ALA A 45 -37.80 28.85 -46.74
N VAL A 46 -38.59 28.08 -47.48
CA VAL A 46 -38.04 27.16 -48.49
C VAL A 46 -37.36 27.95 -49.60
N ASN A 47 -38.00 29.03 -50.06
CA ASN A 47 -37.42 29.86 -51.12
C ASN A 47 -36.17 30.57 -50.65
N GLN A 48 -36.16 31.06 -49.41
CA GLN A 48 -34.98 31.74 -48.87
C GLN A 48 -33.86 30.77 -48.52
N ALA A 49 -34.20 29.52 -48.19
CA ALA A 49 -33.19 28.54 -47.82
C ALA A 49 -32.47 27.94 -49.02
N ASN A 50 -33.06 28.05 -50.22
CA ASN A 50 -32.46 27.50 -51.43
C ASN A 50 -31.47 28.46 -52.08
N LYS A 51 -31.26 29.64 -51.51
CA LYS A 51 -30.34 30.62 -52.06
C LYS A 51 -29.00 30.66 -51.32
N ARG A 52 -29.03 30.67 -49.99
CA ARG A 52 -27.82 30.78 -49.18
C ARG A 52 -27.13 29.46 -48.92
N HIS A 53 -27.58 28.37 -49.55
CA HIS A 53 -27.01 27.05 -49.35
C HIS A 53 -26.34 26.51 -50.62
N GLY A 54 -25.71 27.40 -51.39
CA GLY A 54 -25.03 26.97 -52.60
C GLY A 54 -25.94 26.88 -53.80
N SER A 55 -25.42 26.24 -54.84
CA SER A 55 -26.11 26.07 -56.11
C SER A 55 -26.37 24.60 -56.40
N TRP A 56 -26.76 23.83 -55.37
CA TRP A 56 -27.08 22.44 -55.55
C TRP A 56 -28.49 22.32 -56.16
N LYS A 57 -28.72 21.20 -56.85
CA LYS A 57 -29.94 20.97 -57.62
C LYS A 57 -31.06 20.35 -56.78
N ILE A 58 -31.07 20.59 -55.46
CA ILE A 58 -32.09 20.00 -54.61
C ILE A 58 -33.42 20.71 -54.83
N GLN A 59 -34.51 19.96 -54.64
CA GLN A 59 -35.86 20.50 -54.61
C GLN A 59 -36.49 20.16 -53.28
N LEU A 60 -37.44 20.98 -52.84
CA LEU A 60 -38.06 20.82 -51.53
C LEU A 60 -39.58 20.78 -51.70
N ASN A 61 -40.18 19.64 -51.37
CA ASN A 61 -41.63 19.49 -51.41
C ASN A 61 -42.15 19.25 -49.99
N ALA A 62 -43.39 19.65 -49.76
CA ALA A 62 -44.02 19.54 -48.45
C ALA A 62 -45.23 18.61 -48.52
N THR A 63 -45.50 17.97 -47.38
CA THR A 63 -46.69 17.17 -47.18
C THR A 63 -47.41 17.74 -45.96
N SER A 64 -48.72 17.95 -46.09
CA SER A 64 -49.48 18.68 -45.08
C SER A 64 -50.64 17.83 -44.59
N VAL A 65 -50.77 17.71 -43.26
CA VAL A 65 -51.90 17.02 -42.66
C VAL A 65 -52.63 18.01 -41.75
N THR A 66 -53.93 17.79 -41.58
CA THR A 66 -54.80 18.75 -40.92
C THR A 66 -55.16 18.26 -39.51
N HIS A 67 -56.03 19.01 -38.83
CA HIS A 67 -56.45 18.68 -37.48
C HIS A 67 -57.47 17.55 -37.48
N LYS A 68 -57.44 16.75 -36.43
CA LYS A 68 -58.36 15.67 -36.16
C LYS A 68 -58.85 15.77 -34.72
N PRO A 69 -60.06 15.29 -34.41
CA PRO A 69 -60.58 15.44 -33.04
C PRO A 69 -59.82 14.64 -32.00
N ASN A 70 -59.18 13.54 -32.37
CA ASN A 70 -58.37 12.75 -31.46
C ASN A 70 -57.04 12.40 -32.12
N ALA A 71 -56.17 11.76 -31.33
CA ALA A 71 -54.89 11.31 -31.84
C ALA A 71 -54.99 10.09 -32.74
N ILE A 72 -56.15 9.41 -32.74
CA ILE A 72 -56.34 8.22 -33.57
C ILE A 72 -56.38 8.61 -35.04
N GLN A 73 -57.25 9.56 -35.40
CA GLN A 73 -57.30 10.02 -36.78
C GLN A 73 -56.09 10.86 -37.15
N MET A 74 -55.41 11.48 -36.18
CA MET A 74 -54.11 12.11 -36.45
C MET A 74 -53.09 11.06 -36.89
N ALA A 75 -52.99 9.96 -36.15
CA ALA A 75 -52.10 8.86 -36.54
C ALA A 75 -52.52 8.23 -37.85
N LEU A 76 -53.82 8.21 -38.13
CA LEU A 76 -54.33 7.70 -39.40
C LEU A 76 -53.87 8.57 -40.56
N SER A 77 -54.00 9.89 -40.42
CA SER A 77 -53.55 10.81 -41.46
C SER A 77 -52.03 10.77 -41.62
N VAL A 78 -51.31 10.56 -40.52
CA VAL A 78 -49.86 10.43 -40.60
C VAL A 78 -49.46 9.16 -41.35
N CYS A 79 -50.11 8.04 -41.05
CA CYS A 79 -49.67 6.79 -41.65
C CYS A 79 -50.12 6.64 -43.09
N GLU A 80 -51.31 7.13 -43.45
CA GLU A 80 -51.69 7.16 -44.86
C GLU A 80 -51.25 8.43 -45.59
N ASP A 81 -50.46 9.30 -44.96
CA ASP A 81 -49.94 10.46 -45.68
C ASP A 81 -48.43 10.58 -45.63
N LEU A 82 -47.79 10.28 -44.50
CA LEU A 82 -46.37 10.59 -44.34
C LEU A 82 -45.46 9.40 -44.57
N ILE A 83 -45.98 8.16 -44.49
CA ILE A 83 -45.12 7.00 -44.73
C ILE A 83 -44.80 6.86 -46.21
N SER A 84 -45.80 7.02 -47.08
CA SER A 84 -45.60 6.92 -48.52
C SER A 84 -45.03 8.18 -49.14
N SER A 85 -44.68 9.20 -48.35
CA SER A 85 -44.22 10.47 -48.87
C SER A 85 -42.71 10.66 -48.75
N GLN A 86 -42.01 9.80 -48.01
CA GLN A 86 -40.58 9.89 -47.70
C GLN A 86 -40.24 11.23 -47.03
N VAL A 87 -41.05 11.62 -46.06
CA VAL A 87 -40.78 12.85 -45.32
C VAL A 87 -39.64 12.61 -44.34
N TYR A 88 -38.91 13.68 -44.02
CA TYR A 88 -37.71 13.58 -43.20
C TYR A 88 -37.83 14.30 -41.86
N ALA A 89 -38.39 15.51 -41.85
CA ALA A 89 -38.60 16.26 -40.62
C ALA A 89 -40.09 16.58 -40.51
N ILE A 90 -40.77 15.89 -39.58
CA ILE A 90 -42.20 16.06 -39.39
C ILE A 90 -42.41 17.13 -38.31
N LEU A 91 -42.97 18.26 -38.71
CA LEU A 91 -43.15 19.41 -37.81
C LEU A 91 -44.59 19.41 -37.31
N VAL A 92 -44.75 19.19 -36.00
CA VAL A 92 -46.04 19.34 -35.34
C VAL A 92 -46.01 20.70 -34.65
N SER A 93 -46.72 21.68 -35.21
CA SER A 93 -46.62 23.07 -34.79
C SER A 93 -48.00 23.67 -34.57
N HIS A 94 -48.84 22.98 -33.81
CA HIS A 94 -50.18 23.47 -33.49
C HIS A 94 -50.48 23.29 -32.01
N PRO A 95 -50.16 24.29 -31.18
CA PRO A 95 -50.59 24.26 -29.78
C PRO A 95 -52.10 24.39 -29.58
N PRO A 96 -52.90 25.08 -30.49
CA PRO A 96 -54.35 24.91 -30.20
C PRO A 96 -54.94 23.56 -30.64
N THR A 97 -54.77 22.57 -29.78
CA THR A 97 -55.37 21.26 -30.00
C THR A 97 -56.82 21.27 -29.51
N PRO A 98 -57.72 20.50 -30.16
CA PRO A 98 -59.10 20.46 -29.67
C PRO A 98 -59.25 19.70 -28.37
N ASN A 99 -58.37 18.75 -28.08
CA ASN A 99 -58.37 18.07 -26.79
C ASN A 99 -57.37 18.73 -25.86
N ASP A 100 -57.68 18.71 -24.56
CA ASP A 100 -56.84 19.33 -23.54
C ASP A 100 -55.82 18.36 -22.94
N HIS A 101 -55.44 17.32 -23.68
CA HIS A 101 -54.39 16.42 -23.25
C HIS A 101 -53.06 16.68 -23.93
N PHE A 102 -53.09 17.33 -25.10
CA PHE A 102 -51.91 17.79 -25.85
C PHE A 102 -50.97 16.63 -26.18
N THR A 103 -51.49 15.69 -26.99
CA THR A 103 -50.76 14.47 -27.35
C THR A 103 -50.49 14.41 -28.84
N PRO A 104 -49.32 14.90 -29.30
CA PRO A 104 -48.82 14.51 -30.62
C PRO A 104 -48.00 13.23 -30.57
N THR A 105 -48.16 12.48 -29.49
CA THR A 105 -47.44 11.21 -29.28
C THR A 105 -47.53 10.16 -30.39
N PRO A 106 -48.68 9.88 -31.07
CA PRO A 106 -48.64 8.82 -32.08
C PRO A 106 -47.86 9.17 -33.33
N VAL A 107 -47.64 10.47 -33.60
CA VAL A 107 -46.79 10.86 -34.72
C VAL A 107 -45.35 10.40 -34.47
N SER A 108 -44.81 10.70 -33.29
CA SER A 108 -43.49 10.24 -32.92
C SER A 108 -43.44 8.73 -32.76
N TYR A 109 -44.53 8.11 -32.30
CA TYR A 109 -44.56 6.66 -32.14
C TYR A 109 -44.59 5.94 -33.49
N THR A 110 -45.20 6.56 -34.51
CA THR A 110 -45.16 6.01 -35.86
C THR A 110 -43.81 6.26 -36.51
N ALA A 111 -43.23 7.44 -36.29
CA ALA A 111 -41.92 7.75 -36.84
C ALA A 111 -40.80 6.97 -36.16
N GLY A 112 -41.03 6.43 -34.96
CA GLY A 112 -40.05 5.59 -34.30
C GLY A 112 -39.87 4.22 -34.89
N PHE A 113 -40.70 3.83 -35.86
CA PHE A 113 -40.45 2.59 -36.59
C PHE A 113 -39.21 2.71 -37.46
N TYR A 114 -38.91 3.93 -37.92
CA TYR A 114 -37.62 4.23 -38.56
C TYR A 114 -36.82 5.26 -37.77
N ARG A 115 -37.22 5.54 -36.52
CA ARG A 115 -36.50 6.41 -35.58
C ARG A 115 -36.37 7.84 -36.12
N ILE A 116 -37.43 8.31 -36.76
CA ILE A 116 -37.41 9.63 -37.39
C ILE A 116 -37.76 10.68 -36.34
N PRO A 117 -36.93 11.72 -36.16
CA PRO A 117 -37.24 12.76 -35.18
C PRO A 117 -38.41 13.64 -35.63
N VAL A 118 -39.41 13.74 -34.77
CA VAL A 118 -40.56 14.62 -34.98
C VAL A 118 -40.30 15.90 -34.19
N LEU A 119 -40.31 17.03 -34.90
CA LEU A 119 -40.07 18.33 -34.27
C LEU A 119 -41.39 18.84 -33.72
N GLY A 120 -41.54 18.74 -32.40
CA GLY A 120 -42.74 19.24 -31.74
C GLY A 120 -42.63 20.70 -31.38
N LEU A 121 -43.55 21.51 -31.91
CA LEU A 121 -43.55 22.95 -31.69
C LEU A 121 -44.83 23.39 -31.00
N THR A 122 -45.37 22.54 -30.13
CA THR A 122 -46.65 22.78 -29.46
C THR A 122 -46.50 23.10 -27.99
N THR A 123 -45.82 22.25 -27.22
CA THR A 123 -45.71 22.41 -25.78
C THR A 123 -44.28 22.17 -25.34
N ARG A 124 -44.05 22.27 -24.03
CA ARG A 124 -42.73 22.10 -23.43
C ARG A 124 -42.76 21.05 -22.33
N MET A 125 -43.61 20.03 -22.46
CA MET A 125 -43.81 19.08 -21.38
C MET A 125 -42.61 18.16 -21.23
N SER A 126 -42.27 17.87 -19.97
CA SER A 126 -41.11 17.05 -19.66
C SER A 126 -41.34 15.56 -19.93
N ILE A 127 -42.59 15.16 -20.19
CA ILE A 127 -42.84 13.77 -20.58
C ILE A 127 -42.33 13.53 -22.01
N TYR A 128 -42.24 14.58 -22.82
CA TYR A 128 -41.66 14.50 -24.15
C TYR A 128 -40.14 14.60 -24.13
N SER A 129 -39.55 14.93 -22.98
CA SER A 129 -38.11 15.02 -22.83
C SER A 129 -37.44 13.67 -22.61
N ASP A 130 -38.21 12.58 -22.61
CA ASP A 130 -37.64 11.27 -22.39
C ASP A 130 -36.85 10.81 -23.62
N LYS A 131 -35.72 10.15 -23.36
CA LYS A 131 -34.96 9.48 -24.41
C LYS A 131 -35.24 7.98 -24.44
N SER A 132 -36.06 7.47 -23.52
CA SER A 132 -36.41 6.06 -23.47
C SER A 132 -37.74 5.78 -24.17
N ILE A 133 -38.83 6.40 -23.71
CA ILE A 133 -40.14 6.18 -24.33
C ILE A 133 -40.19 6.88 -25.68
N HIS A 134 -39.95 8.18 -25.69
CA HIS A 134 -39.70 8.90 -26.94
C HIS A 134 -38.28 8.56 -27.38
N LEU A 135 -38.15 7.99 -28.58
CA LEU A 135 -36.87 7.45 -29.03
C LEU A 135 -35.88 8.57 -29.36
N SER A 136 -36.21 9.38 -30.35
CA SER A 136 -35.35 10.48 -30.79
C SER A 136 -36.17 11.74 -31.00
N PHE A 137 -36.99 12.08 -30.01
CA PHE A 137 -37.86 13.26 -30.11
C PHE A 137 -37.00 14.51 -29.94
N LEU A 138 -36.56 15.07 -31.05
CA LEU A 138 -35.82 16.34 -31.05
C LEU A 138 -36.79 17.49 -31.25
N ARG A 139 -36.49 18.61 -30.60
CA ARG A 139 -37.34 19.79 -30.65
C ARG A 139 -36.49 21.01 -30.32
N THR A 140 -37.06 22.19 -30.55
CA THR A 140 -36.38 23.45 -30.30
C THR A 140 -36.89 24.15 -29.05
N VAL A 141 -37.58 23.43 -28.16
CA VAL A 141 -38.07 24.02 -26.92
C VAL A 141 -37.52 23.22 -25.73
N PRO A 142 -37.17 23.87 -24.63
CA PRO A 142 -36.69 23.14 -23.46
C PRO A 142 -37.85 22.76 -22.55
N PRO A 143 -37.66 21.79 -21.66
CA PRO A 143 -38.67 21.52 -20.63
C PRO A 143 -38.61 22.57 -19.52
N TYR A 144 -39.56 22.45 -18.59
CA TYR A 144 -39.72 23.46 -17.55
C TYR A 144 -38.73 23.32 -16.41
N SER A 145 -38.01 22.19 -16.33
CA SER A 145 -36.99 22.01 -15.29
C SER A 145 -35.82 22.96 -15.49
N HIS A 146 -35.56 23.37 -16.75
CA HIS A 146 -34.60 24.42 -17.03
C HIS A 146 -35.01 25.75 -16.39
N GLN A 147 -36.33 25.97 -16.23
CA GLN A 147 -36.81 27.12 -15.47
C GLN A 147 -36.35 27.06 -14.02
N SER A 148 -36.20 25.85 -13.48
CA SER A 148 -35.60 25.68 -12.15
C SER A 148 -34.17 26.22 -12.13
N SER A 149 -33.43 26.02 -13.22
CA SER A 149 -32.12 26.65 -13.35
C SER A 149 -32.24 28.16 -13.40
N VAL A 150 -33.29 28.66 -14.05
CA VAL A 150 -33.62 30.08 -13.97
C VAL A 150 -33.96 30.44 -12.54
N TRP A 151 -34.64 29.54 -11.84
CA TRP A 151 -34.86 29.70 -10.41
C TRP A 151 -33.55 29.58 -9.64
N PHE A 152 -32.61 28.78 -10.15
CA PHE A 152 -31.25 28.83 -9.62
C PHE A 152 -30.59 30.15 -9.95
N GLU A 153 -30.93 30.74 -11.10
CA GLU A 153 -30.57 32.13 -11.36
C GLU A 153 -31.23 33.07 -10.36
N MET A 154 -32.44 32.73 -9.89
CA MET A 154 -33.03 33.46 -8.78
C MET A 154 -32.35 33.13 -7.46
N MET A 155 -31.65 32.00 -7.38
CA MET A 155 -30.79 31.72 -6.24
C MET A 155 -29.49 32.51 -6.28
N ARG A 156 -29.19 33.17 -7.40
CA ARG A 156 -28.06 34.08 -7.50
C ARG A 156 -28.47 35.54 -7.34
N VAL A 157 -29.77 35.85 -7.41
CA VAL A 157 -30.22 37.22 -7.24
C VAL A 157 -30.21 37.60 -5.76
N TYR A 158 -30.98 36.89 -4.95
CA TYR A 158 -31.09 37.19 -3.52
C TYR A 158 -30.18 36.33 -2.67
N ASN A 159 -29.58 35.29 -3.25
CA ASN A 159 -28.54 34.45 -2.63
C ASN A 159 -29.03 33.78 -1.34
N TRP A 160 -30.04 32.93 -1.49
CA TRP A 160 -30.64 32.21 -0.39
C TRP A 160 -30.32 30.72 -0.52
N ASN A 161 -30.51 30.00 0.59
CA ASN A 161 -30.08 28.62 0.66
C ASN A 161 -31.22 27.64 0.97
N HIS A 162 -32.11 27.99 1.89
CA HIS A 162 -33.16 27.08 2.33
C HIS A 162 -34.37 27.23 1.43
N ILE A 163 -34.77 26.14 0.78
CA ILE A 163 -35.88 26.14 -0.17
C ILE A 163 -36.90 25.09 0.24
N ILE A 164 -38.11 25.25 -0.26
CA ILE A 164 -39.19 24.27 -0.06
C ILE A 164 -39.80 23.94 -1.41
N LEU A 165 -39.62 22.71 -1.86
CA LEU A 165 -40.12 22.24 -3.15
C LEU A 165 -41.45 21.52 -2.97
N LEU A 166 -42.43 21.91 -3.78
CA LEU A 166 -43.73 21.24 -3.81
C LEU A 166 -44.10 20.98 -5.27
N VAL A 167 -44.22 19.71 -5.64
CA VAL A 167 -44.57 19.32 -7.00
C VAL A 167 -45.89 18.57 -6.96
N SER A 168 -46.86 19.02 -7.76
CA SER A 168 -48.12 18.30 -7.86
C SER A 168 -47.93 17.00 -8.64
N ASP A 169 -47.11 17.03 -9.69
CA ASP A 169 -46.93 15.87 -10.55
C ASP A 169 -45.96 14.88 -9.91
N ASP A 170 -45.83 13.72 -10.56
CA ASP A 170 -44.93 12.67 -10.10
C ASP A 170 -44.03 12.20 -11.23
N HIS A 171 -44.51 12.31 -12.47
CA HIS A 171 -43.72 11.91 -13.63
C HIS A 171 -42.59 12.89 -13.89
N GLU A 172 -42.93 14.14 -14.17
CA GLU A 172 -41.94 15.18 -14.36
C GLU A 172 -41.33 15.65 -13.04
N GLY A 173 -41.96 15.32 -11.92
CA GLY A 173 -41.45 15.76 -10.63
C GLY A 173 -40.13 15.11 -10.25
N ARG A 174 -39.93 13.85 -10.63
CA ARG A 174 -38.67 13.19 -10.34
C ARG A 174 -37.53 13.76 -11.18
N ALA A 175 -37.81 14.10 -12.44
CA ALA A 175 -36.82 14.75 -13.28
C ALA A 175 -36.52 16.16 -12.79
N ALA A 176 -37.53 16.87 -12.30
CA ALA A 176 -37.32 18.20 -11.73
C ALA A 176 -36.53 18.12 -10.43
N GLN A 177 -36.76 17.08 -9.63
CA GLN A 177 -36.00 16.92 -8.39
C GLN A 177 -34.56 16.54 -8.66
N LYS A 178 -34.32 15.72 -9.69
CA LYS A 178 -32.95 15.41 -10.10
C LYS A 178 -32.24 16.63 -10.67
N ARG A 179 -32.99 17.49 -11.39
CA ARG A 179 -32.44 18.75 -11.86
C ARG A 179 -32.11 19.67 -10.70
N LEU A 180 -32.95 19.67 -9.66
CA LEU A 180 -32.68 20.45 -8.46
C LEU A 180 -31.45 19.93 -7.73
N GLU A 181 -31.27 18.61 -7.71
CA GLU A 181 -30.05 18.04 -7.14
C GLU A 181 -28.82 18.44 -7.96
N THR A 182 -28.96 18.49 -9.28
CA THR A 182 -27.87 18.93 -10.15
C THR A 182 -27.52 20.40 -9.90
N LEU A 183 -28.53 21.23 -9.64
CA LEU A 183 -28.29 22.63 -9.33
C LEU A 183 -27.64 22.79 -7.95
N LEU A 184 -28.13 22.06 -6.95
CA LEU A 184 -27.61 22.18 -5.60
C LEU A 184 -26.25 21.50 -5.43
N GLU A 185 -25.85 20.65 -6.38
CA GLU A 185 -24.52 20.05 -6.32
C GLU A 185 -23.44 21.09 -6.58
N GLU A 186 -23.77 22.17 -7.31
CA GLU A 186 -22.80 23.23 -7.54
C GLU A 186 -22.49 24.01 -6.27
N ARG A 187 -23.51 24.24 -5.44
CA ARG A 187 -23.28 24.83 -4.13
C ARG A 187 -22.88 23.78 -3.10
N GLU A 188 -23.05 22.50 -3.43
CA GLU A 188 -22.92 21.37 -2.50
C GLU A 188 -23.81 21.54 -1.28
N SER A 189 -25.04 21.99 -1.53
CA SER A 189 -26.07 22.13 -0.52
C SER A 189 -27.21 21.17 -0.83
N LYS A 190 -28.22 21.15 0.05
CA LYS A 190 -29.37 20.29 -0.10
C LYS A 190 -30.64 21.10 0.11
N ALA A 191 -31.74 20.54 -0.36
CA ALA A 191 -33.05 21.15 -0.14
C ALA A 191 -33.51 20.90 1.28
N GLU A 192 -34.21 21.88 1.85
CA GLU A 192 -34.73 21.73 3.20
C GLU A 192 -35.88 20.72 3.24
N LYS A 193 -36.80 20.81 2.29
CA LYS A 193 -37.91 19.87 2.22
C LYS A 193 -38.41 19.81 0.78
N VAL A 194 -38.62 18.59 0.29
CA VAL A 194 -39.23 18.34 -1.00
C VAL A 194 -40.51 17.55 -0.77
N LEU A 195 -41.51 17.79 -1.61
CA LEU A 195 -42.81 17.15 -1.46
C LEU A 195 -43.44 16.86 -2.82
N GLN A 196 -44.05 15.68 -2.93
CA GLN A 196 -44.94 15.34 -4.03
C GLN A 196 -46.22 14.76 -3.45
N PHE A 197 -47.29 14.84 -4.23
CA PHE A 197 -48.59 14.36 -3.78
C PHE A 197 -49.41 13.98 -5.01
N ASP A 198 -50.69 13.66 -4.78
CA ASP A 198 -51.59 13.26 -5.85
C ASP A 198 -52.51 14.41 -6.18
N PRO A 199 -52.56 14.88 -7.43
CA PRO A 199 -53.53 15.92 -7.78
C PRO A 199 -54.96 15.41 -7.75
N GLY A 200 -55.87 16.28 -7.33
CA GLY A 200 -57.27 15.92 -7.22
C GLY A 200 -57.80 16.16 -5.82
N THR A 201 -57.00 15.85 -4.80
CA THR A 201 -57.40 16.11 -3.43
C THR A 201 -57.12 17.57 -3.08
N LYS A 202 -57.72 18.02 -1.97
CA LYS A 202 -57.59 19.40 -1.54
C LYS A 202 -57.16 19.54 -0.08
N ASN A 203 -56.80 18.44 0.58
CA ASN A 203 -56.50 18.45 2.01
C ASN A 203 -55.00 18.47 2.25
N VAL A 204 -54.24 19.19 1.42
CA VAL A 204 -52.78 19.26 1.53
C VAL A 204 -52.37 20.37 2.48
N THR A 205 -53.35 20.95 3.19
CA THR A 205 -53.07 22.04 4.13
C THR A 205 -52.30 21.59 5.36
N ALA A 206 -52.30 20.28 5.66
CA ALA A 206 -51.47 19.77 6.75
C ALA A 206 -49.99 19.90 6.39
N LEU A 207 -49.63 19.61 5.15
CA LEU A 207 -48.26 19.83 4.71
C LEU A 207 -47.93 21.31 4.61
N LEU A 208 -48.96 22.14 4.38
CA LEU A 208 -48.75 23.59 4.42
C LEU A 208 -48.46 24.07 5.84
N MET A 209 -49.11 23.47 6.84
CA MET A 209 -48.77 23.75 8.23
C MET A 209 -47.38 23.23 8.59
N GLU A 210 -46.99 22.08 8.01
CA GLU A 210 -45.65 21.56 8.25
C GLU A 210 -44.59 22.46 7.62
N ALA A 211 -44.90 23.06 6.47
CA ALA A 211 -44.00 24.04 5.87
C ALA A 211 -44.00 25.35 6.67
N ARG A 212 -45.14 25.67 7.30
CA ARG A 212 -45.19 26.81 8.22
C ARG A 212 -44.31 26.57 9.44
N GLU A 213 -44.20 25.31 9.87
CA GLU A 213 -43.29 24.97 10.96
C GLU A 213 -41.82 25.16 10.58
N LEU A 214 -41.50 25.14 9.29
CA LEU A 214 -40.14 25.39 8.84
C LEU A 214 -39.83 26.88 8.86
N GLU A 215 -38.56 27.21 8.60
CA GLU A 215 -38.14 28.61 8.60
C GLU A 215 -38.41 29.28 7.26
N ALA A 216 -37.98 28.63 6.17
CA ALA A 216 -37.89 29.29 4.88
C ALA A 216 -39.26 29.57 4.27
N ARG A 217 -39.34 30.68 3.54
CA ARG A 217 -40.54 31.06 2.82
C ARG A 217 -40.41 30.81 1.32
N VAL A 218 -39.34 30.15 0.90
CA VAL A 218 -39.09 29.89 -0.53
C VAL A 218 -40.04 28.78 -0.95
N ILE A 219 -41.13 29.15 -1.61
CA ILE A 219 -42.14 28.20 -2.05
C ILE A 219 -41.90 27.97 -3.53
N ILE A 220 -41.08 26.97 -3.84
CA ILE A 220 -40.91 26.53 -5.22
C ILE A 220 -42.04 25.57 -5.55
N LEU A 221 -42.78 25.87 -6.60
CA LEU A 221 -43.99 25.12 -6.93
C LEU A 221 -43.92 24.64 -8.37
N SER A 222 -44.28 23.36 -8.58
CA SER A 222 -44.36 22.77 -9.91
C SER A 222 -45.75 22.14 -10.05
N ALA A 223 -46.61 22.77 -10.84
CA ALA A 223 -47.98 22.31 -10.98
C ALA A 223 -48.52 22.77 -12.33
N SER A 224 -49.74 22.34 -12.63
CA SER A 224 -50.46 22.76 -13.83
C SER A 224 -51.22 24.05 -13.51
N GLU A 225 -52.18 24.43 -14.36
CA GLU A 225 -53.02 25.59 -14.08
C GLU A 225 -53.93 25.32 -12.87
N ASP A 226 -54.78 24.30 -12.98
CA ASP A 226 -55.75 23.99 -11.94
C ASP A 226 -55.09 23.49 -10.67
N ASP A 227 -53.97 22.76 -10.79
CA ASP A 227 -53.27 22.26 -9.62
C ASP A 227 -52.64 23.39 -8.81
N ALA A 228 -51.99 24.34 -9.48
CA ALA A 228 -51.41 25.47 -8.78
C ALA A 228 -52.48 26.39 -8.21
N ALA A 229 -53.60 26.54 -8.94
CA ALA A 229 -54.72 27.33 -8.41
C ALA A 229 -55.32 26.69 -7.17
N THR A 230 -55.45 25.36 -7.18
CA THR A 230 -56.01 24.63 -6.04
C THR A 230 -55.08 24.69 -4.84
N VAL A 231 -53.78 24.52 -5.05
CA VAL A 231 -52.88 24.56 -3.89
C VAL A 231 -52.68 25.99 -3.40
N TYR A 232 -52.82 27.00 -4.28
CA TYR A 232 -52.73 28.37 -3.80
C TYR A 232 -53.98 28.75 -3.01
N ARG A 233 -55.15 28.29 -3.44
CA ARG A 233 -56.34 28.57 -2.63
C ARG A 233 -56.33 27.76 -1.34
N ALA A 234 -55.71 26.58 -1.34
CA ALA A 234 -55.50 25.84 -0.10
C ALA A 234 -54.55 26.58 0.83
N ALA A 235 -53.54 27.27 0.28
CA ALA A 235 -52.67 28.08 1.11
C ALA A 235 -53.34 29.37 1.57
N ALA A 236 -54.24 29.91 0.75
CA ALA A 236 -54.93 31.16 1.11
C ALA A 236 -55.94 30.91 2.21
N MET A 237 -56.62 29.76 2.19
CA MET A 237 -57.47 29.39 3.32
C MET A 237 -56.66 28.95 4.53
N LEU A 238 -55.38 28.61 4.34
CA LEU A 238 -54.44 28.34 5.42
C LEU A 238 -53.77 29.61 5.92
N ASN A 239 -54.11 30.75 5.31
CA ASN A 239 -53.53 32.08 5.59
C ASN A 239 -52.02 32.07 5.38
N MET A 240 -51.62 31.74 4.16
CA MET A 240 -50.25 31.85 3.71
C MET A 240 -50.06 33.02 2.75
N THR A 241 -50.91 34.04 2.89
CA THR A 241 -50.88 35.21 2.02
C THR A 241 -50.45 36.47 2.76
N GLY A 242 -49.95 36.34 3.99
CA GLY A 242 -49.53 37.48 4.77
C GLY A 242 -48.17 38.00 4.39
N SER A 243 -47.48 38.58 5.38
CA SER A 243 -46.17 39.18 5.14
C SER A 243 -45.08 38.11 5.16
N GLY A 244 -44.09 38.29 4.27
CA GLY A 244 -42.93 37.42 4.23
C GLY A 244 -43.02 36.26 3.26
N TYR A 245 -44.21 35.94 2.77
CA TYR A 245 -44.36 34.76 1.90
C TYR A 245 -43.81 35.04 0.51
N VAL A 246 -43.01 34.11 0.01
CA VAL A 246 -42.35 34.24 -1.29
C VAL A 246 -42.88 33.11 -2.18
N TRP A 247 -43.42 33.48 -3.33
CA TRP A 247 -43.98 32.53 -4.29
C TRP A 247 -43.11 32.49 -5.53
N LEU A 248 -42.63 31.29 -5.87
CA LEU A 248 -41.74 31.08 -7.02
C LEU A 248 -42.40 30.08 -7.94
N VAL A 249 -43.11 30.59 -8.96
CA VAL A 249 -43.87 29.79 -9.89
C VAL A 249 -43.47 30.19 -11.32
N GLY A 250 -44.13 29.55 -12.29
CA GLY A 250 -43.86 29.82 -13.69
C GLY A 250 -45.06 30.35 -14.44
N GLU A 251 -45.13 30.06 -15.74
CA GLU A 251 -46.19 30.59 -16.60
C GLU A 251 -47.45 29.72 -16.59
N ARG A 252 -47.29 28.40 -16.53
CA ARG A 252 -48.45 27.53 -16.43
C ARG A 252 -49.14 27.65 -15.08
N GLU A 253 -48.39 27.98 -14.03
CA GLU A 253 -48.94 28.11 -12.70
C GLU A 253 -49.70 29.42 -12.50
N ILE A 254 -49.62 30.35 -13.44
CA ILE A 254 -50.34 31.62 -13.38
C ILE A 254 -51.33 31.75 -14.53
N SER A 255 -51.62 30.65 -15.22
CA SER A 255 -52.53 30.66 -16.35
C SER A 255 -53.88 30.06 -15.95
N GLY A 256 -54.90 30.40 -16.73
CA GLY A 256 -56.25 29.91 -16.48
C GLY A 256 -56.90 30.60 -15.30
N ASN A 257 -57.61 29.81 -14.48
CA ASN A 257 -58.26 30.36 -13.28
C ASN A 257 -57.25 30.81 -12.24
N ALA A 258 -56.03 30.27 -12.27
CA ALA A 258 -54.95 30.80 -11.43
C ALA A 258 -54.59 32.22 -11.83
N LEU A 259 -54.79 32.58 -13.10
CA LEU A 259 -54.71 33.97 -13.52
C LEU A 259 -55.73 34.83 -12.78
N ARG A 260 -56.92 34.28 -12.54
CA ARG A 260 -57.85 34.93 -11.63
C ARG A 260 -57.39 34.83 -10.19
N TYR A 261 -56.72 33.73 -9.83
CA TYR A 261 -56.43 33.41 -8.44
C TYR A 261 -55.06 33.89 -7.99
N ALA A 262 -54.33 34.62 -8.83
CA ALA A 262 -53.00 35.07 -8.43
C ALA A 262 -53.10 36.33 -7.57
N PRO A 263 -52.23 36.47 -6.57
CA PRO A 263 -52.28 37.66 -5.71
C PRO A 263 -51.69 38.89 -6.39
N ASP A 264 -51.73 40.00 -5.66
CA ASP A 264 -51.23 41.28 -6.15
C ASP A 264 -49.77 41.41 -5.71
N GLY A 265 -48.87 40.92 -6.56
CA GLY A 265 -47.45 40.99 -6.24
C GLY A 265 -46.70 39.70 -6.49
N ILE A 266 -47.37 38.72 -7.10
CA ILE A 266 -46.74 37.43 -7.37
C ILE A 266 -45.77 37.58 -8.54
N ILE A 267 -44.64 36.88 -8.45
CA ILE A 267 -43.58 36.93 -9.45
C ILE A 267 -43.70 35.70 -10.34
N GLY A 268 -43.86 35.91 -11.64
CA GLY A 268 -43.99 34.82 -12.59
C GLY A 268 -43.01 34.97 -13.73
N LEU A 269 -43.03 33.97 -14.62
CA LEU A 269 -42.14 33.92 -15.76
C LEU A 269 -42.93 34.07 -17.06
N GLN A 270 -42.22 34.49 -18.10
CA GLN A 270 -42.82 34.66 -19.43
C GLN A 270 -41.83 34.18 -20.49
N LEU A 271 -42.33 33.39 -21.42
CA LEU A 271 -41.51 32.81 -22.49
C LEU A 271 -41.53 33.74 -23.68
N ILE A 272 -40.39 34.34 -23.99
CA ILE A 272 -40.26 35.15 -25.20
C ILE A 272 -40.24 34.22 -26.41
N ASN A 273 -41.07 34.54 -27.41
CA ASN A 273 -41.26 33.75 -28.63
C ASN A 273 -41.75 32.32 -28.34
N GLY A 274 -42.56 32.17 -27.30
CA GLY A 274 -43.19 30.90 -27.02
C GLY A 274 -44.51 30.76 -27.77
N LYS A 275 -45.42 31.71 -27.56
CA LYS A 275 -46.68 31.76 -28.27
C LYS A 275 -46.65 32.75 -29.44
N ASN A 276 -45.56 33.52 -29.58
CA ASN A 276 -45.33 34.30 -30.78
C ASN A 276 -45.29 33.41 -32.02
N GLU A 277 -44.57 32.28 -31.93
CA GLU A 277 -44.65 31.07 -32.77
C GLU A 277 -44.51 31.27 -34.28
N SER A 278 -44.15 32.46 -34.75
CA SER A 278 -43.91 32.66 -36.17
C SER A 278 -42.42 32.52 -36.51
N ALA A 279 -41.58 33.38 -35.90
CA ALA A 279 -40.15 33.27 -36.12
C ALA A 279 -39.56 32.04 -35.43
N HIS A 280 -40.27 31.46 -34.45
CA HIS A 280 -39.88 30.17 -33.90
C HIS A 280 -39.96 29.07 -34.95
N ILE A 281 -41.09 29.02 -35.68
CA ILE A 281 -41.23 28.09 -36.79
C ILE A 281 -40.24 28.41 -37.90
N SER A 282 -39.98 29.71 -38.13
CA SER A 282 -39.02 30.11 -39.16
C SER A 282 -37.60 29.64 -38.83
N ASP A 283 -37.17 29.81 -37.59
CA ASP A 283 -35.85 29.33 -37.18
C ASP A 283 -35.81 27.80 -37.14
N ALA A 284 -36.94 27.15 -36.85
CA ALA A 284 -36.98 25.69 -36.92
C ALA A 284 -36.79 25.19 -38.35
N VAL A 285 -37.45 25.84 -39.31
CA VAL A 285 -37.29 25.48 -40.72
C VAL A 285 -35.87 25.81 -41.18
N GLY A 286 -35.25 26.87 -40.64
CA GLY A 286 -33.85 27.14 -40.95
C GLY A 286 -32.90 26.10 -40.40
N VAL A 287 -33.19 25.58 -39.20
CA VAL A 287 -32.42 24.47 -38.63
C VAL A 287 -32.56 23.22 -39.48
N VAL A 288 -33.79 22.91 -39.91
CA VAL A 288 -34.03 21.76 -40.78
C VAL A 288 -33.31 21.93 -42.12
N ALA A 289 -33.29 23.15 -42.65
CA ALA A 289 -32.66 23.41 -43.94
C ALA A 289 -31.15 23.29 -43.87
N GLN A 290 -30.52 23.85 -42.82
CA GLN A 290 -29.07 23.70 -42.67
C GLN A 290 -28.69 22.26 -42.38
N ALA A 291 -29.56 21.50 -41.68
CA ALA A 291 -29.28 20.09 -41.43
C ALA A 291 -29.37 19.27 -42.70
N VAL A 292 -30.38 19.53 -43.54
CA VAL A 292 -30.55 18.79 -44.79
C VAL A 292 -29.43 19.13 -45.77
N HIS A 293 -29.06 20.40 -45.88
CA HIS A 293 -27.95 20.76 -46.76
C HIS A 293 -26.60 20.26 -46.22
N GLU A 294 -26.46 20.15 -44.90
CA GLU A 294 -25.24 19.58 -44.34
C GLU A 294 -25.16 18.08 -44.60
N LEU A 295 -26.32 17.40 -44.58
CA LEU A 295 -26.34 16.00 -44.96
C LEU A 295 -26.08 15.82 -46.46
N LEU A 296 -26.51 16.79 -47.28
CA LEU A 296 -26.20 16.74 -48.70
C LEU A 296 -24.74 17.04 -48.97
N GLU A 297 -24.08 17.79 -48.09
CA GLU A 297 -22.64 18.01 -48.23
C GLU A 297 -21.84 16.74 -47.95
N LYS A 298 -22.36 15.85 -47.12
CA LYS A 298 -21.66 14.63 -46.75
C LYS A 298 -22.18 13.46 -47.59
N GLU A 299 -21.59 12.30 -47.37
CA GLU A 299 -21.89 11.09 -48.10
C GLU A 299 -22.83 10.19 -47.29
N ASN A 300 -23.01 8.95 -47.77
CA ASN A 300 -23.89 7.93 -47.18
C ASN A 300 -25.34 8.42 -47.14
N ILE A 301 -25.84 8.78 -48.30
CA ILE A 301 -27.19 9.33 -48.45
C ILE A 301 -28.17 8.16 -48.34
N THR A 302 -28.77 7.99 -47.17
CA THR A 302 -29.73 6.93 -46.93
C THR A 302 -31.14 7.50 -46.82
N ASP A 303 -32.11 6.70 -47.26
CA ASP A 303 -33.50 7.13 -47.25
C ASP A 303 -34.36 6.14 -46.47
N PRO A 304 -35.24 6.62 -45.59
CA PRO A 304 -36.19 5.73 -44.92
C PRO A 304 -37.18 5.15 -45.92
N PRO A 305 -37.26 3.83 -46.02
CA PRO A 305 -38.18 3.23 -47.00
C PRO A 305 -39.62 3.31 -46.53
N ARG A 306 -40.52 3.09 -47.48
CA ARG A 306 -41.96 3.20 -47.25
C ARG A 306 -42.41 1.96 -46.50
N GLY A 307 -42.57 2.08 -45.18
CA GLY A 307 -42.85 0.94 -44.32
C GLY A 307 -44.25 0.37 -44.44
N CYS A 308 -45.13 1.03 -45.18
CA CYS A 308 -46.50 0.54 -45.32
C CYS A 308 -46.57 -0.69 -46.22
N VAL A 309 -45.80 -0.70 -47.30
CA VAL A 309 -45.84 -1.79 -48.28
C VAL A 309 -44.44 -2.37 -48.41
N GLY A 310 -44.27 -3.61 -47.91
CA GLY A 310 -43.08 -4.39 -48.21
C GLY A 310 -41.78 -3.93 -47.58
N ASN A 311 -41.85 -3.19 -46.48
CA ASN A 311 -40.65 -2.72 -45.79
C ASN A 311 -40.84 -2.93 -44.30
N THR A 312 -40.05 -3.85 -43.73
CA THR A 312 -40.21 -4.24 -42.33
C THR A 312 -39.00 -3.92 -41.46
N ASN A 313 -37.83 -3.74 -42.03
CA ASN A 313 -36.61 -3.55 -41.24
C ASN A 313 -36.52 -2.13 -40.68
N ILE A 314 -35.51 -1.92 -39.85
CA ILE A 314 -35.31 -0.65 -39.18
C ILE A 314 -34.40 0.24 -40.03
N TRP A 315 -34.41 1.53 -39.73
CA TRP A 315 -33.56 2.51 -40.42
C TRP A 315 -32.22 2.54 -39.68
N LYS A 316 -31.19 2.01 -40.33
CA LYS A 316 -29.94 1.71 -39.65
C LYS A 316 -29.08 2.95 -39.38
N THR A 317 -29.35 4.07 -40.04
CA THR A 317 -28.56 5.29 -39.87
C THR A 317 -29.24 6.29 -38.95
N GLY A 318 -29.91 5.80 -37.91
CA GLY A 318 -30.47 6.61 -36.86
C GLY A 318 -29.45 7.41 -36.06
N PRO A 319 -28.49 6.72 -35.42
CA PRO A 319 -27.39 7.45 -34.77
C PRO A 319 -26.50 8.24 -35.71
N LEU A 320 -26.47 7.90 -37.00
CA LEU A 320 -25.82 8.77 -37.99
C LEU A 320 -26.55 10.10 -38.10
N PHE A 321 -27.88 10.05 -38.13
CA PHE A 321 -28.69 11.27 -38.14
C PHE A 321 -28.55 12.03 -36.82
N LYS A 322 -28.35 11.30 -35.71
CA LYS A 322 -28.10 11.95 -34.43
C LYS A 322 -26.75 12.64 -34.41
N ARG A 323 -25.74 12.03 -35.04
CA ARG A 323 -24.43 12.66 -35.15
C ARG A 323 -24.48 13.90 -36.03
N VAL A 324 -25.32 13.88 -37.06
CA VAL A 324 -25.49 15.05 -37.92
C VAL A 324 -26.19 16.17 -37.17
N LEU A 325 -27.31 15.87 -36.52
CA LEU A 325 -28.15 16.93 -35.96
C LEU A 325 -27.63 17.45 -34.62
N MET A 326 -27.20 16.55 -33.73
CA MET A 326 -26.86 16.95 -32.37
C MET A 326 -25.52 17.65 -32.26
N SER A 327 -24.74 17.72 -33.34
CA SER A 327 -23.43 18.37 -33.33
C SER A 327 -23.41 19.56 -34.27
N SER A 328 -24.47 20.36 -34.24
CA SER A 328 -24.63 21.49 -35.15
C SER A 328 -24.25 22.79 -34.43
N LYS A 329 -23.53 23.66 -35.13
CA LYS A 329 -23.08 24.94 -34.60
C LYS A 329 -23.87 26.08 -35.25
N TYR A 330 -24.24 27.07 -34.44
CA TYR A 330 -25.11 28.14 -34.90
C TYR A 330 -24.53 29.49 -34.51
N ALA A 331 -24.53 30.43 -35.47
CA ALA A 331 -24.15 31.81 -35.23
C ALA A 331 -25.18 32.78 -35.77
N ASP A 332 -26.32 32.30 -36.24
CA ASP A 332 -27.35 33.15 -36.83
C ASP A 332 -28.72 32.59 -36.47
N GLY A 333 -29.69 33.50 -36.34
CA GLY A 333 -31.05 33.11 -36.02
C GLY A 333 -31.93 34.31 -35.75
N VAL A 334 -33.20 34.22 -36.11
CA VAL A 334 -34.12 35.34 -35.93
C VAL A 334 -34.52 35.46 -34.45
N THR A 335 -34.95 34.34 -33.85
CA THR A 335 -35.25 34.35 -32.42
C THR A 335 -33.99 34.33 -31.57
N GLY A 336 -32.85 33.98 -32.13
CA GLY A 336 -31.60 33.96 -31.40
C GLY A 336 -30.78 32.75 -31.77
N ARG A 337 -29.84 32.42 -30.90
CA ARG A 337 -28.93 31.30 -31.12
C ARG A 337 -29.51 30.06 -30.45
N VAL A 338 -29.59 28.98 -31.21
CA VAL A 338 -29.93 27.66 -30.68
C VAL A 338 -28.64 26.86 -30.57
N GLU A 339 -28.59 25.98 -29.58
CA GLU A 339 -27.38 25.20 -29.31
C GLU A 339 -27.81 23.85 -28.75
N PHE A 340 -27.09 22.79 -29.12
CA PHE A 340 -27.43 21.44 -28.71
C PHE A 340 -26.59 21.03 -27.50
N ASN A 341 -27.26 20.61 -26.43
CA ASN A 341 -26.63 19.88 -25.34
C ASN A 341 -26.74 18.39 -25.62
N GLU A 342 -26.54 17.55 -24.61
CA GLU A 342 -26.81 16.12 -24.75
C GLU A 342 -28.28 15.81 -24.97
N ASP A 343 -29.18 16.72 -24.58
CA ASP A 343 -30.61 16.52 -24.74
C ASP A 343 -31.17 17.13 -26.02
N GLY A 344 -30.58 18.22 -26.51
CA GLY A 344 -31.03 18.82 -27.75
C GLY A 344 -32.21 19.75 -27.59
N ASP A 345 -32.05 20.78 -26.75
CA ASP A 345 -33.12 21.76 -26.53
C ASP A 345 -32.61 23.17 -26.76
N ARG A 346 -33.40 24.17 -26.39
CA ARG A 346 -33.01 25.57 -26.53
C ARG A 346 -32.46 26.09 -25.22
N LYS A 347 -31.24 26.61 -25.25
CA LYS A 347 -30.56 27.11 -24.06
C LYS A 347 -30.10 28.54 -24.31
N PHE A 348 -29.85 29.24 -23.20
CA PHE A 348 -29.27 30.59 -23.17
C PHE A 348 -30.12 31.60 -23.94
N ALA A 349 -31.40 31.68 -23.58
CA ALA A 349 -32.36 32.49 -24.29
C ALA A 349 -32.86 33.63 -23.41
N ASN A 350 -33.28 34.72 -24.07
CA ASN A 350 -33.93 35.82 -23.38
C ASN A 350 -35.31 35.39 -22.91
N TYR A 351 -35.54 35.44 -21.59
CA TYR A 351 -36.88 35.20 -21.03
C TYR A 351 -37.35 36.48 -20.35
N SER A 352 -38.51 36.42 -19.71
CA SER A 352 -39.03 37.59 -19.02
C SER A 352 -39.51 37.21 -17.62
N ILE A 353 -39.43 38.16 -16.70
CA ILE A 353 -39.88 37.99 -15.32
C ILE A 353 -40.92 39.07 -15.06
N MET A 354 -42.16 38.62 -14.85
CA MET A 354 -43.33 39.47 -14.75
C MET A 354 -43.83 39.55 -13.31
N ASN A 355 -44.60 40.59 -13.04
CA ASN A 355 -45.22 40.81 -11.74
C ASN A 355 -46.66 41.23 -11.95
N LEU A 356 -47.56 40.69 -11.13
CA LEU A 356 -48.97 41.06 -11.19
C LEU A 356 -49.19 42.19 -10.18
N GLN A 357 -48.83 43.40 -10.61
CA GLN A 357 -48.93 44.59 -9.77
C GLN A 357 -50.40 45.03 -9.72
N ASN A 358 -51.09 44.61 -8.67
CA ASN A 358 -52.49 44.95 -8.39
C ASN A 358 -53.41 44.54 -9.54
N ARG A 359 -53.41 43.22 -9.81
CA ARG A 359 -54.15 42.59 -10.90
C ARG A 359 -53.78 43.16 -12.28
N LYS A 360 -52.54 43.61 -12.43
CA LYS A 360 -52.04 44.12 -13.70
C LYS A 360 -50.64 43.57 -13.93
N LEU A 361 -50.44 42.93 -15.07
CA LEU A 361 -49.14 42.35 -15.42
C LEU A 361 -48.15 43.46 -15.72
N VAL A 362 -47.18 43.65 -14.82
CA VAL A 362 -46.14 44.67 -14.96
C VAL A 362 -44.79 43.96 -14.96
N GLN A 363 -43.98 44.23 -15.97
CA GLN A 363 -42.70 43.56 -16.12
C GLN A 363 -41.69 44.10 -15.11
N VAL A 364 -40.98 43.19 -14.44
CA VAL A 364 -39.98 43.57 -13.46
C VAL A 364 -38.59 43.03 -13.79
N GLY A 365 -38.43 42.27 -14.85
CA GLY A 365 -37.08 41.89 -15.23
C GLY A 365 -37.02 41.21 -16.58
N ILE A 366 -35.85 41.30 -17.20
CA ILE A 366 -35.53 40.49 -18.37
C ILE A 366 -34.53 39.42 -17.94
N TYR A 367 -34.47 38.35 -18.72
CA TYR A 367 -33.62 37.21 -18.41
C TYR A 367 -32.62 37.03 -19.54
N ASN A 368 -31.38 37.45 -19.25
CA ASN A 368 -30.16 37.16 -19.99
C ASN A 368 -29.95 35.65 -20.08
N GLY A 369 -29.13 35.21 -21.04
CA GLY A 369 -28.97 33.78 -21.30
C GLY A 369 -28.36 33.01 -20.13
N THR A 370 -27.58 33.68 -19.29
CA THR A 370 -27.11 33.07 -18.06
C THR A 370 -27.14 34.04 -16.88
N HIS A 371 -27.88 35.14 -17.00
CA HIS A 371 -28.02 36.11 -15.91
C HIS A 371 -29.45 36.64 -15.88
N VAL A 372 -29.72 37.50 -14.90
CA VAL A 372 -31.01 38.12 -14.70
C VAL A 372 -30.79 39.62 -14.57
N ILE A 373 -31.47 40.40 -15.41
CA ILE A 373 -31.36 41.86 -15.37
C ILE A 373 -32.73 42.43 -15.00
N PRO A 374 -32.94 42.77 -13.73
CA PRO A 374 -34.17 43.49 -13.36
C PRO A 374 -34.13 44.91 -13.89
N ASN A 375 -35.27 45.39 -14.35
CA ASN A 375 -35.38 46.71 -14.93
C ASN A 375 -35.51 47.77 -13.84
N ASP A 376 -35.87 48.99 -14.22
CA ASP A 376 -36.05 50.08 -13.27
C ASP A 376 -37.39 50.00 -12.53
N ARG A 377 -38.25 49.05 -12.86
CA ARG A 377 -39.51 48.88 -12.15
C ARG A 377 -39.27 48.30 -10.76
N LYS A 378 -40.18 48.59 -9.84
CA LYS A 378 -40.04 48.15 -8.47
C LYS A 378 -40.40 46.67 -8.33
N ILE A 379 -39.59 45.95 -7.55
CA ILE A 379 -39.86 44.56 -7.24
C ILE A 379 -40.86 44.55 -6.09
N ILE A 380 -42.12 44.27 -6.39
CA ILE A 380 -43.20 44.34 -5.43
C ILE A 380 -43.57 42.92 -5.01
N TRP A 381 -43.57 42.67 -3.70
CA TRP A 381 -43.81 41.42 -3.01
C TRP A 381 -45.26 41.34 -2.55
N PRO A 382 -45.81 40.12 -2.43
CA PRO A 382 -47.19 39.99 -1.92
C PRO A 382 -47.32 40.29 -0.43
N GLY A 383 -46.22 40.40 0.30
CA GLY A 383 -46.28 40.64 1.73
C GLY A 383 -46.08 42.10 2.11
N GLY A 384 -44.90 42.44 2.60
CA GLY A 384 -44.65 43.77 3.11
C GLY A 384 -43.91 44.70 2.16
N GLU A 385 -42.66 44.97 2.46
CA GLU A 385 -41.89 45.97 1.74
C GLU A 385 -41.45 45.46 0.37
N THR A 386 -40.90 46.37 -0.43
CA THR A 386 -40.38 46.02 -1.74
C THR A 386 -39.03 45.31 -1.66
N GLU A 387 -38.33 45.39 -0.53
CA GLU A 387 -37.10 44.65 -0.35
C GLU A 387 -37.40 43.18 -0.06
N LYS A 388 -36.33 42.39 0.01
CA LYS A 388 -36.50 40.94 0.15
C LYS A 388 -36.95 40.59 1.56
N PRO A 389 -37.96 39.74 1.72
CA PRO A 389 -38.28 39.17 3.03
C PRO A 389 -37.35 38.01 3.33
N ARG A 390 -36.43 38.21 4.27
CA ARG A 390 -35.48 37.17 4.65
C ARG A 390 -36.19 36.18 5.57
N GLY A 391 -36.53 35.02 5.04
CA GLY A 391 -37.26 34.02 5.80
C GLY A 391 -36.38 33.09 6.60
N TYR A 392 -35.36 33.64 7.27
CA TYR A 392 -34.47 32.87 8.13
C TYR A 392 -34.69 33.39 9.54
N GLN A 393 -35.68 32.83 10.24
CA GLN A 393 -36.04 33.30 11.56
C GLN A 393 -35.02 32.83 12.60
N MET A 394 -35.17 33.35 13.82
CA MET A 394 -34.22 33.05 14.87
C MET A 394 -34.40 31.64 15.43
N SER A 395 -35.58 31.04 15.27
CA SER A 395 -35.90 29.65 15.64
C SER A 395 -35.63 29.40 17.12
N THR A 396 -36.46 30.05 17.96
CA THR A 396 -36.35 29.89 19.40
C THR A 396 -36.67 28.45 19.82
N ARG A 397 -37.78 27.91 19.33
CA ARG A 397 -38.21 26.56 19.68
C ARG A 397 -37.31 25.55 18.97
N LEU A 398 -36.35 25.01 19.71
CA LEU A 398 -35.36 24.07 19.17
C LEU A 398 -35.60 22.69 19.74
N LYS A 399 -35.91 21.73 18.88
CA LYS A 399 -36.12 20.35 19.28
C LYS A 399 -34.78 19.71 19.63
N ILE A 400 -34.61 19.34 20.89
CA ILE A 400 -33.38 18.72 21.37
C ILE A 400 -33.65 17.24 21.60
N VAL A 401 -32.81 16.39 21.04
CA VAL A 401 -32.97 14.95 21.14
C VAL A 401 -31.60 14.32 21.42
N THR A 402 -31.61 13.21 22.15
CA THR A 402 -30.39 12.48 22.47
C THR A 402 -30.76 11.03 22.74
N ILE A 403 -29.73 10.21 22.94
CA ILE A 403 -29.89 8.82 23.35
C ILE A 403 -29.41 8.72 24.79
N HIS A 404 -29.91 7.70 25.50
CA HIS A 404 -29.59 7.53 26.91
C HIS A 404 -28.16 6.98 27.05
N GLN A 405 -27.19 7.90 26.96
CA GLN A 405 -25.81 7.62 27.31
C GLN A 405 -25.69 7.82 28.82
N GLU A 406 -25.47 6.71 29.54
CA GLU A 406 -25.77 6.65 30.97
C GLU A 406 -24.99 7.62 31.87
N PRO A 407 -23.65 7.76 31.78
CA PRO A 407 -23.02 8.78 32.62
C PRO A 407 -23.20 10.20 32.11
N PHE A 408 -23.71 10.40 30.89
CA PHE A 408 -23.91 11.72 30.34
C PHE A 408 -25.38 12.13 30.29
N VAL A 409 -26.27 11.19 30.03
CA VAL A 409 -27.71 11.42 30.03
C VAL A 409 -28.31 10.52 31.09
N TYR A 410 -28.90 11.12 32.12
CA TYR A 410 -29.57 10.39 33.19
C TYR A 410 -31.06 10.65 33.07
N VAL A 411 -31.83 9.58 32.87
CA VAL A 411 -33.28 9.65 32.75
C VAL A 411 -33.87 8.98 33.97
N LYS A 412 -34.66 9.72 34.74
CA LYS A 412 -35.24 9.24 35.98
C LYS A 412 -36.71 9.60 36.03
N PRO A 413 -37.57 8.70 36.49
CA PRO A 413 -39.00 9.03 36.63
C PRO A 413 -39.23 10.15 37.65
N THR A 414 -40.33 10.88 37.45
CA THR A 414 -40.60 12.09 38.20
C THR A 414 -40.98 11.77 39.65
N MET A 415 -40.89 12.80 40.49
CA MET A 415 -41.13 12.61 41.92
C MET A 415 -42.62 12.48 42.22
N SER A 416 -43.40 13.54 41.96
CA SER A 416 -44.82 13.53 42.25
C SER A 416 -45.67 13.65 40.98
N ASP A 417 -45.51 14.73 40.22
CA ASP A 417 -46.26 14.90 38.98
C ASP A 417 -45.43 15.82 38.07
N GLY A 418 -44.65 15.21 37.18
CA GLY A 418 -43.85 15.96 36.23
C GLY A 418 -42.76 16.83 36.82
N THR A 419 -42.34 16.55 38.06
CA THR A 419 -41.38 17.39 38.76
C THR A 419 -40.07 16.63 38.96
N CYS A 420 -39.02 17.39 39.24
CA CYS A 420 -37.67 16.86 39.40
C CYS A 420 -37.12 17.25 40.76
N LYS A 421 -36.48 16.30 41.42
CA LYS A 421 -35.88 16.57 42.73
C LYS A 421 -34.59 17.36 42.56
N GLU A 422 -34.44 18.42 43.36
CA GLU A 422 -33.23 19.24 43.35
C GLU A 422 -32.13 18.49 44.10
N GLU A 423 -31.53 17.53 43.42
CA GLU A 423 -30.50 16.70 44.02
C GLU A 423 -29.17 17.43 44.02
N PHE A 424 -28.43 17.30 45.11
CA PHE A 424 -27.18 18.02 45.29
C PHE A 424 -26.01 17.16 44.83
N THR A 425 -24.93 17.84 44.44
CA THR A 425 -23.68 17.16 44.10
C THR A 425 -22.80 17.08 45.34
N VAL A 426 -21.54 16.71 45.15
CA VAL A 426 -20.59 16.70 46.26
C VAL A 426 -20.13 18.09 46.65
N ASN A 427 -20.40 19.10 45.83
CA ASN A 427 -20.02 20.48 46.11
C ASN A 427 -21.21 21.33 46.54
N GLY A 428 -22.36 20.72 46.80
CA GLY A 428 -23.55 21.46 47.16
C GLY A 428 -24.32 22.05 46.00
N ASP A 429 -23.89 21.79 44.76
CA ASP A 429 -24.58 22.31 43.60
C ASP A 429 -25.84 21.49 43.33
N PRO A 430 -27.02 22.10 43.29
CA PRO A 430 -28.22 21.35 42.87
C PRO A 430 -28.15 21.03 41.39
N VAL A 431 -28.47 19.78 41.06
CA VAL A 431 -28.41 19.33 39.68
C VAL A 431 -29.55 19.94 38.89
N LYS A 432 -29.20 20.77 37.90
CA LYS A 432 -30.19 21.47 37.07
C LYS A 432 -30.74 20.46 36.07
N LYS A 433 -31.84 19.82 36.45
CA LYS A 433 -32.48 18.81 35.61
C LYS A 433 -33.36 19.50 34.56
N VAL A 434 -34.05 18.69 33.77
CA VAL A 434 -34.97 19.21 32.75
C VAL A 434 -36.10 18.20 32.58
N ILE A 435 -37.27 18.71 32.22
CA ILE A 435 -38.44 17.86 32.00
C ILE A 435 -38.39 17.41 30.54
N CYS A 436 -37.88 16.21 30.32
CA CYS A 436 -37.79 15.61 29.00
C CYS A 436 -38.95 14.63 28.81
N THR A 437 -39.17 14.24 27.56
CA THR A 437 -40.20 13.25 27.23
C THR A 437 -39.54 12.09 26.51
N GLY A 438 -39.77 10.88 27.01
CA GLY A 438 -39.09 9.72 26.48
C GLY A 438 -39.97 8.50 26.38
N PRO A 439 -39.43 7.42 25.83
CA PRO A 439 -40.19 6.17 25.75
C PRO A 439 -40.20 5.42 27.06
N ASN A 440 -41.20 4.54 27.18
CA ASN A 440 -41.33 3.64 28.33
C ASN A 440 -40.15 2.67 28.39
N ASP A 441 -40.05 1.81 27.39
CA ASP A 441 -39.06 0.73 27.37
C ASP A 441 -38.44 0.69 25.98
N THR A 442 -37.69 -0.38 25.70
CA THR A 442 -37.10 -0.59 24.40
C THR A 442 -38.12 -1.28 23.49
N SER A 443 -37.66 -1.73 22.32
CA SER A 443 -38.53 -2.42 21.37
C SER A 443 -38.97 -3.82 21.83
N PRO A 444 -38.15 -4.65 22.50
CA PRO A 444 -38.74 -5.84 23.16
C PRO A 444 -39.56 -5.50 24.39
N GLY A 445 -39.31 -4.36 25.04
CA GLY A 445 -40.02 -4.01 26.25
C GLY A 445 -41.43 -3.49 26.02
N SER A 446 -41.54 -2.37 25.34
CA SER A 446 -42.83 -1.74 25.09
C SER A 446 -43.03 -1.52 23.60
N PRO A 447 -44.25 -1.74 23.08
CA PRO A 447 -44.53 -1.43 21.66
C PRO A 447 -44.41 0.05 21.36
N ARG A 448 -45.20 0.87 22.05
CA ARG A 448 -45.10 2.33 21.95
C ARG A 448 -45.78 2.94 23.16
N HIS A 449 -45.02 3.72 23.93
CA HIS A 449 -45.54 4.42 25.10
C HIS A 449 -44.56 5.54 25.44
N THR A 450 -45.10 6.68 25.89
CA THR A 450 -44.29 7.87 26.10
C THR A 450 -44.66 8.51 27.44
N VAL A 451 -43.64 8.75 28.26
CA VAL A 451 -43.83 9.45 29.53
C VAL A 451 -42.89 10.64 29.64
N PRO A 452 -43.31 11.73 30.29
CA PRO A 452 -42.38 12.81 30.63
C PRO A 452 -41.63 12.50 31.93
N GLN A 453 -40.31 12.45 31.85
CA GLN A 453 -39.47 12.20 33.01
C GLN A 453 -38.39 13.28 33.13
N CYS A 454 -37.43 13.08 34.03
CA CYS A 454 -36.39 14.06 34.29
C CYS A 454 -35.09 13.61 33.64
N CYS A 455 -34.48 14.52 32.88
CA CYS A 455 -33.18 14.28 32.26
C CYS A 455 -32.14 15.23 32.85
N TYR A 456 -30.96 14.68 33.13
CA TYR A 456 -29.85 15.51 33.61
C TYR A 456 -28.54 14.85 33.20
N GLY A 457 -27.45 15.34 33.76
CA GLY A 457 -26.14 14.79 33.44
C GLY A 457 -25.19 15.79 32.82
N PHE A 458 -24.57 15.40 31.71
CA PHE A 458 -23.50 16.20 31.10
C PHE A 458 -24.04 17.14 30.02
N CYS A 459 -24.68 16.57 28.99
CA CYS A 459 -25.12 17.37 27.85
C CYS A 459 -26.32 18.24 28.19
N ILE A 460 -27.06 17.91 29.26
CA ILE A 460 -28.17 18.75 29.70
C ILE A 460 -27.65 20.07 30.25
N ASP A 461 -26.66 20.01 31.15
CA ASP A 461 -26.05 21.23 31.67
C ASP A 461 -25.22 21.93 30.60
N LEU A 462 -24.72 21.18 29.61
CA LEU A 462 -24.08 21.80 28.46
C LEU A 462 -25.08 22.62 27.66
N LEU A 463 -26.28 22.10 27.44
CA LEU A 463 -27.32 22.85 26.76
C LEU A 463 -27.80 24.04 27.58
N ILE A 464 -27.79 23.90 28.91
CA ILE A 464 -28.11 25.03 29.79
C ILE A 464 -27.05 26.12 29.67
N LYS A 465 -25.77 25.72 29.57
CA LYS A 465 -24.69 26.69 29.36
C LYS A 465 -24.79 27.35 28.00
N LEU A 466 -25.23 26.60 26.99
CA LEU A 466 -25.42 27.18 25.66
C LEU A 466 -26.59 28.15 25.64
N ALA A 467 -27.68 27.83 26.36
CA ALA A 467 -28.82 28.73 26.46
C ALA A 467 -28.47 29.96 27.29
N ARG A 468 -27.54 29.83 28.22
CA ARG A 468 -26.98 31.01 28.88
C ARG A 468 -26.12 31.83 27.93
N THR A 469 -25.42 31.16 27.02
CA THR A 469 -24.55 31.86 26.07
C THR A 469 -25.34 32.40 24.88
N MET A 470 -25.95 31.51 24.11
CA MET A 470 -26.78 31.89 22.97
C MET A 470 -28.23 31.96 23.39
N ASN A 471 -28.96 32.91 22.79
CA ASN A 471 -30.35 33.18 23.19
C ASN A 471 -31.27 32.28 22.39
N PHE A 472 -31.73 31.20 23.01
CA PHE A 472 -32.66 30.27 22.39
C PHE A 472 -33.41 29.52 23.49
N THR A 473 -34.50 28.88 23.11
CA THR A 473 -35.21 27.98 24.01
C THR A 473 -35.00 26.55 23.54
N TYR A 474 -35.55 25.62 24.30
CA TYR A 474 -35.30 24.20 24.09
C TYR A 474 -36.61 23.47 23.84
N GLU A 475 -36.47 22.24 23.34
CA GLU A 475 -37.54 21.25 23.35
C GLU A 475 -36.85 19.90 23.49
N VAL A 476 -36.66 19.46 24.73
CA VAL A 476 -35.83 18.31 25.03
C VAL A 476 -36.70 17.07 25.07
N HIS A 477 -36.40 16.11 24.19
CA HIS A 477 -37.08 14.83 24.16
C HIS A 477 -36.03 13.75 23.91
N LEU A 478 -36.48 12.50 23.91
CA LEU A 478 -35.58 11.36 23.75
C LEU A 478 -35.75 10.75 22.37
N VAL A 479 -34.77 9.93 22.00
CA VAL A 479 -34.86 9.18 20.75
C VAL A 479 -35.86 8.03 20.94
N ALA A 480 -36.55 7.68 19.85
CA ALA A 480 -37.62 6.70 19.93
C ALA A 480 -37.08 5.29 20.20
N ASP A 481 -36.13 4.85 19.37
CA ASP A 481 -35.54 3.54 19.54
C ASP A 481 -34.39 3.62 20.56
N GLY A 482 -33.63 2.54 20.67
CA GLY A 482 -32.44 2.54 21.50
C GLY A 482 -31.21 2.33 20.67
N LYS A 483 -31.24 2.85 19.44
CA LYS A 483 -30.18 2.65 18.46
C LYS A 483 -29.62 3.99 18.01
N PHE A 484 -28.36 3.98 17.60
CA PHE A 484 -27.77 5.15 16.96
C PHE A 484 -28.36 5.37 15.57
N GLY A 485 -28.64 4.28 14.86
CA GLY A 485 -29.22 4.36 13.53
C GLY A 485 -28.20 4.15 12.44
N THR A 486 -28.24 2.99 11.80
CA THR A 486 -27.32 2.67 10.71
C THR A 486 -28.05 2.69 9.37
N GLN A 487 -27.26 2.58 8.30
CA GLN A 487 -27.77 2.64 6.94
C GLN A 487 -28.28 1.25 6.57
N GLU A 488 -29.48 0.95 7.04
CA GLU A 488 -30.10 -0.36 6.86
C GLU A 488 -31.03 -0.32 5.65
N ARG A 489 -31.14 -1.45 4.96
CA ARG A 489 -32.09 -1.59 3.86
C ARG A 489 -33.52 -1.41 4.34
N VAL A 490 -34.32 -0.71 3.55
CA VAL A 490 -35.76 -0.64 3.78
C VAL A 490 -36.34 -1.90 3.17
N ASN A 491 -37.61 -2.22 3.50
CA ASN A 491 -38.22 -3.52 3.22
C ASN A 491 -38.44 -3.81 1.73
N ASN A 492 -38.17 -2.87 0.83
CA ASN A 492 -38.32 -3.10 -0.60
C ASN A 492 -37.33 -2.23 -1.36
N SER A 493 -37.44 -2.26 -2.70
CA SER A 493 -36.85 -1.32 -3.65
C SER A 493 -35.32 -1.34 -3.70
N ASN A 494 -34.65 -2.23 -2.95
CA ASN A 494 -33.19 -2.37 -2.88
C ASN A 494 -32.53 -1.04 -2.51
N LYS A 495 -33.02 -0.42 -1.45
CA LYS A 495 -32.57 0.90 -1.03
C LYS A 495 -32.22 0.88 0.46
N LYS A 496 -31.05 1.42 0.79
CA LYS A 496 -30.63 1.55 2.17
C LYS A 496 -30.99 2.94 2.70
N GLU A 497 -31.45 2.98 3.94
CA GLU A 497 -31.87 4.23 4.56
C GLU A 497 -31.30 4.32 5.97
N TRP A 498 -31.05 5.55 6.41
CA TRP A 498 -30.67 5.81 7.79
C TRP A 498 -31.91 5.93 8.65
N ASN A 499 -31.74 5.68 9.94
CA ASN A 499 -32.84 5.76 10.89
C ASN A 499 -32.30 6.19 12.24
N GLY A 500 -33.09 5.98 13.29
CA GLY A 500 -32.63 6.34 14.64
C GLY A 500 -32.60 7.83 14.82
N MET A 501 -31.44 8.34 15.25
CA MET A 501 -31.30 9.77 15.46
C MET A 501 -31.27 10.52 14.13
N MET A 502 -30.68 9.92 13.10
CA MET A 502 -30.73 10.53 11.77
C MET A 502 -32.14 10.48 11.20
N GLY A 503 -32.88 9.40 11.47
CA GLY A 503 -34.25 9.32 11.02
C GLY A 503 -35.17 10.30 11.72
N GLU A 504 -34.86 10.63 12.97
CA GLU A 504 -35.63 11.67 13.66
C GLU A 504 -35.18 13.07 13.27
N LEU A 505 -33.92 13.23 12.87
CA LEU A 505 -33.40 14.55 12.56
C LEU A 505 -33.78 14.99 11.15
N LEU A 506 -33.63 14.10 10.18
CA LEU A 506 -33.86 14.46 8.78
C LEU A 506 -35.33 14.61 8.45
N SER A 507 -36.22 14.09 9.28
CA SER A 507 -37.66 14.22 9.06
C SER A 507 -38.21 15.57 9.48
N GLY A 508 -37.38 16.45 10.04
CA GLY A 508 -37.84 17.71 10.57
C GLY A 508 -38.38 17.62 11.98
N GLN A 509 -38.42 16.43 12.57
CA GLN A 509 -38.91 16.23 13.93
C GLN A 509 -37.83 16.41 14.97
N ALA A 510 -36.65 16.89 14.58
CA ALA A 510 -35.58 17.18 15.51
C ALA A 510 -34.73 18.31 14.94
N ASP A 511 -34.17 19.12 15.83
CA ASP A 511 -33.38 20.28 15.43
C ASP A 511 -31.90 20.14 15.74
N MET A 512 -31.56 19.55 16.88
CA MET A 512 -30.17 19.46 17.30
C MET A 512 -29.98 18.22 18.14
N ILE A 513 -29.09 17.33 17.71
CA ILE A 513 -28.78 16.10 18.45
C ILE A 513 -27.62 16.45 19.37
N VAL A 514 -27.97 16.84 20.61
CA VAL A 514 -26.95 17.13 21.61
C VAL A 514 -26.54 15.82 22.24
N ALA A 515 -25.53 15.17 21.66
CA ALA A 515 -25.08 13.86 22.10
C ALA A 515 -23.66 13.64 21.62
N PRO A 516 -22.78 13.05 22.43
CA PRO A 516 -21.41 12.79 21.97
C PRO A 516 -21.36 11.66 20.94
N LEU A 517 -21.77 11.97 19.72
CA LEU A 517 -21.88 10.97 18.66
C LEU A 517 -20.50 10.68 18.08
N THR A 518 -20.28 9.41 17.73
CA THR A 518 -19.07 9.00 17.03
C THR A 518 -19.11 9.60 15.64
N ILE A 519 -18.34 10.67 15.43
CA ILE A 519 -18.34 11.38 14.16
C ILE A 519 -17.49 10.58 13.18
N ASN A 520 -18.15 9.95 12.21
CA ASN A 520 -17.49 9.18 11.18
C ASN A 520 -17.48 9.96 9.86
N ASN A 521 -17.01 9.28 8.81
CA ASN A 521 -16.95 9.92 7.51
C ASN A 521 -18.29 9.90 6.80
N GLU A 522 -19.06 8.82 6.98
CA GLU A 522 -20.25 8.58 6.17
C GLU A 522 -21.38 9.52 6.54
N ARG A 523 -21.63 9.70 7.83
CA ARG A 523 -22.70 10.58 8.26
C ARG A 523 -22.36 12.05 8.07
N ALA A 524 -21.07 12.38 7.94
CA ALA A 524 -20.67 13.74 7.61
C ALA A 524 -20.76 14.03 6.12
N GLN A 525 -20.87 13.00 5.29
CA GLN A 525 -21.07 13.21 3.86
C GLN A 525 -22.44 13.79 3.53
N TYR A 526 -23.42 13.61 4.42
CA TYR A 526 -24.77 14.09 4.17
C TYR A 526 -25.07 15.40 4.87
N ILE A 527 -24.87 15.47 6.18
CA ILE A 527 -25.20 16.64 6.96
C ILE A 527 -23.95 17.18 7.63
N GLU A 528 -24.00 18.47 7.98
CA GLU A 528 -22.87 19.15 8.58
C GLU A 528 -22.81 18.84 10.07
N PHE A 529 -21.59 18.70 10.58
CA PHE A 529 -21.35 18.38 11.98
C PHE A 529 -20.60 19.51 12.66
N SER A 530 -20.73 19.57 13.98
CA SER A 530 -20.07 20.60 14.76
C SER A 530 -18.63 20.21 15.03
N LYS A 531 -17.93 21.06 15.77
CA LYS A 531 -16.56 20.74 16.16
C LYS A 531 -16.57 19.72 17.29
N PRO A 532 -15.77 18.66 17.20
CA PRO A 532 -15.73 17.65 18.27
C PRO A 532 -15.14 18.17 19.56
N PHE A 533 -15.97 18.29 20.59
CA PHE A 533 -15.49 18.80 21.86
C PHE A 533 -14.71 17.75 22.64
N LYS A 534 -15.09 16.48 22.52
CA LYS A 534 -14.52 15.42 23.34
C LYS A 534 -13.55 14.59 22.51
N TYR A 535 -12.40 14.30 23.08
CA TYR A 535 -11.43 13.41 22.46
C TYR A 535 -11.41 12.12 23.27
N GLN A 536 -11.96 11.05 22.71
CA GLN A 536 -12.19 9.84 23.47
C GLN A 536 -12.04 8.64 22.54
N GLY A 537 -11.38 7.59 23.03
CA GLY A 537 -11.08 6.43 22.22
C GLY A 537 -11.90 5.21 22.54
N LEU A 538 -11.32 4.02 22.37
CA LEU A 538 -12.01 2.77 22.61
C LEU A 538 -11.24 1.92 23.61
N THR A 539 -11.98 0.99 24.23
CA THR A 539 -11.45 0.18 25.31
C THR A 539 -12.31 -1.08 25.44
N ILE A 540 -11.80 -2.03 26.21
CA ILE A 540 -12.35 -3.37 26.35
C ILE A 540 -12.61 -3.62 27.83
N LEU A 541 -13.84 -4.02 28.17
CA LEU A 541 -14.21 -4.31 29.55
C LEU A 541 -14.11 -5.82 29.80
N VAL A 542 -13.35 -6.20 30.82
CA VAL A 542 -13.15 -7.59 31.19
C VAL A 542 -13.43 -7.75 32.67
N LYS A 543 -13.45 -9.00 33.12
CA LYS A 543 -13.70 -9.36 34.51
C LYS A 543 -12.42 -9.92 35.11
N LYS A 544 -11.56 -9.02 35.56
CA LYS A 544 -10.31 -9.39 36.22
C LYS A 544 -10.44 -9.19 37.73
N GLU A 545 -9.29 -9.27 38.42
CA GLU A 545 -9.14 -9.08 39.87
C GLU A 545 -9.95 -10.13 40.64
N ILE A 546 -9.51 -11.37 40.47
CA ILE A 546 -10.02 -12.50 41.23
C ILE A 546 -8.84 -13.12 41.98
N PRO A 547 -8.73 -12.90 43.29
CA PRO A 547 -7.63 -13.46 44.09
C PRO A 547 -7.71 -14.98 44.23
N THR A 550 -3.55 -14.42 50.06
CA THR A 550 -4.73 -14.87 50.80
C THR A 550 -4.35 -15.84 51.90
N LEU A 551 -4.29 -17.13 51.55
CA LEU A 551 -3.89 -18.15 52.52
C LEU A 551 -2.39 -18.06 52.83
N ASP A 552 -1.60 -17.63 51.85
CA ASP A 552 -0.21 -17.16 51.96
C ASP A 552 0.81 -18.25 52.30
N SER A 553 0.38 -19.50 52.53
CA SER A 553 1.25 -20.68 52.64
C SER A 553 2.25 -20.57 53.78
N PHE A 554 1.73 -20.41 55.00
CA PHE A 554 2.61 -20.23 56.15
C PHE A 554 2.90 -21.53 56.88
N MET A 555 1.89 -22.18 57.47
CA MET A 555 2.05 -23.52 58.02
C MET A 555 1.05 -24.52 57.45
N GLN A 556 -0.25 -24.21 57.53
CA GLN A 556 -1.29 -25.13 57.09
C GLN A 556 -1.52 -25.08 55.57
N PRO A 557 -1.52 -23.91 54.88
CA PRO A 557 -1.43 -23.98 53.42
C PRO A 557 -0.03 -24.27 52.90
N PHE A 558 0.98 -24.19 53.76
CA PHE A 558 2.32 -24.61 53.40
C PHE A 558 2.45 -26.12 53.52
N GLN A 559 3.32 -26.71 52.71
CA GLN A 559 3.49 -28.16 52.75
C GLN A 559 4.26 -28.56 54.01
N SER A 560 3.61 -29.33 54.88
CA SER A 560 4.20 -29.74 56.14
C SER A 560 4.94 -31.06 56.03
N THR A 561 5.05 -31.61 54.82
CA THR A 561 5.79 -32.85 54.63
C THR A 561 7.29 -32.63 54.83
N LEU A 562 7.84 -31.62 54.17
CA LEU A 562 9.24 -31.28 54.39
C LEU A 562 9.46 -30.63 55.75
N TRP A 563 8.41 -29.99 56.30
CA TRP A 563 8.51 -29.44 57.64
C TRP A 563 8.57 -30.56 58.69
N LEU A 564 7.76 -31.61 58.52
CA LEU A 564 7.87 -32.78 59.37
C LEU A 564 9.18 -33.52 59.13
N LEU A 565 9.72 -33.45 57.91
CA LEU A 565 11.02 -34.03 57.63
C LEU A 565 12.13 -33.30 58.39
N VAL A 566 12.05 -31.97 58.46
CA VAL A 566 13.00 -31.18 59.24
C VAL A 566 12.86 -31.48 60.73
N GLY A 567 11.62 -31.62 61.20
CA GLY A 567 11.39 -31.96 62.61
C GLY A 567 11.93 -33.33 63.00
N LEU A 568 11.65 -34.34 62.16
CA LEU A 568 12.19 -35.67 62.42
C LEU A 568 13.71 -35.71 62.25
N SER A 569 14.25 -34.88 61.36
CA SER A 569 15.70 -34.83 61.16
C SER A 569 16.41 -34.24 62.37
N VAL A 570 15.89 -33.14 62.91
CA VAL A 570 16.52 -32.56 64.10
C VAL A 570 16.24 -33.44 65.32
N HIS A 571 15.16 -34.22 65.30
CA HIS A 571 14.93 -35.22 66.34
C HIS A 571 15.99 -36.32 66.31
N VAL A 572 16.29 -36.84 65.12
CA VAL A 572 17.30 -37.89 64.98
C VAL A 572 18.69 -37.34 65.30
N VAL A 573 18.94 -36.06 64.95
CA VAL A 573 20.21 -35.42 65.31
C VAL A 573 20.35 -35.28 66.83
N ALA A 574 19.25 -34.92 67.51
CA ALA A 574 19.30 -34.80 68.96
C ALA A 574 19.49 -36.17 69.64
N VAL A 575 18.85 -37.21 69.08
CA VAL A 575 19.04 -38.56 69.62
C VAL A 575 20.48 -39.04 69.39
N MET A 576 21.06 -38.70 68.24
CA MET A 576 22.43 -39.12 67.95
C MET A 576 23.43 -38.36 68.81
N LEU A 577 23.16 -37.08 69.09
CA LEU A 577 24.05 -36.34 69.99
C LEU A 577 23.90 -36.80 71.43
N TYR A 578 22.71 -37.25 71.84
CA TYR A 578 22.58 -37.85 73.16
C TYR A 578 23.28 -39.21 73.22
N LEU A 579 23.30 -39.95 72.12
CA LEU A 579 24.07 -41.21 72.09
C LEU A 579 25.56 -40.94 72.12
N LEU A 580 26.01 -39.84 71.51
CA LEU A 580 27.42 -39.46 71.63
C LEU A 580 27.73 -38.97 73.03
N ASP A 581 26.73 -38.40 73.72
CA ASP A 581 26.88 -38.06 75.14
C ASP A 581 27.00 -39.33 75.97
N ARG A 582 26.25 -40.38 75.60
CA ARG A 582 26.38 -41.67 76.29
C ARG A 582 27.72 -42.32 75.98
N PHE A 583 28.15 -42.28 74.73
CA PHE A 583 29.47 -42.77 74.34
C PHE A 583 30.48 -41.61 74.36
N SER A 584 30.70 -41.10 75.56
CA SER A 584 31.58 -39.95 75.73
C SER A 584 33.04 -40.39 75.62
N PRO A 585 33.90 -39.61 74.94
CA PRO A 585 35.31 -39.95 74.80
C PRO A 585 36.09 -39.78 76.11
N LEU A 601 18.01 -34.96 84.07
CA LEU A 601 17.37 -34.32 82.94
C LEU A 601 18.36 -34.00 81.83
N THR A 602 19.40 -34.83 81.71
CA THR A 602 20.43 -34.61 80.69
C THR A 602 19.87 -34.85 79.29
N LEU A 603 19.01 -35.87 79.14
CA LEU A 603 18.28 -36.08 77.89
C LEU A 603 17.32 -34.92 77.64
N SER A 604 16.65 -34.45 78.70
CA SER A 604 15.75 -33.31 78.56
C SER A 604 16.53 -32.04 78.25
N SER A 605 17.71 -31.87 78.85
CA SER A 605 18.55 -30.71 78.55
C SER A 605 19.06 -30.75 77.11
N ALA A 606 19.39 -31.95 76.61
CA ALA A 606 19.84 -32.09 75.24
C ALA A 606 18.71 -31.79 74.24
N MET A 607 17.49 -32.28 74.53
CA MET A 607 16.36 -32.00 73.66
C MET A 607 15.98 -30.52 73.69
N TRP A 608 16.00 -29.91 74.87
CA TRP A 608 15.67 -28.49 74.98
C TRP A 608 16.73 -27.62 74.31
N PHE A 609 18.00 -28.02 74.41
CA PHE A 609 19.07 -27.30 73.71
C PHE A 609 18.93 -27.44 72.20
N SER A 610 18.59 -28.63 71.72
CA SER A 610 18.42 -28.84 70.27
C SER A 610 17.25 -28.02 69.72
N TRP A 611 16.09 -28.10 70.38
CA TRP A 611 14.92 -27.36 69.90
C TRP A 611 15.01 -25.87 70.20
N GLY A 612 15.93 -25.44 71.07
CA GLY A 612 16.12 -24.02 71.30
C GLY A 612 17.11 -23.38 70.34
N VAL A 613 18.21 -24.08 70.05
CA VAL A 613 19.16 -23.59 69.06
C VAL A 613 18.55 -23.71 67.66
N LEU A 614 17.62 -24.66 67.46
CA LEU A 614 16.90 -24.76 66.19
C LEU A 614 16.06 -23.51 65.91
N LEU A 615 15.42 -22.96 66.94
CA LEU A 615 14.59 -21.78 66.79
C LEU A 615 15.29 -20.51 67.25
N ASN A 616 16.60 -20.58 67.52
CA ASN A 616 17.48 -19.44 67.78
C ASN A 616 17.06 -18.64 69.02
N SER A 617 16.42 -19.30 69.97
CA SER A 617 15.93 -18.63 71.17
C SER A 617 15.86 -19.63 72.31
N GLY A 618 16.10 -19.14 73.52
CA GLY A 618 16.07 -19.98 74.70
C GLY A 618 17.26 -20.92 74.76
N ILE A 619 18.47 -20.36 74.69
CA ILE A 619 19.70 -21.13 74.60
C ILE A 619 20.49 -20.91 75.88
N GLY A 620 20.79 -22.00 76.59
CA GLY A 620 21.55 -21.91 77.82
C GLY A 620 23.03 -21.68 77.58
N PHE A 627 33.17 -32.34 72.42
CA PHE A 627 33.10 -30.95 71.97
C PHE A 627 32.61 -30.87 70.53
N SER A 628 32.92 -31.90 69.75
CA SER A 628 32.53 -31.93 68.34
C SER A 628 31.03 -32.18 68.17
N ALA A 629 30.35 -32.66 69.21
CA ALA A 629 28.90 -32.82 69.16
C ALA A 629 28.21 -31.47 69.03
N ARG A 630 28.63 -30.49 69.83
CA ARG A 630 28.09 -29.15 69.71
C ARG A 630 28.53 -28.48 68.42
N ILE A 631 29.69 -28.87 67.88
CA ILE A 631 30.15 -28.36 66.59
C ILE A 631 29.24 -28.82 65.46
N LEU A 632 28.92 -30.12 65.45
CA LEU A 632 28.00 -30.64 64.44
C LEU A 632 26.58 -30.13 64.64
N GLY A 633 26.18 -29.90 65.89
CA GLY A 633 24.89 -29.29 66.15
C GLY A 633 24.81 -27.85 65.66
N MET A 634 25.92 -27.11 65.75
CA MET A 634 25.91 -25.75 65.26
C MET A 634 26.04 -25.70 63.74
N VAL A 635 26.67 -26.72 63.14
CA VAL A 635 26.59 -26.92 61.69
C VAL A 635 25.13 -27.12 61.26
N TRP A 636 24.41 -27.98 62.00
CA TRP A 636 22.99 -28.18 61.71
C TRP A 636 22.16 -26.93 61.97
N ALA A 637 22.58 -26.10 62.92
CA ALA A 637 21.85 -24.86 63.21
C ALA A 637 22.03 -23.83 62.11
N GLY A 638 23.26 -23.66 61.62
CA GLY A 638 23.48 -22.80 60.47
C GLY A 638 22.83 -23.34 59.21
N PHE A 639 22.77 -24.67 59.09
CA PHE A 639 22.03 -25.31 58.01
C PHE A 639 20.54 -25.01 58.10
N ALA A 640 19.99 -25.03 59.30
CA ALA A 640 18.59 -24.67 59.49
C ALA A 640 18.34 -23.20 59.25
N MET A 641 19.33 -22.34 59.51
CA MET A 641 19.16 -20.93 59.17
C MET A 641 19.21 -20.72 57.66
N ILE A 642 19.99 -21.54 56.95
CA ILE A 642 19.92 -21.57 55.49
C ILE A 642 18.54 -22.00 55.02
N ILE A 643 17.96 -22.98 55.72
CA ILE A 643 16.62 -23.48 55.39
C ILE A 643 15.57 -22.38 55.57
N VAL A 644 15.61 -21.68 56.71
CA VAL A 644 14.61 -20.65 56.94
C VAL A 644 14.88 -19.39 56.12
N ALA A 645 16.12 -19.18 55.66
CA ALA A 645 16.37 -18.11 54.69
C ALA A 645 15.77 -18.45 53.34
N SER A 646 15.85 -19.73 52.94
CA SER A 646 15.17 -20.19 51.74
C SER A 646 13.65 -20.09 51.89
N TYR A 647 13.15 -20.33 53.10
CA TYR A 647 11.72 -20.19 53.37
C TYR A 647 11.28 -18.73 53.28
N THR A 648 12.11 -17.82 53.78
CA THR A 648 11.84 -16.39 53.68
C THR A 648 11.87 -15.93 52.22
N ALA A 649 12.81 -16.46 51.44
CA ALA A 649 12.84 -16.16 50.01
C ALA A 649 11.64 -16.74 49.28
N ASN A 650 11.14 -17.90 49.71
CA ASN A 650 9.95 -18.49 49.08
C ASN A 650 8.71 -17.66 49.39
N LEU A 651 8.59 -17.20 50.64
CA LEU A 651 7.47 -16.31 50.98
C LEU A 651 7.61 -14.94 50.35
N ALA A 652 8.84 -14.51 50.04
CA ALA A 652 9.00 -13.29 49.27
C ALA A 652 8.56 -13.49 47.83
N ALA A 653 8.94 -14.62 47.24
CA ALA A 653 8.54 -14.95 45.87
C ALA A 653 7.05 -15.22 45.74
N PHE A 654 6.38 -15.58 46.84
CA PHE A 654 4.93 -15.74 46.83
C PHE A 654 4.21 -14.44 46.52
N LEU A 655 4.77 -13.30 46.92
CA LEU A 655 4.09 -12.02 46.80
C LEU A 655 4.83 -11.03 45.90
N VAL A 656 5.61 -11.53 44.94
CA VAL A 656 6.25 -10.65 43.97
C VAL A 656 5.22 -10.11 42.98
N LEU A 657 4.54 -11.01 42.28
CA LEU A 657 3.63 -10.63 41.22
C LEU A 657 2.32 -11.40 41.33
N ASP A 658 1.30 -10.85 40.71
CA ASP A 658 -0.01 -11.49 40.58
C ASP A 658 -0.02 -12.29 39.27
N ARG A 659 -1.21 -12.69 38.81
CA ARG A 659 -1.38 -13.31 37.49
C ARG A 659 -2.09 -12.32 36.59
N PRO A 660 -1.38 -11.49 35.83
CA PRO A 660 -2.03 -10.50 34.98
C PRO A 660 -2.32 -11.04 33.58
N GLU A 661 -3.21 -10.33 32.89
CA GLU A 661 -3.57 -10.57 31.49
C GLU A 661 -4.10 -11.99 31.25
N GLU A 662 -5.20 -12.30 31.91
CA GLU A 662 -5.88 -13.57 31.66
C GLU A 662 -6.54 -13.59 30.28
N ARG A 663 -6.86 -12.43 29.75
CA ARG A 663 -7.33 -12.27 28.38
C ARG A 663 -6.37 -11.35 27.64
N ILE A 664 -5.96 -11.76 26.43
CA ILE A 664 -5.06 -10.95 25.63
C ILE A 664 -5.81 -9.77 25.07
N THR A 665 -5.38 -8.56 25.44
CA THR A 665 -6.08 -7.34 25.05
C THR A 665 -5.69 -6.86 23.66
N GLY A 666 -4.85 -7.59 22.94
CA GLY A 666 -4.45 -7.19 21.60
C GLY A 666 -5.60 -7.36 20.62
N ILE A 667 -5.94 -6.30 19.89
CA ILE A 667 -7.02 -6.37 18.92
C ILE A 667 -6.57 -7.16 17.69
N ASN A 668 -5.27 -7.19 17.41
CA ASN A 668 -4.72 -7.92 16.28
C ASN A 668 -4.26 -9.32 16.66
N ASP A 669 -4.78 -9.86 17.75
CA ASP A 669 -4.42 -11.20 18.20
C ASP A 669 -5.13 -12.24 17.33
N PRO A 670 -4.41 -13.19 16.74
CA PRO A 670 -5.08 -14.29 16.01
C PRO A 670 -5.92 -15.19 16.88
N ARG A 671 -5.70 -15.19 18.20
CA ARG A 671 -6.64 -15.84 19.10
C ARG A 671 -7.98 -15.13 19.11
N LEU A 672 -7.96 -13.80 18.97
CA LEU A 672 -9.20 -13.04 18.82
C LEU A 672 -9.75 -13.11 17.40
N ARG A 673 -8.88 -13.34 16.40
CA ARG A 673 -9.36 -13.47 15.03
C ARG A 673 -10.09 -14.79 14.81
N ASN A 674 -9.69 -15.83 15.53
CA ASN A 674 -10.37 -17.13 15.49
C ASN A 674 -10.78 -17.48 16.91
N PRO A 675 -11.92 -17.00 17.37
CA PRO A 675 -12.34 -17.22 18.76
C PRO A 675 -12.89 -18.64 18.95
N SER A 676 -13.25 -18.93 20.18
CA SER A 676 -13.87 -20.19 20.56
C SER A 676 -15.25 -19.92 21.14
N ASP A 677 -15.88 -20.98 21.67
CA ASP A 677 -17.18 -20.84 22.31
C ASP A 677 -17.10 -20.09 23.64
N LYS A 678 -15.93 -20.06 24.27
CA LYS A 678 -15.79 -19.34 25.53
C LYS A 678 -15.66 -17.84 25.33
N PHE A 679 -15.07 -17.42 24.21
CA PHE A 679 -14.89 -15.99 23.93
C PHE A 679 -16.23 -15.38 23.57
N ILE A 680 -16.86 -14.72 24.54
CA ILE A 680 -18.16 -14.09 24.34
C ILE A 680 -17.95 -12.59 24.39
N TYR A 681 -17.86 -11.98 23.20
CA TYR A 681 -17.72 -10.55 23.04
C TYR A 681 -18.87 -10.04 22.19
N ALA A 682 -19.46 -8.92 22.59
CA ALA A 682 -20.65 -8.38 21.96
C ALA A 682 -20.47 -6.88 21.72
N THR A 683 -21.48 -6.28 21.12
CA THR A 683 -21.49 -4.84 20.88
C THR A 683 -22.93 -4.34 20.96
N VAL A 684 -23.07 -3.03 20.87
CA VAL A 684 -24.39 -2.41 20.81
C VAL A 684 -24.98 -2.62 19.43
N LYS A 685 -26.26 -3.00 19.39
CA LYS A 685 -26.97 -3.20 18.13
C LYS A 685 -27.09 -1.90 17.35
N GLN A 686 -26.60 -1.92 16.12
CA GLN A 686 -26.71 -0.83 15.14
C GLN A 686 -26.09 0.47 15.66
N SER A 687 -24.78 0.40 15.88
CA SER A 687 -24.00 1.54 16.36
C SER A 687 -23.03 1.99 15.28
N SER A 688 -22.39 3.13 15.53
CA SER A 688 -21.34 3.62 14.64
C SER A 688 -20.08 2.78 14.74
N VAL A 689 -19.88 2.10 15.88
CA VAL A 689 -18.79 1.14 16.01
C VAL A 689 -18.99 -0.03 15.05
N ASP A 690 -20.24 -0.44 14.86
CA ASP A 690 -20.56 -1.46 13.88
C ASP A 690 -20.30 -0.99 12.45
N ILE A 691 -20.53 0.30 12.18
CA ILE A 691 -20.22 0.86 10.86
C ILE A 691 -18.71 0.90 10.64
N TYR A 692 -17.97 1.28 11.68
CA TYR A 692 -16.51 1.31 11.62
C TYR A 692 -15.93 -0.09 11.45
N PHE A 693 -16.59 -1.10 12.00
CA PHE A 693 -16.19 -2.47 11.75
C PHE A 693 -16.61 -2.93 10.35
N ARG A 694 -17.72 -2.39 9.84
CA ARG A 694 -18.19 -2.74 8.51
C ARG A 694 -17.28 -2.18 7.43
N ARG A 695 -16.63 -1.05 7.68
CA ARG A 695 -15.62 -0.54 6.75
C ARG A 695 -14.40 -1.46 6.71
N GLN A 696 -13.99 -1.99 7.86
CA GLN A 696 -12.76 -2.77 7.97
C GLN A 696 -12.87 -4.10 7.22
N VAL A 697 -11.88 -4.36 6.37
CA VAL A 697 -11.99 -5.38 5.33
C VAL A 697 -11.66 -6.78 5.81
N GLU A 698 -11.38 -6.97 7.10
CA GLU A 698 -11.01 -8.28 7.62
C GLU A 698 -11.75 -8.61 8.90
N LEU A 699 -12.87 -7.95 9.17
CA LEU A 699 -13.58 -8.08 10.43
C LEU A 699 -14.91 -8.80 10.24
N SER A 700 -14.93 -9.82 9.39
CA SER A 700 -16.14 -10.59 9.19
C SER A 700 -16.41 -11.54 10.35
N THR A 701 -15.34 -12.05 10.98
CA THR A 701 -15.50 -13.04 12.04
C THR A 701 -16.09 -12.41 13.29
N MET A 702 -15.56 -11.26 13.72
CA MET A 702 -16.10 -10.60 14.88
C MET A 702 -17.48 -10.02 14.61
N TYR A 703 -17.76 -9.64 13.36
CA TYR A 703 -19.10 -9.20 13.00
C TYR A 703 -20.12 -10.34 13.12
N ARG A 704 -19.75 -11.52 12.60
CA ARG A 704 -20.63 -12.68 12.71
C ARG A 704 -20.75 -13.18 14.15
N HIS A 705 -19.73 -12.91 14.98
CA HIS A 705 -19.83 -13.27 16.39
C HIS A 705 -20.76 -12.32 17.13
N MET A 706 -20.58 -11.01 16.94
CA MET A 706 -21.35 -10.02 17.68
C MET A 706 -22.76 -9.82 17.14
N GLU A 707 -23.05 -10.28 15.92
CA GLU A 707 -24.42 -10.17 15.43
C GLU A 707 -25.33 -11.19 16.09
N LYS A 708 -24.77 -12.26 16.67
CA LYS A 708 -25.54 -13.18 17.48
C LYS A 708 -25.85 -12.63 18.87
N HIS A 709 -25.18 -11.56 19.28
CA HIS A 709 -25.35 -10.96 20.59
C HIS A 709 -25.49 -9.45 20.47
N ASN A 710 -26.35 -9.01 19.55
CA ASN A 710 -26.64 -7.59 19.40
C ASN A 710 -27.41 -7.08 20.59
N TYR A 711 -26.87 -6.08 21.27
CA TYR A 711 -27.47 -5.54 22.48
C TYR A 711 -28.09 -4.18 22.22
N GLU A 712 -29.30 -3.97 22.76
CA GLU A 712 -30.04 -2.75 22.50
C GLU A 712 -29.38 -1.55 23.18
N SER A 713 -29.27 -1.60 24.50
CA SER A 713 -28.61 -0.54 25.26
C SER A 713 -27.28 -1.04 25.78
N ALA A 714 -26.44 -0.09 26.19
CA ALA A 714 -25.17 -0.44 26.81
C ALA A 714 -25.37 -1.01 28.20
N ALA A 715 -26.49 -0.65 28.86
CA ALA A 715 -26.80 -1.20 30.17
C ALA A 715 -27.12 -2.69 30.09
N GLU A 716 -27.59 -3.16 28.93
CA GLU A 716 -27.73 -4.59 28.70
C GLU A 716 -26.38 -5.29 28.75
N ALA A 717 -25.35 -4.67 28.14
CA ALA A 717 -24.01 -5.23 28.21
C ALA A 717 -23.43 -5.13 29.62
N ILE A 718 -23.78 -4.05 30.35
CA ILE A 718 -23.35 -3.90 31.74
C ILE A 718 -23.94 -5.01 32.59
N GLN A 719 -25.22 -5.32 32.39
CA GLN A 719 -25.85 -6.39 33.14
C GLN A 719 -25.33 -7.76 32.70
N ALA A 720 -24.96 -7.91 31.44
CA ALA A 720 -24.48 -9.19 30.94
C ALA A 720 -23.08 -9.51 31.46
N VAL A 721 -22.16 -8.54 31.40
CA VAL A 721 -20.84 -8.76 31.97
C VAL A 721 -20.89 -8.68 33.49
N ARG A 722 -21.95 -8.07 34.04
CA ARG A 722 -22.18 -8.04 35.48
C ARG A 722 -22.55 -9.42 36.01
N ASP A 723 -23.27 -10.22 35.21
CA ASP A 723 -23.62 -11.58 35.56
C ASP A 723 -22.68 -12.61 34.94
N ASN A 724 -21.48 -12.17 34.53
CA ASN A 724 -20.40 -13.02 34.00
C ASN A 724 -20.83 -13.78 32.75
N LYS A 725 -21.60 -13.10 31.88
CA LYS A 725 -21.97 -13.69 30.60
C LYS A 725 -21.13 -13.18 29.44
N LEU A 726 -20.49 -12.03 29.59
CA LEU A 726 -19.60 -11.47 28.57
C LEU A 726 -18.15 -11.61 28.99
N HIS A 727 -17.27 -11.35 28.02
CA HIS A 727 -15.83 -11.36 28.26
C HIS A 727 -15.11 -10.15 27.67
N ALA A 728 -15.69 -9.46 26.69
CA ALA A 728 -15.06 -8.31 26.06
C ALA A 728 -16.17 -7.43 25.49
N PHE A 729 -15.91 -6.12 25.46
CA PHE A 729 -16.90 -5.16 24.96
C PHE A 729 -16.18 -3.90 24.51
N ILE A 730 -16.25 -3.61 23.21
CA ILE A 730 -15.66 -2.40 22.66
C ILE A 730 -16.55 -1.21 23.04
N TRP A 731 -15.98 -0.22 23.72
CA TRP A 731 -16.77 0.91 24.17
C TRP A 731 -15.85 2.11 24.36
N ASP A 732 -16.45 3.27 24.59
CA ASP A 732 -15.71 4.49 24.88
C ASP A 732 -14.97 4.38 26.22
N SER A 733 -13.96 5.23 26.38
CA SER A 733 -12.98 5.04 27.44
C SER A 733 -13.50 5.46 28.80
N ALA A 734 -13.85 6.74 28.95
CA ALA A 734 -14.17 7.32 30.26
C ALA A 734 -15.43 6.76 30.88
N VAL A 735 -16.37 6.25 30.08
CA VAL A 735 -17.56 5.61 30.62
C VAL A 735 -17.20 4.34 31.37
N LEU A 736 -16.39 3.48 30.74
CA LEU A 736 -15.93 2.28 31.44
C LEU A 736 -14.90 2.60 32.50
N GLU A 737 -14.21 3.74 32.42
CA GLU A 737 -13.37 4.17 33.54
C GLU A 737 -14.21 4.52 34.76
N PHE A 738 -15.34 5.21 34.55
CA PHE A 738 -16.25 5.49 35.65
C PHE A 738 -16.91 4.21 36.17
N GLU A 739 -17.18 3.25 35.28
CA GLU A 739 -17.72 1.98 35.73
C GLU A 739 -16.67 1.12 36.45
N ALA A 740 -15.39 1.31 36.11
CA ALA A 740 -14.32 0.69 36.89
C ALA A 740 -14.18 1.34 38.25
N SER A 741 -14.45 2.64 38.33
CA SER A 741 -14.55 3.30 39.63
C SER A 741 -15.75 2.77 40.42
N GLN A 742 -16.84 2.41 39.73
CA GLN A 742 -17.98 1.78 40.39
C GLN A 742 -17.61 0.40 40.91
N LYS A 743 -17.12 -0.48 40.05
CA LYS A 743 -16.80 -1.85 40.42
C LYS A 743 -15.39 -2.18 39.98
N CYS A 744 -14.58 -2.70 40.90
CA CYS A 744 -13.17 -2.93 40.64
C CYS A 744 -12.92 -4.15 39.77
N ASP A 745 -13.84 -5.12 39.75
CA ASP A 745 -13.69 -6.28 38.88
C ASP A 745 -13.92 -5.95 37.42
N LEU A 746 -14.69 -4.90 37.14
CA LEU A 746 -14.87 -4.39 35.78
C LEU A 746 -13.61 -3.63 35.40
N VAL A 747 -12.77 -4.24 34.57
CA VAL A 747 -11.42 -3.74 34.29
C VAL A 747 -11.34 -3.34 32.83
N THR A 748 -10.83 -2.14 32.57
CA THR A 748 -10.62 -1.65 31.22
C THR A 748 -9.29 -2.16 30.67
N THR A 749 -8.97 -1.72 29.46
CA THR A 749 -7.67 -2.00 28.85
C THR A 749 -6.89 -0.70 28.68
N GLY A 750 -5.63 -0.85 28.25
CA GLY A 750 -4.76 0.30 28.09
C GLY A 750 -4.49 0.67 26.65
N GLU A 751 -4.93 -0.16 25.70
CA GLU A 751 -4.69 0.10 24.29
C GLU A 751 -5.66 1.18 23.82
N LEU A 752 -5.13 2.37 23.55
CA LEU A 752 -5.95 3.49 23.08
C LEU A 752 -5.95 3.46 21.56
N PHE A 753 -6.92 2.76 20.99
CA PHE A 753 -7.09 2.68 19.55
C PHE A 753 -8.39 3.38 19.15
N PHE A 754 -8.40 3.91 17.92
CA PHE A 754 -9.49 4.70 17.35
C PHE A 754 -9.80 5.91 18.25
N ARG A 755 -8.83 6.81 18.28
CA ARG A 755 -8.96 8.06 19.03
C ARG A 755 -9.99 8.92 18.32
N SER A 756 -11.22 8.91 18.82
CA SER A 756 -12.35 9.51 18.13
C SER A 756 -12.69 10.87 18.70
N GLY A 757 -13.43 11.64 17.92
CA GLY A 757 -13.90 12.96 18.31
C GLY A 757 -15.42 12.96 18.42
N PHE A 758 -15.91 13.47 19.55
CA PHE A 758 -17.33 13.52 19.85
C PHE A 758 -17.75 14.98 19.85
N GLY A 759 -18.75 15.30 19.02
CA GLY A 759 -19.28 16.64 18.94
C GLY A 759 -20.78 16.68 19.16
N ILE A 760 -21.48 17.48 18.36
CA ILE A 760 -22.93 17.65 18.47
C ILE A 760 -23.53 17.34 17.11
N GLY A 761 -24.56 16.50 17.10
CA GLY A 761 -25.28 16.19 15.86
C GLY A 761 -26.01 17.42 15.36
N MET A 762 -25.69 17.86 14.15
CA MET A 762 -26.17 19.13 13.63
C MET A 762 -26.84 18.93 12.27
N ARG A 763 -27.56 19.98 11.86
CA ARG A 763 -28.22 20.06 10.56
C ARG A 763 -27.24 20.48 9.47
N LYS A 764 -27.79 20.94 8.34
CA LYS A 764 -27.01 21.52 7.25
C LYS A 764 -26.58 22.95 7.58
N ASP A 765 -26.18 23.70 6.55
CA ASP A 765 -25.79 25.11 6.68
C ASP A 765 -26.93 25.91 7.32
N SER A 766 -26.68 26.42 8.52
CA SER A 766 -27.70 26.97 9.39
C SER A 766 -27.15 28.22 10.06
N PRO A 767 -28.02 29.20 10.35
CA PRO A 767 -27.59 30.34 11.17
C PRO A 767 -27.27 29.96 12.61
N TRP A 768 -27.80 28.84 13.10
CA TRP A 768 -27.46 28.29 14.41
C TRP A 768 -26.44 27.17 14.30
N LYS A 769 -25.49 27.31 13.39
CA LYS A 769 -24.40 26.36 13.24
C LYS A 769 -23.06 26.99 13.61
N GLN A 770 -22.72 28.11 12.97
CA GLN A 770 -21.43 28.75 13.21
C GLN A 770 -21.39 29.44 14.57
N ASN A 771 -22.50 30.07 14.96
CA ASN A 771 -22.61 30.67 16.29
C ASN A 771 -22.46 29.62 17.38
N VAL A 772 -23.06 28.45 17.20
CA VAL A 772 -22.97 27.39 18.19
C VAL A 772 -21.57 26.79 18.23
N SER A 773 -20.92 26.67 17.06
CA SER A 773 -19.55 26.19 17.01
C SER A 773 -18.59 27.16 17.70
N LEU A 774 -18.79 28.46 17.49
CA LEU A 774 -17.99 29.45 18.20
C LEU A 774 -18.31 29.50 19.69
N SER A 775 -19.54 29.17 20.07
CA SER A 775 -19.88 29.08 21.49
C SER A 775 -19.18 27.91 22.15
N ILE A 776 -19.11 26.78 21.45
CA ILE A 776 -18.34 25.64 21.95
C ILE A 776 -16.86 25.98 22.04
N LEU A 777 -16.35 26.73 21.05
CA LEU A 777 -14.96 27.15 21.07
C LEU A 777 -14.66 28.11 22.23
N LYS A 778 -15.60 28.99 22.54
CA LYS A 778 -15.48 29.85 23.72
C LYS A 778 -15.58 29.03 25.01
N SER A 779 -16.34 27.93 24.97
CA SER A 779 -16.41 27.05 26.13
C SER A 779 -15.15 26.20 26.28
N HIS A 780 -14.35 26.08 25.23
CA HIS A 780 -13.12 25.29 25.34
C HIS A 780 -12.07 25.95 26.23
N GLU A 781 -12.02 27.28 26.28
CA GLU A 781 -10.87 27.93 26.90
C GLU A 781 -10.92 27.89 28.42
N ASN A 782 -12.10 27.93 29.03
CA ASN A 782 -12.18 27.96 30.48
C ASN A 782 -12.18 26.53 31.03
N GLY A 783 -12.41 26.40 32.34
CA GLY A 783 -12.42 25.10 32.98
C GLY A 783 -13.82 24.50 33.07
N PHE A 784 -14.61 24.67 32.02
CA PHE A 784 -15.99 24.18 32.02
C PHE A 784 -16.03 22.66 31.90
N MET A 785 -15.33 22.11 30.90
CA MET A 785 -15.18 20.66 30.85
C MET A 785 -14.32 20.16 32.00
N GLU A 786 -13.43 21.01 32.53
CA GLU A 786 -12.59 20.61 33.65
C GLU A 786 -13.41 20.36 34.92
N ASP A 787 -14.25 21.33 35.33
CA ASP A 787 -15.01 21.06 36.54
C ASP A 787 -16.22 20.16 36.28
N LEU A 788 -16.67 20.04 35.02
CA LEU A 788 -17.64 18.96 34.75
C LEU A 788 -16.99 17.58 34.82
N ASP A 789 -15.67 17.49 34.57
CA ASP A 789 -14.99 16.24 34.89
C ASP A 789 -14.76 16.09 36.38
N LYS A 790 -14.59 17.21 37.08
CA LYS A 790 -14.47 17.18 38.54
C LYS A 790 -15.76 16.76 39.22
N THR A 791 -16.91 16.90 38.55
CA THR A 791 -18.17 16.47 39.13
C THR A 791 -18.23 14.96 39.32
N TRP A 792 -18.11 14.19 38.25
CA TRP A 792 -18.15 12.73 38.36
C TRP A 792 -17.05 11.98 37.63
N VAL A 793 -16.39 12.58 36.62
CA VAL A 793 -15.37 11.85 35.88
C VAL A 793 -14.10 11.71 36.72
N ARG A 794 -13.65 12.81 37.32
CA ARG A 794 -12.52 12.73 38.25
C ARG A 794 -12.92 12.06 39.56
N TYR A 795 -14.20 12.18 39.94
CA TYR A 795 -14.71 11.65 41.20
C TYR A 795 -14.73 10.13 41.16
N GLN A 796 -13.75 9.51 41.81
CA GLN A 796 -13.69 8.06 41.93
C GLN A 796 -14.49 7.59 43.13
N GLU A 797 -14.88 6.33 43.10
CA GLU A 797 -15.69 5.75 44.15
C GLU A 797 -15.37 4.28 44.36
N THR A 807 -0.59 -9.01 50.43
CA THR A 807 -0.26 -7.67 49.98
C THR A 807 0.14 -6.79 51.15
N LEU A 808 -0.85 -6.35 51.92
CA LEU A 808 -0.63 -5.48 53.06
C LEU A 808 -0.39 -6.32 54.31
N THR A 809 -0.43 -5.68 55.48
CA THR A 809 -0.26 -6.40 56.74
C THR A 809 -1.50 -7.19 57.11
N PHE A 810 -2.66 -6.88 56.51
CA PHE A 810 -3.93 -7.45 56.94
C PHE A 810 -4.24 -8.79 56.28
N GLU A 811 -3.63 -9.09 55.13
CA GLU A 811 -3.90 -10.33 54.43
C GLU A 811 -3.22 -11.52 55.10
N ASN A 812 -1.98 -11.33 55.56
CA ASN A 812 -1.13 -12.40 56.06
C ASN A 812 -1.11 -12.48 57.58
N MET A 813 -2.23 -12.21 58.24
CA MET A 813 -2.23 -12.17 59.69
C MET A 813 -3.35 -12.98 60.32
N ALA A 814 -4.47 -13.15 59.61
CA ALA A 814 -5.71 -13.61 60.24
C ALA A 814 -5.63 -15.10 60.60
N GLY A 815 -5.41 -15.95 59.60
CA GLY A 815 -5.27 -17.37 59.85
C GLY A 815 -4.03 -17.69 60.67
N VAL A 816 -3.00 -16.88 60.54
CA VAL A 816 -1.80 -17.02 61.37
C VAL A 816 -2.13 -16.75 62.83
N PHE A 817 -2.88 -15.68 63.10
CA PHE A 817 -3.30 -15.35 64.47
C PHE A 817 -4.18 -16.44 65.06
N MET A 818 -5.12 -16.98 64.26
CA MET A 818 -6.01 -18.01 64.76
C MET A 818 -5.27 -19.32 65.03
N LEU A 819 -4.33 -19.69 64.14
CA LEU A 819 -3.58 -20.94 64.34
C LEU A 819 -2.63 -20.83 65.52
N VAL A 820 -1.98 -19.67 65.69
CA VAL A 820 -1.08 -19.48 66.82
C VAL A 820 -1.87 -19.43 68.13
N ALA A 821 -3.06 -18.82 68.13
CA ALA A 821 -3.89 -18.80 69.33
C ALA A 821 -4.39 -20.19 69.71
N GLY A 822 -4.79 -20.99 68.72
CA GLY A 822 -5.19 -22.36 69.00
C GLY A 822 -4.04 -23.22 69.47
N GLY A 823 -2.85 -23.01 68.91
CA GLY A 823 -1.67 -23.71 69.39
C GLY A 823 -1.30 -23.32 70.81
N ILE A 824 -1.51 -22.05 71.17
CA ILE A 824 -1.25 -21.59 72.53
C ILE A 824 -2.25 -22.23 73.51
N VAL A 825 -3.52 -22.32 73.12
CA VAL A 825 -4.53 -22.96 73.98
C VAL A 825 -4.23 -24.44 74.17
N ALA A 826 -3.87 -25.14 73.09
CA ALA A 826 -3.54 -26.56 73.19
C ALA A 826 -2.24 -26.78 73.99
N GLY A 827 -1.28 -25.86 73.85
CA GLY A 827 -0.06 -25.96 74.63
C GLY A 827 -0.29 -25.72 76.11
N ILE A 828 -1.18 -24.78 76.45
CA ILE A 828 -1.52 -24.55 77.86
C ILE A 828 -2.25 -25.77 78.44
N PHE A 829 -3.09 -26.43 77.62
CA PHE A 829 -3.73 -27.67 78.05
C PHE A 829 -2.71 -28.78 78.30
N LEU A 830 -1.71 -28.89 77.42
CA LEU A 830 -0.63 -29.86 77.65
C LEU A 830 0.21 -29.50 78.88
N ILE A 831 0.34 -28.21 79.18
CA ILE A 831 1.04 -27.79 80.39
C ILE A 831 0.23 -28.16 81.63
N PHE A 832 -1.11 -28.06 81.56
CA PHE A 832 -1.96 -28.58 82.63
C PHE A 832 -1.74 -30.07 82.84
N ILE A 833 -1.61 -30.82 81.75
CA ILE A 833 -1.33 -32.27 81.84
C ILE A 833 0.04 -32.52 82.48
N GLU A 834 1.06 -31.76 82.08
CA GLU A 834 2.40 -31.98 82.59
C GLU A 834 2.55 -31.57 84.06
N ILE A 835 1.86 -30.51 84.47
CA ILE A 835 1.86 -30.12 85.88
C ILE A 835 1.02 -31.10 86.70
N ALA A 836 -0.03 -31.67 86.11
CA ALA A 836 -0.78 -32.73 86.78
C ALA A 836 0.05 -33.99 86.94
N TYR A 837 1.01 -34.23 86.05
CA TYR A 837 1.98 -35.30 86.27
C TYR A 837 3.15 -34.85 87.12
N LYS A 838 3.70 -33.66 86.87
CA LYS A 838 4.81 -33.15 87.66
C LYS A 838 4.39 -31.97 88.52
N LEU B 34 -65.06 -13.21 -23.28
CA LEU B 34 -65.76 -12.42 -24.28
C LEU B 34 -65.18 -12.64 -25.67
N ASN B 35 -65.34 -11.65 -26.54
CA ASN B 35 -64.83 -11.71 -27.90
C ASN B 35 -63.34 -11.43 -27.87
N ILE B 36 -62.52 -12.43 -28.20
CA ILE B 36 -61.07 -12.32 -28.12
C ILE B 36 -60.49 -12.63 -29.49
N ALA B 37 -59.66 -11.73 -29.99
CA ALA B 37 -58.99 -11.91 -31.28
C ALA B 37 -57.55 -12.34 -31.03
N VAL B 38 -57.23 -13.56 -31.44
CA VAL B 38 -55.88 -14.11 -31.33
C VAL B 38 -55.28 -14.06 -32.74
N LEU B 39 -54.36 -13.12 -32.95
CA LEU B 39 -53.75 -12.92 -34.25
C LEU B 39 -52.25 -13.15 -34.12
N LEU B 40 -51.68 -13.87 -35.08
CA LEU B 40 -50.29 -14.29 -35.00
C LEU B 40 -49.52 -13.78 -36.21
N GLY B 41 -48.19 -13.97 -36.15
CA GLY B 41 -47.31 -13.61 -37.24
C GLY B 41 -46.59 -14.80 -37.83
N HIS B 42 -45.27 -14.89 -37.58
CA HIS B 42 -44.47 -15.98 -38.11
C HIS B 42 -43.46 -16.49 -37.08
N SER B 43 -43.81 -16.46 -35.80
CA SER B 43 -42.90 -16.88 -34.75
C SER B 43 -42.80 -18.40 -34.73
N HIS B 44 -41.66 -18.92 -35.20
CA HIS B 44 -41.29 -20.33 -35.19
C HIS B 44 -42.24 -21.23 -35.99
N ASP B 45 -42.95 -20.63 -36.95
CA ASP B 45 -43.88 -21.32 -37.87
C ASP B 45 -44.97 -22.08 -37.11
N VAL B 46 -45.76 -21.33 -36.35
CA VAL B 46 -46.85 -21.88 -35.56
C VAL B 46 -48.15 -21.68 -36.32
N THR B 47 -48.90 -22.76 -36.54
CA THR B 47 -50.15 -22.71 -37.26
C THR B 47 -51.26 -22.14 -36.37
N GLU B 48 -52.43 -21.94 -36.97
CA GLU B 48 -53.58 -21.37 -36.28
C GLU B 48 -54.73 -22.36 -36.13
N ARG B 49 -54.57 -23.58 -36.66
CA ARG B 49 -55.68 -24.53 -36.69
C ARG B 49 -55.94 -25.13 -35.32
N GLU B 50 -54.93 -25.18 -34.46
CA GLU B 50 -55.13 -25.67 -33.10
C GLU B 50 -55.82 -24.65 -32.21
N LEU B 51 -55.89 -23.38 -32.65
CA LEU B 51 -56.57 -22.35 -31.88
C LEU B 51 -58.08 -22.49 -31.95
N ARG B 52 -58.60 -23.22 -32.95
CA ARG B 52 -60.04 -23.36 -33.11
C ARG B 52 -60.63 -24.27 -32.04
N ASN B 53 -59.84 -25.18 -31.48
CA ASN B 53 -60.28 -26.09 -30.44
C ASN B 53 -59.57 -25.81 -29.11
N LEU B 54 -59.33 -24.54 -28.81
CA LEU B 54 -58.68 -24.16 -27.56
C LEU B 54 -59.66 -23.66 -26.51
N TRP B 55 -60.86 -23.24 -26.92
CA TRP B 55 -61.93 -22.91 -26.00
C TRP B 55 -63.00 -23.99 -25.91
N GLY B 56 -63.22 -24.74 -26.99
CA GLY B 56 -64.27 -25.72 -27.10
C GLY B 56 -64.17 -26.88 -26.13
N PRO B 57 -63.18 -27.76 -26.31
CA PRO B 57 -63.00 -28.86 -25.34
C PRO B 57 -62.44 -28.42 -24.00
N GLU B 58 -61.85 -27.23 -23.92
CA GLU B 58 -61.42 -26.66 -22.65
C GLU B 58 -62.57 -25.83 -22.07
N GLN B 59 -62.24 -25.05 -21.02
CA GLN B 59 -63.15 -24.13 -20.33
C GLN B 59 -64.37 -24.89 -19.76
N ALA B 60 -64.07 -25.74 -18.78
CA ALA B 60 -65.12 -26.50 -18.12
C ALA B 60 -65.97 -25.60 -17.24
N THR B 61 -65.35 -24.66 -16.52
CA THR B 61 -66.07 -23.73 -15.67
C THR B 61 -66.24 -22.40 -16.39
N GLY B 62 -67.07 -22.42 -17.42
CA GLY B 62 -67.33 -21.21 -18.18
C GLY B 62 -68.56 -20.47 -17.73
N LEU B 63 -68.38 -19.49 -16.85
CA LEU B 63 -69.49 -18.66 -16.39
C LEU B 63 -69.90 -17.59 -17.42
N PRO B 64 -68.98 -16.88 -18.10
CA PRO B 64 -69.45 -16.09 -19.25
C PRO B 64 -69.79 -17.00 -20.42
N LEU B 65 -71.00 -16.80 -20.96
CA LEU B 65 -71.46 -17.61 -22.08
C LEU B 65 -71.16 -16.98 -23.44
N ASP B 66 -70.96 -15.66 -23.49
CA ASP B 66 -70.66 -14.96 -24.74
C ASP B 66 -69.16 -14.86 -25.00
N VAL B 67 -68.47 -16.00 -24.93
CA VAL B 67 -67.03 -16.06 -25.14
C VAL B 67 -66.78 -16.64 -26.52
N ASN B 68 -66.18 -15.85 -27.40
CA ASN B 68 -65.89 -16.27 -28.77
C ASN B 68 -64.44 -15.91 -29.10
N VAL B 69 -63.86 -16.67 -30.03
CA VAL B 69 -62.48 -16.47 -30.44
C VAL B 69 -62.42 -16.24 -31.94
N VAL B 70 -61.48 -15.40 -32.35
CA VAL B 70 -61.22 -15.12 -33.76
C VAL B 70 -59.73 -15.32 -33.99
N ALA B 71 -59.37 -16.40 -34.67
CA ALA B 71 -57.97 -16.72 -34.94
C ALA B 71 -57.58 -16.16 -36.31
N LEU B 72 -56.53 -15.34 -36.34
CA LEU B 72 -56.10 -14.68 -37.57
C LEU B 72 -54.58 -14.66 -37.64
N LEU B 73 -54.07 -14.31 -38.82
CA LEU B 73 -52.65 -14.23 -39.10
C LEU B 73 -52.31 -12.88 -39.70
N MET B 74 -51.02 -12.66 -39.96
CA MET B 74 -50.53 -11.42 -40.54
C MET B 74 -49.18 -11.68 -41.18
N ASN B 75 -48.93 -11.03 -42.32
CA ASN B 75 -47.70 -11.23 -43.08
C ASN B 75 -46.78 -10.02 -43.08
N ARG B 76 -47.33 -8.80 -43.12
CA ARG B 76 -46.52 -7.60 -43.00
C ARG B 76 -46.52 -7.11 -41.56
N THR B 77 -45.38 -6.61 -41.12
CA THR B 77 -45.16 -6.30 -39.70
C THR B 77 -45.00 -4.80 -39.45
N ASP B 78 -45.86 -3.99 -40.07
CA ASP B 78 -45.85 -2.58 -39.73
C ASP B 78 -47.01 -2.22 -38.82
N PRO B 79 -46.84 -1.22 -37.93
CA PRO B 79 -47.95 -0.84 -37.04
C PRO B 79 -49.11 -0.16 -37.75
N LYS B 80 -48.91 0.34 -38.97
CA LYS B 80 -50.01 0.90 -39.74
C LYS B 80 -51.08 -0.15 -40.05
N SER B 81 -50.64 -1.33 -40.51
CA SER B 81 -51.58 -2.43 -40.70
C SER B 81 -52.13 -2.93 -39.38
N LEU B 82 -51.39 -2.77 -38.28
CA LEU B 82 -51.91 -3.15 -36.97
C LEU B 82 -53.07 -2.25 -36.56
N ILE B 83 -52.94 -0.94 -36.79
CA ILE B 83 -54.04 0.00 -36.56
C ILE B 83 -55.20 -0.30 -37.51
N THR B 84 -54.88 -0.71 -38.74
CA THR B 84 -55.91 -1.09 -39.71
C THR B 84 -56.71 -2.30 -39.23
N HIS B 85 -56.03 -3.32 -38.71
CA HIS B 85 -56.73 -4.48 -38.18
C HIS B 85 -57.47 -4.17 -36.88
N VAL B 86 -56.98 -3.20 -36.09
CA VAL B 86 -57.72 -2.76 -34.91
C VAL B 86 -59.03 -2.11 -35.32
N CYS B 87 -58.98 -1.22 -36.34
CA CYS B 87 -60.19 -0.59 -36.82
C CYS B 87 -61.11 -1.58 -37.54
N ASP B 88 -60.57 -2.66 -38.09
CA ASP B 88 -61.40 -3.67 -38.74
C ASP B 88 -62.09 -4.56 -37.73
N LEU B 89 -61.33 -5.10 -36.77
CA LEU B 89 -61.90 -6.07 -35.82
C LEU B 89 -62.70 -5.39 -34.72
N MET B 90 -62.36 -4.15 -34.36
CA MET B 90 -63.15 -3.43 -33.38
C MET B 90 -64.50 -3.01 -33.95
N SER B 91 -64.55 -2.76 -35.26
CA SER B 91 -65.83 -2.60 -35.94
C SER B 91 -66.53 -3.93 -36.15
N GLY B 92 -65.80 -5.04 -36.06
CA GLY B 92 -66.38 -6.36 -36.21
C GLY B 92 -67.04 -6.85 -34.93
N ALA B 93 -68.21 -6.28 -34.63
CA ALA B 93 -69.09 -6.67 -33.51
C ALA B 93 -68.39 -6.53 -32.16
N ARG B 94 -67.53 -5.50 -32.04
CA ARG B 94 -66.97 -5.01 -30.76
C ARG B 94 -66.16 -6.09 -30.04
N ILE B 95 -65.06 -6.50 -30.68
CA ILE B 95 -64.19 -7.52 -30.10
C ILE B 95 -63.42 -6.94 -28.93
N HIS B 96 -63.50 -7.59 -27.77
CA HIS B 96 -62.94 -7.09 -26.54
C HIS B 96 -61.50 -7.54 -26.32
N GLY B 97 -61.28 -8.85 -26.25
CA GLY B 97 -59.94 -9.36 -26.00
C GLY B 97 -59.07 -9.31 -27.25
N LEU B 98 -57.77 -9.25 -27.02
CA LEU B 98 -56.81 -9.20 -28.13
C LEU B 98 -55.52 -9.88 -27.71
N VAL B 99 -55.07 -10.83 -28.53
CA VAL B 99 -53.84 -11.57 -28.32
C VAL B 99 -53.01 -11.45 -29.59
N PHE B 100 -51.79 -10.91 -29.47
CA PHE B 100 -50.93 -10.73 -30.62
C PHE B 100 -49.49 -11.11 -30.30
N GLY B 101 -48.90 -11.93 -31.16
CA GLY B 101 -47.51 -12.30 -31.04
C GLY B 101 -46.66 -11.72 -32.16
N ASP B 102 -45.35 -11.62 -31.93
CA ASP B 102 -44.45 -11.01 -32.90
C ASP B 102 -43.14 -11.79 -32.91
N ASP B 103 -42.43 -11.72 -34.04
CA ASP B 103 -41.11 -12.33 -34.15
C ASP B 103 -40.06 -11.37 -34.69
N THR B 104 -40.36 -10.08 -34.76
CA THR B 104 -39.43 -9.10 -35.30
C THR B 104 -38.58 -8.52 -34.16
N ASP B 105 -37.79 -7.50 -34.48
CA ASP B 105 -36.89 -6.86 -33.53
C ASP B 105 -37.25 -5.40 -33.35
N GLN B 106 -38.55 -5.11 -33.21
CA GLN B 106 -39.05 -3.75 -33.08
C GLN B 106 -39.73 -3.62 -31.72
N GLU B 107 -39.10 -2.89 -30.81
CA GLU B 107 -39.70 -2.63 -29.51
C GLU B 107 -40.76 -1.54 -29.56
N ALA B 108 -40.87 -0.81 -30.67
CA ALA B 108 -41.90 0.20 -30.81
C ALA B 108 -43.28 -0.40 -31.04
N VAL B 109 -43.35 -1.69 -31.38
CA VAL B 109 -44.63 -2.38 -31.52
C VAL B 109 -45.36 -2.41 -30.17
N ALA B 110 -44.61 -2.64 -29.09
CA ALA B 110 -45.18 -2.58 -27.74
C ALA B 110 -45.65 -1.18 -27.40
N GLN B 111 -44.96 -0.15 -27.88
CA GLN B 111 -45.39 1.22 -27.64
C GLN B 111 -46.68 1.53 -28.40
N MET B 112 -46.79 1.03 -29.63
CA MET B 112 -48.02 1.21 -30.41
C MET B 112 -49.19 0.48 -29.77
N LEU B 113 -48.95 -0.74 -29.27
CA LEU B 113 -50.01 -1.49 -28.61
C LEU B 113 -50.41 -0.84 -27.28
N ASP B 114 -49.45 -0.25 -26.56
CA ASP B 114 -49.78 0.48 -25.35
C ASP B 114 -50.58 1.73 -25.67
N PHE B 115 -50.27 2.40 -26.78
CA PHE B 115 -51.04 3.57 -27.19
C PHE B 115 -52.47 3.20 -27.58
N ILE B 116 -52.63 2.07 -28.28
CA ILE B 116 -53.96 1.62 -28.66
C ILE B 116 -54.76 1.18 -27.42
N SER B 117 -54.12 0.47 -26.49
CA SER B 117 -54.79 0.07 -25.27
C SER B 117 -55.07 1.24 -24.33
N SER B 118 -54.35 2.34 -24.50
CA SER B 118 -54.67 3.54 -23.73
C SER B 118 -55.83 4.31 -24.35
N GLN B 119 -55.78 4.54 -25.66
CA GLN B 119 -56.79 5.35 -26.32
C GLN B 119 -58.11 4.58 -26.50
N THR B 120 -58.05 3.43 -27.17
CA THR B 120 -59.25 2.65 -27.43
C THR B 120 -59.75 1.87 -26.23
N PHE B 121 -58.92 1.75 -25.17
CA PHE B 121 -59.23 1.01 -23.95
C PHE B 121 -59.56 -0.45 -24.24
N ILE B 122 -58.82 -1.05 -25.16
CA ILE B 122 -58.97 -2.47 -25.50
C ILE B 122 -58.01 -3.27 -24.63
N PRO B 123 -58.47 -4.36 -23.99
CA PRO B 123 -57.54 -5.24 -23.27
C PRO B 123 -56.61 -5.96 -24.23
N ILE B 124 -55.34 -5.55 -24.24
CA ILE B 124 -54.34 -6.05 -25.18
C ILE B 124 -53.21 -6.68 -24.38
N LEU B 125 -52.83 -7.89 -24.75
CA LEU B 125 -51.81 -8.65 -24.04
C LEU B 125 -50.63 -8.88 -24.96
N GLY B 126 -49.47 -8.32 -24.59
CA GLY B 126 -48.25 -8.57 -25.34
C GLY B 126 -47.74 -9.97 -25.06
N ILE B 127 -47.41 -10.71 -26.11
CA ILE B 127 -47.16 -12.15 -26.01
C ILE B 127 -45.70 -12.48 -26.28
N HIS B 128 -45.20 -12.19 -27.48
CA HIS B 128 -43.94 -12.74 -27.92
C HIS B 128 -43.22 -11.73 -28.81
N GLY B 129 -41.89 -11.72 -28.69
CA GLY B 129 -41.06 -10.94 -29.60
C GLY B 129 -41.15 -9.44 -29.33
N GLY B 130 -41.26 -8.67 -30.41
CA GLY B 130 -41.34 -7.22 -30.31
C GLY B 130 -42.60 -6.72 -29.66
N ALA B 131 -43.67 -7.52 -29.65
CA ALA B 131 -44.87 -7.20 -28.89
C ALA B 131 -44.69 -7.44 -27.40
N SER B 132 -43.63 -8.11 -26.98
CA SER B 132 -43.37 -8.39 -25.57
C SER B 132 -42.07 -7.77 -25.07
N MET B 133 -41.48 -6.84 -25.82
CA MET B 133 -40.24 -6.21 -25.38
C MET B 133 -40.52 -5.18 -24.30
N ILE B 134 -39.46 -4.78 -23.62
CA ILE B 134 -39.56 -3.98 -22.40
C ILE B 134 -39.43 -2.50 -22.75
N MET B 135 -40.44 -1.71 -22.38
CA MET B 135 -40.38 -0.26 -22.47
C MET B 135 -40.14 0.31 -21.07
N ALA B 136 -40.05 1.64 -20.99
CA ALA B 136 -39.57 2.26 -19.76
C ALA B 136 -40.68 2.38 -18.70
N ASP B 137 -41.70 3.20 -18.99
CA ASP B 137 -42.72 3.54 -18.00
C ASP B 137 -44.08 3.47 -18.67
N LYS B 138 -44.91 2.51 -18.25
CA LYS B 138 -46.25 2.38 -18.79
C LYS B 138 -47.14 3.52 -18.33
N ASP B 139 -48.17 3.78 -19.11
CA ASP B 139 -49.05 4.89 -18.81
C ASP B 139 -50.09 4.49 -17.76
N PRO B 140 -50.46 5.43 -16.88
CA PRO B 140 -51.55 5.14 -15.94
C PRO B 140 -52.90 4.99 -16.61
N THR B 141 -53.11 5.64 -17.75
CA THR B 141 -54.36 5.54 -18.50
C THR B 141 -54.35 4.37 -19.48
N SER B 142 -53.30 3.56 -19.50
CA SER B 142 -53.19 2.42 -20.39
C SER B 142 -53.47 1.13 -19.64
N THR B 143 -54.10 0.19 -20.34
CA THR B 143 -54.43 -1.13 -19.79
C THR B 143 -53.64 -2.25 -20.46
N PHE B 144 -52.55 -1.92 -21.14
CA PHE B 144 -51.73 -2.92 -21.82
C PHE B 144 -50.88 -3.68 -20.80
N PHE B 145 -50.69 -4.97 -21.07
CA PHE B 145 -49.90 -5.83 -20.20
C PHE B 145 -48.77 -6.47 -21.00
N GLN B 146 -47.58 -6.50 -20.41
CA GLN B 146 -46.44 -7.22 -20.95
C GLN B 146 -46.27 -8.53 -20.20
N PHE B 147 -45.97 -9.58 -20.93
CA PHE B 147 -45.79 -10.91 -20.36
C PHE B 147 -44.30 -11.23 -20.33
N GLY B 148 -43.71 -11.09 -19.16
CA GLY B 148 -42.28 -11.30 -19.01
C GLY B 148 -41.76 -10.51 -17.82
N ALA B 149 -40.52 -10.81 -17.46
CA ALA B 149 -39.89 -10.12 -16.35
C ALA B 149 -39.48 -8.72 -16.75
N SER B 150 -39.28 -7.88 -15.74
CA SER B 150 -38.74 -6.54 -15.97
C SER B 150 -37.24 -6.62 -16.22
N ILE B 151 -36.66 -5.47 -16.58
CA ILE B 151 -35.22 -5.42 -16.77
C ILE B 151 -34.49 -5.48 -15.43
N GLN B 152 -35.13 -5.07 -14.35
CA GLN B 152 -34.50 -5.14 -13.03
C GLN B 152 -34.47 -6.57 -12.51
N GLN B 153 -35.51 -7.34 -12.78
CA GLN B 153 -35.52 -8.75 -12.38
C GLN B 153 -34.50 -9.55 -13.19
N GLN B 154 -34.36 -9.23 -14.48
CA GLN B 154 -33.37 -9.94 -15.29
C GLN B 154 -31.96 -9.51 -14.93
N ALA B 155 -31.77 -8.25 -14.52
CA ALA B 155 -30.49 -7.82 -13.98
C ALA B 155 -30.20 -8.50 -12.65
N THR B 156 -31.24 -8.76 -11.85
CA THR B 156 -31.08 -9.50 -10.61
C THR B 156 -30.64 -10.94 -10.89
N VAL B 157 -31.21 -11.54 -11.94
CA VAL B 157 -30.82 -12.89 -12.34
C VAL B 157 -29.38 -12.92 -12.84
N MET B 158 -28.97 -11.92 -13.61
CA MET B 158 -27.60 -11.87 -14.12
C MET B 158 -26.59 -11.62 -13.01
N LEU B 159 -26.93 -10.75 -12.05
CA LEU B 159 -26.05 -10.57 -10.91
C LEU B 159 -26.08 -11.77 -9.96
N LYS B 160 -27.15 -12.56 -9.97
CA LYS B 160 -27.17 -13.81 -9.24
C LYS B 160 -26.24 -14.84 -9.88
N ILE B 161 -26.17 -14.83 -11.22
CA ILE B 161 -25.20 -15.65 -11.94
C ILE B 161 -23.78 -15.24 -11.58
N MET B 162 -23.52 -13.92 -11.60
CA MET B 162 -22.19 -13.41 -11.27
C MET B 162 -21.84 -13.63 -9.81
N GLN B 163 -22.84 -13.69 -8.93
CA GLN B 163 -22.62 -13.99 -7.52
C GLN B 163 -22.33 -15.48 -7.30
N ASP B 164 -23.01 -16.34 -8.06
CA ASP B 164 -22.75 -17.77 -8.00
C ASP B 164 -21.41 -18.13 -8.62
N TYR B 165 -20.91 -17.32 -9.54
CA TYR B 165 -19.64 -17.60 -10.21
C TYR B 165 -18.50 -16.70 -9.75
N ASP B 166 -18.78 -15.67 -8.95
CA ASP B 166 -17.78 -14.86 -8.23
C ASP B 166 -16.84 -14.14 -9.19
N TRP B 167 -17.42 -13.43 -10.16
CA TRP B 167 -16.66 -12.60 -11.08
C TRP B 167 -16.81 -11.15 -10.63
N HIS B 168 -15.96 -10.76 -9.68
CA HIS B 168 -16.15 -9.48 -8.99
C HIS B 168 -15.66 -8.29 -9.79
N VAL B 169 -14.71 -8.49 -10.69
CA VAL B 169 -14.16 -7.41 -11.50
C VAL B 169 -14.95 -7.37 -12.81
N PHE B 170 -15.73 -6.30 -13.00
CA PHE B 170 -16.63 -6.21 -14.14
C PHE B 170 -16.62 -4.79 -14.68
N SER B 171 -17.48 -4.55 -15.68
CA SER B 171 -17.64 -3.24 -16.29
C SER B 171 -19.11 -3.04 -16.62
N LEU B 172 -19.41 -1.94 -17.29
CA LEU B 172 -20.78 -1.62 -17.69
C LEU B 172 -20.71 -0.69 -18.89
N VAL B 173 -21.16 -1.18 -20.04
CA VAL B 173 -21.16 -0.41 -21.29
C VAL B 173 -22.61 -0.20 -21.69
N THR B 174 -23.09 1.05 -21.60
CA THR B 174 -24.47 1.39 -21.90
C THR B 174 -24.51 2.43 -23.00
N THR B 175 -25.32 2.17 -24.01
CA THR B 175 -25.54 3.08 -25.13
C THR B 175 -26.75 3.96 -24.83
N ILE B 176 -27.33 4.57 -25.86
CA ILE B 176 -28.50 5.45 -25.75
C ILE B 176 -29.78 4.64 -25.89
N PHE B 177 -29.67 3.32 -25.72
CA PHE B 177 -30.80 2.41 -25.81
C PHE B 177 -31.82 2.72 -24.71
N PRO B 178 -33.12 2.59 -24.99
CA PRO B 178 -34.15 2.96 -24.01
C PRO B 178 -34.13 2.13 -22.73
N GLY B 179 -34.57 2.76 -21.65
CA GLY B 179 -34.53 2.14 -20.34
C GLY B 179 -33.17 2.19 -19.67
N TYR B 180 -32.30 3.11 -20.10
CA TYR B 180 -30.94 3.13 -19.61
C TYR B 180 -30.81 3.75 -18.22
N ARG B 181 -31.75 4.62 -17.83
CA ARG B 181 -31.64 5.27 -16.52
C ARG B 181 -31.93 4.30 -15.38
N ASP B 182 -33.06 3.59 -15.48
CA ASP B 182 -33.43 2.65 -14.42
C ASP B 182 -32.50 1.45 -14.37
N PHE B 183 -31.93 1.07 -15.51
CA PHE B 183 -31.02 -0.07 -15.56
C PHE B 183 -29.71 0.23 -14.84
N ILE B 184 -29.07 1.36 -15.17
CA ILE B 184 -27.86 1.80 -14.50
C ILE B 184 -28.14 2.11 -13.03
N SER B 185 -29.32 2.66 -12.76
CA SER B 185 -29.70 2.99 -11.38
C SER B 185 -29.87 1.74 -10.53
N PHE B 186 -30.45 0.68 -11.12
CA PHE B 186 -30.59 -0.57 -10.37
C PHE B 186 -29.26 -1.26 -10.19
N ILE B 187 -28.35 -1.14 -11.17
CA ILE B 187 -27.00 -1.67 -11.00
C ILE B 187 -26.27 -0.93 -9.89
N LYS B 188 -26.47 0.39 -9.79
CA LYS B 188 -25.88 1.17 -8.72
C LYS B 188 -26.45 0.78 -7.35
N THR B 189 -27.78 0.67 -7.26
CA THR B 189 -28.41 0.32 -5.99
C THR B 189 -28.27 -1.16 -5.64
N THR B 190 -27.75 -1.99 -6.55
CA THR B 190 -27.43 -3.37 -6.20
C THR B 190 -25.97 -3.56 -5.83
N VAL B 191 -25.05 -2.97 -6.61
CA VAL B 191 -23.63 -3.12 -6.32
C VAL B 191 -23.23 -2.30 -5.11
N ASP B 192 -23.72 -1.05 -5.01
CA ASP B 192 -23.34 -0.18 -3.91
C ASP B 192 -23.97 -0.62 -2.60
N ASN B 193 -25.10 -1.33 -2.65
CA ASN B 193 -25.74 -1.86 -1.46
C ASN B 193 -25.28 -3.27 -1.13
N SER B 194 -24.31 -3.80 -1.86
CA SER B 194 -23.86 -5.18 -1.67
C SER B 194 -22.78 -5.26 -0.61
N PHE B 195 -22.82 -6.33 0.18
CA PHE B 195 -21.79 -6.64 1.16
C PHE B 195 -20.68 -7.50 0.58
N VAL B 196 -20.72 -7.78 -0.73
CA VAL B 196 -19.75 -8.68 -1.34
C VAL B 196 -18.44 -7.96 -1.60
N GLY B 197 -18.50 -6.73 -2.07
CA GLY B 197 -17.30 -6.02 -2.48
C GLY B 197 -17.03 -6.15 -3.96
N TRP B 198 -18.02 -5.82 -4.77
CA TRP B 198 -17.90 -5.94 -6.21
C TRP B 198 -16.99 -4.86 -6.76
N ASP B 199 -16.00 -5.26 -7.57
CA ASP B 199 -15.10 -4.32 -8.21
C ASP B 199 -15.81 -3.72 -9.42
N MET B 200 -16.30 -2.50 -9.27
CA MET B 200 -17.14 -1.85 -10.27
C MET B 200 -16.32 -0.80 -11.03
N GLN B 201 -16.02 -1.09 -12.28
CA GLN B 201 -15.45 -0.09 -13.16
C GLN B 201 -16.55 0.90 -13.56
N ASN B 202 -16.15 2.14 -13.85
CA ASN B 202 -17.09 3.19 -14.18
C ASN B 202 -17.77 2.93 -15.53
N VAL B 203 -18.89 3.60 -15.73
CA VAL B 203 -19.77 3.32 -16.87
C VAL B 203 -19.18 3.96 -18.13
N ILE B 204 -19.03 3.15 -19.17
CA ILE B 204 -18.60 3.62 -20.49
C ILE B 204 -19.85 3.85 -21.33
N THR B 205 -19.99 5.07 -21.85
CA THR B 205 -21.17 5.45 -22.63
C THR B 205 -20.81 5.60 -24.09
N LEU B 206 -21.67 5.09 -24.97
CA LEU B 206 -21.52 5.23 -26.41
C LEU B 206 -22.74 5.99 -26.93
N ASP B 207 -22.49 7.15 -27.54
CA ASP B 207 -23.57 8.05 -27.90
C ASP B 207 -24.18 7.68 -29.26
N THR B 208 -23.39 7.70 -30.31
CA THR B 208 -23.88 7.63 -31.69
C THR B 208 -23.06 6.58 -32.43
N SER B 209 -23.17 6.59 -33.75
CA SER B 209 -22.28 5.83 -34.61
C SER B 209 -20.84 6.25 -34.34
N PHE B 210 -19.97 5.25 -34.16
CA PHE B 210 -18.66 5.51 -33.58
C PHE B 210 -17.72 6.20 -34.57
N GLU B 211 -17.01 7.21 -34.06
CA GLU B 211 -15.98 7.89 -34.82
C GLU B 211 -14.71 7.04 -34.94
N ASP B 212 -14.60 6.00 -34.09
CA ASP B 212 -13.41 5.14 -33.94
C ASP B 212 -12.18 5.97 -33.56
N ALA B 213 -12.40 7.06 -32.82
CA ALA B 213 -11.33 7.86 -32.26
C ALA B 213 -11.40 7.94 -30.74
N LYS B 214 -12.55 8.33 -30.19
CA LYS B 214 -12.76 8.37 -28.75
C LYS B 214 -13.44 7.11 -28.22
N THR B 215 -14.38 6.55 -28.99
CA THR B 215 -15.04 5.32 -28.60
C THR B 215 -14.08 4.14 -28.59
N GLN B 216 -13.07 4.17 -29.48
CA GLN B 216 -12.01 3.17 -29.46
C GLN B 216 -11.22 3.23 -28.15
N VAL B 217 -10.93 4.44 -27.67
CA VAL B 217 -10.21 4.60 -26.41
C VAL B 217 -11.08 4.16 -25.24
N GLN B 218 -12.37 4.51 -25.28
CA GLN B 218 -13.28 4.11 -24.21
C GLN B 218 -13.50 2.60 -24.17
N LEU B 219 -13.44 1.92 -25.33
CA LEU B 219 -13.43 0.47 -25.33
C LEU B 219 -12.09 -0.08 -24.84
N LYS B 220 -11.00 0.64 -25.10
CA LYS B 220 -9.69 0.19 -24.63
C LYS B 220 -9.39 0.62 -23.20
N LYS B 221 -10.29 1.35 -22.54
CA LYS B 221 -10.18 1.61 -21.11
C LYS B 221 -10.81 0.52 -20.26
N ILE B 222 -11.14 -0.63 -20.86
CA ILE B 222 -11.79 -1.73 -20.16
C ILE B 222 -10.75 -2.84 -19.99
N HIS B 223 -10.33 -3.06 -18.75
CA HIS B 223 -9.40 -4.15 -18.41
C HIS B 223 -10.02 -5.12 -17.42
N SER B 224 -11.35 -5.15 -17.32
CA SER B 224 -12.04 -6.01 -16.38
C SER B 224 -12.32 -7.37 -17.04
N SER B 225 -13.15 -8.18 -16.39
CA SER B 225 -13.52 -9.50 -16.91
C SER B 225 -14.89 -9.49 -17.58
N VAL B 226 -15.91 -9.07 -16.85
CA VAL B 226 -17.28 -9.10 -17.36
C VAL B 226 -17.60 -7.75 -17.99
N ILE B 227 -18.05 -7.77 -19.23
CA ILE B 227 -18.41 -6.55 -19.96
C ILE B 227 -19.91 -6.61 -20.23
N LEU B 228 -20.67 -5.78 -19.54
CA LEU B 228 -22.12 -5.74 -19.68
C LEU B 228 -22.48 -4.74 -20.78
N LEU B 229 -23.11 -5.23 -21.84
CA LEU B 229 -23.45 -4.41 -23.00
C LEU B 229 -24.94 -4.12 -22.99
N TYR B 230 -25.30 -2.86 -23.25
CA TYR B 230 -26.69 -2.42 -23.22
C TYR B 230 -26.98 -1.63 -24.50
N CYS B 231 -27.55 -2.31 -25.49
CA CYS B 231 -27.88 -1.70 -26.78
C CYS B 231 -28.94 -2.56 -27.46
N SER B 232 -29.16 -2.33 -28.75
CA SER B 232 -30.07 -3.15 -29.54
C SER B 232 -29.31 -4.34 -30.12
N LYS B 233 -29.93 -5.05 -31.07
CA LYS B 233 -29.30 -6.26 -31.60
C LYS B 233 -28.27 -5.92 -32.67
N ASP B 234 -28.63 -5.06 -33.62
CA ASP B 234 -27.70 -4.65 -34.67
C ASP B 234 -26.56 -3.83 -34.09
N GLU B 235 -26.86 -3.01 -33.06
CA GLU B 235 -25.80 -2.32 -32.35
C GLU B 235 -24.91 -3.29 -31.58
N ALA B 236 -25.47 -4.41 -31.11
CA ALA B 236 -24.63 -5.44 -30.49
C ALA B 236 -23.72 -6.10 -31.51
N VAL B 237 -24.23 -6.30 -32.74
CA VAL B 237 -23.40 -6.83 -33.83
C VAL B 237 -22.26 -5.86 -34.16
N LEU B 238 -22.57 -4.56 -34.21
CA LEU B 238 -21.54 -3.57 -34.52
C LEU B 238 -20.50 -3.45 -33.40
N ILE B 239 -20.94 -3.47 -32.14
CA ILE B 239 -20.02 -3.33 -31.02
C ILE B 239 -19.17 -4.58 -30.85
N LEU B 240 -19.74 -5.78 -31.06
CA LEU B 240 -18.94 -6.99 -31.00
C LEU B 240 -17.99 -7.10 -32.19
N SER B 241 -18.37 -6.57 -33.36
CA SER B 241 -17.44 -6.53 -34.48
C SER B 241 -16.29 -5.56 -34.22
N GLU B 242 -16.58 -4.43 -33.57
CA GLU B 242 -15.53 -3.49 -33.20
C GLU B 242 -14.62 -4.08 -32.12
N ALA B 243 -15.18 -4.83 -31.18
CA ALA B 243 -14.39 -5.45 -30.13
C ALA B 243 -13.55 -6.60 -30.67
N ARG B 244 -14.05 -7.31 -31.68
CA ARG B 244 -13.25 -8.33 -32.35
C ARG B 244 -12.13 -7.69 -33.17
N SER B 245 -12.41 -6.54 -33.78
CA SER B 245 -11.38 -5.84 -34.54
C SER B 245 -10.34 -5.22 -33.63
N LEU B 246 -10.74 -4.74 -32.45
CA LEU B 246 -9.82 -4.16 -31.48
C LEU B 246 -9.23 -5.18 -30.53
N GLY B 247 -9.61 -6.45 -30.67
CA GLY B 247 -9.09 -7.47 -29.77
C GLY B 247 -9.69 -7.45 -28.38
N LEU B 248 -10.87 -6.87 -28.21
CA LEU B 248 -11.55 -6.81 -26.92
C LEU B 248 -12.48 -8.00 -26.70
N THR B 249 -12.27 -9.10 -27.42
CA THR B 249 -13.05 -10.32 -27.27
C THR B 249 -12.19 -11.46 -26.77
N GLY B 250 -11.32 -11.19 -25.79
CA GLY B 250 -10.42 -12.18 -25.26
C GLY B 250 -11.10 -13.19 -24.36
N TYR B 251 -10.28 -14.10 -23.83
CA TYR B 251 -10.80 -15.14 -22.94
C TYR B 251 -11.20 -14.57 -21.59
N ASP B 252 -10.49 -13.56 -21.11
CA ASP B 252 -10.87 -12.89 -19.87
C ASP B 252 -12.08 -12.00 -20.07
N PHE B 253 -12.22 -11.42 -21.26
CA PHE B 253 -13.28 -10.45 -21.55
C PHE B 253 -14.59 -11.19 -21.74
N PHE B 254 -15.36 -11.30 -20.66
CA PHE B 254 -16.66 -11.96 -20.75
C PHE B 254 -17.72 -11.00 -21.29
N TRP B 255 -18.81 -11.58 -21.77
CA TRP B 255 -19.88 -10.83 -22.43
C TRP B 255 -21.22 -11.40 -21.96
N ILE B 256 -21.92 -10.65 -21.14
CA ILE B 256 -23.23 -11.05 -20.62
C ILE B 256 -24.25 -10.01 -21.04
N VAL B 257 -25.21 -10.43 -21.86
CA VAL B 257 -26.25 -9.52 -22.34
C VAL B 257 -27.63 -10.11 -22.01
N PRO B 258 -28.64 -9.28 -21.76
CA PRO B 258 -30.00 -9.80 -21.59
C PRO B 258 -30.69 -10.07 -22.92
N SER B 259 -31.99 -10.40 -22.84
CA SER B 259 -32.76 -10.71 -24.05
C SER B 259 -32.97 -9.47 -24.90
N LEU B 260 -33.13 -8.31 -24.27
CA LEU B 260 -33.42 -7.08 -24.99
C LEU B 260 -32.20 -6.54 -25.72
N VAL B 261 -31.00 -7.00 -25.34
CA VAL B 261 -29.77 -6.64 -26.03
C VAL B 261 -29.36 -7.70 -27.04
N SER B 262 -29.50 -8.98 -26.68
CA SER B 262 -29.07 -10.07 -27.56
C SER B 262 -29.99 -10.21 -28.76
N GLY B 263 -31.29 -10.16 -28.56
CA GLY B 263 -32.26 -10.23 -29.64
C GLY B 263 -33.06 -11.53 -29.60
N ASN B 264 -33.78 -11.75 -30.70
CA ASN B 264 -34.65 -12.91 -30.81
C ASN B 264 -33.86 -14.16 -31.21
N THR B 265 -34.39 -15.32 -30.82
CA THR B 265 -33.71 -16.59 -31.02
C THR B 265 -33.81 -17.12 -32.44
N GLU B 266 -34.67 -16.52 -33.29
CA GLU B 266 -34.83 -17.03 -34.64
C GLU B 266 -33.66 -16.65 -35.53
N LEU B 267 -32.95 -15.57 -35.22
CA LEU B 267 -31.88 -15.06 -36.06
C LEU B 267 -30.60 -14.98 -35.25
N ILE B 268 -29.54 -15.61 -35.75
CA ILE B 268 -28.22 -15.57 -35.13
C ILE B 268 -27.24 -15.03 -36.17
N PRO B 269 -26.95 -13.73 -36.15
CA PRO B 269 -25.98 -13.17 -37.10
C PRO B 269 -24.53 -13.48 -36.77
N LYS B 270 -23.62 -12.88 -37.53
CA LYS B 270 -22.19 -13.15 -37.46
C LYS B 270 -21.59 -12.27 -36.34
N GLU B 271 -20.26 -12.33 -36.18
CA GLU B 271 -19.47 -11.51 -35.24
C GLU B 271 -19.88 -11.73 -33.79
N PHE B 272 -20.20 -12.97 -33.46
CA PHE B 272 -20.56 -13.35 -32.10
C PHE B 272 -19.51 -14.29 -31.53
N PRO B 273 -18.94 -14.00 -30.36
CA PRO B 273 -17.92 -14.90 -29.80
C PRO B 273 -18.54 -16.18 -29.27
N SER B 274 -17.96 -17.31 -29.66
CA SER B 274 -18.47 -18.64 -29.30
C SER B 274 -18.23 -18.87 -27.81
N GLY B 275 -19.28 -18.70 -27.02
CA GLY B 275 -19.16 -18.61 -25.59
C GLY B 275 -19.92 -17.41 -25.07
N LEU B 276 -20.78 -16.86 -25.93
CA LEU B 276 -21.56 -15.68 -25.60
C LEU B 276 -22.62 -16.00 -24.58
N ILE B 277 -22.53 -15.39 -23.40
CA ILE B 277 -23.50 -15.61 -22.34
C ILE B 277 -24.71 -14.72 -22.60
N SER B 278 -25.89 -15.33 -22.75
CA SER B 278 -27.12 -14.59 -22.95
C SER B 278 -28.18 -15.06 -21.96
N VAL B 279 -29.03 -14.13 -21.56
CA VAL B 279 -30.13 -14.41 -20.65
C VAL B 279 -31.41 -13.98 -21.35
N SER B 280 -32.26 -14.96 -21.69
CA SER B 280 -33.50 -14.70 -22.39
C SER B 280 -34.62 -15.55 -21.80
N TYR B 281 -35.82 -14.99 -21.77
CA TYR B 281 -37.02 -15.73 -21.40
C TYR B 281 -37.78 -16.21 -22.62
N ASP B 282 -37.19 -16.07 -23.81
CA ASP B 282 -37.78 -16.56 -25.06
C ASP B 282 -37.41 -18.04 -25.20
N ASP B 283 -38.15 -18.88 -24.49
CA ASP B 283 -37.91 -20.32 -24.50
C ASP B 283 -38.50 -20.91 -25.78
N TRP B 284 -37.63 -21.31 -26.71
CA TRP B 284 -38.10 -21.94 -27.93
C TRP B 284 -38.60 -23.36 -27.68
N ASP B 285 -38.12 -24.02 -26.63
CA ASP B 285 -38.62 -25.34 -26.29
C ASP B 285 -40.03 -25.27 -25.70
N TYR B 286 -40.38 -24.15 -25.08
CA TYR B 286 -41.71 -23.95 -24.52
C TYR B 286 -42.64 -23.41 -25.60
N SER B 287 -43.81 -24.02 -25.74
CA SER B 287 -44.68 -23.76 -26.86
C SER B 287 -45.46 -22.45 -26.68
N LEU B 288 -45.79 -21.83 -27.81
CA LEU B 288 -46.64 -20.66 -27.83
C LEU B 288 -48.10 -21.00 -27.61
N GLU B 289 -48.50 -22.25 -27.92
CA GLU B 289 -49.86 -22.70 -27.67
C GLU B 289 -50.17 -22.76 -26.19
N ALA B 290 -49.19 -23.18 -25.38
CA ALA B 290 -49.36 -23.14 -23.94
C ALA B 290 -49.43 -21.70 -23.42
N ARG B 291 -48.71 -20.78 -24.07
CA ARG B 291 -48.77 -19.38 -23.71
C ARG B 291 -50.16 -18.81 -23.95
N VAL B 292 -50.72 -19.06 -25.14
CA VAL B 292 -52.03 -18.50 -25.44
C VAL B 292 -53.13 -19.24 -24.69
N ARG B 293 -52.91 -20.51 -24.33
CA ARG B 293 -53.89 -21.24 -23.52
C ARG B 293 -53.92 -20.72 -22.09
N ASP B 294 -52.75 -20.45 -21.50
CA ASP B 294 -52.70 -19.83 -20.19
C ASP B 294 -53.25 -18.41 -20.20
N GLY B 295 -53.00 -17.67 -21.29
CA GLY B 295 -53.56 -16.34 -21.41
C GLY B 295 -55.07 -16.34 -21.50
N LEU B 296 -55.64 -17.25 -22.29
CA LEU B 296 -57.10 -17.38 -22.35
C LEU B 296 -57.68 -17.88 -21.03
N GLY B 297 -56.94 -18.72 -20.31
CA GLY B 297 -57.39 -19.14 -18.98
C GLY B 297 -57.45 -17.99 -18.00
N ILE B 298 -56.43 -17.13 -18.00
CA ILE B 298 -56.42 -15.96 -17.13
C ILE B 298 -57.51 -14.98 -17.53
N LEU B 299 -57.73 -14.80 -18.84
CA LEU B 299 -58.79 -13.89 -19.31
C LEU B 299 -60.18 -14.40 -18.95
N THR B 300 -60.43 -15.70 -19.11
CA THR B 300 -61.74 -16.24 -18.72
C THR B 300 -61.92 -16.28 -17.22
N THR B 301 -60.84 -16.47 -16.46
CA THR B 301 -60.92 -16.39 -15.00
C THR B 301 -61.27 -14.98 -14.53
N ALA B 302 -60.62 -13.98 -15.11
CA ALA B 302 -60.93 -12.59 -14.78
C ALA B 302 -62.34 -12.21 -15.22
N ALA B 303 -62.77 -12.72 -16.38
CA ALA B 303 -64.12 -12.43 -16.86
C ALA B 303 -65.19 -13.08 -15.99
N SER B 304 -64.96 -14.32 -15.55
CA SER B 304 -65.91 -14.99 -14.68
C SER B 304 -65.96 -14.35 -13.30
N SER B 305 -64.81 -13.94 -12.76
CA SER B 305 -64.80 -13.29 -11.46
C SER B 305 -65.41 -11.89 -11.52
N MET B 306 -65.22 -11.17 -12.63
CA MET B 306 -65.84 -9.86 -12.77
C MET B 306 -67.34 -10.00 -13.04
N LEU B 307 -67.75 -11.08 -13.69
CA LEU B 307 -69.19 -11.35 -13.86
C LEU B 307 -69.83 -11.72 -12.53
N GLU B 308 -69.10 -12.42 -11.67
CA GLU B 308 -69.56 -12.63 -10.30
C GLU B 308 -69.58 -11.32 -9.50
N LYS B 309 -68.71 -10.37 -9.87
CA LYS B 309 -68.71 -9.08 -9.19
C LYS B 309 -69.69 -8.08 -9.83
N PHE B 310 -69.59 -7.87 -11.13
CA PHE B 310 -70.37 -6.83 -11.80
C PHE B 310 -71.17 -7.43 -12.95
N SER B 311 -72.30 -6.81 -13.27
CA SER B 311 -73.19 -7.37 -14.29
C SER B 311 -72.75 -7.02 -15.71
N TYR B 312 -72.68 -5.73 -16.04
CA TYR B 312 -72.41 -5.28 -17.41
C TYR B 312 -70.92 -5.46 -17.70
N ILE B 313 -70.56 -6.66 -18.15
CA ILE B 313 -69.19 -6.99 -18.51
C ILE B 313 -68.74 -6.45 -19.87
N PRO B 314 -69.47 -6.68 -21.04
CA PRO B 314 -68.86 -6.27 -22.32
C PRO B 314 -68.80 -4.77 -22.53
N GLU B 315 -67.57 -4.23 -22.56
CA GLU B 315 -67.33 -2.80 -22.74
C GLU B 315 -66.28 -2.62 -23.83
N ALA B 316 -66.73 -2.37 -25.06
CA ALA B 316 -65.81 -2.11 -26.15
C ALA B 316 -66.18 -0.81 -26.85
N LYS B 317 -65.51 -0.53 -27.98
CA LYS B 317 -65.79 0.65 -28.77
C LYS B 317 -66.38 0.21 -30.10
N ALA B 318 -67.26 1.04 -30.66
CA ALA B 318 -67.96 0.68 -31.89
C ALA B 318 -67.03 0.72 -33.10
N SER B 319 -66.46 1.89 -33.39
CA SER B 319 -65.58 2.05 -34.53
C SER B 319 -64.56 3.14 -34.21
N CYS B 320 -63.53 3.24 -35.07
CA CYS B 320 -62.45 4.20 -34.86
C CYS B 320 -62.91 5.64 -35.08
N TYR B 321 -63.89 5.86 -35.94
CA TYR B 321 -64.38 7.20 -36.21
C TYR B 321 -65.48 7.56 -35.21
N GLY B 322 -66.17 8.68 -35.45
CA GLY B 322 -67.27 9.08 -34.60
C GLY B 322 -66.92 10.04 -33.49
N GLN B 323 -65.77 10.72 -33.57
CA GLN B 323 -65.40 11.70 -32.57
C GLN B 323 -65.09 13.05 -33.22
N PRO B 330 -64.51 4.40 -20.02
CA PRO B 330 -64.30 3.18 -19.23
C PRO B 330 -64.61 3.39 -17.74
N LEU B 331 -65.34 2.43 -17.16
CA LEU B 331 -65.73 2.49 -15.76
C LEU B 331 -65.18 1.33 -14.96
N HIS B 332 -65.32 0.10 -15.45
CA HIS B 332 -64.87 -1.10 -14.75
C HIS B 332 -63.77 -1.75 -15.58
N THR B 333 -62.53 -1.39 -15.29
CA THR B 333 -61.38 -1.93 -15.99
C THR B 333 -60.81 -3.12 -15.23
N LEU B 334 -60.21 -4.04 -15.96
CA LEU B 334 -59.58 -5.22 -15.37
C LEU B 334 -58.09 -5.03 -15.16
N HIS B 335 -57.60 -3.80 -15.20
CA HIS B 335 -56.19 -3.53 -14.99
C HIS B 335 -55.79 -3.75 -13.53
N GLN B 336 -56.71 -3.49 -12.60
CA GLN B 336 -56.48 -3.70 -11.18
C GLN B 336 -57.34 -4.82 -10.62
N PHE B 337 -57.68 -5.80 -11.45
CA PHE B 337 -58.56 -6.89 -11.07
C PHE B 337 -57.88 -8.25 -11.08
N MET B 338 -57.20 -8.59 -12.17
CA MET B 338 -56.56 -9.88 -12.33
C MET B 338 -55.07 -9.84 -11.96
N VAL B 339 -54.73 -9.03 -10.96
CA VAL B 339 -53.33 -8.91 -10.52
C VAL B 339 -52.88 -10.19 -9.85
N ASN B 340 -53.70 -10.74 -8.95
CA ASN B 340 -53.38 -11.98 -8.25
C ASN B 340 -54.11 -13.15 -8.91
N VAL B 341 -53.52 -13.64 -10.00
CA VAL B 341 -54.11 -14.72 -10.79
C VAL B 341 -53.11 -15.88 -10.84
N THR B 342 -53.65 -17.10 -10.78
CA THR B 342 -52.83 -18.31 -10.86
C THR B 342 -53.71 -19.40 -11.47
N TRP B 343 -53.37 -19.84 -12.68
CA TRP B 343 -54.16 -20.83 -13.40
C TRP B 343 -53.48 -22.18 -13.30
N ASP B 344 -54.17 -23.15 -12.70
CA ASP B 344 -53.74 -24.55 -12.57
C ASP B 344 -52.40 -24.68 -11.86
N GLY B 345 -52.17 -23.82 -10.86
CA GLY B 345 -50.93 -23.81 -10.12
C GLY B 345 -49.81 -22.99 -10.74
N LYS B 346 -49.94 -22.60 -12.01
CA LYS B 346 -48.94 -21.77 -12.67
C LYS B 346 -49.12 -20.34 -12.20
N ASP B 347 -48.21 -19.89 -11.33
CA ASP B 347 -48.30 -18.55 -10.74
C ASP B 347 -47.84 -17.54 -11.80
N LEU B 348 -48.78 -17.16 -12.65
CA LEU B 348 -48.56 -16.18 -13.72
C LEU B 348 -49.18 -14.84 -13.36
N SER B 349 -49.06 -14.44 -12.09
CA SER B 349 -49.71 -13.25 -11.58
C SER B 349 -49.05 -11.98 -12.12
N PHE B 350 -49.72 -10.86 -11.89
CA PHE B 350 -49.30 -9.58 -12.41
C PHE B 350 -48.69 -8.71 -11.33
N THR B 351 -47.93 -7.71 -11.76
CA THR B 351 -47.34 -6.73 -10.87
C THR B 351 -48.15 -5.43 -10.97
N GLU B 352 -47.66 -4.38 -10.31
CA GLU B 352 -48.29 -3.07 -10.43
C GLU B 352 -47.98 -2.40 -11.76
N GLU B 353 -46.94 -2.86 -12.48
CA GLU B 353 -46.56 -2.29 -13.76
C GLU B 353 -46.65 -3.30 -14.89
N GLY B 354 -47.47 -4.34 -14.73
CA GLY B 354 -47.72 -5.29 -15.79
C GLY B 354 -46.55 -6.20 -16.12
N TYR B 355 -46.14 -7.00 -15.14
CA TYR B 355 -45.08 -7.99 -15.34
C TYR B 355 -45.48 -9.29 -14.69
N GLN B 356 -44.91 -10.39 -15.19
CA GLN B 356 -45.16 -11.68 -14.59
C GLN B 356 -44.40 -11.80 -13.27
N VAL B 357 -45.09 -12.29 -12.24
CA VAL B 357 -44.46 -12.44 -10.93
C VAL B 357 -43.44 -13.57 -10.95
N HIS B 358 -43.81 -14.71 -11.54
CA HIS B 358 -42.91 -15.85 -11.67
C HIS B 358 -42.80 -16.25 -13.14
N PRO B 359 -41.92 -15.59 -13.91
CA PRO B 359 -41.66 -16.05 -15.28
C PRO B 359 -40.61 -17.14 -15.31
N ARG B 360 -40.19 -17.55 -16.50
CA ARG B 360 -39.14 -18.54 -16.67
C ARG B 360 -37.93 -17.87 -17.30
N LEU B 361 -36.93 -17.54 -16.48
CA LEU B 361 -35.71 -16.96 -16.97
C LEU B 361 -34.78 -18.05 -17.49
N VAL B 362 -34.34 -17.91 -18.74
CA VAL B 362 -33.54 -18.91 -19.43
C VAL B 362 -32.14 -18.36 -19.61
N VAL B 363 -31.14 -19.21 -19.38
CA VAL B 363 -29.74 -18.84 -19.54
C VAL B 363 -29.17 -19.69 -20.66
N ILE B 364 -28.80 -19.06 -21.78
CA ILE B 364 -28.30 -19.76 -22.95
C ILE B 364 -26.87 -19.30 -23.23
N VAL B 365 -26.15 -20.14 -23.95
CA VAL B 365 -24.77 -19.86 -24.35
C VAL B 365 -24.68 -19.95 -25.88
N LEU B 366 -23.47 -19.69 -26.37
CA LEU B 366 -23.15 -19.90 -27.78
C LEU B 366 -22.05 -20.96 -27.86
N ASN B 367 -22.33 -22.04 -28.57
CA ASN B 367 -21.36 -23.13 -28.69
C ASN B 367 -20.38 -22.84 -29.82
N LYS B 368 -19.53 -23.82 -30.12
CA LYS B 368 -18.61 -23.69 -31.24
C LYS B 368 -19.30 -23.87 -32.58
N ASP B 369 -20.53 -24.41 -32.58
CA ASP B 369 -21.27 -24.69 -33.80
C ASP B 369 -22.26 -23.59 -34.15
N ARG B 370 -22.06 -22.38 -33.59
CA ARG B 370 -22.85 -21.18 -33.88
C ARG B 370 -24.34 -21.37 -33.57
N GLU B 371 -24.62 -22.01 -32.44
CA GLU B 371 -25.99 -22.28 -32.03
C GLU B 371 -26.22 -21.82 -30.60
N TRP B 372 -27.44 -21.37 -30.33
CA TRP B 372 -27.82 -20.91 -29.00
C TRP B 372 -28.47 -22.07 -28.26
N GLU B 373 -27.74 -22.63 -27.29
CA GLU B 373 -28.17 -23.82 -26.59
C GLU B 373 -28.69 -23.46 -25.20
N LYS B 374 -29.86 -23.99 -24.86
CA LYS B 374 -30.46 -23.74 -23.54
C LYS B 374 -29.67 -24.47 -22.46
N VAL B 375 -29.28 -23.74 -21.41
CA VAL B 375 -28.45 -24.29 -20.36
C VAL B 375 -29.17 -24.25 -19.02
N GLY B 376 -29.50 -23.04 -18.55
CA GLY B 376 -29.99 -22.86 -17.20
C GLY B 376 -31.41 -22.32 -17.17
N LYS B 377 -32.11 -22.62 -16.07
CA LYS B 377 -33.47 -22.13 -15.87
C LYS B 377 -33.58 -21.38 -14.54
N TRP B 378 -34.80 -21.05 -14.12
CA TRP B 378 -35.01 -20.24 -12.93
C TRP B 378 -36.23 -20.77 -12.19
N GLU B 379 -36.15 -20.78 -10.86
CA GLU B 379 -37.23 -21.28 -10.00
C GLU B 379 -38.13 -20.09 -9.69
N ASN B 380 -38.99 -20.21 -8.65
CA ASN B 380 -39.86 -19.10 -8.26
C ASN B 380 -39.07 -17.88 -7.82
N GLN B 381 -37.98 -18.07 -7.09
CA GLN B 381 -37.14 -16.96 -6.66
C GLN B 381 -35.67 -17.25 -6.93
N THR B 382 -35.29 -18.51 -6.82
CA THR B 382 -33.89 -18.91 -6.82
C THR B 382 -33.42 -19.31 -8.22
N LEU B 383 -32.15 -19.04 -8.48
CA LEU B 383 -31.54 -19.42 -9.75
C LEU B 383 -31.30 -20.93 -9.81
N SER B 384 -31.49 -21.51 -10.99
CA SER B 384 -31.29 -22.93 -11.22
C SER B 384 -30.21 -23.11 -12.30
N LEU B 385 -28.96 -23.28 -11.86
CA LEU B 385 -27.85 -23.46 -12.78
C LEU B 385 -27.67 -24.95 -13.09
N ARG B 386 -27.21 -25.23 -14.31
CA ARG B 386 -26.91 -26.60 -14.73
C ARG B 386 -25.42 -26.89 -14.67
N HIS B 387 -24.58 -26.00 -15.18
CA HIS B 387 -23.13 -26.14 -15.13
C HIS B 387 -22.61 -25.29 -13.99
N ALA B 388 -22.39 -25.93 -12.83
CA ALA B 388 -21.77 -25.23 -11.71
C ALA B 388 -20.30 -24.95 -11.99
N VAL B 389 -19.58 -25.97 -12.47
CA VAL B 389 -18.21 -25.76 -12.94
C VAL B 389 -18.27 -25.04 -14.28
N TRP B 390 -17.63 -23.89 -14.36
CA TRP B 390 -17.74 -23.05 -15.55
C TRP B 390 -16.83 -23.58 -16.66
N PRO B 391 -17.38 -23.90 -17.83
CA PRO B 391 -16.52 -24.33 -18.94
C PRO B 391 -15.76 -23.16 -19.54
N ARG B 392 -14.57 -23.47 -20.06
CA ARG B 392 -13.61 -22.42 -20.40
C ARG B 392 -13.99 -21.66 -21.66
N TYR B 393 -14.49 -22.37 -22.68
CA TYR B 393 -14.76 -21.85 -24.03
C TYR B 393 -13.50 -21.22 -24.62
N LYS B 394 -12.52 -22.10 -24.88
CA LYS B 394 -11.21 -21.67 -25.37
C LYS B 394 -11.30 -21.00 -26.75
N SER B 395 -12.20 -21.49 -27.60
CA SER B 395 -12.29 -21.00 -28.98
C SER B 395 -13.48 -20.05 -29.12
N PHE B 396 -13.23 -18.78 -28.78
CA PHE B 396 -14.15 -17.73 -29.21
C PHE B 396 -13.96 -17.39 -30.68
N SER B 397 -12.78 -17.67 -31.22
CA SER B 397 -12.44 -17.39 -32.61
C SER B 397 -11.61 -18.56 -33.13
N ASP B 398 -10.96 -18.36 -34.28
CA ASP B 398 -10.14 -19.41 -34.86
C ASP B 398 -8.82 -19.58 -34.12
N CYS B 399 -8.01 -18.52 -34.06
CA CYS B 399 -6.70 -18.56 -33.44
C CYS B 399 -6.73 -17.70 -32.18
N GLU B 400 -6.85 -18.35 -31.02
CA GLU B 400 -6.82 -17.67 -29.73
C GLU B 400 -5.95 -18.45 -28.74
N PRO B 401 -4.81 -17.90 -28.34
CA PRO B 401 -3.96 -18.60 -27.35
C PRO B 401 -4.55 -18.50 -25.95
N ASP B 402 -4.84 -19.65 -25.36
CA ASP B 402 -5.31 -19.74 -23.98
C ASP B 402 -4.37 -20.66 -23.22
N ASP B 403 -3.28 -20.09 -22.70
CA ASP B 403 -2.30 -20.85 -21.93
C ASP B 403 -2.09 -20.27 -20.55
N ASN B 404 -2.91 -19.30 -20.14
CA ASN B 404 -2.82 -18.71 -18.82
C ASN B 404 -3.72 -19.41 -17.81
N HIS B 405 -4.28 -20.57 -18.17
CA HIS B 405 -5.12 -21.34 -17.27
C HIS B 405 -4.24 -22.32 -16.49
N LEU B 406 -4.33 -22.26 -15.17
CA LEU B 406 -3.46 -23.06 -14.30
C LEU B 406 -4.32 -23.91 -13.37
N SER B 407 -4.30 -25.22 -13.58
CA SER B 407 -4.99 -26.16 -12.70
C SER B 407 -4.25 -26.27 -11.38
N ILE B 408 -4.92 -25.90 -10.28
CA ILE B 408 -4.29 -25.80 -8.97
C ILE B 408 -5.10 -26.63 -7.97
N VAL B 409 -4.44 -27.57 -7.31
CA VAL B 409 -5.03 -28.35 -6.24
C VAL B 409 -4.20 -28.10 -4.97
N THR B 410 -4.87 -28.17 -3.82
CA THR B 410 -4.21 -27.90 -2.54
C THR B 410 -4.73 -28.87 -1.48
N LEU B 411 -4.19 -28.74 -0.27
CA LEU B 411 -4.55 -29.59 0.86
C LEU B 411 -4.79 -28.71 2.08
N GLU B 412 -5.78 -29.09 2.90
CA GLU B 412 -6.23 -28.26 4.01
C GLU B 412 -5.18 -28.22 5.12
N GLU B 413 -4.66 -27.02 5.41
CA GLU B 413 -3.75 -26.79 6.51
C GLU B 413 -4.16 -25.53 7.26
N ALA B 414 -4.32 -25.66 8.57
CA ALA B 414 -4.93 -24.64 9.43
C ALA B 414 -4.25 -23.27 9.45
N PRO B 415 -2.91 -23.12 9.38
CA PRO B 415 -2.38 -21.76 9.16
C PRO B 415 -2.26 -21.37 7.70
N PHE B 416 -2.41 -22.30 6.76
CA PHE B 416 -2.16 -22.03 5.36
C PHE B 416 -3.42 -22.08 4.51
N VAL B 417 -4.13 -23.20 4.52
CA VAL B 417 -5.27 -23.42 3.63
C VAL B 417 -6.48 -23.66 4.54
N ILE B 418 -7.23 -22.59 4.80
CA ILE B 418 -8.41 -22.64 5.65
C ILE B 418 -9.62 -22.77 4.72
N VAL B 419 -10.17 -23.97 4.66
CA VAL B 419 -11.33 -24.26 3.82
C VAL B 419 -12.55 -24.30 4.72
N GLU B 420 -13.48 -23.37 4.52
CA GLU B 420 -14.66 -23.24 5.36
C GLU B 420 -15.91 -23.17 4.49
N ASP B 421 -17.05 -23.08 5.16
CA ASP B 421 -18.35 -23.11 4.50
C ASP B 421 -18.64 -21.79 3.81
N ILE B 422 -19.68 -21.80 2.98
CA ILE B 422 -20.18 -20.60 2.35
C ILE B 422 -21.20 -19.96 3.29
N ASP B 423 -21.49 -18.69 3.07
CA ASP B 423 -22.55 -18.00 3.80
C ASP B 423 -23.90 -18.62 3.47
N PRO B 424 -24.62 -19.18 4.46
CA PRO B 424 -25.88 -19.85 4.16
C PRO B 424 -27.04 -18.90 3.88
N LEU B 425 -26.86 -17.60 4.10
CA LEU B 425 -27.93 -16.64 3.88
C LEU B 425 -27.83 -15.92 2.54
N THR B 426 -26.61 -15.74 2.01
CA THR B 426 -26.41 -15.03 0.76
C THR B 426 -25.85 -15.91 -0.36
N GLU B 427 -25.34 -17.09 -0.02
CA GLU B 427 -24.61 -17.99 -0.92
C GLU B 427 -23.44 -17.25 -1.58
N THR B 428 -22.54 -16.78 -0.73
CA THR B 428 -21.46 -15.89 -1.16
C THR B 428 -20.25 -16.08 -0.26
N CYS B 429 -19.10 -16.36 -0.86
CA CYS B 429 -17.85 -16.27 -0.13
C CYS B 429 -17.45 -14.81 0.05
N VAL B 430 -16.99 -14.49 1.27
CA VAL B 430 -16.46 -13.15 1.54
C VAL B 430 -15.17 -12.95 0.73
N ARG B 431 -14.98 -11.72 0.23
CA ARG B 431 -14.10 -11.48 -0.90
C ARG B 431 -12.62 -11.70 -0.62
N ASN B 432 -12.21 -11.75 0.65
CA ASN B 432 -10.84 -12.15 0.95
C ASN B 432 -10.63 -13.65 0.82
N THR B 433 -11.70 -14.44 0.82
CA THR B 433 -11.63 -15.85 0.50
C THR B 433 -11.77 -16.06 -1.00
N VAL B 434 -11.41 -17.26 -1.45
CA VAL B 434 -11.55 -17.62 -2.85
C VAL B 434 -12.43 -18.87 -2.94
N PRO B 435 -13.14 -19.08 -4.04
CA PRO B 435 -13.96 -20.29 -4.18
C PRO B 435 -13.11 -21.52 -4.47
N CYS B 436 -13.63 -22.66 -4.05
CA CYS B 436 -13.05 -23.96 -4.39
C CYS B 436 -14.18 -24.95 -4.59
N ARG B 437 -13.88 -26.02 -5.32
CA ARG B 437 -14.79 -27.14 -5.45
C ARG B 437 -14.14 -28.38 -4.86
N LYS B 438 -14.97 -29.22 -4.23
CA LYS B 438 -14.53 -30.47 -3.64
C LYS B 438 -15.33 -31.60 -4.26
N PHE B 439 -14.62 -32.57 -4.83
CA PHE B 439 -15.28 -33.72 -5.46
C PHE B 439 -15.79 -34.66 -4.39
N VAL B 440 -16.99 -34.40 -3.89
CA VAL B 440 -17.62 -35.23 -2.87
C VAL B 440 -18.43 -36.30 -3.59
N LYS B 441 -18.05 -37.56 -3.39
CA LYS B 441 -18.76 -38.66 -3.99
C LYS B 441 -20.10 -38.89 -3.28
N ILE B 442 -20.93 -39.75 -3.88
CA ILE B 442 -22.24 -40.07 -3.30
C ILE B 442 -22.01 -40.93 -2.06
N ASN B 443 -21.48 -42.13 -2.25
CA ASN B 443 -21.14 -43.02 -1.15
C ASN B 443 -19.87 -43.79 -1.51
N ASN B 444 -19.54 -44.79 -0.70
CA ASN B 444 -18.33 -45.58 -0.92
C ASN B 444 -18.48 -46.62 -2.02
N SER B 445 -19.70 -46.85 -2.51
CA SER B 445 -19.92 -47.84 -3.55
C SER B 445 -19.58 -47.29 -4.93
N THR B 446 -20.17 -46.15 -5.29
CA THR B 446 -19.93 -45.55 -6.60
C THR B 446 -18.72 -44.62 -6.55
N ASN B 447 -18.34 -44.08 -7.70
CA ASN B 447 -17.19 -43.20 -7.82
C ASN B 447 -17.52 -41.80 -8.31
N GLU B 448 -18.63 -41.61 -9.02
CA GLU B 448 -19.02 -40.30 -9.49
C GLU B 448 -19.61 -39.47 -8.35
N GLY B 449 -19.32 -38.18 -8.35
CA GLY B 449 -19.82 -37.31 -7.30
C GLY B 449 -19.95 -35.89 -7.77
N MET B 450 -20.41 -35.04 -6.85
CA MET B 450 -20.62 -33.64 -7.12
C MET B 450 -19.41 -32.82 -6.69
N ASN B 451 -19.48 -31.51 -6.88
CA ASN B 451 -18.40 -30.59 -6.51
C ASN B 451 -18.99 -29.53 -5.58
N VAL B 452 -18.77 -29.71 -4.29
CA VAL B 452 -19.25 -28.76 -3.29
C VAL B 452 -18.37 -27.52 -3.31
N LYS B 453 -18.99 -26.35 -3.44
CA LYS B 453 -18.28 -25.09 -3.50
C LYS B 453 -18.10 -24.54 -2.08
N LYS B 454 -16.85 -24.27 -1.71
CA LYS B 454 -16.51 -23.80 -0.37
C LYS B 454 -15.57 -22.61 -0.47
N CYS B 455 -15.36 -21.93 0.65
CA CYS B 455 -14.55 -20.73 0.71
C CYS B 455 -13.16 -21.07 1.23
N CYS B 456 -12.16 -20.29 0.82
CA CYS B 456 -10.77 -20.56 1.20
C CYS B 456 -10.07 -19.26 1.60
N LYS B 457 -9.59 -19.22 2.83
CA LYS B 457 -8.72 -18.14 3.30
C LYS B 457 -7.42 -18.75 3.83
N GLY B 458 -6.57 -17.91 4.41
CA GLY B 458 -5.33 -18.40 4.98
C GLY B 458 -4.10 -17.73 4.41
N PHE B 459 -2.95 -18.42 4.50
CA PHE B 459 -1.68 -17.85 4.11
C PHE B 459 -1.37 -18.12 2.64
N CYS B 460 -1.49 -19.38 2.20
CA CYS B 460 -1.24 -19.73 0.81
C CYS B 460 -2.27 -19.13 -0.13
N ILE B 461 -3.49 -18.88 0.38
CA ILE B 461 -4.48 -18.15 -0.39
C ILE B 461 -4.02 -16.72 -0.64
N ASP B 462 -3.42 -16.08 0.36
CA ASP B 462 -2.88 -14.73 0.18
C ASP B 462 -1.69 -14.73 -0.78
N ILE B 463 -0.87 -15.79 -0.71
CA ILE B 463 0.24 -15.93 -1.66
C ILE B 463 -0.28 -16.08 -3.08
N LEU B 464 -1.34 -16.88 -3.26
CA LEU B 464 -1.93 -17.08 -4.58
C LEU B 464 -2.56 -15.80 -5.11
N LYS B 465 -3.21 -15.04 -4.23
CA LYS B 465 -3.81 -13.77 -4.67
C LYS B 465 -2.74 -12.75 -5.04
N LYS B 466 -1.63 -12.71 -4.30
CA LYS B 466 -0.57 -11.77 -4.65
C LYS B 466 0.18 -12.20 -5.90
N LEU B 467 0.28 -13.51 -6.15
CA LEU B 467 0.85 -13.97 -7.41
C LEU B 467 -0.08 -13.66 -8.58
N SER B 468 -1.40 -13.76 -8.37
CA SER B 468 -2.35 -13.40 -9.41
C SER B 468 -2.35 -11.89 -9.65
N ARG B 469 -2.00 -11.10 -8.63
CA ARG B 469 -1.79 -9.67 -8.84
C ARG B 469 -0.51 -9.42 -9.62
N THR B 470 0.54 -10.19 -9.35
CA THR B 470 1.85 -9.93 -9.94
C THR B 470 2.04 -10.64 -11.28
N VAL B 471 1.88 -11.96 -11.28
CA VAL B 471 2.14 -12.74 -12.50
C VAL B 471 1.01 -12.55 -13.50
N LYS B 472 -0.19 -12.22 -13.02
CA LYS B 472 -1.39 -11.94 -13.80
C LYS B 472 -1.79 -13.14 -14.67
N PHE B 473 -2.16 -14.20 -13.97
CA PHE B 473 -2.61 -15.45 -14.59
C PHE B 473 -4.07 -15.70 -14.21
N THR B 474 -4.62 -16.77 -14.77
CA THR B 474 -5.91 -17.31 -14.36
C THR B 474 -5.68 -18.68 -13.74
N TYR B 475 -6.65 -19.12 -12.93
CA TYR B 475 -6.44 -20.33 -12.16
C TYR B 475 -7.78 -20.98 -11.82
N ASP B 476 -7.71 -22.27 -11.52
CA ASP B 476 -8.86 -23.05 -11.07
C ASP B 476 -8.46 -23.78 -9.80
N LEU B 477 -9.23 -23.59 -8.73
CA LEU B 477 -8.92 -24.15 -7.42
C LEU B 477 -9.86 -25.30 -7.12
N TYR B 478 -9.29 -26.43 -6.69
CA TYR B 478 -10.07 -27.59 -6.30
C TYR B 478 -9.26 -28.39 -5.28
N LEU B 479 -9.87 -29.45 -4.76
CA LEU B 479 -9.25 -30.30 -3.75
C LEU B 479 -9.13 -31.72 -4.27
N VAL B 480 -8.16 -32.45 -3.73
CA VAL B 480 -7.95 -33.85 -4.03
C VAL B 480 -8.55 -34.68 -2.90
N THR B 481 -9.14 -35.82 -3.23
CA THR B 481 -9.74 -36.71 -2.26
C THR B 481 -8.93 -37.98 -2.04
N ASN B 482 -7.80 -38.11 -2.72
CA ASN B 482 -6.97 -39.31 -2.54
C ASN B 482 -6.22 -39.27 -1.21
N GLY B 483 -5.94 -38.08 -0.69
CA GLY B 483 -5.37 -37.98 0.63
C GLY B 483 -4.39 -36.85 0.85
N LYS B 484 -3.21 -37.19 1.36
CA LYS B 484 -2.22 -36.23 1.82
C LYS B 484 -1.34 -35.78 0.66
N HIS B 485 -0.17 -35.20 0.98
CA HIS B 485 0.69 -34.54 0.00
C HIS B 485 1.18 -35.49 -1.09
N GLY B 486 1.90 -36.54 -0.70
CA GLY B 486 2.42 -37.47 -1.69
C GLY B 486 3.11 -38.68 -1.13
N LYS B 487 2.79 -39.86 -1.67
CA LYS B 487 3.42 -41.11 -1.26
C LYS B 487 3.28 -42.11 -2.39
N LYS B 488 4.41 -42.59 -2.90
CA LYS B 488 4.42 -43.50 -4.06
C LYS B 488 4.17 -44.92 -3.58
N VAL B 489 2.95 -45.41 -3.77
CA VAL B 489 2.59 -46.78 -3.34
C VAL B 489 2.83 -47.66 -4.55
N ASN B 490 4.10 -48.07 -4.72
CA ASN B 490 4.60 -48.96 -5.78
C ASN B 490 4.25 -48.42 -7.17
N ASN B 491 4.90 -47.28 -7.48
CA ASN B 491 4.70 -46.51 -8.72
C ASN B 491 3.25 -46.02 -8.85
N VAL B 492 2.60 -45.77 -7.72
CA VAL B 492 1.29 -45.13 -7.66
C VAL B 492 1.38 -44.04 -6.60
N TRP B 493 1.41 -42.79 -7.03
CA TRP B 493 1.43 -41.67 -6.11
C TRP B 493 0.03 -41.37 -5.60
N ASN B 494 -0.10 -40.33 -4.79
CA ASN B 494 -1.40 -39.95 -4.24
C ASN B 494 -1.43 -38.45 -3.97
N GLY B 495 -2.65 -37.91 -3.99
CA GLY B 495 -2.84 -36.51 -3.64
C GLY B 495 -2.35 -35.56 -4.72
N MET B 496 -1.66 -34.50 -4.28
CA MET B 496 -1.22 -33.45 -5.18
C MET B 496 -0.12 -33.93 -6.12
N ILE B 497 0.69 -34.90 -5.69
CA ILE B 497 1.70 -35.47 -6.59
C ILE B 497 1.02 -36.28 -7.69
N GLY B 498 -0.01 -37.05 -7.33
CA GLY B 498 -0.81 -37.75 -8.33
C GLY B 498 -1.61 -36.84 -9.24
N GLU B 499 -1.89 -35.61 -8.79
CA GLU B 499 -2.55 -34.65 -9.66
C GLU B 499 -1.56 -33.96 -10.61
N VAL B 500 -0.39 -33.57 -10.10
CA VAL B 500 0.54 -32.77 -10.90
C VAL B 500 1.34 -33.65 -11.87
N VAL B 501 1.87 -34.78 -11.38
CA VAL B 501 2.73 -35.64 -12.19
C VAL B 501 1.95 -36.31 -13.30
N TYR B 502 0.70 -36.68 -13.03
CA TYR B 502 -0.18 -37.24 -14.05
C TYR B 502 -0.92 -36.17 -14.85
N GLN B 503 -0.46 -34.91 -14.77
CA GLN B 503 -0.88 -33.80 -15.64
C GLN B 503 -2.36 -33.46 -15.49
N ARG B 504 -2.93 -33.73 -14.32
CA ARG B 504 -4.26 -33.23 -13.99
C ARG B 504 -4.22 -31.91 -13.24
N ALA B 505 -3.05 -31.54 -12.70
CA ALA B 505 -2.84 -30.24 -12.09
C ALA B 505 -1.50 -29.70 -12.56
N VAL B 506 -1.34 -28.38 -12.45
CA VAL B 506 -0.13 -27.73 -12.91
C VAL B 506 0.88 -27.65 -11.76
N MET B 507 0.48 -27.02 -10.66
CA MET B 507 1.39 -26.84 -9.54
C MET B 507 0.58 -26.78 -8.25
N ALA B 508 1.26 -27.01 -7.14
CA ALA B 508 0.65 -26.98 -5.81
C ALA B 508 1.05 -25.67 -5.15
N VAL B 509 0.10 -24.73 -5.07
CA VAL B 509 0.35 -23.45 -4.44
C VAL B 509 0.38 -23.60 -2.91
N GLY B 510 -0.33 -24.60 -2.38
CA GLY B 510 -0.30 -24.87 -0.96
C GLY B 510 1.05 -25.40 -0.50
N SER B 511 1.18 -25.52 0.82
CA SER B 511 2.45 -25.91 1.43
C SER B 511 2.77 -27.37 1.15
N LEU B 512 4.00 -27.62 0.73
CA LEU B 512 4.42 -28.95 0.31
C LEU B 512 5.79 -29.25 0.89
N THR B 513 5.96 -30.45 1.41
CA THR B 513 7.26 -30.89 1.89
C THR B 513 8.18 -31.20 0.71
N ILE B 514 9.48 -31.14 0.97
CA ILE B 514 10.51 -31.25 -0.07
C ILE B 514 11.40 -32.43 0.26
N ASN B 515 11.57 -33.33 -0.70
CA ASN B 515 12.52 -34.43 -0.57
C ASN B 515 13.15 -34.69 -1.94
N GLU B 516 13.89 -35.80 -2.03
CA GLU B 516 14.67 -36.09 -3.23
C GLU B 516 13.77 -36.57 -4.37
N GLU B 517 12.79 -37.42 -4.07
CA GLU B 517 11.98 -38.03 -5.11
C GLU B 517 11.03 -37.04 -5.77
N ARG B 518 10.53 -36.07 -5.02
CA ARG B 518 9.71 -35.02 -5.63
C ARG B 518 10.55 -34.08 -6.49
N SER B 519 11.79 -33.83 -6.09
CA SER B 519 12.70 -33.07 -6.93
C SER B 519 13.13 -33.86 -8.16
N GLU B 520 13.05 -35.20 -8.11
CA GLU B 520 13.29 -35.99 -9.30
C GLU B 520 12.10 -35.96 -10.25
N VAL B 521 10.88 -36.08 -9.72
CA VAL B 521 9.74 -36.20 -10.63
C VAL B 521 9.25 -34.84 -11.14
N VAL B 522 9.32 -33.78 -10.32
CA VAL B 522 8.95 -32.43 -10.72
C VAL B 522 10.02 -31.47 -10.21
N ASP B 523 9.77 -30.18 -10.40
CA ASP B 523 10.73 -29.13 -10.07
C ASP B 523 10.11 -28.17 -9.06
N PHE B 524 10.78 -27.98 -7.93
CA PHE B 524 10.32 -27.05 -6.92
C PHE B 524 10.65 -25.61 -7.31
N SER B 525 10.03 -24.67 -6.59
CA SER B 525 10.37 -23.27 -6.69
C SER B 525 11.42 -22.92 -5.65
N VAL B 526 11.67 -21.63 -5.44
CA VAL B 526 12.57 -21.18 -4.39
C VAL B 526 11.82 -21.21 -3.07
N PRO B 527 12.50 -21.47 -1.95
CA PRO B 527 11.81 -21.42 -0.66
C PRO B 527 11.61 -19.99 -0.20
N PHE B 528 10.63 -19.83 0.69
CA PHE B 528 10.25 -18.52 1.20
C PHE B 528 10.11 -18.46 2.71
N VAL B 529 9.92 -19.59 3.39
CA VAL B 529 9.69 -19.61 4.83
C VAL B 529 10.58 -20.69 5.43
N GLU B 530 11.08 -20.44 6.65
CA GLU B 530 12.01 -21.33 7.33
C GLU B 530 11.20 -22.23 8.26
N THR B 531 10.77 -23.36 7.73
CA THR B 531 9.90 -24.30 8.45
C THR B 531 10.57 -25.66 8.50
N GLY B 532 11.13 -26.00 9.64
CA GLY B 532 11.68 -27.31 9.89
C GLY B 532 10.69 -28.22 10.59
N ILE B 533 11.21 -29.19 11.33
CA ILE B 533 10.41 -30.09 12.12
C ILE B 533 10.65 -29.80 13.60
N SER B 534 9.81 -30.38 14.45
CA SER B 534 9.85 -30.18 15.89
C SER B 534 9.08 -31.29 16.57
N VAL B 535 9.26 -31.37 17.89
CA VAL B 535 8.64 -32.39 18.72
C VAL B 535 7.89 -31.68 19.85
N MET B 536 6.60 -31.96 19.97
CA MET B 536 5.77 -31.46 21.05
C MET B 536 5.72 -32.50 22.16
N VAL B 537 5.97 -32.07 23.41
CA VAL B 537 5.91 -32.97 24.56
C VAL B 537 4.84 -32.48 25.52
N SER B 538 4.68 -33.19 26.64
CA SER B 538 3.67 -32.81 27.63
C SER B 538 4.08 -31.54 28.38
N ARG B 539 5.36 -31.49 28.81
CA ARG B 539 6.04 -30.37 29.49
C ARG B 539 5.21 -29.78 30.64
N SER B 540 5.08 -30.61 31.68
CA SER B 540 4.26 -30.27 32.85
C SER B 540 4.96 -29.22 33.71
N ASN B 541 4.39 -28.95 34.88
CA ASN B 541 4.85 -27.85 35.73
C ASN B 541 6.21 -28.16 36.34
N GLY B 542 7.15 -27.23 36.16
CA GLY B 542 8.49 -27.38 36.70
C GLY B 542 8.88 -26.17 37.53
N THR B 543 10.06 -26.28 38.14
CA THR B 543 10.59 -25.27 39.04
C THR B 543 11.72 -24.51 38.35
N VAL B 544 12.35 -23.61 39.11
CA VAL B 544 13.48 -22.83 38.64
C VAL B 544 14.81 -23.43 39.11
N SER B 545 14.79 -24.66 39.62
CA SER B 545 15.92 -25.47 40.09
C SER B 545 16.79 -24.77 41.12
N PRO B 546 16.34 -24.61 42.38
CA PRO B 546 17.23 -24.03 43.40
C PRO B 546 18.29 -25.02 43.86
N SER B 547 19.35 -25.18 43.05
CA SER B 547 20.34 -26.21 43.33
C SER B 547 21.26 -25.82 44.48
N ALA B 548 22.05 -24.76 44.29
CA ALA B 548 23.04 -24.32 45.26
C ALA B 548 23.37 -22.86 44.98
N PHE B 549 24.45 -22.38 45.57
CA PHE B 549 24.94 -21.03 45.32
C PHE B 549 26.46 -21.04 45.32
N LEU B 550 27.05 -20.46 44.28
CA LEU B 550 28.49 -20.29 44.18
C LEU B 550 28.85 -18.83 43.87
N GLU B 551 27.89 -17.92 43.99
CA GLU B 551 28.15 -16.52 43.62
C GLU B 551 29.02 -15.76 44.62
N PRO B 552 28.81 -15.82 45.96
CA PRO B 552 29.69 -15.02 46.83
C PRO B 552 31.10 -15.57 46.96
N PHE B 553 31.28 -16.88 47.15
CA PHE B 553 32.58 -17.41 47.51
C PHE B 553 33.31 -18.09 46.34
N SER B 554 32.60 -18.95 45.59
CA SER B 554 33.11 -19.67 44.40
C SER B 554 34.38 -20.46 44.70
N ALA B 555 34.44 -21.04 45.91
CA ALA B 555 35.52 -21.90 46.39
C ALA B 555 36.89 -21.21 46.36
N SER B 556 36.91 -19.91 46.67
CA SER B 556 38.15 -19.15 46.78
C SER B 556 38.24 -18.25 48.00
N VAL B 557 37.11 -17.89 48.62
CA VAL B 557 37.12 -17.05 49.82
C VAL B 557 37.28 -17.90 51.09
N TRP B 558 37.24 -19.24 50.96
CA TRP B 558 37.28 -20.16 52.08
C TRP B 558 38.60 -20.06 52.86
N VAL B 559 39.71 -19.82 52.14
CA VAL B 559 41.01 -19.63 52.77
C VAL B 559 41.01 -18.33 53.59
N MET B 560 40.32 -17.30 53.11
CA MET B 560 40.17 -16.05 53.86
C MET B 560 39.39 -16.26 55.14
N MET B 561 38.33 -17.10 55.10
CA MET B 561 37.62 -17.50 56.31
C MET B 561 38.54 -18.17 57.32
N PHE B 562 39.36 -19.13 56.85
CA PHE B 562 40.27 -19.82 57.76
C PHE B 562 41.34 -18.90 58.33
N VAL B 563 41.88 -18.00 57.51
CA VAL B 563 42.92 -17.09 57.98
C VAL B 563 42.36 -16.09 58.98
N MET B 564 41.13 -15.61 58.76
CA MET B 564 40.56 -14.66 59.69
C MET B 564 40.16 -15.33 61.01
N LEU B 565 39.69 -16.58 60.95
CA LEU B 565 39.45 -17.35 62.17
C LEU B 565 40.73 -17.61 62.94
N LEU B 566 41.84 -17.88 62.22
CA LEU B 566 43.12 -18.10 62.88
C LEU B 566 43.65 -16.83 63.54
N ILE B 567 43.44 -15.68 62.89
CA ILE B 567 43.87 -14.41 63.46
C ILE B 567 43.04 -14.07 64.71
N VAL B 568 41.73 -14.32 64.66
CA VAL B 568 40.85 -14.09 65.81
C VAL B 568 41.25 -14.98 66.98
N SER B 569 41.54 -16.26 66.70
CA SER B 569 41.97 -17.18 67.76
C SER B 569 43.33 -16.80 68.32
N ALA B 570 44.24 -16.30 67.47
CA ALA B 570 45.57 -15.92 67.93
C ALA B 570 45.52 -14.68 68.82
N ILE B 571 44.69 -13.70 68.45
CA ILE B 571 44.59 -12.52 69.31
C ILE B 571 43.80 -12.85 70.58
N ALA B 572 42.90 -13.84 70.52
CA ALA B 572 42.26 -14.32 71.75
C ALA B 572 43.26 -14.99 72.68
N VAL B 573 44.22 -15.74 72.12
CA VAL B 573 45.32 -16.30 72.91
C VAL B 573 46.20 -15.18 73.47
N PHE B 574 46.38 -14.09 72.71
CA PHE B 574 47.16 -12.96 73.22
C PHE B 574 46.47 -12.26 74.38
N VAL B 575 45.14 -12.12 74.31
CA VAL B 575 44.38 -11.54 75.42
C VAL B 575 44.39 -12.48 76.62
N PHE B 576 44.36 -13.80 76.37
CA PHE B 576 44.49 -14.78 77.45
C PHE B 576 45.86 -14.71 78.10
N GLU B 577 46.90 -14.41 77.30
CA GLU B 577 48.23 -14.20 77.85
C GLU B 577 48.27 -12.92 78.67
N TYR B 578 47.52 -11.89 78.26
CA TYR B 578 47.39 -10.70 79.09
C TYR B 578 46.56 -10.99 80.33
N PHE B 579 45.56 -11.87 80.22
CA PHE B 579 44.76 -12.26 81.37
C PHE B 579 45.48 -13.29 82.22
N SER B 598 39.55 -19.55 80.17
CA SER B 598 40.78 -20.33 80.32
C SER B 598 40.74 -21.57 79.45
N PHE B 599 39.74 -21.66 78.58
CA PHE B 599 39.56 -22.83 77.73
C PHE B 599 39.11 -22.47 76.32
N THR B 600 39.14 -21.20 75.94
CA THR B 600 38.60 -20.73 74.67
C THR B 600 39.73 -20.45 73.66
N ILE B 601 40.73 -21.34 73.64
CA ILE B 601 41.84 -21.20 72.70
C ILE B 601 41.36 -21.48 71.28
N GLY B 602 40.89 -22.70 71.04
CA GLY B 602 40.27 -23.04 69.77
C GLY B 602 38.77 -22.88 69.76
N LYS B 603 38.16 -22.71 70.94
CA LYS B 603 36.72 -22.53 71.04
C LYS B 603 36.28 -21.15 70.62
N ALA B 604 37.21 -20.20 70.50
CA ALA B 604 36.88 -18.87 69.99
C ALA B 604 36.48 -18.93 68.52
N ILE B 605 37.09 -19.84 67.75
CA ILE B 605 36.69 -20.07 66.37
C ILE B 605 35.26 -20.62 66.32
N TRP B 606 34.93 -21.52 67.24
CA TRP B 606 33.60 -22.10 67.32
C TRP B 606 32.55 -21.04 67.67
N LEU B 607 32.87 -20.17 68.63
CA LEU B 607 31.94 -19.10 68.99
C LEU B 607 31.82 -18.07 67.86
N LEU B 608 32.91 -17.83 67.13
CA LEU B 608 32.88 -16.82 66.08
C LEU B 608 32.09 -17.31 64.88
N TRP B 609 32.15 -18.60 64.58
CA TRP B 609 31.32 -19.13 63.49
C TRP B 609 29.91 -19.43 63.96
N GLY B 610 29.69 -19.57 65.27
CA GLY B 610 28.33 -19.62 65.79
C GLY B 610 27.65 -18.26 65.75
N LEU B 611 28.42 -17.18 65.85
CA LEU B 611 27.86 -15.85 65.73
C LEU B 611 27.65 -15.42 64.28
N VAL B 612 28.02 -16.25 63.30
CA VAL B 612 27.57 -16.02 61.93
C VAL B 612 26.05 -16.17 61.86
N PHE B 613 25.51 -17.18 62.55
CA PHE B 613 24.09 -17.47 62.53
C PHE B 613 23.42 -17.07 63.84
N ASN B 614 23.97 -16.03 64.49
CA ASN B 614 23.53 -15.29 65.68
C ASN B 614 22.83 -16.11 66.76
N ASN B 615 23.35 -17.31 67.05
CA ASN B 615 22.81 -18.12 68.13
C ASN B 615 23.89 -18.87 68.91
N SER B 616 25.10 -18.34 68.99
CA SER B 616 26.18 -19.03 69.68
C SER B 616 25.99 -18.97 71.19
N VAL B 617 26.44 -20.01 71.87
CA VAL B 617 26.43 -20.07 73.33
C VAL B 617 27.51 -19.12 73.84
N PRO B 618 27.17 -18.13 74.67
CA PRO B 618 28.17 -17.16 75.11
C PRO B 618 29.17 -17.72 76.11
N VAL B 619 30.38 -17.99 75.64
CA VAL B 619 31.47 -18.35 76.53
C VAL B 619 31.96 -17.08 77.21
N GLN B 620 32.45 -17.22 78.45
CA GLN B 620 32.94 -16.12 79.28
C GLN B 620 33.99 -15.27 78.57
N ASN B 621 33.63 -14.01 78.30
CA ASN B 621 34.45 -13.09 77.51
C ASN B 621 35.42 -12.33 78.43
N PRO B 622 36.67 -12.17 78.01
CA PRO B 622 37.65 -11.48 78.85
C PRO B 622 37.42 -9.98 78.85
N LYS B 623 38.07 -9.33 79.82
CA LYS B 623 38.02 -7.88 79.94
C LYS B 623 39.05 -7.18 79.06
N GLY B 624 39.79 -7.92 78.23
CA GLY B 624 40.78 -7.31 77.35
C GLY B 624 40.19 -6.54 76.20
N THR B 625 38.92 -6.79 75.86
CA THR B 625 38.04 -5.99 75.01
C THR B 625 38.41 -6.09 73.52
N THR B 626 39.56 -6.70 73.21
CA THR B 626 39.98 -6.85 71.82
C THR B 626 39.12 -7.89 71.12
N SER B 627 38.79 -8.96 71.84
CA SER B 627 37.88 -9.98 71.33
C SER B 627 36.50 -9.39 71.09
N LYS B 628 36.06 -8.46 71.95
CA LYS B 628 34.77 -7.81 71.75
C LYS B 628 34.78 -6.93 70.51
N ILE B 629 35.90 -6.27 70.22
CA ILE B 629 36.02 -5.43 69.04
C ILE B 629 35.97 -6.28 67.77
N MET B 630 36.73 -7.38 67.74
CA MET B 630 36.72 -8.22 66.54
C MET B 630 35.42 -8.99 66.40
N VAL B 631 34.73 -9.29 67.51
CA VAL B 631 33.40 -9.87 67.44
C VAL B 631 32.41 -8.87 66.88
N SER B 632 32.55 -7.57 67.23
CA SER B 632 31.69 -6.55 66.65
C SER B 632 31.93 -6.37 65.16
N VAL B 633 33.20 -6.43 64.74
CA VAL B 633 33.54 -6.29 63.32
C VAL B 633 33.02 -7.49 62.52
N TRP B 634 33.27 -8.71 63.02
CA TRP B 634 32.77 -9.91 62.36
C TRP B 634 31.25 -10.00 62.43
N ALA B 635 30.63 -9.40 63.44
CA ALA B 635 29.17 -9.43 63.54
C ALA B 635 28.53 -8.48 62.54
N PHE B 636 29.11 -7.29 62.35
CA PHE B 636 28.64 -6.42 61.28
C PHE B 636 28.88 -7.03 59.91
N PHE B 637 30.01 -7.74 59.76
CA PHE B 637 30.27 -8.46 58.52
C PHE B 637 29.28 -9.61 58.32
N ALA B 638 28.84 -10.26 59.39
CA ALA B 638 27.84 -11.30 59.27
C ALA B 638 26.46 -10.73 58.97
N VAL B 639 26.17 -9.53 59.49
CA VAL B 639 24.92 -8.85 59.15
C VAL B 639 24.87 -8.52 57.66
N ILE B 640 25.94 -7.91 57.14
CA ILE B 640 25.95 -7.60 55.72
C ILE B 640 26.10 -8.85 54.85
N PHE B 641 26.66 -9.93 55.41
CA PHE B 641 26.74 -11.20 54.69
C PHE B 641 25.39 -11.86 54.56
N LEU B 642 24.60 -11.86 55.64
CA LEU B 642 23.24 -12.39 55.56
C LEU B 642 22.35 -11.50 54.72
N ALA B 643 22.61 -10.19 54.71
CA ALA B 643 21.87 -9.28 53.82
C ALA B 643 22.18 -9.57 52.37
N SER B 644 23.46 -9.82 52.04
CA SER B 644 23.83 -10.18 50.67
C SER B 644 23.31 -11.57 50.31
N TYR B 645 23.20 -12.47 51.28
CA TYR B 645 22.67 -13.80 51.01
C TYR B 645 21.18 -13.75 50.69
N THR B 646 20.42 -12.97 51.48
CA THR B 646 19.01 -12.75 51.17
C THR B 646 18.83 -11.98 49.87
N ALA B 647 19.78 -11.10 49.54
CA ALA B 647 19.71 -10.38 48.27
C ALA B 647 19.96 -11.31 47.09
N ASN B 648 20.87 -12.27 47.24
CA ASN B 648 21.09 -13.27 46.20
C ASN B 648 19.88 -14.19 46.07
N LEU B 649 19.24 -14.52 47.19
CA LEU B 649 18.01 -15.31 47.14
C LEU B 649 16.88 -14.55 46.45
N ALA B 650 16.81 -13.24 46.66
CA ALA B 650 15.80 -12.44 45.98
C ALA B 650 16.11 -12.29 44.50
N ALA B 651 17.39 -12.16 44.16
CA ALA B 651 17.80 -12.04 42.76
C ALA B 651 17.66 -13.36 42.01
N PHE B 652 17.63 -14.49 42.73
CA PHE B 652 17.38 -15.77 42.10
C PHE B 652 15.96 -15.88 41.55
N MET B 653 15.02 -15.10 42.09
CA MET B 653 13.63 -15.15 41.65
C MET B 653 13.44 -14.53 40.27
N ILE B 654 14.38 -13.68 39.83
CA ILE B 654 14.20 -12.85 38.63
C ILE B 654 14.06 -13.72 37.38
N GLN B 655 14.99 -14.64 37.19
CA GLN B 655 14.88 -15.56 36.06
C GLN B 655 13.86 -16.65 36.36
N GLU B 656 13.32 -17.23 35.28
CA GLU B 656 12.45 -18.39 35.39
C GLU B 656 12.68 -19.31 34.20
N GLU B 657 12.89 -20.59 34.48
CA GLU B 657 13.15 -21.60 33.45
C GLU B 657 12.94 -22.96 34.06
N PHE B 658 12.08 -23.77 33.44
CA PHE B 658 11.93 -25.17 33.82
C PHE B 658 12.63 -26.04 32.79
N VAL B 659 13.30 -27.09 33.27
CA VAL B 659 14.12 -27.92 32.39
C VAL B 659 13.23 -28.81 31.53
N ASP B 660 13.76 -29.20 30.39
CA ASP B 660 13.05 -30.05 29.44
C ASP B 660 13.52 -31.50 29.58
N GLN B 661 12.59 -32.42 29.35
CA GLN B 661 12.90 -33.84 29.46
C GLN B 661 13.69 -34.38 28.28
N VAL B 662 13.72 -33.65 27.17
CA VAL B 662 14.44 -34.07 25.96
C VAL B 662 15.52 -33.04 25.65
N THR B 663 16.76 -33.51 25.57
CA THR B 663 17.86 -32.61 25.21
C THR B 663 17.85 -32.27 23.73
N GLY B 664 17.53 -33.25 22.88
CA GLY B 664 17.51 -33.01 21.46
C GLY B 664 17.17 -34.28 20.71
N LEU B 665 17.55 -34.29 19.42
CA LEU B 665 17.23 -35.43 18.56
C LEU B 665 18.05 -36.66 18.92
N SER B 666 19.16 -36.50 19.64
CA SER B 666 19.99 -37.61 20.08
C SER B 666 19.66 -38.03 21.51
N ASP B 667 18.39 -37.97 21.87
CA ASP B 667 17.97 -38.25 23.24
C ASP B 667 18.06 -39.74 23.54
N LYS B 668 18.45 -40.06 24.78
CA LYS B 668 18.36 -41.44 25.26
C LYS B 668 16.92 -41.89 25.41
N LYS B 669 16.01 -40.94 25.69
CA LYS B 669 14.59 -41.26 25.69
C LYS B 669 14.09 -41.52 24.28
N PHE B 670 14.72 -40.92 23.27
CA PHE B 670 14.40 -41.24 21.89
C PHE B 670 14.94 -42.60 21.48
N GLN B 671 15.91 -43.14 22.22
CA GLN B 671 16.42 -44.48 21.93
C GLN B 671 15.44 -45.55 22.45
N ARG B 672 15.20 -45.57 23.76
CA ARG B 672 14.30 -46.52 24.37
C ARG B 672 13.84 -45.99 25.73
N PRO B 673 12.53 -45.87 25.97
CA PRO B 673 12.06 -45.41 27.29
C PRO B 673 12.18 -46.45 28.39
N HIS B 674 12.63 -47.67 28.09
CA HIS B 674 12.91 -48.65 29.14
C HIS B 674 14.20 -48.32 29.88
N ASP B 675 15.07 -47.49 29.29
CA ASP B 675 16.29 -47.05 29.96
C ASP B 675 15.97 -46.21 31.18
N TYR B 676 14.91 -45.42 31.13
CA TYR B 676 14.43 -44.65 32.27
C TYR B 676 13.24 -45.35 32.91
N SER B 677 12.89 -44.88 34.11
CA SER B 677 11.88 -45.59 34.90
C SER B 677 10.44 -45.39 34.42
N PRO B 678 9.99 -44.21 33.95
CA PRO B 678 8.69 -44.18 33.26
C PRO B 678 8.85 -44.41 31.76
N PRO B 679 8.09 -45.33 31.19
CA PRO B 679 7.99 -45.40 29.73
C PRO B 679 6.93 -44.45 29.19
N PHE B 680 7.16 -43.97 27.97
CA PHE B 680 6.26 -43.01 27.36
C PHE B 680 5.97 -43.45 25.92
N ARG B 681 5.29 -42.58 25.18
CA ARG B 681 4.77 -42.88 23.86
C ARG B 681 4.94 -41.66 22.97
N PHE B 682 4.92 -41.89 21.65
CA PHE B 682 5.14 -40.82 20.70
C PHE B 682 4.53 -41.22 19.37
N GLY B 683 3.88 -40.24 18.71
CA GLY B 683 3.22 -40.49 17.45
C GLY B 683 3.65 -39.47 16.40
N THR B 684 3.31 -39.77 15.15
CA THR B 684 3.51 -38.87 14.02
C THR B 684 2.22 -38.80 13.21
N VAL B 685 2.26 -38.06 12.11
CA VAL B 685 1.15 -38.06 11.16
C VAL B 685 1.25 -39.32 10.32
N PRO B 686 0.14 -40.01 10.05
CA PRO B 686 0.21 -41.23 9.25
C PRO B 686 0.43 -40.93 7.78
N ASN B 687 1.21 -41.81 7.13
CA ASN B 687 1.48 -41.77 5.68
C ASN B 687 2.14 -40.46 5.25
N GLY B 688 2.95 -39.85 6.12
CA GLY B 688 3.55 -38.57 5.83
C GLY B 688 5.00 -38.68 5.40
N SER B 689 5.52 -37.56 4.89
CA SER B 689 6.92 -37.47 4.52
C SER B 689 7.83 -37.43 5.73
N THR B 690 7.30 -37.04 6.89
CA THR B 690 8.06 -37.13 8.13
C THR B 690 8.35 -38.59 8.48
N GLU B 691 7.39 -39.48 8.20
CA GLU B 691 7.63 -40.92 8.37
C GLU B 691 8.69 -41.41 7.40
N ARG B 692 8.74 -40.86 6.19
CA ARG B 692 9.77 -41.21 5.23
C ARG B 692 11.14 -40.73 5.69
N ASN B 693 11.19 -39.54 6.32
CA ASN B 693 12.44 -39.05 6.88
C ASN B 693 12.89 -39.86 8.08
N ILE B 694 11.94 -40.38 8.86
CA ILE B 694 12.28 -41.27 9.97
C ILE B 694 12.82 -42.59 9.44
N ARG B 695 12.15 -43.19 8.47
CA ARG B 695 12.57 -44.48 7.92
C ARG B 695 13.87 -44.38 7.13
N ASN B 696 14.25 -43.19 6.67
CA ASN B 696 15.55 -43.00 6.04
C ASN B 696 16.64 -42.63 7.04
N ASN B 697 16.28 -42.34 8.29
CA ASN B 697 17.25 -41.96 9.30
C ASN B 697 17.28 -42.91 10.48
N TYR B 698 16.12 -43.26 11.03
CA TYR B 698 16.05 -44.08 12.24
C TYR B 698 14.97 -45.14 12.07
N PRO B 699 15.34 -46.38 11.71
CA PRO B 699 14.33 -47.44 11.58
C PRO B 699 13.71 -47.85 12.91
N TYR B 700 14.49 -47.82 14.00
CA TYR B 700 13.96 -48.17 15.32
C TYR B 700 12.92 -47.17 15.79
N MET B 701 13.07 -45.90 15.38
CA MET B 701 12.06 -44.90 15.69
C MET B 701 10.75 -45.22 15.00
N HIS B 702 10.82 -45.68 13.74
CA HIS B 702 9.62 -46.13 13.03
C HIS B 702 9.04 -47.38 13.66
N GLN B 703 9.90 -48.26 14.19
CA GLN B 703 9.43 -49.48 14.85
C GLN B 703 8.66 -49.17 16.12
N TYR B 704 9.18 -48.26 16.95
CA TYR B 704 8.46 -47.87 18.16
C TYR B 704 7.36 -46.85 17.89
N MET B 705 7.29 -46.28 16.69
CA MET B 705 6.23 -45.35 16.33
C MET B 705 5.04 -46.04 15.68
N THR B 706 5.25 -47.20 15.06
CA THR B 706 4.20 -47.88 14.30
C THR B 706 3.05 -48.32 15.19
N ARG B 707 3.36 -48.81 16.39
CA ARG B 707 2.31 -49.18 17.33
C ARG B 707 1.67 -48.00 18.02
N PHE B 708 2.24 -46.79 17.88
CA PHE B 708 1.75 -45.61 18.59
C PHE B 708 1.25 -44.55 17.62
N ASN B 709 0.47 -44.96 16.62
CA ASN B 709 0.00 -44.05 15.59
C ASN B 709 -1.21 -43.26 16.08
N GLN B 710 -1.70 -42.36 15.23
CA GLN B 710 -2.85 -41.53 15.53
C GLN B 710 -3.56 -41.17 14.21
N ARG B 711 -4.56 -40.30 14.30
CA ARG B 711 -5.38 -39.99 13.13
C ARG B 711 -5.25 -38.53 12.68
N GLY B 712 -5.54 -37.56 13.54
CA GLY B 712 -5.63 -36.17 13.14
C GLY B 712 -4.72 -35.28 13.95
N VAL B 713 -4.32 -34.16 13.34
CA VAL B 713 -3.35 -33.25 13.96
C VAL B 713 -3.97 -32.56 15.18
N GLU B 714 -5.17 -31.99 15.00
CA GLU B 714 -5.90 -31.47 16.15
C GLU B 714 -6.35 -32.59 17.09
N ASP B 715 -6.61 -33.78 16.53
CA ASP B 715 -6.90 -34.94 17.37
C ASP B 715 -5.68 -35.35 18.19
N ALA B 716 -4.50 -35.28 17.58
CA ALA B 716 -3.26 -35.53 18.34
C ALA B 716 -3.03 -34.44 19.38
N LEU B 717 -3.44 -33.20 19.11
CA LEU B 717 -3.32 -32.14 20.10
C LEU B 717 -4.24 -32.39 21.29
N VAL B 718 -5.47 -32.83 21.03
CA VAL B 718 -6.40 -33.20 22.09
C VAL B 718 -5.87 -34.40 22.87
N SER B 719 -5.22 -35.35 22.17
CA SER B 719 -4.60 -36.47 22.85
C SER B 719 -3.41 -36.05 23.72
N LEU B 720 -2.69 -35.01 23.32
CA LEU B 720 -1.61 -34.49 24.15
C LEU B 720 -2.16 -33.72 25.35
N LYS B 721 -3.28 -33.01 25.18
CA LYS B 721 -3.85 -32.26 26.29
C LYS B 721 -4.51 -33.18 27.31
N THR B 722 -5.41 -34.06 26.85
CA THR B 722 -6.16 -34.92 27.75
C THR B 722 -5.33 -36.07 28.32
N GLY B 723 -4.14 -36.32 27.78
CA GLY B 723 -3.29 -37.38 28.27
C GLY B 723 -3.37 -38.68 27.51
N LYS B 724 -3.90 -38.68 26.29
CA LYS B 724 -3.91 -39.88 25.47
C LYS B 724 -2.63 -40.06 24.68
N LEU B 725 -1.73 -39.09 24.72
CA LEU B 725 -0.46 -39.15 24.00
C LEU B 725 0.55 -38.31 24.75
N ASP B 726 1.82 -38.75 24.74
CA ASP B 726 2.90 -38.07 25.44
C ASP B 726 3.71 -37.15 24.53
N ALA B 727 4.16 -37.65 23.39
CA ALA B 727 4.98 -36.87 22.49
C ALA B 727 4.42 -36.94 21.07
N PHE B 728 4.81 -35.98 20.24
CA PHE B 728 4.36 -35.93 18.86
C PHE B 728 5.42 -35.24 18.02
N ILE B 729 5.51 -35.62 16.75
CA ILE B 729 6.50 -35.07 15.83
C ILE B 729 5.76 -34.43 14.68
N TYR B 730 6.09 -33.18 14.37
CA TYR B 730 5.36 -32.42 13.36
C TYR B 730 6.31 -31.35 12.81
N ASP B 731 5.79 -30.45 11.98
CA ASP B 731 6.56 -29.32 11.51
C ASP B 731 6.74 -28.28 12.61
N ALA B 732 7.71 -27.38 12.42
CA ALA B 732 8.13 -26.46 13.47
C ALA B 732 7.20 -25.25 13.56
N ALA B 733 7.12 -24.47 12.48
CA ALA B 733 6.40 -23.20 12.55
C ALA B 733 4.89 -23.38 12.63
N VAL B 734 4.36 -24.51 12.17
CA VAL B 734 2.93 -24.76 12.33
C VAL B 734 2.61 -25.01 13.80
N LEU B 735 3.49 -25.73 14.51
CA LEU B 735 3.32 -25.87 15.94
C LEU B 735 3.61 -24.57 16.68
N ASN B 736 4.45 -23.69 16.12
CA ASN B 736 4.61 -22.36 16.67
C ASN B 736 3.31 -21.56 16.54
N TYR B 737 2.62 -21.72 15.41
CA TYR B 737 1.31 -21.10 15.24
C TYR B 737 0.28 -21.71 16.20
N LYS B 738 0.37 -23.01 16.44
CA LYS B 738 -0.56 -23.65 17.37
C LYS B 738 -0.29 -23.23 18.81
N ALA B 739 0.97 -22.96 19.15
CA ALA B 739 1.26 -22.34 20.44
C ALA B 739 0.81 -20.89 20.48
N GLY B 740 0.80 -20.22 19.32
CA GLY B 740 0.25 -18.89 19.20
C GLY B 740 -1.26 -18.82 19.18
N ARG B 741 -1.94 -19.97 19.26
CA ARG B 741 -3.37 -20.03 19.46
C ARG B 741 -3.72 -21.00 20.58
N ASP B 742 -2.75 -21.41 21.39
CA ASP B 742 -2.96 -22.41 22.42
C ASP B 742 -3.75 -21.84 23.58
N GLU B 743 -4.79 -22.55 24.02
CA GLU B 743 -5.57 -22.16 25.17
C GLU B 743 -4.78 -22.50 26.44
N GLY B 744 -4.42 -21.47 27.21
CA GLY B 744 -3.60 -21.63 28.39
C GLY B 744 -2.12 -21.42 28.14
N CYS B 745 -1.64 -21.70 26.93
CA CYS B 745 -0.25 -21.52 26.49
C CYS B 745 0.72 -22.31 27.37
N LYS B 746 0.46 -23.61 27.47
CA LYS B 746 1.25 -24.51 28.29
C LYS B 746 2.23 -25.34 27.47
N LEU B 747 2.43 -25.02 26.20
CA LEU B 747 3.26 -25.81 25.30
C LEU B 747 4.18 -24.89 24.52
N VAL B 748 5.46 -24.88 24.87
CA VAL B 748 6.51 -24.18 24.14
C VAL B 748 7.56 -25.22 23.75
N THR B 749 7.78 -25.38 22.44
CA THR B 749 8.62 -26.46 21.93
C THR B 749 10.09 -26.23 22.29
N ILE B 750 10.85 -27.32 22.26
CA ILE B 750 12.26 -27.29 22.62
C ILE B 750 13.07 -26.76 21.45
N GLY B 751 13.76 -25.64 21.66
CA GLY B 751 14.59 -25.05 20.63
C GLY B 751 13.77 -24.38 19.53
N SER B 752 14.49 -23.99 18.49
CA SER B 752 13.90 -23.34 17.31
C SER B 752 14.43 -23.97 16.04
N GLY B 753 14.41 -25.29 15.98
CA GLY B 753 14.90 -26.00 14.81
C GLY B 753 16.40 -26.20 14.77
N TYR B 754 17.08 -26.08 15.92
CA TYR B 754 18.53 -26.22 15.94
C TYR B 754 18.98 -27.67 15.84
N ILE B 755 18.20 -28.60 16.37
CA ILE B 755 18.57 -30.01 16.38
C ILE B 755 17.55 -30.72 15.49
N PHE B 756 17.13 -30.04 14.42
CA PHE B 756 16.08 -30.58 13.56
C PHE B 756 16.45 -30.48 12.08
N ALA B 757 15.47 -30.74 11.21
CA ALA B 757 15.75 -30.80 9.77
C ALA B 757 16.04 -29.42 9.21
N THR B 758 15.20 -28.44 9.54
CA THR B 758 15.31 -27.03 9.14
C THR B 758 15.31 -26.90 7.61
N THR B 759 14.17 -27.27 7.02
CA THR B 759 13.93 -27.17 5.60
C THR B 759 13.03 -25.96 5.31
N GLY B 760 12.58 -25.85 4.05
CA GLY B 760 11.70 -24.77 3.65
C GLY B 760 10.49 -25.31 2.90
N TYR B 761 9.66 -24.36 2.45
CA TYR B 761 8.46 -24.64 1.69
C TYR B 761 8.57 -24.00 0.31
N GLY B 762 8.21 -24.76 -0.72
CA GLY B 762 8.27 -24.27 -2.08
C GLY B 762 7.08 -24.65 -2.92
N ILE B 763 7.12 -24.34 -4.22
CA ILE B 763 6.03 -24.64 -5.15
C ILE B 763 6.57 -25.60 -6.19
N ALA B 764 6.00 -26.80 -6.25
CA ALA B 764 6.44 -27.82 -7.19
C ALA B 764 5.78 -27.56 -8.53
N LEU B 765 6.57 -27.12 -9.51
CA LEU B 765 6.11 -26.94 -10.87
C LEU B 765 6.49 -28.14 -11.72
N GLN B 766 5.77 -28.31 -12.83
CA GLN B 766 6.06 -29.40 -13.75
C GLN B 766 7.37 -29.14 -14.49
N LYS B 767 8.04 -30.22 -14.85
CA LYS B 767 9.34 -30.13 -15.53
C LYS B 767 9.12 -29.67 -16.96
N GLY B 768 9.42 -28.40 -17.21
CA GLY B 768 9.24 -27.82 -18.53
C GLY B 768 8.25 -26.69 -18.55
N SER B 769 8.12 -25.97 -17.42
CA SER B 769 7.19 -24.86 -17.36
C SER B 769 7.93 -23.54 -17.49
N PRO B 770 7.49 -22.63 -18.35
CA PRO B 770 8.14 -21.32 -18.47
C PRO B 770 7.78 -20.37 -17.33
N TRP B 771 6.84 -20.74 -16.47
CA TRP B 771 6.40 -19.88 -15.38
C TRP B 771 7.41 -19.79 -14.25
N LYS B 772 8.44 -20.65 -14.24
CA LYS B 772 9.24 -20.89 -13.05
C LYS B 772 10.09 -19.67 -12.68
N ARG B 773 10.74 -19.06 -13.67
CA ARG B 773 11.57 -17.90 -13.41
C ARG B 773 10.73 -16.71 -12.97
N GLN B 774 9.54 -16.55 -13.56
CA GLN B 774 8.66 -15.45 -13.17
C GLN B 774 8.13 -15.65 -11.75
N ILE B 775 7.81 -16.88 -11.37
CA ILE B 775 7.36 -17.17 -10.01
C ILE B 775 8.49 -16.95 -9.02
N ASP B 776 9.72 -17.32 -9.39
CA ASP B 776 10.87 -17.10 -8.51
C ASP B 776 11.15 -15.61 -8.31
N LEU B 777 11.07 -14.83 -9.39
CA LEU B 777 11.25 -13.38 -9.28
C LEU B 777 10.12 -12.75 -8.46
N ALA B 778 8.90 -13.27 -8.60
CA ALA B 778 7.79 -12.74 -7.81
C ALA B 778 7.94 -13.07 -6.34
N LEU B 779 8.43 -14.27 -6.01
CA LEU B 779 8.65 -14.62 -4.61
C LEU B 779 9.79 -13.82 -4.01
N LEU B 780 10.86 -13.60 -4.77
CA LEU B 780 11.96 -12.78 -4.24
C LEU B 780 11.59 -11.30 -4.19
N GLN B 781 10.62 -10.87 -4.98
CA GLN B 781 10.08 -9.52 -4.81
C GLN B 781 9.20 -9.45 -3.57
N PHE B 782 8.43 -10.51 -3.30
CA PHE B 782 7.57 -10.53 -2.13
C PHE B 782 8.38 -10.61 -0.83
N VAL B 783 9.53 -11.24 -0.88
CA VAL B 783 10.41 -11.24 0.29
C VAL B 783 11.24 -9.97 0.34
N GLY B 784 11.67 -9.48 -0.82
CA GLY B 784 12.60 -8.37 -0.89
C GLY B 784 12.04 -6.98 -0.68
N ASP B 785 10.88 -6.86 -0.03
CA ASP B 785 10.33 -5.56 0.28
C ASP B 785 9.67 -5.48 1.66
N GLY B 786 9.75 -6.52 2.48
CA GLY B 786 9.10 -6.54 3.78
C GLY B 786 7.65 -6.95 3.76
N GLU B 787 7.09 -7.24 2.58
CA GLU B 787 5.70 -7.69 2.50
C GLU B 787 5.55 -9.11 3.03
N MET B 788 6.58 -9.93 2.85
CA MET B 788 6.61 -11.26 3.47
C MET B 788 6.66 -11.15 5.00
N GLU B 789 7.38 -10.15 5.50
CA GLU B 789 7.37 -9.88 6.94
C GLU B 789 6.00 -9.43 7.42
N GLU B 790 5.27 -8.68 6.58
CA GLU B 790 3.91 -8.28 6.91
C GLU B 790 2.98 -9.49 6.95
N LEU B 791 3.15 -10.43 6.01
CA LEU B 791 2.34 -11.64 6.01
C LEU B 791 2.67 -12.54 7.20
N GLU B 792 3.95 -12.61 7.58
CA GLU B 792 4.32 -13.40 8.76
C GLU B 792 3.85 -12.72 10.04
N THR B 793 3.77 -11.40 10.06
CA THR B 793 3.19 -10.71 11.22
C THR B 793 1.70 -10.95 11.30
N LEU B 794 1.03 -10.99 10.15
CA LEU B 794 -0.41 -11.21 10.12
C LEU B 794 -0.77 -12.65 10.49
N TRP B 795 0.04 -13.63 10.07
CA TRP B 795 -0.33 -15.02 10.20
C TRP B 795 0.49 -15.80 11.23
N LEU B 796 1.49 -15.19 11.86
CA LEU B 796 2.24 -15.82 12.93
C LEU B 796 2.42 -14.79 14.04
N THR B 797 1.61 -14.90 15.09
CA THR B 797 1.69 -13.97 16.22
C THR B 797 1.34 -14.72 17.49
N GLY B 798 2.26 -14.70 18.46
CA GLY B 798 2.03 -15.34 19.75
C GLY B 798 2.59 -14.48 20.87
N ILE B 799 2.51 -15.03 22.08
CA ILE B 799 2.98 -14.34 23.27
C ILE B 799 4.27 -14.99 23.76
N CYS B 800 5.00 -14.25 24.58
CA CYS B 800 6.30 -14.59 25.22
C CYS B 800 7.30 -15.35 24.35
N SER B 809 5.19 -21.80 44.52
CA SER B 809 4.66 -22.99 45.16
C SER B 809 5.34 -23.24 46.51
N SER B 810 4.63 -23.97 47.38
CA SER B 810 5.18 -24.27 48.70
C SER B 810 6.29 -25.31 48.66
N GLN B 811 6.41 -26.06 47.55
CA GLN B 811 7.40 -27.12 47.42
C GLN B 811 8.23 -26.88 46.16
N LEU B 812 8.73 -25.66 46.02
CA LEU B 812 9.68 -25.35 44.96
C LEU B 812 11.10 -25.82 45.29
N ASP B 813 11.34 -26.26 46.51
CA ASP B 813 12.66 -26.69 46.98
C ASP B 813 12.95 -28.15 46.67
N ILE B 814 12.74 -28.55 45.42
CA ILE B 814 13.04 -29.93 45.02
C ILE B 814 14.53 -30.14 44.76
N ASP B 815 15.30 -29.07 44.59
CA ASP B 815 16.75 -29.16 44.50
C ASP B 815 17.46 -28.67 45.75
N ASN B 816 16.78 -27.92 46.62
CA ASN B 816 17.33 -27.62 47.92
C ASN B 816 17.39 -28.87 48.80
N MET B 817 16.44 -29.78 48.64
CA MET B 817 16.45 -31.02 49.40
C MET B 817 17.57 -31.96 48.96
N ALA B 818 18.06 -31.81 47.73
CA ALA B 818 19.29 -32.49 47.35
C ALA B 818 20.47 -31.95 48.13
N GLY B 819 20.51 -30.62 48.35
CA GLY B 819 21.50 -30.05 49.23
C GLY B 819 21.34 -30.51 50.67
N VAL B 820 20.10 -30.74 51.11
CA VAL B 820 19.85 -31.32 52.42
C VAL B 820 20.43 -32.73 52.50
N PHE B 821 20.28 -33.51 51.43
CA PHE B 821 20.83 -34.87 51.36
C PHE B 821 22.36 -34.85 51.43
N TYR B 822 22.99 -33.95 50.66
CA TYR B 822 24.46 -33.89 50.66
C TYR B 822 25.00 -33.39 51.99
N MET B 823 24.35 -32.40 52.60
CA MET B 823 24.83 -31.90 53.89
C MET B 823 24.59 -32.90 55.01
N LEU B 824 23.51 -33.68 54.93
CA LEU B 824 23.30 -34.73 55.92
C LEU B 824 24.31 -35.87 55.76
N ALA B 825 24.66 -36.20 54.52
CA ALA B 825 25.69 -37.22 54.29
C ALA B 825 27.06 -36.74 54.76
N ALA B 826 27.38 -35.47 54.53
CA ALA B 826 28.64 -34.91 55.02
C ALA B 826 28.67 -34.84 56.55
N ALA B 827 27.52 -34.54 57.16
CA ALA B 827 27.44 -34.52 58.62
C ALA B 827 27.63 -35.91 59.21
N MET B 828 27.05 -36.93 58.57
CA MET B 828 27.24 -38.31 59.04
C MET B 828 28.69 -38.76 58.85
N ALA B 829 29.32 -38.37 57.75
CA ALA B 829 30.72 -38.72 57.50
C ALA B 829 31.64 -38.05 58.52
N LEU B 830 31.41 -36.77 58.81
CA LEU B 830 32.23 -36.08 59.81
C LEU B 830 31.97 -36.60 61.22
N SER B 831 30.73 -37.03 61.50
CA SER B 831 30.45 -37.66 62.79
C SER B 831 31.16 -39.00 62.92
N LEU B 832 31.25 -39.75 61.82
CA LEU B 832 32.02 -41.00 61.83
C LEU B 832 33.50 -40.74 62.06
N ILE B 833 34.04 -39.69 61.42
CA ILE B 833 35.45 -39.34 61.58
C ILE B 833 35.75 -38.89 63.01
N THR B 834 34.89 -38.07 63.60
CA THR B 834 35.09 -37.66 64.98
C THR B 834 34.75 -38.76 65.99
N PHE B 835 34.00 -39.78 65.58
CA PHE B 835 33.65 -40.88 66.47
C PHE B 835 34.71 -41.98 66.51
N ILE B 836 35.39 -42.25 65.39
CA ILE B 836 36.41 -43.30 65.40
C ILE B 836 37.68 -42.89 66.13
N TRP B 837 37.87 -41.60 66.41
CA TRP B 837 39.03 -41.14 67.14
C TRP B 837 38.63 -40.30 68.34
N LYS C 25 2.56 12.72 -68.27
CA LYS C 25 2.05 11.37 -68.07
C LYS C 25 3.17 10.34 -68.03
N ILE C 26 4.41 10.81 -68.04
CA ILE C 26 5.58 9.94 -68.03
C ILE C 26 6.25 10.01 -66.67
N VAL C 27 6.78 8.88 -66.25
CA VAL C 27 7.54 8.75 -65.00
C VAL C 27 8.82 7.99 -65.31
N ASN C 28 9.96 8.61 -65.02
CA ASN C 28 11.23 7.92 -65.15
C ASN C 28 11.50 7.05 -63.92
N ILE C 29 12.31 6.02 -64.13
CA ILE C 29 12.76 5.14 -63.05
C ILE C 29 14.28 5.10 -63.11
N GLY C 30 14.93 5.46 -62.00
CA GLY C 30 16.38 5.51 -61.95
C GLY C 30 16.97 4.17 -61.58
N ALA C 31 17.94 3.73 -62.39
CA ALA C 31 18.62 2.47 -62.17
C ALA C 31 20.12 2.66 -62.38
N VAL C 32 20.91 2.02 -61.53
CA VAL C 32 22.36 2.01 -61.68
C VAL C 32 22.68 0.67 -62.36
N LEU C 33 22.64 0.69 -63.70
CA LEU C 33 22.79 -0.54 -64.47
C LEU C 33 23.32 -0.17 -65.86
N SER C 34 24.16 -1.04 -66.41
CA SER C 34 24.83 -0.76 -67.68
C SER C 34 24.65 -1.81 -68.75
N THR C 35 24.15 -3.00 -68.43
CA THR C 35 24.02 -4.07 -69.41
C THR C 35 22.72 -3.92 -70.18
N ARG C 36 22.80 -4.04 -71.52
CA ARG C 36 21.62 -3.82 -72.34
C ARG C 36 20.62 -4.97 -72.25
N LYS C 37 21.08 -6.17 -71.91
CA LYS C 37 20.17 -7.31 -71.77
C LYS C 37 19.28 -7.17 -70.55
N HIS C 38 19.86 -6.76 -69.42
CA HIS C 38 19.06 -6.52 -68.22
C HIS C 38 18.16 -5.30 -68.38
N GLU C 39 18.59 -4.30 -69.16
CA GLU C 39 17.69 -3.18 -69.45
C GLU C 39 16.55 -3.58 -70.38
N GLN C 40 16.81 -4.51 -71.30
CA GLN C 40 15.73 -5.04 -72.15
C GLN C 40 14.73 -5.83 -71.34
N MET C 41 15.22 -6.67 -70.42
CA MET C 41 14.34 -7.38 -69.50
C MET C 41 13.59 -6.41 -68.58
N PHE C 42 14.25 -5.31 -68.21
CA PHE C 42 13.63 -4.28 -67.39
C PHE C 42 12.49 -3.59 -68.14
N ARG C 43 12.71 -3.24 -69.40
CA ARG C 43 11.66 -2.59 -70.19
C ARG C 43 10.51 -3.55 -70.50
N GLU C 44 10.82 -4.83 -70.72
CA GLU C 44 9.76 -5.81 -70.90
C GLU C 44 8.94 -6.00 -69.64
N ALA C 45 9.59 -5.99 -68.47
CA ALA C 45 8.86 -6.11 -67.21
C ALA C 45 8.09 -4.83 -66.89
N VAL C 46 8.57 -3.68 -67.35
CA VAL C 46 7.79 -2.44 -67.24
C VAL C 46 6.55 -2.50 -68.12
N ASN C 47 6.69 -3.02 -69.34
CA ASN C 47 5.55 -3.20 -70.23
C ASN C 47 4.55 -4.21 -69.64
N GLN C 48 5.05 -5.23 -68.94
CA GLN C 48 4.17 -6.13 -68.20
C GLN C 48 3.50 -5.42 -67.03
N ALA C 49 4.21 -4.49 -66.39
CA ALA C 49 3.66 -3.76 -65.25
C ALA C 49 2.56 -2.80 -65.67
N ASN C 50 2.66 -2.21 -66.85
CA ASN C 50 1.63 -1.34 -67.36
C ASN C 50 0.52 -2.08 -68.08
N LYS C 51 0.54 -3.42 -68.08
CA LYS C 51 -0.40 -4.17 -68.91
C LYS C 51 -1.74 -4.38 -68.23
N ARG C 52 -1.76 -5.08 -67.10
CA ARG C 52 -3.01 -5.54 -66.50
C ARG C 52 -3.34 -4.85 -65.18
N HIS C 53 -2.62 -3.78 -64.83
CA HIS C 53 -2.73 -3.18 -63.51
C HIS C 53 -3.76 -2.04 -63.45
N GLY C 54 -4.83 -2.14 -64.23
CA GLY C 54 -5.93 -1.20 -64.15
C GLY C 54 -5.93 -0.20 -65.29
N SER C 55 -6.87 0.74 -65.20
CA SER C 55 -7.02 1.80 -66.19
C SER C 55 -6.32 3.08 -65.78
N TRP C 56 -5.22 2.95 -65.03
CA TRP C 56 -4.46 4.12 -64.61
C TRP C 56 -3.67 4.68 -65.79
N LYS C 57 -3.59 6.00 -65.86
CA LYS C 57 -3.14 6.71 -67.06
C LYS C 57 -1.69 7.17 -66.98
N ILE C 58 -0.81 6.38 -66.38
CA ILE C 58 0.61 6.75 -66.31
C ILE C 58 1.37 5.96 -67.38
N GLN C 59 2.48 6.53 -67.82
CA GLN C 59 3.45 5.85 -68.67
C GLN C 59 4.79 5.85 -67.96
N LEU C 60 5.62 4.86 -68.27
CA LEU C 60 6.87 4.66 -67.54
C LEU C 60 8.05 4.63 -68.50
N ASN C 61 9.21 5.04 -68.00
CA ASN C 61 10.43 5.12 -68.78
C ASN C 61 11.60 4.76 -67.88
N ALA C 62 12.68 4.30 -68.49
CA ALA C 62 13.89 3.92 -67.77
C ALA C 62 14.96 5.01 -67.90
N THR C 63 15.81 5.09 -66.89
CA THR C 63 16.98 5.96 -66.93
C THR C 63 18.06 5.30 -66.08
N SER C 64 19.11 4.81 -66.72
CA SER C 64 20.14 4.02 -66.06
C SER C 64 21.52 4.63 -66.27
N VAL C 65 22.38 4.45 -65.27
CA VAL C 65 23.74 4.96 -65.31
C VAL C 65 24.72 3.80 -65.33
N THR C 66 25.87 4.03 -65.95
CA THR C 66 26.84 2.99 -66.27
C THR C 66 28.03 3.02 -65.29
N HIS C 67 29.05 2.23 -65.61
CA HIS C 67 30.23 2.11 -64.75
C HIS C 67 31.16 3.30 -64.90
N LYS C 68 31.44 3.97 -63.77
CA LYS C 68 32.51 4.94 -63.66
C LYS C 68 33.29 4.67 -62.38
N PRO C 69 34.64 4.68 -62.44
CA PRO C 69 35.40 4.38 -61.22
C PRO C 69 35.36 5.50 -60.19
N ASN C 70 35.34 6.74 -60.63
CA ASN C 70 35.37 7.89 -59.73
C ASN C 70 34.03 8.06 -59.03
N ALA C 71 34.00 7.76 -57.73
CA ALA C 71 32.77 7.75 -56.95
C ALA C 71 32.19 9.15 -56.79
N ILE C 72 33.03 10.17 -56.81
CA ILE C 72 32.52 11.55 -56.77
C ILE C 72 31.76 11.86 -58.05
N GLN C 73 32.32 11.51 -59.21
CA GLN C 73 31.59 11.69 -60.46
C GLN C 73 30.46 10.67 -60.61
N MET C 74 30.53 9.53 -59.92
CA MET C 74 29.37 8.66 -59.81
C MET C 74 28.22 9.37 -59.14
N ALA C 75 28.45 9.98 -57.97
CA ALA C 75 27.41 10.72 -57.27
C ALA C 75 26.96 11.94 -58.07
N LEU C 76 27.87 12.54 -58.83
CA LEU C 76 27.54 13.69 -59.68
C LEU C 76 26.59 13.28 -60.80
N SER C 77 26.91 12.19 -61.51
CA SER C 77 26.03 11.68 -62.56
C SER C 77 24.70 11.20 -61.99
N VAL C 78 24.72 10.63 -60.79
CA VAL C 78 23.50 10.17 -60.14
C VAL C 78 22.59 11.36 -59.81
N CYS C 79 23.14 12.40 -59.18
CA CYS C 79 22.28 13.53 -58.82
C CYS C 79 21.83 14.33 -60.03
N GLU C 80 22.66 14.42 -61.08
CA GLU C 80 22.23 15.04 -62.33
C GLU C 80 21.15 14.23 -63.04
N ASP C 81 21.16 12.91 -62.88
CA ASP C 81 20.12 12.09 -63.50
C ASP C 81 18.90 11.86 -62.61
N LEU C 82 18.98 12.22 -61.32
CA LEU C 82 17.81 12.13 -60.45
C LEU C 82 17.04 13.43 -60.38
N ILE C 83 17.75 14.57 -60.38
CA ILE C 83 17.06 15.85 -60.31
C ILE C 83 16.33 16.15 -61.63
N SER C 84 16.99 15.91 -62.76
CA SER C 84 16.47 16.26 -64.06
C SER C 84 15.59 15.17 -64.68
N SER C 85 15.01 14.27 -63.87
CA SER C 85 14.19 13.20 -64.42
C SER C 85 12.87 12.97 -63.71
N GLN C 86 12.69 13.46 -62.48
CA GLN C 86 11.47 13.30 -61.66
C GLN C 86 11.13 11.83 -61.44
N VAL C 87 12.10 11.09 -60.92
CA VAL C 87 11.94 9.65 -60.76
C VAL C 87 11.15 9.34 -59.50
N TYR C 88 10.65 8.10 -59.43
CA TYR C 88 10.02 7.58 -58.22
C TYR C 88 10.80 6.44 -57.59
N ALA C 89 11.57 5.68 -58.37
CA ALA C 89 12.28 4.50 -57.87
C ALA C 89 13.75 4.61 -58.24
N ILE C 90 14.61 4.35 -57.26
CA ILE C 90 16.06 4.40 -57.44
C ILE C 90 16.61 3.04 -57.05
N LEU C 91 17.13 2.31 -58.05
CA LEU C 91 17.59 0.93 -57.84
C LEU C 91 19.06 0.84 -58.17
N VAL C 92 19.90 0.73 -57.13
CA VAL C 92 21.33 0.50 -57.32
C VAL C 92 21.54 -0.99 -57.58
N SER C 93 22.23 -1.30 -58.68
CA SER C 93 22.33 -2.68 -59.13
C SER C 93 23.75 -2.99 -59.61
N HIS C 94 24.76 -2.59 -58.84
CA HIS C 94 26.13 -3.05 -59.07
C HIS C 94 26.79 -3.43 -57.75
N PRO C 95 26.70 -4.69 -57.35
CA PRO C 95 27.55 -5.17 -56.26
C PRO C 95 29.04 -5.24 -56.61
N PRO C 96 29.51 -5.84 -57.78
CA PRO C 96 30.97 -5.99 -57.88
C PRO C 96 31.68 -4.76 -58.41
N THR C 97 31.57 -3.65 -57.69
CA THR C 97 32.27 -2.44 -58.06
C THR C 97 33.77 -2.60 -57.80
N PRO C 98 34.63 -2.05 -58.66
CA PRO C 98 36.08 -2.20 -58.46
C PRO C 98 36.64 -1.43 -57.27
N ASN C 99 35.87 -0.49 -56.70
CA ASN C 99 36.27 0.16 -55.48
C ASN C 99 36.07 -0.78 -54.30
N ASP C 100 37.10 -0.95 -53.48
CA ASP C 100 37.04 -1.87 -52.35
C ASP C 100 36.24 -1.33 -51.17
N HIS C 101 35.82 -0.07 -51.21
CA HIS C 101 35.00 0.48 -50.14
C HIS C 101 33.55 0.02 -50.25
N PHE C 102 33.05 -0.16 -51.48
CA PHE C 102 31.70 -0.63 -51.80
C PHE C 102 30.63 0.27 -51.16
N THR C 103 30.60 1.51 -51.65
CA THR C 103 29.76 2.55 -51.05
C THR C 103 28.69 3.00 -52.03
N PRO C 104 27.46 2.49 -51.93
CA PRO C 104 26.32 3.15 -52.59
C PRO C 104 25.72 4.26 -51.74
N THR C 105 26.47 4.68 -50.71
CA THR C 105 26.02 5.74 -49.81
C THR C 105 25.64 7.10 -50.43
N PRO C 106 26.37 7.70 -51.39
CA PRO C 106 25.99 9.07 -51.79
C PRO C 106 24.70 9.15 -52.57
N VAL C 107 24.24 8.06 -53.19
CA VAL C 107 22.96 8.05 -53.86
C VAL C 107 21.82 8.22 -52.85
N SER C 108 21.85 7.42 -51.78
CA SER C 108 20.86 7.56 -50.71
C SER C 108 21.03 8.87 -49.96
N TYR C 109 22.26 9.36 -49.83
CA TYR C 109 22.48 10.61 -49.11
C TYR C 109 22.01 11.81 -49.92
N THR C 110 21.99 11.69 -51.25
CA THR C 110 21.42 12.72 -52.10
C THR C 110 19.89 12.62 -52.12
N ALA C 111 19.36 11.40 -52.18
CA ALA C 111 17.92 11.21 -52.20
C ALA C 111 17.27 11.52 -50.84
N GLY C 112 18.05 11.56 -49.77
CA GLY C 112 17.54 11.98 -48.47
C GLY C 112 17.26 13.48 -48.35
N PHE C 113 17.64 14.26 -49.37
CA PHE C 113 17.28 15.68 -49.38
C PHE C 113 15.77 15.87 -49.55
N TYR C 114 15.11 14.93 -50.23
CA TYR C 114 13.65 14.88 -50.30
C TYR C 114 13.10 13.64 -49.63
N ARG C 115 13.93 12.92 -48.86
CA ARG C 115 13.57 11.67 -48.17
C ARG C 115 13.08 10.61 -49.17
N ILE C 116 13.75 10.54 -50.31
CA ILE C 116 13.36 9.62 -51.38
C ILE C 116 13.99 8.25 -51.12
N PRO C 117 13.21 7.18 -51.10
CA PRO C 117 13.79 5.84 -50.86
C PRO C 117 14.55 5.34 -52.09
N VAL C 118 15.82 5.02 -51.88
CA VAL C 118 16.61 4.30 -52.85
C VAL C 118 16.43 2.81 -52.58
N LEU C 119 15.92 2.08 -53.56
CA LEU C 119 15.68 0.65 -53.41
C LEU C 119 16.84 -0.13 -54.05
N GLY C 120 17.99 -0.09 -53.37
CA GLY C 120 19.15 -0.79 -53.86
C GLY C 120 19.05 -2.28 -53.70
N LEU C 121 19.93 -2.99 -54.41
CA LEU C 121 19.93 -4.46 -54.40
C LEU C 121 21.33 -5.04 -54.24
N THR C 122 22.27 -4.31 -53.65
CA THR C 122 23.68 -4.68 -53.70
C THR C 122 24.23 -5.14 -52.37
N THR C 123 24.15 -4.31 -51.33
CA THR C 123 24.90 -4.55 -50.11
C THR C 123 24.11 -5.37 -49.10
N ARG C 124 24.84 -6.00 -48.18
CA ARG C 124 24.25 -6.83 -47.13
C ARG C 124 24.93 -6.55 -45.80
N MET C 125 25.15 -5.28 -45.49
CA MET C 125 25.85 -4.89 -44.27
C MET C 125 24.90 -4.21 -43.30
N SER C 126 25.20 -4.36 -42.00
CA SER C 126 24.40 -3.73 -40.97
C SER C 126 24.65 -2.24 -40.86
N ILE C 127 25.76 -1.75 -41.41
CA ILE C 127 25.99 -0.31 -41.46
C ILE C 127 25.06 0.36 -42.48
N TYR C 128 24.57 -0.41 -43.46
CA TYR C 128 23.55 0.06 -44.37
C TYR C 128 22.13 -0.21 -43.87
N SER C 129 21.99 -1.07 -42.85
CA SER C 129 20.68 -1.47 -42.35
C SER C 129 20.01 -0.40 -41.50
N ASP C 130 20.74 0.65 -41.11
CA ASP C 130 20.20 1.64 -40.20
C ASP C 130 19.22 2.55 -40.94
N LYS C 131 18.04 2.75 -40.34
CA LYS C 131 17.11 3.77 -40.77
C LYS C 131 17.51 5.16 -40.32
N SER C 132 18.54 5.27 -39.46
CA SER C 132 19.03 6.54 -38.97
C SER C 132 20.26 7.03 -39.73
N ILE C 133 21.19 6.14 -40.08
CA ILE C 133 22.33 6.53 -40.90
C ILE C 133 21.87 6.80 -42.33
N HIS C 134 21.31 5.79 -42.98
CA HIS C 134 20.64 5.95 -44.25
C HIS C 134 19.19 6.28 -43.97
N LEU C 135 18.71 7.39 -44.53
CA LEU C 135 17.45 7.98 -44.07
C LEU C 135 16.24 7.15 -44.47
N SER C 136 16.17 6.72 -45.73
CA SER C 136 15.02 5.95 -46.19
C SER C 136 15.43 4.82 -47.13
N PHE C 137 16.62 4.26 -46.93
CA PHE C 137 17.11 3.22 -47.82
C PHE C 137 16.37 1.91 -47.60
N LEU C 138 15.49 1.55 -48.51
CA LEU C 138 14.84 0.25 -48.52
C LEU C 138 15.61 -0.71 -49.44
N ARG C 139 15.39 -2.00 -49.22
CA ARG C 139 16.03 -3.06 -50.00
C ARG C 139 15.29 -4.36 -49.76
N THR C 140 15.59 -5.34 -50.61
CA THR C 140 15.09 -6.70 -50.42
C THR C 140 16.21 -7.68 -50.12
N VAL C 141 17.41 -7.20 -49.84
CA VAL C 141 18.57 -8.02 -49.55
C VAL C 141 18.86 -7.94 -48.05
N PRO C 142 18.96 -9.08 -47.37
CA PRO C 142 19.11 -9.04 -45.91
C PRO C 142 20.59 -9.00 -45.51
N PRO C 143 20.90 -8.37 -44.36
CA PRO C 143 22.28 -8.40 -43.88
C PRO C 143 22.64 -9.72 -43.21
N TYR C 144 23.81 -9.78 -42.59
CA TYR C 144 24.29 -11.01 -41.95
C TYR C 144 23.56 -11.32 -40.65
N SER C 145 22.76 -10.39 -40.13
CA SER C 145 21.96 -10.67 -38.94
C SER C 145 20.88 -11.72 -39.22
N HIS C 146 20.35 -11.73 -40.45
CA HIS C 146 19.44 -12.79 -40.83
C HIS C 146 20.16 -14.13 -40.95
N GLN C 147 21.43 -14.12 -41.38
CA GLN C 147 22.23 -15.34 -41.32
C GLN C 147 22.48 -15.78 -39.88
N SER C 148 22.62 -14.82 -38.97
CA SER C 148 22.73 -15.17 -37.55
C SER C 148 21.45 -15.78 -37.02
N SER C 149 20.29 -15.32 -37.50
CA SER C 149 19.02 -15.95 -37.12
C SER C 149 18.87 -17.34 -37.71
N VAL C 150 19.35 -17.54 -38.94
CA VAL C 150 19.35 -18.88 -39.54
C VAL C 150 20.27 -19.81 -38.75
N TRP C 151 21.42 -19.29 -38.31
CA TRP C 151 22.33 -20.06 -37.45
C TRP C 151 21.70 -20.36 -36.09
N PHE C 152 20.89 -19.44 -35.58
CA PHE C 152 20.12 -19.69 -34.36
C PHE C 152 19.13 -20.82 -34.57
N GLU C 153 18.48 -20.85 -35.73
CA GLU C 153 17.56 -21.95 -36.03
C GLU C 153 18.30 -23.26 -36.20
N MET C 154 19.52 -23.21 -36.76
CA MET C 154 20.35 -24.41 -36.87
C MET C 154 20.77 -24.92 -35.49
N MET C 155 21.05 -24.00 -34.57
CA MET C 155 21.33 -24.39 -33.19
C MET C 155 20.09 -24.95 -32.51
N ARG C 156 18.91 -24.45 -32.87
CA ARG C 156 17.68 -25.06 -32.37
C ARG C 156 17.47 -26.46 -32.93
N VAL C 157 17.98 -26.72 -34.13
CA VAL C 157 17.94 -28.08 -34.67
C VAL C 157 18.91 -28.98 -33.92
N TYR C 158 20.17 -28.57 -33.82
CA TYR C 158 21.20 -29.40 -33.22
C TYR C 158 21.25 -29.30 -31.70
N ASN C 159 20.36 -28.50 -31.09
CA ASN C 159 20.14 -28.42 -29.65
C ASN C 159 21.41 -28.00 -28.90
N TRP C 160 21.98 -26.89 -29.34
CA TRP C 160 23.18 -26.32 -28.75
C TRP C 160 22.86 -24.96 -28.14
N ASN C 161 23.62 -24.59 -27.11
CA ASN C 161 23.42 -23.33 -26.41
C ASN C 161 24.64 -22.44 -26.39
N HIS C 162 25.80 -22.98 -26.04
CA HIS C 162 26.99 -22.17 -25.78
C HIS C 162 27.82 -22.00 -27.04
N ILE C 163 28.20 -20.74 -27.32
CA ILE C 163 28.94 -20.40 -28.52
C ILE C 163 30.19 -19.62 -28.14
N ILE C 164 31.01 -19.33 -29.15
CA ILE C 164 32.13 -18.42 -29.07
C ILE C 164 32.03 -17.53 -30.30
N LEU C 165 31.71 -16.25 -30.10
CA LEU C 165 31.53 -15.30 -31.20
C LEU C 165 32.80 -14.48 -31.37
N LEU C 166 33.25 -14.33 -32.61
CA LEU C 166 34.38 -13.47 -32.95
C LEU C 166 33.96 -12.59 -34.12
N VAL C 167 33.83 -11.29 -33.87
CA VAL C 167 33.46 -10.32 -34.90
C VAL C 167 34.63 -9.38 -35.11
N SER C 168 35.13 -9.30 -36.35
CA SER C 168 36.27 -8.43 -36.62
C SER C 168 35.87 -6.96 -36.62
N ASP C 169 34.64 -6.66 -37.01
CA ASP C 169 34.20 -5.28 -37.12
C ASP C 169 33.56 -4.80 -35.82
N ASP C 170 33.28 -3.50 -35.77
CA ASP C 170 32.71 -2.88 -34.58
C ASP C 170 31.46 -2.09 -34.95
N HIS C 171 31.39 -1.60 -36.19
CA HIS C 171 30.21 -0.87 -36.64
C HIS C 171 29.03 -1.82 -36.82
N GLU C 172 29.17 -2.81 -37.69
CA GLU C 172 28.17 -3.86 -37.83
C GLU C 172 28.23 -4.86 -36.68
N GLY C 173 29.34 -4.88 -35.92
CA GLY C 173 29.46 -5.83 -34.84
C GLY C 173 28.53 -5.56 -33.68
N ARG C 174 28.24 -4.28 -33.41
CA ARG C 174 27.28 -3.94 -32.36
C ARG C 174 25.87 -4.35 -32.76
N ALA C 175 25.51 -4.18 -34.04
CA ALA C 175 24.20 -4.61 -34.50
C ALA C 175 24.09 -6.14 -34.51
N ALA C 176 25.19 -6.82 -34.84
CA ALA C 176 25.20 -8.28 -34.78
C ALA C 176 25.08 -8.77 -33.34
N GLN C 177 25.74 -8.09 -32.41
CA GLN C 177 25.62 -8.43 -30.99
C GLN C 177 24.21 -8.16 -30.48
N LYS C 178 23.57 -7.09 -30.96
CA LYS C 178 22.20 -6.80 -30.55
C LYS C 178 21.23 -7.82 -31.12
N ARG C 179 21.45 -8.27 -32.35
CA ARG C 179 20.62 -9.31 -32.92
C ARG C 179 20.84 -10.65 -32.22
N LEU C 180 22.07 -10.91 -31.80
CA LEU C 180 22.37 -12.11 -31.02
C LEU C 180 21.70 -12.07 -29.65
N GLU C 181 21.67 -10.89 -29.02
CA GLU C 181 20.96 -10.74 -27.76
C GLU C 181 19.45 -10.84 -27.95
N THR C 182 18.94 -10.43 -29.11
CA THR C 182 17.54 -10.65 -29.44
C THR C 182 17.22 -12.12 -29.57
N LEU C 183 18.11 -12.88 -30.21
CA LEU C 183 17.95 -14.33 -30.32
C LEU C 183 18.08 -15.02 -28.96
N LEU C 184 18.94 -14.49 -28.09
CA LEU C 184 19.04 -15.03 -26.73
C LEU C 184 17.79 -14.72 -25.91
N GLU C 185 17.20 -13.55 -26.12
CA GLU C 185 15.93 -13.21 -25.48
C GLU C 185 14.80 -14.09 -25.98
N GLU C 186 14.84 -14.46 -27.26
CA GLU C 186 13.92 -15.47 -27.77
C GLU C 186 14.18 -16.82 -27.11
N ARG C 187 15.45 -17.14 -26.85
CA ARG C 187 15.80 -18.34 -26.10
C ARG C 187 15.50 -18.21 -24.61
N GLU C 188 15.47 -16.97 -24.10
CA GLU C 188 15.47 -16.65 -22.66
C GLU C 188 16.64 -17.34 -21.96
N SER C 189 17.83 -17.18 -22.54
CA SER C 189 19.07 -17.67 -21.98
C SER C 189 20.18 -16.71 -22.37
N LYS C 190 21.42 -17.08 -22.08
CA LYS C 190 22.57 -16.24 -22.37
C LYS C 190 23.63 -17.02 -23.12
N ALA C 191 24.45 -16.29 -23.88
CA ALA C 191 25.58 -16.89 -24.58
C ALA C 191 26.77 -17.01 -23.63
N GLU C 192 27.90 -17.48 -24.17
CA GLU C 192 29.08 -17.73 -23.36
C GLU C 192 30.12 -16.64 -23.50
N LYS C 193 30.59 -16.36 -24.72
CA LYS C 193 31.69 -15.44 -24.92
C LYS C 193 31.57 -14.78 -26.29
N VAL C 194 31.68 -13.45 -26.31
CA VAL C 194 31.76 -12.68 -27.54
C VAL C 194 33.07 -11.91 -27.52
N LEU C 195 33.62 -11.67 -28.71
CA LEU C 195 34.89 -10.97 -28.85
C LEU C 195 34.87 -10.08 -30.07
N GLN C 196 35.48 -8.90 -29.92
CA GLN C 196 35.73 -7.99 -31.03
C GLN C 196 37.15 -7.46 -30.92
N PHE C 197 37.73 -7.10 -32.07
CA PHE C 197 39.12 -6.67 -32.12
C PHE C 197 39.28 -5.72 -33.30
N ASP C 198 40.53 -5.35 -33.59
CA ASP C 198 40.84 -4.45 -34.69
C ASP C 198 41.41 -5.25 -35.84
N PRO C 199 40.81 -5.21 -37.03
CA PRO C 199 41.38 -5.94 -38.18
C PRO C 199 42.70 -5.33 -38.62
N GLY C 200 43.60 -6.22 -39.09
CA GLY C 200 44.94 -5.87 -39.49
C GLY C 200 46.01 -6.54 -38.66
N THR C 201 45.73 -6.81 -37.38
CA THR C 201 46.68 -7.50 -36.52
C THR C 201 46.67 -8.99 -36.83
N LYS C 202 47.69 -9.68 -36.31
CA LYS C 202 47.87 -11.10 -36.57
C LYS C 202 48.02 -11.96 -35.34
N ASN C 203 48.07 -11.38 -34.14
CA ASN C 203 48.25 -12.14 -32.90
C ASN C 203 46.95 -12.24 -32.13
N VAL C 204 45.85 -12.53 -32.84
CA VAL C 204 44.57 -12.86 -32.22
C VAL C 204 44.52 -14.34 -31.86
N THR C 205 45.66 -15.03 -32.01
CA THR C 205 45.79 -16.42 -31.58
C THR C 205 45.62 -16.57 -30.08
N ALA C 206 46.01 -15.55 -29.31
CA ALA C 206 45.88 -15.60 -27.86
C ALA C 206 44.42 -15.60 -27.43
N LEU C 207 43.57 -14.85 -28.15
CA LEU C 207 42.14 -14.88 -27.86
C LEU C 207 41.53 -16.23 -28.21
N LEU C 208 42.05 -16.88 -29.25
CA LEU C 208 41.59 -18.22 -29.60
C LEU C 208 42.03 -19.24 -28.56
N MET C 209 43.22 -19.06 -27.98
CA MET C 209 43.65 -19.96 -26.92
C MET C 209 42.89 -19.70 -25.63
N GLU C 210 42.47 -18.46 -25.38
CA GLU C 210 41.58 -18.18 -24.26
C GLU C 210 40.21 -18.80 -24.49
N ALA C 211 39.74 -18.79 -25.73
CA ALA C 211 38.48 -19.44 -26.07
C ALA C 211 38.59 -20.96 -26.08
N ARG C 212 39.81 -21.50 -26.15
CA ARG C 212 40.00 -22.94 -26.12
C ARG C 212 39.61 -23.53 -24.77
N GLU C 213 39.94 -22.83 -23.68
CA GLU C 213 39.75 -23.36 -22.33
C GLU C 213 38.33 -23.21 -21.80
N LEU C 214 37.35 -22.96 -22.68
CA LEU C 214 35.95 -22.88 -22.28
C LEU C 214 35.34 -24.28 -22.30
N GLU C 215 34.01 -24.34 -22.16
CA GLU C 215 33.28 -25.61 -22.16
C GLU C 215 32.46 -25.81 -23.43
N ALA C 216 32.84 -25.16 -24.53
CA ALA C 216 32.14 -25.31 -25.80
C ALA C 216 33.15 -25.26 -26.94
N ARG C 217 32.75 -25.83 -28.07
CA ARG C 217 33.57 -25.85 -29.27
C ARG C 217 32.81 -25.34 -30.49
N VAL C 218 31.89 -24.41 -30.27
CA VAL C 218 31.11 -23.79 -31.35
C VAL C 218 31.73 -22.45 -31.67
N ILE C 219 32.16 -22.27 -32.91
CA ILE C 219 32.87 -21.06 -33.34
C ILE C 219 31.99 -20.35 -34.36
N ILE C 220 31.64 -19.10 -34.06
CA ILE C 220 30.91 -18.25 -34.99
C ILE C 220 31.81 -17.06 -35.33
N LEU C 221 31.97 -16.79 -36.64
CA LEU C 221 32.89 -15.78 -37.13
C LEU C 221 32.15 -14.78 -38.00
N SER C 222 32.41 -13.50 -37.77
CA SER C 222 31.96 -12.41 -38.64
C SER C 222 33.19 -11.61 -39.03
N ALA C 223 33.66 -11.78 -40.27
CA ALA C 223 34.92 -11.20 -40.69
C ALA C 223 34.91 -10.97 -42.19
N SER C 224 35.91 -10.21 -42.65
CA SER C 224 36.17 -10.02 -44.07
C SER C 224 37.05 -11.16 -44.57
N GLU C 225 37.62 -11.02 -45.77
CA GLU C 225 38.45 -12.08 -46.32
C GLU C 225 39.80 -12.17 -45.60
N ASP C 226 40.39 -11.01 -45.28
CA ASP C 226 41.73 -10.99 -44.69
C ASP C 226 41.72 -11.52 -43.27
N ASP C 227 40.72 -11.12 -42.48
CA ASP C 227 40.61 -11.58 -41.10
C ASP C 227 40.26 -13.07 -41.05
N ALA C 228 39.46 -13.54 -42.00
CA ALA C 228 39.16 -14.96 -42.08
C ALA C 228 40.39 -15.77 -42.46
N ALA C 229 41.21 -15.27 -43.39
CA ALA C 229 42.44 -15.96 -43.74
C ALA C 229 43.42 -15.96 -42.57
N THR C 230 43.45 -14.88 -41.80
CA THR C 230 44.31 -14.80 -40.62
C THR C 230 43.88 -15.81 -39.56
N VAL C 231 42.59 -15.89 -39.28
CA VAL C 231 42.15 -16.86 -38.27
C VAL C 231 42.16 -18.29 -38.80
N TYR C 232 42.13 -18.51 -40.11
CA TYR C 232 42.32 -19.86 -40.63
C TYR C 232 43.76 -20.29 -40.51
N ARG C 233 44.70 -19.37 -40.75
CA ARG C 233 46.11 -19.66 -40.50
C ARG C 233 46.37 -19.89 -39.02
N ALA C 234 45.67 -19.15 -38.16
CA ALA C 234 45.76 -19.35 -36.72
C ALA C 234 45.19 -20.70 -36.32
N ALA C 235 44.10 -21.12 -36.96
CA ALA C 235 43.52 -22.44 -36.70
C ALA C 235 44.44 -23.55 -37.19
N ALA C 236 45.17 -23.31 -38.27
CA ALA C 236 46.16 -24.28 -38.73
C ALA C 236 47.36 -24.35 -37.80
N MET C 237 47.70 -23.23 -37.15
CA MET C 237 48.84 -23.23 -36.24
C MET C 237 48.48 -23.68 -34.83
N LEU C 238 47.30 -23.31 -34.32
CA LEU C 238 46.91 -23.64 -32.96
C LEU C 238 46.23 -24.99 -32.82
N ASN C 239 46.23 -25.81 -33.88
CA ASN C 239 45.57 -27.12 -33.94
C ASN C 239 44.07 -26.99 -33.66
N MET C 240 43.45 -25.96 -34.23
CA MET C 240 42.01 -25.79 -34.14
C MET C 240 41.26 -26.46 -35.28
N THR C 241 41.93 -27.33 -36.04
CA THR C 241 41.31 -28.08 -37.12
C THR C 241 41.25 -29.58 -36.82
N GLY C 242 41.25 -29.92 -35.53
CA GLY C 242 41.16 -31.31 -35.12
C GLY C 242 39.74 -31.83 -35.10
N SER C 243 39.36 -32.47 -34.00
CA SER C 243 38.03 -33.04 -33.85
C SER C 243 37.19 -32.18 -32.93
N GLY C 244 35.91 -32.06 -33.27
CA GLY C 244 34.95 -31.34 -32.45
C GLY C 244 34.82 -29.86 -32.73
N TYR C 245 35.69 -29.30 -33.56
CA TYR C 245 35.67 -27.86 -33.83
C TYR C 245 34.53 -27.54 -34.78
N VAL C 246 33.53 -26.82 -34.28
CA VAL C 246 32.35 -26.45 -35.06
C VAL C 246 32.59 -25.06 -35.63
N TRP C 247 32.86 -24.97 -36.92
CA TRP C 247 33.14 -23.72 -37.59
C TRP C 247 31.90 -23.22 -38.31
N LEU C 248 31.63 -21.92 -38.20
CA LEU C 248 30.40 -21.35 -38.74
C LEU C 248 30.71 -19.94 -39.24
N VAL C 249 30.87 -19.81 -40.56
CA VAL C 249 31.22 -18.55 -41.20
C VAL C 249 30.14 -18.21 -42.23
N GLY C 250 30.28 -17.02 -42.81
CA GLY C 250 29.28 -16.51 -43.75
C GLY C 250 29.78 -16.31 -45.17
N GLU C 251 29.54 -15.13 -45.73
CA GLU C 251 29.78 -14.85 -47.14
C GLU C 251 31.14 -14.22 -47.41
N ARG C 252 31.58 -13.27 -46.57
CA ARG C 252 32.87 -12.63 -46.77
C ARG C 252 34.04 -13.49 -46.32
N GLU C 253 33.79 -14.68 -45.78
CA GLU C 253 34.84 -15.56 -45.30
C GLU C 253 35.14 -16.71 -46.26
N ILE C 254 34.35 -16.86 -47.32
CA ILE C 254 34.48 -17.99 -48.23
C ILE C 254 34.97 -17.52 -49.59
N SER C 255 35.67 -16.39 -49.62
CA SER C 255 36.20 -15.84 -50.86
C SER C 255 37.66 -15.45 -50.65
N GLY C 256 38.39 -15.39 -51.77
CA GLY C 256 39.80 -15.03 -51.71
C GLY C 256 40.66 -16.18 -51.21
N ASN C 257 41.76 -15.81 -50.53
CA ASN C 257 42.66 -16.81 -49.98
C ASN C 257 42.08 -17.50 -48.75
N ALA C 258 41.06 -16.90 -48.12
CA ALA C 258 40.38 -17.55 -47.01
C ALA C 258 39.60 -18.76 -47.49
N LEU C 259 39.08 -18.73 -48.71
CA LEU C 259 38.49 -19.92 -49.31
C LEU C 259 39.55 -20.99 -49.54
N ARG C 260 40.77 -20.57 -49.91
CA ARG C 260 41.88 -21.50 -50.01
C ARG C 260 42.33 -21.97 -48.63
N TYR C 261 42.25 -21.11 -47.63
CA TYR C 261 42.70 -21.45 -46.28
C TYR C 261 41.61 -22.11 -45.44
N ALA C 262 40.41 -22.30 -45.98
CA ALA C 262 39.31 -22.87 -45.22
C ALA C 262 39.53 -24.37 -45.03
N PRO C 263 39.27 -24.89 -43.82
CA PRO C 263 39.42 -26.33 -43.60
C PRO C 263 38.27 -27.12 -44.21
N ASP C 264 38.59 -28.33 -44.65
CA ASP C 264 37.60 -29.22 -45.25
C ASP C 264 36.65 -29.70 -44.16
N GLY C 265 35.38 -29.31 -44.27
CA GLY C 265 34.40 -29.57 -43.23
C GLY C 265 33.73 -28.31 -42.70
N ILE C 266 34.03 -27.14 -43.25
CA ILE C 266 33.45 -25.89 -42.76
C ILE C 266 32.10 -25.67 -43.44
N ILE C 267 31.18 -25.06 -42.70
CA ILE C 267 29.80 -24.88 -43.13
C ILE C 267 29.61 -23.43 -43.54
N GLY C 268 29.12 -23.22 -44.76
CA GLY C 268 28.80 -21.90 -45.25
C GLY C 268 27.34 -21.79 -45.64
N LEU C 269 26.87 -20.56 -45.74
CA LEU C 269 25.50 -20.26 -46.14
C LEU C 269 25.52 -19.34 -47.34
N GLN C 270 24.59 -19.57 -48.28
CA GLN C 270 24.46 -18.73 -49.46
C GLN C 270 22.99 -18.68 -49.86
N LEU C 271 22.42 -17.46 -49.89
CA LEU C 271 21.02 -17.33 -50.26
C LEU C 271 20.82 -17.60 -51.74
N ILE C 272 19.73 -18.26 -52.09
CA ILE C 272 19.51 -18.65 -53.47
C ILE C 272 19.07 -17.44 -54.27
N ASN C 273 19.44 -17.43 -55.56
CA ASN C 273 18.94 -16.53 -56.60
C ASN C 273 19.35 -15.08 -56.35
N GLY C 274 20.33 -14.86 -55.48
CA GLY C 274 20.87 -13.52 -55.32
C GLY C 274 21.96 -13.23 -56.33
N LYS C 275 22.82 -14.23 -56.60
CA LYS C 275 23.88 -14.04 -57.57
C LYS C 275 23.33 -14.07 -59.00
N ASN C 276 22.25 -14.82 -59.23
CA ASN C 276 21.52 -14.70 -60.48
C ASN C 276 20.80 -13.37 -60.49
N GLU C 277 21.19 -12.49 -61.42
CA GLU C 277 20.87 -11.08 -61.30
C GLU C 277 19.45 -10.76 -61.75
N SER C 278 19.08 -11.26 -62.94
CA SER C 278 17.84 -10.84 -63.61
C SER C 278 16.59 -11.28 -62.87
N ALA C 279 16.63 -12.37 -62.11
CA ALA C 279 15.44 -12.84 -61.42
C ALA C 279 15.09 -11.93 -60.24
N HIS C 280 16.10 -11.55 -59.45
CA HIS C 280 15.79 -10.59 -58.38
C HIS C 280 15.59 -9.19 -58.93
N ILE C 281 16.13 -8.88 -60.11
CA ILE C 281 15.73 -7.67 -60.81
C ILE C 281 14.25 -7.67 -61.11
N SER C 282 13.73 -8.78 -61.64
CA SER C 282 12.31 -8.88 -61.98
C SER C 282 11.44 -8.87 -60.73
N ASP C 283 11.93 -9.47 -59.63
CA ASP C 283 11.21 -9.41 -58.37
C ASP C 283 11.15 -7.99 -57.83
N ALA C 284 12.25 -7.25 -57.94
CA ALA C 284 12.27 -5.85 -57.54
C ALA C 284 11.35 -5.01 -58.42
N VAL C 285 11.27 -5.34 -59.71
CA VAL C 285 10.36 -4.63 -60.62
C VAL C 285 8.92 -4.89 -60.24
N GLY C 286 8.58 -6.14 -59.89
CA GLY C 286 7.22 -6.44 -59.45
C GLY C 286 6.85 -5.75 -58.15
N VAL C 287 7.80 -5.71 -57.19
CA VAL C 287 7.59 -5.01 -55.93
C VAL C 287 7.39 -3.52 -56.14
N VAL C 288 8.28 -2.89 -56.91
CA VAL C 288 8.22 -1.46 -57.20
C VAL C 288 6.94 -1.13 -57.97
N ALA C 289 6.55 -1.99 -58.91
CA ALA C 289 5.36 -1.73 -59.72
C ALA C 289 4.09 -1.79 -58.89
N GLN C 290 3.94 -2.83 -58.06
CA GLN C 290 2.75 -2.92 -57.22
C GLN C 290 2.75 -1.83 -56.14
N ALA C 291 3.93 -1.40 -55.70
CA ALA C 291 4.01 -0.29 -54.74
C ALA C 291 3.60 1.03 -55.37
N VAL C 292 4.03 1.29 -56.61
CA VAL C 292 3.66 2.52 -57.31
C VAL C 292 2.17 2.51 -57.63
N HIS C 293 1.61 1.35 -58.01
CA HIS C 293 0.18 1.30 -58.29
C HIS C 293 -0.66 1.47 -57.01
N GLU C 294 -0.25 0.86 -55.90
CA GLU C 294 -1.00 1.05 -54.66
C GLU C 294 -0.75 2.43 -54.06
N LEU C 295 0.32 3.11 -54.44
CA LEU C 295 0.53 4.50 -54.07
C LEU C 295 -0.38 5.41 -54.89
N LEU C 296 -0.55 5.12 -56.17
CA LEU C 296 -1.37 5.92 -57.06
C LEU C 296 -2.83 5.49 -57.08
N GLU C 297 -3.22 4.54 -56.21
CA GLU C 297 -4.64 4.27 -56.01
C GLU C 297 -5.37 5.48 -55.42
N LYS C 298 -4.73 6.18 -54.49
CA LYS C 298 -5.36 7.25 -53.74
C LYS C 298 -5.05 8.60 -54.39
N GLU C 299 -5.61 9.65 -53.81
CA GLU C 299 -5.48 11.01 -54.30
C GLU C 299 -4.22 11.67 -53.72
N ASN C 300 -4.15 13.00 -53.88
CA ASN C 300 -3.15 13.96 -53.34
C ASN C 300 -1.72 13.43 -53.30
N ILE C 301 -1.27 12.93 -54.45
CA ILE C 301 0.09 12.44 -54.60
C ILE C 301 0.98 13.58 -55.08
N THR C 302 2.03 13.86 -54.31
CA THR C 302 2.99 14.88 -54.69
C THR C 302 4.15 14.24 -55.46
N ASP C 303 4.98 15.09 -56.05
CA ASP C 303 6.13 14.63 -56.80
C ASP C 303 7.40 15.27 -56.27
N PRO C 304 8.52 14.56 -56.29
CA PRO C 304 9.80 15.16 -55.89
C PRO C 304 10.24 16.20 -56.90
N PRO C 305 10.37 17.46 -56.48
CA PRO C 305 10.68 18.53 -57.43
C PRO C 305 12.16 18.55 -57.82
N ARG C 306 12.48 19.47 -58.71
CA ARG C 306 13.83 19.62 -59.23
C ARG C 306 14.65 20.42 -58.24
N GLY C 307 15.65 19.78 -57.62
CA GLY C 307 16.46 20.44 -56.60
C GLY C 307 17.34 21.55 -57.11
N CYS C 308 17.62 21.58 -58.41
CA CYS C 308 18.46 22.62 -58.97
C CYS C 308 17.72 23.92 -59.24
N VAL C 309 16.40 23.91 -59.30
CA VAL C 309 15.60 25.09 -59.60
C VAL C 309 14.71 25.36 -58.40
N GLY C 310 15.20 26.19 -57.47
CA GLY C 310 14.40 26.85 -56.45
C GLY C 310 13.66 25.96 -55.47
N ASN C 311 14.02 24.69 -55.37
CA ASN C 311 13.28 23.73 -54.56
C ASN C 311 14.22 23.17 -53.49
N THR C 312 14.20 23.80 -52.31
CA THR C 312 15.01 23.36 -51.19
C THR C 312 14.20 22.78 -50.05
N ASN C 313 12.89 23.00 -50.02
CA ASN C 313 12.05 22.43 -48.98
C ASN C 313 11.88 20.93 -49.20
N ILE C 314 11.50 20.22 -48.12
CA ILE C 314 11.43 18.78 -48.17
C ILE C 314 10.16 18.33 -48.90
N TRP C 315 10.19 17.09 -49.39
CA TRP C 315 9.05 16.48 -50.05
C TRP C 315 8.05 16.05 -48.98
N LYS C 316 6.83 16.60 -49.03
CA LYS C 316 5.93 16.54 -47.89
C LYS C 316 5.33 15.15 -47.69
N THR C 317 5.21 14.36 -48.76
CA THR C 317 4.66 13.01 -48.68
C THR C 317 5.75 11.95 -48.57
N GLY C 318 6.88 12.30 -47.97
CA GLY C 318 7.93 11.36 -47.66
C GLY C 318 7.53 10.25 -46.70
N PRO C 319 7.10 10.61 -45.48
CA PRO C 319 6.57 9.58 -44.58
C PRO C 319 5.31 8.90 -45.07
N LEU C 320 4.51 9.56 -45.91
CA LEU C 320 3.37 8.90 -46.55
C LEU C 320 3.84 7.81 -47.49
N PHE C 321 4.85 8.11 -48.30
CA PHE C 321 5.43 7.12 -49.21
C PHE C 321 6.10 6.00 -48.45
N LYS C 322 6.70 6.31 -47.28
CA LYS C 322 7.28 5.27 -46.44
C LYS C 322 6.20 4.41 -45.77
N ARG C 323 5.05 5.00 -45.45
CA ARG C 323 3.94 4.22 -44.90
C ARG C 323 3.38 3.27 -45.96
N VAL C 324 3.36 3.72 -47.21
CA VAL C 324 2.91 2.85 -48.30
C VAL C 324 3.93 1.73 -48.56
N LEU C 325 5.22 2.07 -48.59
CA LEU C 325 6.24 1.11 -48.98
C LEU C 325 6.55 0.10 -47.89
N MET C 326 6.66 0.55 -46.63
CA MET C 326 7.03 -0.35 -45.55
C MET C 326 5.89 -1.29 -45.15
N SER C 327 4.66 -0.97 -45.53
CA SER C 327 3.50 -1.80 -45.23
C SER C 327 2.94 -2.46 -46.50
N SER C 328 3.81 -2.80 -47.45
CA SER C 328 3.41 -3.40 -48.72
C SER C 328 3.63 -4.90 -48.65
N LYS C 329 2.55 -5.66 -48.61
CA LYS C 329 2.60 -7.12 -48.61
C LYS C 329 2.42 -7.64 -50.03
N TYR C 330 3.20 -8.65 -50.39
CA TYR C 330 3.24 -9.16 -51.75
C TYR C 330 3.00 -10.66 -51.77
N ALA C 331 2.28 -11.11 -52.80
CA ALA C 331 2.09 -12.53 -53.06
C ALA C 331 2.78 -12.98 -54.34
N ASP C 332 3.46 -12.07 -55.04
CA ASP C 332 4.13 -12.37 -56.30
C ASP C 332 5.64 -12.36 -56.08
N GLY C 333 6.33 -13.19 -56.86
CA GLY C 333 7.78 -13.23 -56.79
C GLY C 333 8.38 -14.46 -57.45
N VAL C 334 9.49 -14.28 -58.16
CA VAL C 334 10.20 -15.42 -58.75
C VAL C 334 10.91 -16.20 -57.65
N THR C 335 11.53 -15.50 -56.70
CA THR C 335 12.13 -16.17 -55.56
C THR C 335 11.07 -16.75 -54.63
N GLY C 336 10.03 -15.99 -54.33
CA GLY C 336 8.96 -16.48 -53.49
C GLY C 336 8.17 -15.32 -52.90
N ARG C 337 7.64 -15.56 -51.70
CA ARG C 337 6.77 -14.61 -51.02
C ARG C 337 7.63 -13.50 -50.42
N VAL C 338 7.75 -12.38 -51.13
CA VAL C 338 8.56 -11.25 -50.69
C VAL C 338 7.72 -10.34 -49.79
N GLU C 339 8.32 -9.90 -48.67
CA GLU C 339 7.63 -9.03 -47.74
C GLU C 339 8.67 -8.27 -46.92
N PHE C 340 8.42 -6.98 -46.71
CA PHE C 340 9.32 -6.13 -45.95
C PHE C 340 9.06 -6.25 -44.46
N ASN C 341 10.13 -6.40 -43.69
CA ASN C 341 10.03 -6.52 -42.24
C ASN C 341 10.03 -5.13 -41.61
N GLU C 342 10.23 -5.07 -40.29
CA GLU C 342 10.29 -3.80 -39.57
C GLU C 342 11.55 -3.00 -39.88
N ASP C 343 12.57 -3.62 -40.48
CA ASP C 343 13.79 -2.92 -40.87
C ASP C 343 13.94 -2.76 -42.37
N GLY C 344 13.01 -3.29 -43.16
CA GLY C 344 13.08 -3.16 -44.60
C GLY C 344 13.96 -4.21 -45.26
N ASP C 345 13.73 -5.48 -44.93
CA ASP C 345 14.49 -6.58 -45.51
C ASP C 345 13.54 -7.66 -46.04
N ARG C 346 14.08 -8.81 -46.38
CA ARG C 346 13.30 -9.91 -46.93
C ARG C 346 12.86 -10.84 -45.80
N LYS C 347 11.55 -10.99 -45.63
CA LYS C 347 11.04 -11.96 -44.66
C LYS C 347 11.23 -13.38 -45.17
N PHE C 348 11.89 -14.21 -44.35
CA PHE C 348 11.97 -15.66 -44.48
C PHE C 348 12.63 -16.06 -45.80
N ALA C 349 13.80 -15.49 -46.07
CA ALA C 349 14.50 -15.75 -47.30
C ALA C 349 15.06 -17.16 -47.34
N ASN C 350 15.30 -17.66 -48.55
CA ASN C 350 15.82 -19.00 -48.76
C ASN C 350 17.34 -18.98 -48.66
N TYR C 351 17.91 -20.09 -48.19
CA TYR C 351 19.34 -20.21 -47.99
C TYR C 351 19.80 -21.62 -48.33
N SER C 352 21.08 -21.75 -48.63
CA SER C 352 21.70 -23.02 -48.98
C SER C 352 22.88 -23.27 -48.06
N ILE C 353 22.87 -24.43 -47.41
CA ILE C 353 23.91 -24.85 -46.48
C ILE C 353 24.92 -25.67 -47.27
N MET C 354 26.10 -25.10 -47.48
CA MET C 354 27.19 -25.69 -48.23
C MET C 354 28.26 -26.21 -47.26
N ASN C 355 28.98 -27.24 -47.69
CA ASN C 355 30.06 -27.81 -46.91
C ASN C 355 31.30 -27.93 -47.79
N LEU C 356 32.46 -27.84 -47.16
CA LEU C 356 33.74 -27.93 -47.86
C LEU C 356 34.30 -29.34 -47.70
N GLN C 357 34.49 -30.03 -48.82
CA GLN C 357 35.02 -31.39 -48.82
C GLN C 357 36.08 -31.50 -49.90
N ASN C 358 37.35 -31.62 -49.46
CA ASN C 358 38.53 -31.68 -50.34
C ASN C 358 38.59 -30.48 -51.27
N ARG C 359 38.47 -29.29 -50.67
CA ARG C 359 38.49 -27.99 -51.36
C ARG C 359 37.39 -27.88 -52.42
N LYS C 360 36.23 -28.48 -52.13
CA LYS C 360 35.07 -28.42 -53.01
C LYS C 360 33.84 -28.07 -52.20
N LEU C 361 33.09 -27.08 -52.66
CA LEU C 361 31.86 -26.67 -51.97
C LEU C 361 30.76 -27.67 -52.25
N VAL C 362 30.47 -28.52 -51.27
CA VAL C 362 29.47 -29.58 -51.40
C VAL C 362 28.20 -29.13 -50.69
N GLN C 363 27.08 -29.17 -51.42
CA GLN C 363 25.80 -28.78 -50.84
C GLN C 363 25.30 -29.88 -49.91
N VAL C 364 25.00 -29.52 -48.67
CA VAL C 364 24.52 -30.48 -47.67
C VAL C 364 23.17 -30.09 -47.09
N GLY C 365 22.58 -28.98 -47.51
CA GLY C 365 21.20 -28.73 -47.11
C GLY C 365 20.69 -27.43 -47.65
N ILE C 366 19.41 -27.17 -47.37
CA ILE C 366 18.78 -25.89 -47.65
C ILE C 366 17.96 -25.48 -46.43
N TYR C 367 17.55 -24.22 -46.41
CA TYR C 367 16.70 -23.66 -45.36
C TYR C 367 15.72 -22.67 -45.97
N ASN C 368 14.44 -23.02 -45.98
CA ASN C 368 13.43 -22.00 -46.16
C ASN C 368 12.90 -21.55 -44.80
N GLY C 369 12.23 -20.40 -44.77
CA GLY C 369 11.24 -20.06 -43.76
C GLY C 369 11.60 -20.22 -42.30
N THR C 370 11.03 -21.26 -41.70
CA THR C 370 11.32 -21.67 -40.34
C THR C 370 11.84 -23.11 -40.27
N HIS C 371 12.02 -23.79 -41.39
CA HIS C 371 12.31 -25.22 -41.41
C HIS C 371 13.56 -25.53 -42.20
N VAL C 372 14.40 -26.41 -41.66
CA VAL C 372 15.64 -26.84 -42.31
C VAL C 372 15.34 -28.10 -43.11
N ILE C 373 15.76 -28.14 -44.38
CA ILE C 373 15.62 -29.33 -45.20
C ILE C 373 17.02 -29.83 -45.57
N PRO C 374 17.57 -30.79 -44.82
CA PRO C 374 18.82 -31.41 -45.25
C PRO C 374 18.55 -32.45 -46.34
N ASN C 375 19.40 -32.45 -47.37
CA ASN C 375 19.25 -33.39 -48.46
C ASN C 375 19.90 -34.73 -48.09
N ASP C 376 20.05 -35.62 -49.08
CA ASP C 376 20.64 -36.92 -48.87
C ASP C 376 22.16 -36.91 -49.04
N ARG C 377 22.79 -35.75 -48.92
CA ARG C 377 24.23 -35.63 -49.01
C ARG C 377 24.88 -35.78 -47.64
N LYS C 378 26.15 -36.17 -47.65
CA LYS C 378 26.89 -36.45 -46.42
C LYS C 378 27.29 -35.14 -45.75
N ILE C 379 26.74 -34.89 -44.57
CA ILE C 379 27.15 -33.74 -43.78
C ILE C 379 28.40 -34.13 -43.02
N ILE C 380 29.56 -33.83 -43.60
CA ILE C 380 30.84 -34.29 -43.08
C ILE C 380 31.47 -33.18 -42.23
N TRP C 381 31.78 -33.51 -41.00
CA TRP C 381 32.40 -32.64 -40.01
C TRP C 381 33.92 -32.67 -40.16
N PRO C 382 34.63 -31.66 -39.66
CA PRO C 382 36.10 -31.70 -39.70
C PRO C 382 36.72 -32.73 -38.77
N GLY C 383 35.95 -33.35 -37.88
CA GLY C 383 36.49 -34.35 -36.98
C GLY C 383 36.30 -35.77 -37.46
N GLY C 384 35.38 -36.50 -36.82
CA GLY C 384 35.20 -37.91 -37.13
C GLY C 384 33.97 -38.22 -37.97
N GLU C 385 32.91 -38.68 -37.32
CA GLU C 385 31.73 -39.15 -38.02
C GLU C 385 30.90 -37.99 -38.55
N THR C 386 29.84 -38.34 -39.30
CA THR C 386 28.91 -37.36 -39.83
C THR C 386 27.92 -36.86 -38.80
N GLU C 387 27.83 -37.51 -37.64
CA GLU C 387 26.99 -37.01 -36.56
C GLU C 387 27.65 -35.79 -35.91
N LYS C 388 26.84 -35.04 -35.18
CA LYS C 388 27.32 -33.79 -34.59
C LYS C 388 28.29 -34.06 -33.45
N PRO C 389 29.44 -33.37 -33.41
CA PRO C 389 30.34 -33.50 -32.25
C PRO C 389 29.89 -32.53 -31.15
N ARG C 390 29.51 -33.08 -30.01
CA ARG C 390 29.15 -32.26 -28.86
C ARG C 390 30.42 -31.74 -28.21
N GLY C 391 30.66 -30.44 -28.31
CA GLY C 391 31.86 -29.85 -27.78
C GLY C 391 31.73 -29.40 -26.33
N TYR C 392 30.70 -29.90 -25.65
CA TYR C 392 30.48 -29.59 -24.24
C TYR C 392 31.25 -30.61 -23.42
N GLN C 393 32.40 -30.21 -22.90
CA GLN C 393 33.28 -31.12 -22.17
C GLN C 393 32.70 -31.44 -20.80
N MET C 394 33.24 -32.49 -20.18
CA MET C 394 32.73 -32.98 -18.91
C MET C 394 33.09 -32.06 -17.75
N SER C 395 34.11 -31.20 -17.91
CA SER C 395 34.53 -30.18 -16.95
C SER C 395 34.89 -30.78 -15.59
N THR C 396 35.96 -31.58 -15.63
CA THR C 396 36.47 -32.18 -14.39
C THR C 396 37.11 -31.13 -13.49
N ARG C 397 37.69 -30.08 -14.06
CA ARG C 397 38.39 -29.07 -13.30
C ARG C 397 37.52 -27.82 -13.15
N LEU C 398 37.45 -27.29 -11.93
CA LEU C 398 36.70 -26.09 -11.64
C LEU C 398 37.61 -25.07 -10.96
N LYS C 399 37.10 -23.84 -10.84
CA LYS C 399 37.83 -22.74 -10.23
C LYS C 399 36.94 -22.12 -9.16
N ILE C 400 37.42 -22.14 -7.92
CA ILE C 400 36.65 -21.69 -6.77
C ILE C 400 37.19 -20.33 -6.34
N VAL C 401 36.35 -19.30 -6.41
CA VAL C 401 36.70 -17.98 -5.91
C VAL C 401 35.96 -17.78 -4.59
N THR C 402 36.59 -17.04 -3.68
CA THR C 402 36.01 -16.81 -2.37
C THR C 402 36.55 -15.51 -1.79
N ILE C 403 35.99 -15.13 -0.65
CA ILE C 403 36.47 -14.02 0.15
C ILE C 403 36.83 -14.60 1.51
N HIS C 404 37.66 -13.87 2.28
CA HIS C 404 37.95 -14.30 3.63
C HIS C 404 36.72 -14.08 4.50
N GLN C 405 35.89 -15.11 4.61
CA GLN C 405 34.67 -15.03 5.41
C GLN C 405 34.98 -15.44 6.84
N GLU C 406 34.64 -14.57 7.78
CA GLU C 406 35.03 -14.77 9.18
C GLU C 406 34.42 -16.01 9.84
N PRO C 407 33.15 -16.39 9.65
CA PRO C 407 32.73 -17.70 10.17
C PRO C 407 33.14 -18.86 9.30
N PHE C 408 33.40 -18.64 8.02
CA PHE C 408 33.48 -19.74 7.05
C PHE C 408 34.89 -19.98 6.54
N VAL C 409 35.57 -18.96 6.03
CA VAL C 409 36.85 -19.11 5.35
C VAL C 409 37.93 -18.65 6.31
N TYR C 410 38.60 -19.59 6.96
CA TYR C 410 39.72 -19.31 7.83
C TYR C 410 41.00 -19.53 7.05
N VAL C 411 41.81 -18.47 6.94
CA VAL C 411 43.04 -18.49 6.16
C VAL C 411 44.22 -18.38 7.12
N LYS C 412 45.13 -19.33 7.04
CA LYS C 412 46.31 -19.37 7.87
C LYS C 412 47.57 -19.41 6.99
N PRO C 413 48.60 -18.62 7.33
CA PRO C 413 49.86 -18.71 6.60
C PRO C 413 50.52 -20.07 6.80
N THR C 414 51.25 -20.50 5.77
CA THR C 414 51.84 -21.83 5.76
C THR C 414 53.02 -21.91 6.74
N MET C 415 53.41 -23.13 7.07
CA MET C 415 54.49 -23.33 8.02
C MET C 415 55.85 -23.03 7.39
N SER C 416 56.22 -23.79 6.35
CA SER C 416 57.48 -23.56 5.66
C SER C 416 57.26 -23.12 4.22
N ASP C 417 56.60 -23.95 3.39
CA ASP C 417 56.39 -23.61 1.98
C ASP C 417 55.18 -24.40 1.50
N GLY C 418 54.03 -23.72 1.44
CA GLY C 418 52.82 -24.30 0.87
C GLY C 418 52.25 -25.47 1.63
N THR C 419 52.58 -25.63 2.90
CA THR C 419 52.14 -26.78 3.69
C THR C 419 51.12 -26.34 4.74
N CYS C 420 50.28 -27.30 5.14
CA CYS C 420 49.21 -27.06 6.10
C CYS C 420 49.36 -28.03 7.26
N LYS C 421 49.22 -27.52 8.47
CA LYS C 421 49.31 -28.36 9.65
C LYS C 421 48.04 -29.19 9.81
N GLU C 422 48.20 -30.50 9.95
CA GLU C 422 47.07 -31.43 10.06
C GLU C 422 46.57 -31.42 11.51
N GLU C 423 45.79 -30.41 11.83
CA GLU C 423 45.23 -30.26 13.16
C GLU C 423 43.88 -30.97 13.27
N PHE C 424 43.46 -31.19 14.50
CA PHE C 424 42.21 -31.89 14.80
C PHE C 424 41.18 -30.91 15.33
N THR C 425 39.92 -31.34 15.30
CA THR C 425 38.85 -30.61 15.95
C THR C 425 38.68 -31.13 17.38
N VAL C 426 37.58 -30.74 18.02
CA VAL C 426 37.29 -31.23 19.36
C VAL C 426 36.82 -32.66 19.40
N ASN C 427 36.48 -33.24 18.24
CA ASN C 427 35.98 -34.61 18.16
C ASN C 427 36.94 -35.54 17.44
N GLY C 428 38.20 -35.12 17.26
CA GLY C 428 39.17 -35.93 16.57
C GLY C 428 39.12 -35.87 15.05
N ASP C 429 38.18 -35.12 14.50
CA ASP C 429 38.09 -34.96 13.05
C ASP C 429 39.25 -34.09 12.57
N PRO C 430 40.10 -34.56 11.67
CA PRO C 430 41.20 -33.73 11.19
C PRO C 430 40.70 -32.60 10.30
N VAL C 431 41.26 -31.41 10.51
CA VAL C 431 40.92 -30.24 9.74
C VAL C 431 41.55 -30.36 8.36
N LYS C 432 40.73 -30.71 7.37
CA LYS C 432 41.21 -30.91 6.00
C LYS C 432 41.30 -29.54 5.33
N LYS C 433 42.51 -28.98 5.31
CA LYS C 433 42.72 -27.67 4.72
C LYS C 433 42.89 -27.80 3.20
N VAL C 434 43.06 -26.67 2.53
CA VAL C 434 43.31 -26.65 1.10
C VAL C 434 44.31 -25.54 0.81
N ILE C 435 45.16 -25.76 -0.19
CA ILE C 435 46.15 -24.78 -0.58
C ILE C 435 45.48 -23.77 -1.49
N CYS C 436 45.04 -22.66 -0.92
CA CYS C 436 44.39 -21.59 -1.66
C CYS C 436 45.39 -20.50 -1.97
N THR C 437 45.06 -19.67 -2.96
CA THR C 437 45.90 -18.55 -3.35
C THR C 437 45.12 -17.26 -3.10
N GLY C 438 45.69 -16.39 -2.27
CA GLY C 438 45.01 -15.17 -1.89
C GLY C 438 45.79 -13.92 -2.20
N PRO C 439 45.07 -12.87 -2.65
CA PRO C 439 45.70 -11.55 -2.80
C PRO C 439 45.94 -10.86 -1.46
N ASN C 440 46.37 -9.60 -1.52
CA ASN C 440 46.64 -8.85 -0.31
C ASN C 440 45.34 -8.42 0.36
N ASP C 441 45.50 -7.79 1.52
CA ASP C 441 44.35 -7.40 2.34
C ASP C 441 43.65 -6.19 1.74
N THR C 442 44.40 -5.16 1.39
CA THR C 442 43.87 -3.98 0.72
C THR C 442 44.36 -3.96 -0.71
N SER C 443 43.43 -3.86 -1.66
CA SER C 443 43.79 -3.94 -3.08
C SER C 443 44.46 -2.67 -3.63
N PRO C 444 44.02 -1.44 -3.34
CA PRO C 444 44.83 -0.28 -3.78
C PRO C 444 45.88 0.17 -2.79
N GLY C 445 45.89 -0.34 -1.56
CA GLY C 445 46.77 0.15 -0.52
C GLY C 445 47.89 -0.77 -0.09
N SER C 446 48.27 -1.76 -0.89
CA SER C 446 49.31 -2.70 -0.53
C SER C 446 50.14 -3.06 -1.75
N PRO C 447 51.43 -3.35 -1.56
CA PRO C 447 52.22 -3.89 -2.66
C PRO C 447 51.80 -5.30 -3.03
N ARG C 448 52.18 -5.71 -4.24
CA ARG C 448 51.64 -6.92 -4.87
C ARG C 448 52.24 -8.16 -4.21
N HIS C 449 51.41 -8.89 -3.46
CA HIS C 449 51.80 -10.15 -2.84
C HIS C 449 50.59 -11.07 -2.84
N THR C 450 50.48 -11.92 -3.85
CA THR C 450 49.46 -12.96 -3.92
C THR C 450 50.12 -14.27 -3.50
N VAL C 451 49.79 -14.75 -2.30
CA VAL C 451 50.51 -15.87 -1.72
C VAL C 451 49.61 -17.10 -1.57
N PRO C 452 50.16 -18.31 -1.69
CA PRO C 452 49.40 -19.52 -1.37
C PRO C 452 49.44 -19.81 0.12
N GLN C 453 48.27 -19.81 0.75
CA GLN C 453 48.15 -20.15 2.16
C GLN C 453 47.10 -21.24 2.35
N CYS C 454 46.73 -21.54 3.60
CA CYS C 454 45.83 -22.64 3.91
C CYS C 454 44.44 -22.10 4.19
N CYS C 455 43.48 -22.48 3.37
CA CYS C 455 42.07 -22.15 3.59
C CYS C 455 41.35 -23.36 4.17
N TYR C 456 40.52 -23.12 5.19
CA TYR C 456 39.72 -24.18 5.80
C TYR C 456 38.47 -23.57 6.39
N GLY C 457 37.69 -24.41 7.07
CA GLY C 457 36.53 -23.97 7.83
C GLY C 457 35.26 -24.69 7.39
N PHE C 458 34.16 -23.94 7.38
CA PHE C 458 32.82 -24.50 7.20
C PHE C 458 32.56 -24.86 5.74
N CYS C 459 32.54 -23.84 4.87
CA CYS C 459 32.23 -24.07 3.47
C CYS C 459 33.34 -24.79 2.73
N ILE C 460 34.57 -24.73 3.25
CA ILE C 460 35.67 -25.51 2.69
C ILE C 460 35.40 -27.00 2.87
N ASP C 461 35.00 -27.40 4.07
CA ASP C 461 34.66 -28.80 4.31
C ASP C 461 33.36 -29.19 3.63
N LEU C 462 32.45 -28.22 3.43
CA LEU C 462 31.25 -28.49 2.64
C LEU C 462 31.60 -28.78 1.18
N LEU C 463 32.54 -28.02 0.62
CA LEU C 463 33.00 -28.28 -0.75
C LEU C 463 33.80 -29.57 -0.83
N ILE C 464 34.50 -29.94 0.25
CA ILE C 464 35.15 -31.25 0.32
C ILE C 464 34.11 -32.37 0.28
N LYS C 465 32.98 -32.18 0.98
CA LYS C 465 31.89 -33.15 0.92
C LYS C 465 31.27 -33.21 -0.48
N LEU C 466 31.13 -32.05 -1.13
CA LEU C 466 30.57 -32.03 -2.48
C LEU C 466 31.49 -32.69 -3.50
N ALA C 467 32.81 -32.51 -3.34
CA ALA C 467 33.77 -33.20 -4.18
C ALA C 467 33.91 -34.66 -3.82
N ARG C 468 33.50 -35.04 -2.61
CA ARG C 468 33.39 -36.46 -2.27
C ARG C 468 32.16 -37.08 -2.92
N THR C 469 31.09 -36.29 -3.07
CA THR C 469 29.88 -36.79 -3.70
C THR C 469 30.07 -36.94 -5.21
N MET C 470 30.34 -35.83 -5.90
CA MET C 470 30.59 -35.85 -7.34
C MET C 470 32.09 -35.84 -7.57
N ASN C 471 32.56 -36.73 -8.45
CA ASN C 471 33.99 -36.98 -8.61
C ASN C 471 34.60 -36.03 -9.63
N PHE C 472 34.72 -34.76 -9.23
CA PHE C 472 35.37 -33.73 -10.01
C PHE C 472 36.55 -33.17 -9.22
N THR C 473 37.29 -32.26 -9.85
CA THR C 473 38.36 -31.52 -9.21
C THR C 473 38.03 -30.03 -9.24
N TYR C 474 38.81 -29.26 -8.49
CA TYR C 474 38.53 -27.84 -8.30
C TYR C 474 39.84 -27.12 -8.04
N GLU C 475 39.74 -25.81 -7.87
CA GLU C 475 40.89 -24.97 -7.56
C GLU C 475 40.41 -23.79 -6.73
N VAL C 476 40.77 -23.76 -5.46
CA VAL C 476 40.31 -22.72 -4.54
C VAL C 476 41.25 -21.53 -4.63
N HIS C 477 40.71 -20.37 -4.97
CA HIS C 477 41.45 -19.12 -4.95
C HIS C 477 40.57 -18.06 -4.30
N LEU C 478 41.14 -16.89 -4.10
CA LEU C 478 40.43 -15.83 -3.40
C LEU C 478 40.14 -14.67 -4.35
N VAL C 479 39.16 -13.85 -3.97
CA VAL C 479 38.80 -12.71 -4.78
C VAL C 479 39.86 -11.61 -4.63
N ALA C 480 39.96 -10.76 -5.65
CA ALA C 480 41.02 -9.76 -5.69
C ALA C 480 40.81 -8.68 -4.63
N ASP C 481 39.60 -8.15 -4.54
CA ASP C 481 39.30 -7.09 -3.57
C ASP C 481 38.95 -7.71 -2.22
N GLY C 482 38.47 -6.87 -1.30
CA GLY C 482 37.97 -7.35 -0.03
C GLY C 482 36.49 -7.10 0.11
N LYS C 483 35.79 -7.12 -1.02
CA LYS C 483 34.38 -6.79 -1.08
C LYS C 483 33.59 -7.95 -1.68
N PHE C 484 32.28 -7.95 -1.40
CA PHE C 484 31.40 -8.95 -2.00
C PHE C 484 31.23 -8.72 -3.48
N GLY C 485 31.27 -7.46 -3.91
CA GLY C 485 31.10 -7.13 -5.32
C GLY C 485 29.69 -6.73 -5.66
N THR C 486 29.48 -5.45 -5.93
CA THR C 486 28.16 -4.91 -6.20
C THR C 486 28.10 -4.28 -7.59
N GLN C 487 26.92 -3.78 -7.92
CA GLN C 487 26.63 -3.26 -9.26
C GLN C 487 26.94 -1.76 -9.23
N GLU C 488 28.21 -1.42 -9.45
CA GLU C 488 28.72 -0.07 -9.28
C GLU C 488 28.95 0.57 -10.64
N ARG C 489 28.75 1.89 -10.69
CA ARG C 489 28.92 2.67 -11.91
C ARG C 489 30.36 2.58 -12.44
N VAL C 490 30.48 2.60 -13.76
CA VAL C 490 31.76 2.72 -14.43
C VAL C 490 31.76 4.07 -15.15
N ASN C 491 32.96 4.57 -15.44
CA ASN C 491 33.16 5.94 -15.89
C ASN C 491 32.86 6.16 -17.37
N ASN C 492 32.18 5.23 -18.03
CA ASN C 492 31.78 5.41 -19.42
C ASN C 492 30.49 4.65 -19.69
N SER C 493 29.72 5.15 -20.68
CA SER C 493 28.50 4.57 -21.23
C SER C 493 27.33 4.51 -20.24
N ASN C 494 27.49 5.10 -19.05
CA ASN C 494 26.46 5.18 -17.99
C ASN C 494 25.95 3.78 -17.62
N LYS C 495 26.86 2.94 -17.14
CA LYS C 495 26.52 1.56 -16.86
C LYS C 495 27.07 1.16 -15.50
N LYS C 496 26.23 0.51 -14.70
CA LYS C 496 26.67 -0.10 -13.45
C LYS C 496 27.07 -1.54 -13.75
N GLU C 497 28.36 -1.80 -13.72
CA GLU C 497 28.90 -3.14 -13.93
C GLU C 497 29.18 -3.82 -12.59
N TRP C 498 29.37 -5.13 -12.65
CA TRP C 498 29.65 -5.92 -11.46
C TRP C 498 31.14 -6.06 -11.24
N ASN C 499 31.56 -5.94 -9.99
CA ASN C 499 32.92 -6.21 -9.59
C ASN C 499 32.94 -7.36 -8.59
N GLY C 500 34.11 -7.63 -8.02
CA GLY C 500 34.21 -8.61 -6.96
C GLY C 500 34.03 -10.02 -7.45
N MET C 501 33.27 -10.81 -6.67
CA MET C 501 33.08 -12.22 -6.98
C MET C 501 32.20 -12.41 -8.21
N MET C 502 31.13 -11.62 -8.32
CA MET C 502 30.28 -11.67 -9.51
C MET C 502 31.01 -11.12 -10.73
N GLY C 503 31.82 -10.07 -10.54
CA GLY C 503 32.57 -9.50 -11.65
C GLY C 503 33.65 -10.42 -12.16
N GLU C 504 34.19 -11.29 -11.30
CA GLU C 504 35.15 -12.28 -11.75
C GLU C 504 34.49 -13.56 -12.25
N LEU C 505 33.29 -13.88 -11.76
CA LEU C 505 32.61 -15.08 -12.23
C LEU C 505 32.00 -14.85 -13.62
N LEU C 506 31.33 -13.73 -13.81
CA LEU C 506 30.69 -13.43 -15.09
C LEU C 506 31.71 -13.14 -16.19
N SER C 507 32.93 -12.77 -15.82
CA SER C 507 34.02 -12.63 -16.79
C SER C 507 34.65 -13.96 -17.17
N GLY C 508 34.26 -15.05 -16.52
CA GLY C 508 34.83 -16.35 -16.82
C GLY C 508 36.13 -16.66 -16.13
N GLN C 509 36.55 -15.84 -15.16
CA GLN C 509 37.80 -16.10 -14.46
C GLN C 509 37.66 -17.23 -13.46
N ALA C 510 36.45 -17.48 -12.97
CA ALA C 510 36.19 -18.54 -12.00
C ALA C 510 35.03 -19.40 -12.49
N ASP C 511 34.72 -20.44 -11.74
CA ASP C 511 33.66 -21.36 -12.07
C ASP C 511 32.56 -21.45 -11.03
N MET C 512 32.85 -21.18 -9.77
CA MET C 512 31.88 -21.33 -8.70
C MET C 512 32.23 -20.41 -7.54
N ILE C 513 31.24 -19.67 -7.05
CA ILE C 513 31.41 -18.81 -5.89
C ILE C 513 30.89 -19.60 -4.70
N VAL C 514 31.80 -20.26 -3.98
CA VAL C 514 31.45 -20.95 -2.74
C VAL C 514 31.53 -19.91 -1.64
N ALA C 515 30.37 -19.38 -1.24
CA ALA C 515 30.30 -18.22 -0.37
C ALA C 515 28.88 -18.16 0.21
N PRO C 516 28.68 -17.44 1.33
CA PRO C 516 27.30 -17.20 1.80
C PRO C 516 26.56 -16.25 0.89
N LEU C 517 26.00 -16.81 -0.19
CA LEU C 517 25.33 -16.02 -1.22
C LEU C 517 24.09 -15.32 -0.68
N THR C 518 23.99 -14.02 -0.96
CA THR C 518 22.82 -13.24 -0.61
C THR C 518 21.80 -13.44 -1.73
N ILE C 519 20.95 -14.44 -1.58
CA ILE C 519 19.94 -14.74 -2.58
C ILE C 519 18.86 -13.67 -2.52
N ASN C 520 18.69 -12.95 -3.63
CA ASN C 520 17.83 -11.77 -3.65
C ASN C 520 17.25 -11.60 -5.05
N ASN C 521 16.48 -10.53 -5.22
CA ASN C 521 15.85 -10.25 -6.50
C ASN C 521 16.81 -9.58 -7.48
N GLU C 522 17.89 -8.98 -6.98
CA GLU C 522 18.88 -8.37 -7.87
C GLU C 522 19.62 -9.42 -8.66
N ARG C 523 20.23 -10.38 -7.97
CA ARG C 523 21.05 -11.38 -8.63
C ARG C 523 20.24 -12.46 -9.32
N ALA C 524 18.94 -12.56 -9.02
CA ALA C 524 18.09 -13.53 -9.70
C ALA C 524 17.81 -13.11 -11.14
N GLN C 525 17.79 -11.80 -11.40
CA GLN C 525 17.54 -11.30 -12.75
C GLN C 525 18.72 -11.50 -13.68
N TYR C 526 19.89 -11.85 -13.16
CA TYR C 526 21.11 -11.99 -13.95
C TYR C 526 21.62 -13.42 -14.06
N ILE C 527 21.63 -14.18 -12.96
CA ILE C 527 22.04 -15.58 -12.98
C ILE C 527 20.91 -16.43 -12.44
N GLU C 528 21.06 -17.74 -12.60
CA GLU C 528 20.15 -18.71 -12.01
C GLU C 528 20.65 -19.09 -10.62
N PHE C 529 19.74 -19.62 -9.81
CA PHE C 529 20.02 -19.94 -8.42
C PHE C 529 19.85 -21.43 -8.15
N SER C 530 20.16 -21.83 -6.92
CA SER C 530 19.97 -23.18 -6.45
C SER C 530 19.23 -23.17 -5.12
N LYS C 531 19.14 -24.32 -4.46
CA LYS C 531 18.44 -24.26 -3.18
C LYS C 531 19.40 -23.86 -2.05
N PRO C 532 18.95 -23.02 -1.12
CA PRO C 532 19.82 -22.53 -0.06
C PRO C 532 20.17 -23.62 0.94
N PHE C 533 21.39 -23.55 1.46
CA PHE C 533 21.79 -24.47 2.52
C PHE C 533 21.56 -23.87 3.91
N LYS C 534 21.68 -22.56 4.04
CA LYS C 534 21.56 -21.89 5.33
C LYS C 534 20.23 -21.16 5.41
N TYR C 535 19.60 -21.20 6.57
CA TYR C 535 18.34 -20.50 6.82
C TYR C 535 18.61 -19.52 7.96
N GLN C 536 18.85 -18.26 7.62
CA GLN C 536 19.43 -17.33 8.57
C GLN C 536 18.82 -15.94 8.39
N GLY C 537 18.74 -15.19 9.49
CA GLY C 537 18.17 -13.87 9.48
C GLY C 537 19.20 -12.81 9.88
N LEU C 538 18.79 -11.56 9.73
CA LEU C 538 19.60 -10.41 10.11
C LEU C 538 19.20 -9.91 11.49
N THR C 539 20.17 -9.32 12.20
CA THR C 539 19.93 -8.74 13.51
C THR C 539 20.99 -7.67 13.76
N ILE C 540 20.94 -7.08 14.95
CA ILE C 540 21.71 -5.89 15.29
C ILE C 540 22.65 -6.25 16.43
N LEU C 541 23.95 -6.01 16.22
CA LEU C 541 24.95 -6.13 17.27
C LEU C 541 25.12 -4.79 17.97
N VAL C 542 24.98 -4.80 19.30
CA VAL C 542 25.13 -3.63 20.15
C VAL C 542 26.13 -3.96 21.26
N LYS C 543 26.31 -3.01 22.16
CA LYS C 543 27.20 -3.16 23.32
C LYS C 543 26.43 -2.73 24.57
N LYS C 544 25.75 -3.68 25.20
CA LYS C 544 25.01 -3.40 26.44
C LYS C 544 25.85 -3.70 27.69
N GLU C 545 27.06 -3.15 27.71
CA GLU C 545 27.97 -3.35 28.83
C GLU C 545 28.53 -2.02 29.32
N THR C 550 28.76 -1.86 41.87
CA THR C 550 30.11 -2.42 41.94
C THR C 550 30.58 -2.51 43.39
N LEU C 551 30.25 -1.48 44.17
CA LEU C 551 30.65 -1.41 45.58
C LEU C 551 29.46 -1.48 46.52
N ASP C 552 28.24 -1.60 46.00
CA ASP C 552 26.95 -1.78 46.68
C ASP C 552 26.48 -0.55 47.45
N SER C 553 27.28 0.53 47.51
CA SER C 553 26.92 1.82 48.11
C SER C 553 26.52 1.69 49.58
N PHE C 554 27.39 1.05 50.37
CA PHE C 554 27.07 0.79 51.77
C PHE C 554 27.38 2.01 52.65
N MET C 555 28.64 2.44 52.71
CA MET C 555 29.06 3.64 53.43
C MET C 555 29.98 4.55 52.63
N GLN C 556 30.86 3.98 51.79
CA GLN C 556 31.84 4.79 51.08
C GLN C 556 31.28 5.47 49.81
N PRO C 557 30.50 4.81 48.93
CA PRO C 557 29.89 5.61 47.84
C PRO C 557 28.73 6.47 48.32
N PHE C 558 27.96 6.01 49.30
CA PHE C 558 26.90 6.81 49.89
C PHE C 558 27.50 7.92 50.74
N GLN C 559 26.78 9.03 50.86
CA GLN C 559 27.30 10.18 51.59
C GLN C 559 27.07 10.02 53.10
N SER C 560 27.21 11.12 53.86
CA SER C 560 27.44 11.03 55.30
C SER C 560 26.16 10.96 56.13
N THR C 561 25.09 10.40 55.58
CA THR C 561 23.84 10.32 56.35
C THR C 561 23.85 9.15 57.33
N LEU C 562 23.93 7.92 56.81
CA LEU C 562 23.57 6.76 57.63
C LEU C 562 24.64 6.42 58.66
N TRP C 563 25.91 6.41 58.27
CA TRP C 563 26.97 5.98 59.18
C TRP C 563 27.19 7.00 60.29
N LEU C 564 27.31 8.28 59.92
CA LEU C 564 27.47 9.35 60.90
C LEU C 564 26.22 9.49 61.77
N LEU C 565 25.04 9.28 61.17
CA LEU C 565 23.79 9.40 61.91
C LEU C 565 23.67 8.32 62.98
N VAL C 566 23.91 7.06 62.60
CA VAL C 566 23.83 5.95 63.55
C VAL C 566 24.92 6.06 64.60
N GLY C 567 26.13 6.50 64.20
CA GLY C 567 27.22 6.61 65.15
C GLY C 567 27.00 7.69 66.20
N LEU C 568 26.63 8.90 65.76
CA LEU C 568 26.32 9.96 66.71
C LEU C 568 25.07 9.66 67.52
N SER C 569 24.11 8.94 66.94
CA SER C 569 22.89 8.60 67.67
C SER C 569 23.18 7.60 68.78
N VAL C 570 23.96 6.54 68.49
CA VAL C 570 24.27 5.56 69.52
C VAL C 570 25.24 6.16 70.53
N HIS C 571 26.04 7.16 70.13
CA HIS C 571 26.86 7.88 71.08
C HIS C 571 26.02 8.66 72.09
N VAL C 572 25.04 9.42 71.59
CA VAL C 572 24.16 10.20 72.45
C VAL C 572 23.33 9.28 73.35
N VAL C 573 22.86 8.15 72.80
CA VAL C 573 22.07 7.18 73.57
C VAL C 573 22.92 6.58 74.69
N ALA C 574 24.16 6.20 74.39
CA ALA C 574 25.04 5.62 75.41
C ALA C 574 25.40 6.63 76.49
N VAL C 575 25.62 7.89 76.09
CA VAL C 575 25.96 8.94 77.06
C VAL C 575 24.78 9.21 78.00
N MET C 576 23.56 9.33 77.44
CA MET C 576 22.43 9.65 78.30
C MET C 576 21.98 8.46 79.13
N LEU C 577 22.20 7.23 78.64
CA LEU C 577 21.90 6.08 79.50
C LEU C 577 22.94 5.89 80.59
N TYR C 578 24.20 6.24 80.34
CA TYR C 578 25.17 6.20 81.43
C TYR C 578 24.95 7.34 82.41
N LEU C 579 24.43 8.48 81.95
CA LEU C 579 24.03 9.54 82.88
C LEU C 579 22.78 9.15 83.66
N LEU C 580 21.91 8.32 83.09
CA LEU C 580 20.82 7.73 83.86
C LEU C 580 21.36 6.72 84.86
N ASP C 581 22.46 6.03 84.51
CA ASP C 581 23.11 5.14 85.45
C ASP C 581 23.78 5.91 86.58
N ARG C 582 24.20 7.15 86.31
CA ARG C 582 24.68 8.04 87.37
C ARG C 582 23.55 8.37 88.33
N PHE C 583 22.37 8.69 87.81
CA PHE C 583 21.18 8.93 88.63
C PHE C 583 20.45 7.61 88.86
N SER C 584 21.11 6.73 89.61
CA SER C 584 20.59 5.39 89.84
C SER C 584 19.42 5.43 90.81
N PRO C 585 18.23 4.95 90.43
CA PRO C 585 17.06 4.93 91.31
C PRO C 585 17.17 3.87 92.40
N LEU C 601 34.69 0.41 85.50
CA LEU C 601 34.44 0.30 84.07
C LEU C 601 32.94 0.26 83.77
N THR C 602 32.17 1.07 84.50
CA THR C 602 30.74 1.12 84.27
C THR C 602 30.43 1.87 82.97
N LEU C 603 31.25 2.88 82.64
CA LEU C 603 31.12 3.56 81.35
C LEU C 603 31.46 2.62 80.19
N SER C 604 32.51 1.81 80.38
CA SER C 604 32.85 0.81 79.36
C SER C 604 31.76 -0.25 79.25
N SER C 605 31.11 -0.59 80.37
CA SER C 605 30.01 -1.56 80.32
C SER C 605 28.79 -0.97 79.61
N ALA C 606 28.53 0.33 79.80
CA ALA C 606 27.44 0.98 79.09
C ALA C 606 27.74 1.08 77.60
N MET C 607 29.00 1.34 77.23
CA MET C 607 29.39 1.34 75.83
C MET C 607 29.27 -0.06 75.22
N TRP C 608 29.65 -1.09 75.97
CA TRP C 608 29.51 -2.46 75.50
C TRP C 608 28.06 -2.83 75.29
N PHE C 609 27.19 -2.40 76.21
CA PHE C 609 25.76 -2.67 76.08
C PHE C 609 25.16 -1.94 74.88
N SER C 610 25.57 -0.69 74.66
CA SER C 610 25.05 0.10 73.53
C SER C 610 25.51 -0.49 72.21
N TRP C 611 26.79 -0.82 72.08
CA TRP C 611 27.28 -1.42 70.84
C TRP C 611 26.87 -2.88 70.70
N GLY C 612 26.41 -3.52 71.77
CA GLY C 612 25.88 -4.86 71.65
C GLY C 612 24.44 -4.85 71.18
N VAL C 613 23.68 -3.84 71.60
CA VAL C 613 22.34 -3.63 71.05
C VAL C 613 22.43 -3.23 69.58
N LEU C 614 23.37 -2.33 69.25
CA LEU C 614 23.62 -1.98 67.86
C LEU C 614 24.23 -3.13 67.07
N LEU C 615 24.86 -4.08 67.76
CA LEU C 615 25.49 -5.22 67.11
C LEU C 615 24.45 -6.18 66.53
N ASN C 616 23.48 -6.57 67.36
CA ASN C 616 22.28 -7.33 66.94
C ASN C 616 22.64 -8.69 66.34
N SER C 617 23.72 -9.29 66.83
CA SER C 617 24.14 -10.61 66.36
C SER C 617 24.60 -11.55 67.46
N GLY C 618 24.55 -11.14 68.73
CA GLY C 618 24.96 -12.03 69.80
C GLY C 618 26.25 -11.60 70.47
N ILE C 619 26.19 -11.35 71.77
CA ILE C 619 27.37 -10.97 72.55
C ILE C 619 27.16 -11.43 73.98
N GLY C 620 28.23 -11.91 74.61
CA GLY C 620 28.15 -12.41 75.96
C GLY C 620 28.14 -11.30 77.00
N GLU C 621 27.02 -10.60 77.11
CA GLU C 621 26.87 -9.48 78.02
C GLU C 621 25.76 -9.77 79.02
N GLY C 622 25.74 -8.98 80.09
CA GLY C 622 24.72 -9.04 81.11
C GLY C 622 23.73 -7.90 80.99
N ALA C 623 23.15 -7.52 82.12
CA ALA C 623 22.18 -6.43 82.17
C ALA C 623 22.60 -5.46 83.26
N PRO C 624 22.85 -4.20 82.95
CA PRO C 624 23.22 -3.22 83.98
C PRO C 624 21.99 -2.73 84.73
N ARG C 625 22.21 -1.76 85.62
CA ARG C 625 21.12 -1.19 86.40
C ARG C 625 20.24 -0.33 85.51
N SER C 626 19.17 -0.92 84.99
CA SER C 626 18.31 -0.31 83.98
C SER C 626 16.86 -0.33 84.43
N PHE C 627 16.62 0.17 85.65
CA PHE C 627 15.26 0.20 86.20
C PHE C 627 14.36 1.14 85.41
N SER C 628 14.92 2.20 84.84
CA SER C 628 14.20 3.06 83.91
C SER C 628 14.92 3.21 82.58
N ALA C 629 16.11 2.63 82.43
CA ALA C 629 16.81 2.65 81.16
C ALA C 629 16.36 1.54 80.22
N ARG C 630 15.61 0.55 80.73
CA ARG C 630 15.19 -0.58 79.91
C ARG C 630 14.20 -0.17 78.82
N ILE C 631 13.41 0.88 79.07
CA ILE C 631 12.44 1.33 78.08
C ILE C 631 13.14 1.97 76.89
N LEU C 632 14.10 2.83 77.17
CA LEU C 632 14.89 3.44 76.10
C LEU C 632 15.75 2.39 75.40
N GLY C 633 16.23 1.39 76.15
CA GLY C 633 16.99 0.31 75.55
C GLY C 633 16.17 -0.55 74.60
N MET C 634 14.93 -0.87 74.99
CA MET C 634 14.09 -1.69 74.11
C MET C 634 13.60 -0.88 72.90
N VAL C 635 13.37 0.43 73.08
CA VAL C 635 13.01 1.29 71.95
C VAL C 635 14.17 1.39 70.97
N TRP C 636 15.39 1.56 71.49
CA TRP C 636 16.58 1.61 70.63
C TRP C 636 16.84 0.27 69.96
N ALA C 637 16.52 -0.85 70.63
CA ALA C 637 16.74 -2.16 70.04
C ALA C 637 15.79 -2.43 68.88
N GLY C 638 14.49 -2.17 69.10
CA GLY C 638 13.53 -2.29 68.00
C GLY C 638 13.79 -1.29 66.88
N PHE C 639 14.26 -0.10 67.24
CA PHE C 639 14.71 0.92 66.30
C PHE C 639 15.83 0.40 65.40
N ALA C 640 16.87 -0.18 66.00
CA ALA C 640 18.00 -0.67 65.25
C ALA C 640 17.63 -1.86 64.37
N MET C 641 16.77 -2.76 64.87
CA MET C 641 16.41 -3.91 64.04
C MET C 641 15.49 -3.51 62.89
N ILE C 642 14.57 -2.57 63.11
CA ILE C 642 13.72 -2.17 61.99
C ILE C 642 14.52 -1.37 60.97
N ILE C 643 15.58 -0.66 61.41
CA ILE C 643 16.47 -0.01 60.47
C ILE C 643 17.24 -1.02 59.62
N VAL C 644 17.83 -2.03 60.27
CA VAL C 644 18.66 -2.96 59.49
C VAL C 644 17.78 -3.88 58.64
N ALA C 645 16.53 -4.13 59.06
CA ALA C 645 15.61 -4.91 58.26
C ALA C 645 15.17 -4.14 57.02
N SER C 646 14.82 -2.87 57.19
CA SER C 646 14.48 -2.03 56.04
C SER C 646 15.68 -1.82 55.12
N TYR C 647 16.89 -1.78 55.70
CA TYR C 647 18.10 -1.60 54.90
C TYR C 647 18.38 -2.85 54.06
N THR C 648 18.25 -4.03 54.66
CA THR C 648 18.41 -5.28 53.92
C THR C 648 17.35 -5.40 52.81
N ALA C 649 16.11 -5.05 53.13
CA ALA C 649 15.02 -5.16 52.18
C ALA C 649 15.20 -4.23 51.00
N ASN C 650 15.53 -2.96 51.25
CA ASN C 650 15.64 -2.05 50.12
C ASN C 650 16.96 -2.18 49.38
N LEU C 651 18.03 -2.71 50.00
CA LEU C 651 19.23 -3.00 49.22
C LEU C 651 18.98 -4.17 48.28
N ALA C 652 18.29 -5.21 48.76
CA ALA C 652 17.98 -6.35 47.92
C ALA C 652 17.05 -5.95 46.78
N ALA C 653 15.99 -5.20 47.10
CA ALA C 653 15.06 -4.73 46.07
C ALA C 653 15.69 -3.67 45.16
N PHE C 654 16.76 -3.01 45.61
CA PHE C 654 17.51 -2.11 44.74
C PHE C 654 18.34 -2.91 43.74
N LEU C 655 18.98 -3.99 44.19
CA LEU C 655 19.78 -4.79 43.28
C LEU C 655 18.96 -5.80 42.49
N VAL C 656 17.65 -5.87 42.70
CA VAL C 656 16.79 -6.67 41.83
C VAL C 656 16.29 -5.84 40.64
N LEU C 657 15.69 -4.68 40.90
CA LEU C 657 15.08 -3.86 39.85
C LEU C 657 16.06 -2.87 39.21
N ASP C 658 17.36 -3.16 39.25
CA ASP C 658 18.37 -2.29 38.64
C ASP C 658 18.65 -2.73 37.21
N ARG C 659 17.63 -2.59 36.37
CA ARG C 659 17.72 -3.00 34.96
C ARG C 659 17.18 -1.88 34.08
N PRO C 660 18.04 -1.07 33.48
CA PRO C 660 17.60 -0.03 32.54
C PRO C 660 17.40 -0.62 31.15
N GLU C 661 17.08 0.26 30.21
CA GLU C 661 16.86 -0.13 28.82
C GLU C 661 18.17 0.01 28.06
N GLU C 662 18.73 -1.11 27.61
CA GLU C 662 20.05 -1.15 26.98
C GLU C 662 20.00 -1.93 25.67
N ARG C 663 19.00 -1.64 24.83
CA ARG C 663 18.89 -2.32 23.55
C ARG C 663 18.21 -1.40 22.54
N ILE C 664 17.99 -1.94 21.34
CA ILE C 664 17.41 -1.19 20.24
C ILE C 664 16.02 -1.69 19.85
N THR C 665 15.77 -2.99 19.96
CA THR C 665 14.57 -3.70 19.49
C THR C 665 14.34 -3.48 18.00
N GLY C 666 15.29 -3.95 17.20
CA GLY C 666 15.12 -4.09 15.78
C GLY C 666 15.18 -2.78 15.00
N ILE C 667 14.78 -2.90 13.74
CA ILE C 667 14.81 -1.77 12.81
C ILE C 667 13.74 -0.74 13.14
N ASN C 668 12.67 -1.15 13.84
CA ASN C 668 11.59 -0.24 14.21
C ASN C 668 11.99 0.53 15.48
N ASP C 669 12.94 1.43 15.31
CA ASP C 669 13.43 2.27 16.40
C ASP C 669 13.48 3.70 15.87
N PRO C 670 12.62 4.59 16.36
CA PRO C 670 12.65 5.99 15.91
C PRO C 670 13.91 6.73 16.31
N ARG C 671 14.63 6.26 17.33
CA ARG C 671 15.94 6.82 17.63
C ARG C 671 16.97 6.50 16.57
N LEU C 672 16.77 5.41 15.82
CA LEU C 672 17.61 5.08 14.68
C LEU C 672 17.01 5.55 13.36
N ARG C 673 15.72 5.87 13.32
CA ARG C 673 15.16 6.54 12.16
C ARG C 673 15.71 7.95 12.03
N ASN C 674 15.98 8.61 13.16
CA ASN C 674 16.67 9.90 13.21
C ASN C 674 17.85 9.74 14.14
N PRO C 675 18.98 9.24 13.64
CA PRO C 675 20.13 8.96 14.49
C PRO C 675 20.88 10.23 14.89
N SER C 676 21.98 10.03 15.59
CA SER C 676 22.81 11.14 16.06
C SER C 676 24.26 10.66 16.08
N ASP C 677 25.11 11.41 16.78
CA ASP C 677 26.52 11.07 16.87
C ASP C 677 26.82 9.92 17.83
N LYS C 678 25.82 9.42 18.55
CA LYS C 678 26.02 8.34 19.51
C LYS C 678 25.68 6.97 18.93
N PHE C 679 24.48 6.81 18.37
CA PHE C 679 24.09 5.54 17.78
C PHE C 679 24.80 5.34 16.45
N ILE C 680 26.00 4.78 16.50
CA ILE C 680 26.84 4.60 15.31
C ILE C 680 26.57 3.22 14.74
N TYR C 681 25.84 3.16 13.64
CA TYR C 681 25.54 1.93 12.93
C TYR C 681 25.97 2.06 11.48
N ALA C 682 26.54 0.99 10.93
CA ALA C 682 27.02 1.00 9.56
C ALA C 682 26.94 -0.42 9.01
N THR C 683 27.48 -0.61 7.81
CA THR C 683 27.50 -1.90 7.15
C THR C 683 28.84 -2.08 6.44
N VAL C 684 29.01 -3.26 5.84
CA VAL C 684 30.20 -3.55 5.07
C VAL C 684 30.17 -2.77 3.76
N LYS C 685 31.33 -2.24 3.34
CA LYS C 685 31.43 -1.57 2.06
C LYS C 685 31.15 -2.55 0.92
N GLN C 686 30.28 -2.11 0.00
CA GLN C 686 29.76 -2.90 -1.12
C GLN C 686 29.11 -4.20 -0.62
N SER C 687 28.09 -4.03 0.23
CA SER C 687 27.30 -5.14 0.72
C SER C 687 25.95 -5.17 0.01
N SER C 688 25.40 -6.37 -0.14
CA SER C 688 24.09 -6.53 -0.77
C SER C 688 22.97 -6.01 0.12
N VAL C 689 23.18 -5.97 1.43
CA VAL C 689 22.18 -5.43 2.35
C VAL C 689 22.03 -3.93 2.16
N ASP C 690 23.11 -3.25 1.75
CA ASP C 690 23.04 -1.82 1.45
C ASP C 690 22.14 -1.54 0.26
N ILE C 691 22.25 -2.33 -0.80
CA ILE C 691 21.36 -2.18 -1.96
C ILE C 691 19.95 -2.61 -1.60
N TYR C 692 19.83 -3.64 -0.74
CA TYR C 692 18.54 -4.12 -0.26
C TYR C 692 17.80 -3.05 0.53
N PHE C 693 18.52 -2.22 1.25
CA PHE C 693 17.90 -1.09 1.96
C PHE C 693 17.75 0.13 1.06
N ARG C 694 18.61 0.28 0.05
CA ARG C 694 18.48 1.39 -0.88
C ARG C 694 17.25 1.25 -1.77
N ARG C 695 16.82 0.01 -2.04
CA ARG C 695 15.61 -0.21 -2.83
C ARG C 695 14.36 0.19 -2.06
N GLN C 696 14.33 -0.06 -0.75
CA GLN C 696 13.10 0.05 0.03
C GLN C 696 12.72 1.52 0.24
N VAL C 697 11.50 1.71 0.75
CA VAL C 697 10.82 3.00 0.64
C VAL C 697 11.09 3.96 1.79
N GLU C 698 11.59 3.48 2.92
CA GLU C 698 11.72 4.32 4.11
C GLU C 698 13.11 4.25 4.73
N LEU C 699 14.06 3.57 4.09
CA LEU C 699 15.39 3.37 4.65
C LEU C 699 16.38 4.42 4.19
N SER C 700 15.91 5.63 3.85
CA SER C 700 16.77 6.63 3.22
C SER C 700 17.72 7.24 4.23
N THR C 701 17.22 7.59 5.42
CA THR C 701 18.07 8.21 6.44
C THR C 701 19.09 7.21 6.99
N MET C 702 18.68 5.96 7.17
CA MET C 702 19.62 4.92 7.58
C MET C 702 20.64 4.63 6.49
N TYR C 703 20.24 4.74 5.22
CA TYR C 703 21.20 4.61 4.13
C TYR C 703 22.23 5.73 4.16
N ARG C 704 21.77 6.97 4.39
CA ARG C 704 22.68 8.10 4.49
C ARG C 704 23.58 8.01 5.72
N HIS C 705 23.11 7.36 6.78
CA HIS C 705 23.94 7.17 7.96
C HIS C 705 24.96 6.07 7.75
N MET C 706 24.58 4.97 7.10
CA MET C 706 25.50 3.86 6.91
C MET C 706 26.52 4.13 5.81
N GLU C 707 26.19 4.98 4.84
CA GLU C 707 27.12 5.23 3.74
C GLU C 707 28.31 6.09 4.15
N LYS C 708 28.26 6.72 5.33
CA LYS C 708 29.36 7.58 5.75
C LYS C 708 30.55 6.78 6.27
N HIS C 709 30.31 5.61 6.85
CA HIS C 709 31.35 4.84 7.53
C HIS C 709 31.30 3.38 7.12
N ASN C 710 31.26 3.12 5.82
CA ASN C 710 31.32 1.74 5.32
C ASN C 710 32.69 1.14 5.57
N TYR C 711 32.70 -0.11 6.04
CA TYR C 711 33.93 -0.79 6.41
C TYR C 711 34.27 -1.89 5.41
N GLU C 712 35.56 -2.19 5.32
CA GLU C 712 36.04 -3.15 4.33
C GLU C 712 35.65 -4.58 4.71
N SER C 713 36.12 -5.04 5.86
CA SER C 713 35.83 -6.38 6.33
C SER C 713 34.92 -6.32 7.55
N ALA C 714 34.32 -7.48 7.88
CA ALA C 714 33.49 -7.57 9.07
C ALA C 714 34.34 -7.55 10.33
N ALA C 715 35.60 -7.97 10.25
CA ALA C 715 36.50 -7.91 11.39
C ALA C 715 36.81 -6.47 11.79
N GLU C 716 36.83 -5.56 10.81
CA GLU C 716 36.92 -4.13 11.10
C GLU C 716 35.72 -3.66 11.91
N ALA C 717 34.52 -4.15 11.57
CA ALA C 717 33.32 -3.78 12.30
C ALA C 717 33.33 -4.37 13.70
N ILE C 718 33.84 -5.61 13.85
CA ILE C 718 33.94 -6.23 15.17
C ILE C 718 34.93 -5.49 16.05
N GLN C 719 36.08 -5.09 15.50
CA GLN C 719 37.06 -4.34 16.28
C GLN C 719 36.56 -2.93 16.59
N ALA C 720 35.76 -2.33 15.70
CA ALA C 720 35.24 -0.99 15.95
C ALA C 720 34.16 -1.00 17.02
N VAL C 721 33.25 -1.98 16.97
CA VAL C 721 32.22 -2.06 18.00
C VAL C 721 32.81 -2.59 19.30
N ARG C 722 33.96 -3.26 19.24
CA ARG C 722 34.66 -3.67 20.45
C ARG C 722 35.36 -2.49 21.10
N ASP C 723 35.91 -1.60 20.28
CA ASP C 723 36.59 -0.40 20.78
C ASP C 723 35.66 0.80 20.90
N ASN C 724 34.35 0.56 20.92
CA ASN C 724 33.30 1.59 21.07
C ASN C 724 33.35 2.64 19.97
N LYS C 725 33.86 2.28 18.79
CA LYS C 725 33.77 3.18 17.63
C LYS C 725 32.41 3.04 16.96
N LEU C 726 31.94 1.80 16.80
CA LEU C 726 30.57 1.55 16.41
C LEU C 726 29.71 1.40 17.66
N HIS C 727 28.39 1.36 17.44
CA HIS C 727 27.45 1.05 18.50
C HIS C 727 26.38 0.07 18.06
N ALA C 728 26.27 -0.23 16.77
CA ALA C 728 25.33 -1.20 16.25
C ALA C 728 25.86 -1.68 14.90
N PHE C 729 25.48 -2.88 14.52
CA PHE C 729 25.89 -3.41 13.23
C PHE C 729 24.87 -4.41 12.73
N ILE C 730 24.45 -4.26 11.48
CA ILE C 730 23.52 -5.20 10.85
C ILE C 730 24.32 -6.40 10.36
N TRP C 731 23.98 -7.59 10.88
CA TRP C 731 24.71 -8.78 10.46
C TRP C 731 23.83 -10.00 10.65
N ASP C 732 24.20 -11.08 9.94
CA ASP C 732 23.55 -12.38 10.06
C ASP C 732 23.59 -12.90 11.50
N SER C 733 22.51 -13.58 11.88
CA SER C 733 22.21 -13.80 13.30
C SER C 733 23.07 -14.89 13.92
N ALA C 734 23.16 -16.05 13.26
CA ALA C 734 23.88 -17.18 13.83
C ALA C 734 25.39 -16.95 13.87
N VAL C 735 25.91 -16.14 12.94
CA VAL C 735 27.32 -15.76 13.01
C VAL C 735 27.57 -14.89 14.23
N LEU C 736 26.65 -13.97 14.51
CA LEU C 736 26.78 -13.15 15.72
C LEU C 736 26.58 -13.96 16.99
N GLU C 737 25.76 -15.02 16.94
CA GLU C 737 25.64 -15.90 18.09
C GLU C 737 26.93 -16.68 18.33
N PHE C 738 27.57 -17.12 17.24
CA PHE C 738 28.86 -17.79 17.34
C PHE C 738 29.94 -16.84 17.87
N GLU C 739 29.91 -15.58 17.44
CA GLU C 739 30.88 -14.61 17.94
C GLU C 739 30.59 -14.21 19.38
N ALA C 740 29.32 -14.25 19.79
CA ALA C 740 28.99 -14.04 21.19
C ALA C 740 29.45 -15.21 22.04
N SER C 741 29.41 -16.42 21.49
CA SER C 741 30.01 -17.57 22.17
C SER C 741 31.52 -17.43 22.26
N GLN C 742 32.16 -16.91 21.19
CA GLN C 742 33.59 -16.68 21.23
C GLN C 742 33.93 -15.48 22.10
N LYS C 743 33.45 -14.30 21.72
CA LYS C 743 33.68 -13.06 22.46
C LYS C 743 32.40 -12.71 23.19
N CYS C 744 32.39 -12.92 24.50
CA CYS C 744 31.19 -12.74 25.31
C CYS C 744 30.81 -11.27 25.51
N ASP C 745 31.71 -10.34 25.20
CA ASP C 745 31.39 -8.92 25.33
C ASP C 745 30.44 -8.43 24.25
N LEU C 746 30.30 -9.17 23.15
CA LEU C 746 29.47 -8.78 22.02
C LEU C 746 28.10 -9.41 22.20
N VAL C 747 27.11 -8.62 22.61
CA VAL C 747 25.75 -9.10 22.85
C VAL C 747 24.83 -8.39 21.88
N THR C 748 24.04 -9.17 21.13
CA THR C 748 23.14 -8.63 20.12
C THR C 748 21.83 -8.21 20.76
N THR C 749 20.85 -7.88 19.92
CA THR C 749 19.49 -7.59 20.38
C THR C 749 18.65 -8.86 20.31
N GLY C 750 17.36 -8.73 20.55
CA GLY C 750 16.49 -9.90 20.58
C GLY C 750 15.65 -10.13 19.34
N GLU C 751 15.31 -9.07 18.62
CA GLU C 751 14.41 -9.20 17.47
C GLU C 751 15.14 -9.73 16.26
N LEU C 752 14.36 -10.32 15.34
CA LEU C 752 14.87 -10.99 14.15
C LEU C 752 14.16 -10.45 12.91
N PHE C 753 14.92 -10.19 11.86
CA PHE C 753 14.36 -9.70 10.62
C PHE C 753 15.18 -10.24 9.45
N PHE C 754 14.59 -10.14 8.26
CA PHE C 754 15.14 -10.66 6.99
C PHE C 754 15.47 -12.15 7.10
N ARG C 755 14.42 -12.92 7.39
CA ARG C 755 14.57 -14.38 7.49
C ARG C 755 14.76 -14.96 6.09
N SER C 756 16.01 -15.13 5.69
CA SER C 756 16.32 -15.45 4.31
C SER C 756 17.08 -16.77 4.21
N GLY C 757 17.32 -17.20 2.97
CA GLY C 757 18.07 -18.40 2.69
C GLY C 757 19.38 -18.04 2.00
N PHE C 758 20.43 -18.75 2.36
CA PHE C 758 21.78 -18.53 1.85
C PHE C 758 22.24 -19.78 1.12
N GLY C 759 22.61 -19.61 -0.14
CA GLY C 759 23.06 -20.72 -0.96
C GLY C 759 24.45 -20.52 -1.52
N ILE C 760 24.71 -21.07 -2.71
CA ILE C 760 26.03 -21.05 -3.33
C ILE C 760 25.95 -20.21 -4.60
N GLY C 761 26.89 -19.27 -4.73
CA GLY C 761 26.99 -18.48 -5.95
C GLY C 761 27.40 -19.36 -7.12
N MET C 762 26.56 -19.41 -8.16
CA MET C 762 26.72 -20.37 -9.23
C MET C 762 26.67 -19.66 -10.58
N ARG C 763 26.86 -20.45 -11.64
CA ARG C 763 26.78 -20.00 -13.02
C ARG C 763 25.34 -19.98 -13.50
N LYS C 764 25.15 -19.94 -14.82
CA LYS C 764 23.83 -20.06 -15.44
C LYS C 764 23.39 -21.52 -15.44
N ASP C 765 22.33 -21.82 -16.21
CA ASP C 765 21.74 -23.15 -16.25
C ASP C 765 22.73 -24.18 -16.80
N SER C 766 23.19 -25.08 -15.92
CA SER C 766 24.15 -26.11 -16.25
C SER C 766 23.60 -27.46 -15.81
N PRO C 767 23.87 -28.53 -16.56
CA PRO C 767 23.41 -29.86 -16.12
C PRO C 767 24.17 -30.38 -14.91
N TRP C 768 25.42 -29.95 -14.71
CA TRP C 768 26.11 -30.30 -13.47
C TRP C 768 25.58 -29.52 -12.29
N LYS C 769 25.05 -28.31 -12.54
CA LYS C 769 24.46 -27.48 -11.50
C LYS C 769 23.21 -28.14 -10.91
N GLN C 770 22.47 -28.89 -11.72
CA GLN C 770 21.30 -29.62 -11.21
C GLN C 770 21.71 -30.72 -10.24
N ASN C 771 22.78 -31.47 -10.55
CA ASN C 771 23.26 -32.46 -9.60
C ASN C 771 23.94 -31.83 -8.40
N VAL C 772 24.47 -30.62 -8.54
CA VAL C 772 24.97 -29.90 -7.37
C VAL C 772 23.83 -29.55 -6.43
N SER C 773 22.71 -29.05 -6.98
CA SER C 773 21.55 -28.75 -6.16
C SER C 773 20.94 -30.01 -5.55
N LEU C 774 20.95 -31.11 -6.29
CA LEU C 774 20.47 -32.38 -5.75
C LEU C 774 21.40 -32.92 -4.67
N SER C 775 22.71 -32.68 -4.78
CA SER C 775 23.63 -33.07 -3.72
C SER C 775 23.43 -32.21 -2.48
N ILE C 776 23.10 -30.93 -2.66
CA ILE C 776 22.72 -30.07 -1.54
C ILE C 776 21.47 -30.60 -0.86
N LEU C 777 20.47 -31.02 -1.64
CA LEU C 777 19.25 -31.60 -1.09
C LEU C 777 19.53 -32.91 -0.38
N LYS C 778 20.47 -33.71 -0.90
CA LYS C 778 20.90 -34.93 -0.22
C LYS C 778 21.59 -34.61 1.10
N SER C 779 22.31 -33.50 1.16
CA SER C 779 22.85 -33.05 2.44
C SER C 779 21.76 -32.52 3.36
N HIS C 780 20.66 -32.02 2.79
CA HIS C 780 19.55 -31.55 3.62
C HIS C 780 18.78 -32.71 4.24
N GLU C 781 18.56 -33.79 3.49
CA GLU C 781 17.65 -34.84 3.96
C GLU C 781 18.26 -35.66 5.09
N ASN C 782 19.57 -35.81 5.12
CA ASN C 782 20.21 -36.55 6.19
C ASN C 782 20.63 -35.58 7.30
N GLY C 783 21.38 -36.07 8.28
CA GLY C 783 21.79 -35.24 9.39
C GLY C 783 23.15 -34.60 9.19
N PHE C 784 23.57 -34.45 7.94
CA PHE C 784 24.87 -33.84 7.67
C PHE C 784 24.85 -32.34 7.91
N MET C 785 23.68 -31.70 7.73
CA MET C 785 23.54 -30.31 8.15
C MET C 785 23.71 -30.18 9.65
N GLU C 786 23.15 -31.13 10.41
CA GLU C 786 23.38 -31.16 11.85
C GLU C 786 24.82 -31.51 12.18
N ASP C 787 25.50 -32.28 11.34
CA ASP C 787 26.92 -32.55 11.55
C ASP C 787 27.75 -31.28 11.35
N LEU C 788 27.42 -30.49 10.33
CA LEU C 788 28.05 -29.21 10.12
C LEU C 788 27.73 -28.23 11.25
N ASP C 789 26.55 -28.36 11.85
CA ASP C 789 26.24 -27.59 13.05
C ASP C 789 27.08 -28.06 14.24
N LYS C 790 27.34 -29.36 14.33
CA LYS C 790 28.21 -29.90 15.36
C LYS C 790 29.65 -29.42 15.19
N THR C 791 30.07 -29.16 13.95
CA THR C 791 31.41 -28.62 13.74
C THR C 791 31.52 -27.18 14.23
N TRP C 792 30.57 -26.34 13.87
CA TRP C 792 30.68 -24.91 14.18
C TRP C 792 29.54 -24.37 15.02
N VAL C 793 28.29 -24.67 14.66
CA VAL C 793 27.16 -23.95 15.24
C VAL C 793 26.85 -24.43 16.65
N ARG C 794 26.86 -25.75 16.87
CA ARG C 794 26.45 -26.29 18.17
C ARG C 794 27.50 -26.03 19.23
N TYR C 795 28.78 -26.06 18.86
CA TYR C 795 29.86 -25.90 19.83
C TYR C 795 29.95 -24.46 20.31
N GLN C 796 29.31 -24.16 21.43
CA GLN C 796 29.37 -22.84 22.04
C GLN C 796 30.40 -22.84 23.16
N GLU C 797 30.69 -21.64 23.67
CA GLU C 797 31.67 -21.48 24.73
C GLU C 797 31.10 -20.63 25.86
N THR C 807 26.01 -9.87 44.15
CA THR C 807 26.45 -10.61 45.31
C THR C 807 27.69 -11.45 44.96
N LEU C 808 28.48 -10.95 44.03
CA LEU C 808 29.70 -11.65 43.62
C LEU C 808 30.75 -11.61 44.72
N THR C 809 30.83 -10.48 45.45
CA THR C 809 31.72 -10.24 46.58
C THR C 809 33.21 -10.38 46.21
N PHE C 810 33.55 -10.12 44.95
CA PHE C 810 34.95 -9.94 44.55
C PHE C 810 35.27 -8.52 44.13
N GLU C 811 34.25 -7.72 43.83
CA GLU C 811 34.34 -6.27 43.81
C GLU C 811 33.46 -5.63 44.87
N ASN C 812 32.36 -6.29 45.24
CA ASN C 812 31.44 -5.74 46.24
C ASN C 812 32.04 -5.81 47.63
N MET C 813 32.33 -7.03 48.12
CA MET C 813 32.82 -7.23 49.47
C MET C 813 34.32 -7.53 49.53
N ALA C 814 35.08 -7.05 48.54
CA ALA C 814 36.53 -7.17 48.62
C ALA C 814 37.15 -5.94 49.27
N GLY C 815 36.79 -4.74 48.80
CA GLY C 815 37.20 -3.52 49.46
C GLY C 815 36.60 -3.38 50.85
N VAL C 816 35.45 -4.01 51.07
CA VAL C 816 34.89 -4.17 52.41
C VAL C 816 35.89 -4.86 53.32
N PHE C 817 36.44 -5.98 52.87
CA PHE C 817 37.43 -6.70 53.68
C PHE C 817 38.75 -5.93 53.76
N MET C 818 39.07 -5.12 52.76
CA MET C 818 40.28 -4.28 52.84
C MET C 818 40.15 -3.24 53.95
N LEU C 819 39.01 -2.53 53.99
CA LEU C 819 38.78 -1.58 55.08
C LEU C 819 38.59 -2.27 56.43
N VAL C 820 38.06 -3.50 56.42
CA VAL C 820 37.98 -4.29 57.66
C VAL C 820 39.37 -4.62 58.19
N ALA C 821 40.29 -5.02 57.29
CA ALA C 821 41.65 -5.34 57.72
C ALA C 821 42.40 -4.10 58.19
N GLY C 822 42.16 -2.96 57.52
CA GLY C 822 42.74 -1.71 58.01
C GLY C 822 42.20 -1.29 59.37
N GLY C 823 40.89 -1.50 59.58
CA GLY C 823 40.32 -1.25 60.90
C GLY C 823 40.81 -2.21 61.95
N ILE C 824 41.14 -3.45 61.56
CA ILE C 824 41.72 -4.40 62.49
C ILE C 824 43.13 -3.97 62.90
N VAL C 825 43.93 -3.50 61.94
CA VAL C 825 45.28 -3.01 62.26
C VAL C 825 45.21 -1.78 63.15
N ALA C 826 44.29 -0.85 62.83
CA ALA C 826 44.11 0.34 63.67
C ALA C 826 43.56 0.00 65.05
N GLY C 827 42.70 -1.01 65.14
CA GLY C 827 42.18 -1.42 66.44
C GLY C 827 43.23 -2.11 67.30
N ILE C 828 44.10 -2.89 66.66
CA ILE C 828 45.22 -3.49 67.39
C ILE C 828 46.19 -2.41 67.89
N PHE C 829 46.39 -1.36 67.07
CA PHE C 829 47.18 -0.22 67.52
C PHE C 829 46.53 0.51 68.70
N LEU C 830 45.20 0.63 68.67
CA LEU C 830 44.49 1.22 69.81
C LEU C 830 44.56 0.31 71.04
N ILE C 831 44.65 -1.00 70.84
CA ILE C 831 44.83 -1.90 71.97
C ILE C 831 46.24 -1.76 72.56
N PHE C 832 47.24 -1.51 71.70
CA PHE C 832 48.57 -1.16 72.20
C PHE C 832 48.54 0.12 73.02
N ILE C 833 47.76 1.12 72.56
CA ILE C 833 47.60 2.37 73.31
C ILE C 833 46.90 2.12 74.64
N GLU C 834 45.90 1.23 74.66
CA GLU C 834 45.15 0.94 75.87
C GLU C 834 45.99 0.16 76.89
N ILE C 835 46.80 -0.78 76.43
CA ILE C 835 47.68 -1.52 77.32
C ILE C 835 48.81 -0.63 77.83
N ALA C 836 49.30 0.31 77.00
CA ALA C 836 50.28 1.27 77.48
C ALA C 836 49.67 2.26 78.46
N TYR C 837 48.36 2.52 78.36
CA TYR C 837 47.67 3.34 79.35
C TYR C 837 47.39 2.56 80.63
N LYS C 838 47.14 1.26 80.53
CA LYS C 838 46.84 0.45 81.69
C LYS C 838 47.86 -0.67 81.87
N LEU D 34 45.54 27.97 -43.22
CA LEU D 34 45.84 27.98 -44.65
C LEU D 34 44.75 28.68 -45.44
N ASN D 35 44.66 28.34 -46.73
CA ASN D 35 43.57 28.81 -47.58
C ASN D 35 42.28 28.14 -47.14
N ILE D 36 41.35 28.93 -46.60
CA ILE D 36 40.12 28.42 -46.02
C ILE D 36 38.94 29.12 -46.69
N ALA D 37 37.99 28.34 -47.19
CA ALA D 37 36.80 28.88 -47.84
C ALA D 37 35.71 29.14 -46.82
N VAL D 38 34.92 30.19 -47.08
CA VAL D 38 33.80 30.57 -46.22
C VAL D 38 32.57 30.77 -47.12
N LEU D 39 31.51 30.02 -46.84
CA LEU D 39 30.26 30.17 -47.56
C LEU D 39 29.11 29.99 -46.59
N LEU D 40 28.05 30.77 -46.77
CA LEU D 40 26.91 30.76 -45.85
C LEU D 40 25.62 30.75 -46.67
N GLY D 41 24.50 30.93 -45.98
CA GLY D 41 23.21 31.04 -46.61
C GLY D 41 22.56 32.39 -46.35
N HIS D 42 21.50 32.41 -45.56
CA HIS D 42 20.78 33.63 -45.22
C HIS D 42 20.41 33.63 -43.74
N SER D 43 21.36 33.25 -42.90
CA SER D 43 21.13 33.16 -41.46
C SER D 43 21.46 34.48 -40.77
N HIS D 44 20.51 34.97 -39.96
CA HIS D 44 20.64 36.12 -39.07
C HIS D 44 20.91 37.44 -39.80
N ASP D 45 20.64 37.47 -41.11
CA ASP D 45 20.93 38.61 -42.00
C ASP D 45 22.39 39.07 -41.90
N VAL D 46 23.29 38.11 -41.81
CA VAL D 46 24.72 38.41 -41.65
C VAL D 46 25.28 38.83 -43.01
N THR D 47 25.83 40.05 -43.07
CA THR D 47 26.43 40.53 -44.29
C THR D 47 27.77 39.84 -44.54
N GLU D 48 28.19 39.85 -45.80
CA GLU D 48 29.44 39.23 -46.20
C GLU D 48 30.65 40.15 -46.03
N ARG D 49 30.43 41.39 -45.57
CA ARG D 49 31.51 42.37 -45.56
C ARG D 49 32.49 42.10 -44.42
N GLU D 50 31.97 41.81 -43.22
CA GLU D 50 32.84 41.45 -42.11
C GLU D 50 33.48 40.09 -42.30
N LEU D 51 32.94 39.24 -43.18
CA LEU D 51 33.61 37.99 -43.53
C LEU D 51 34.86 38.25 -44.35
N ARG D 52 34.78 39.17 -45.32
CA ARG D 52 35.97 39.60 -46.04
C ARG D 52 36.92 40.38 -45.15
N ASN D 53 36.40 41.06 -44.14
CA ASN D 53 37.23 41.76 -43.16
C ASN D 53 37.50 40.93 -41.91
N LEU D 54 37.57 39.61 -42.04
CA LEU D 54 37.83 38.71 -40.92
C LEU D 54 39.24 38.13 -41.04
N TRP D 55 40.18 38.96 -41.48
CA TRP D 55 41.57 38.54 -41.64
C TRP D 55 42.58 39.54 -41.08
N GLY D 56 42.25 40.82 -40.97
CA GLY D 56 43.18 41.85 -40.59
C GLY D 56 43.65 41.77 -39.14
N PRO D 57 42.76 42.06 -38.18
CA PRO D 57 43.15 41.90 -36.77
C PRO D 57 43.20 40.46 -36.32
N GLU D 58 42.54 39.55 -37.04
CA GLU D 58 42.58 38.14 -36.70
C GLU D 58 43.95 37.56 -37.06
N GLN D 59 44.43 36.65 -36.20
CA GLN D 59 45.73 36.00 -36.29
C GLN D 59 46.86 37.05 -36.33
N ALA D 60 46.97 37.74 -35.19
CA ALA D 60 48.04 38.73 -35.04
C ALA D 60 49.40 38.06 -34.92
N THR D 61 49.46 36.89 -34.27
CA THR D 61 50.68 36.10 -34.19
C THR D 61 50.66 35.03 -35.26
N GLY D 62 50.78 35.48 -36.51
CA GLY D 62 50.68 34.58 -37.64
C GLY D 62 52.01 33.92 -38.00
N LEU D 63 52.24 32.73 -37.49
CA LEU D 63 53.43 31.97 -37.85
C LEU D 63 53.29 31.29 -39.23
N PRO D 64 52.16 30.68 -39.62
CA PRO D 64 52.03 30.31 -41.03
C PRO D 64 51.79 31.53 -41.90
N LEU D 65 52.52 31.62 -43.01
CA LEU D 65 52.42 32.77 -43.89
C LEU D 65 51.32 32.60 -44.93
N ASP D 66 51.08 31.38 -45.39
CA ASP D 66 50.14 31.13 -46.50
C ASP D 66 48.74 30.82 -45.97
N VAL D 67 48.20 31.76 -45.21
CA VAL D 67 46.86 31.67 -44.62
C VAL D 67 46.02 32.79 -45.22
N ASN D 68 45.03 32.40 -46.02
CA ASN D 68 44.12 33.35 -46.65
C ASN D 68 42.69 32.84 -46.52
N VAL D 69 41.74 33.72 -46.79
CA VAL D 69 40.33 33.39 -46.68
C VAL D 69 39.64 33.63 -48.02
N VAL D 70 38.61 32.84 -48.28
CA VAL D 70 37.73 33.00 -49.44
C VAL D 70 36.31 33.03 -48.87
N ALA D 71 35.72 34.22 -48.80
CA ALA D 71 34.42 34.42 -48.16
C ALA D 71 33.37 34.73 -49.22
N LEU D 72 32.42 33.81 -49.42
CA LEU D 72 31.35 34.01 -50.38
C LEU D 72 30.00 33.68 -49.77
N LEU D 73 28.94 33.72 -50.57
CA LEU D 73 27.59 33.39 -50.15
C LEU D 73 26.94 32.51 -51.21
N MET D 74 25.68 32.16 -50.97
CA MET D 74 24.92 31.33 -51.91
C MET D 74 23.44 31.64 -51.75
N ASN D 75 22.74 31.71 -52.89
CA ASN D 75 21.31 32.03 -52.88
C ASN D 75 20.49 30.84 -52.37
N ARG D 76 20.94 29.62 -52.63
CA ARG D 76 20.17 28.42 -52.36
C ARG D 76 20.94 27.49 -51.43
N THR D 77 20.29 26.40 -51.04
CA THR D 77 20.87 25.41 -50.14
C THR D 77 20.88 24.02 -50.78
N ASP D 78 20.96 23.95 -52.10
CA ASP D 78 20.99 22.65 -52.77
C ASP D 78 22.38 22.03 -52.67
N PRO D 79 22.47 20.73 -52.34
CA PRO D 79 23.79 20.10 -52.14
C PRO D 79 24.58 19.91 -53.42
N LYS D 80 23.93 19.85 -54.58
CA LYS D 80 24.63 19.64 -55.84
C LYS D 80 25.47 20.87 -56.19
N SER D 81 24.90 22.06 -56.00
CA SER D 81 25.68 23.28 -56.18
C SER D 81 26.79 23.39 -55.15
N LEU D 82 26.58 22.84 -53.95
CA LEU D 82 27.65 22.82 -52.95
C LEU D 82 28.80 21.92 -53.37
N ILE D 83 28.48 20.77 -53.97
CA ILE D 83 29.52 19.90 -54.53
C ILE D 83 30.24 20.59 -55.69
N THR D 84 29.49 21.37 -56.48
CA THR D 84 30.07 22.14 -57.57
C THR D 84 31.05 23.18 -57.04
N HIS D 85 30.68 23.88 -55.97
CA HIS D 85 31.59 24.85 -55.36
C HIS D 85 32.78 24.18 -54.69
N VAL D 86 32.60 22.97 -54.17
CA VAL D 86 33.73 22.21 -53.60
C VAL D 86 34.73 21.85 -54.70
N CYS D 87 34.23 21.35 -55.83
CA CYS D 87 35.13 21.02 -56.94
C CYS D 87 35.71 22.25 -57.61
N ASP D 88 35.06 23.40 -57.49
CA ASP D 88 35.64 24.64 -58.01
C ASP D 88 36.74 25.18 -57.09
N LEU D 89 36.51 25.16 -55.78
CA LEU D 89 37.44 25.76 -54.83
C LEU D 89 38.56 24.82 -54.41
N MET D 90 38.41 23.52 -54.63
CA MET D 90 39.50 22.58 -54.30
C MET D 90 40.65 22.74 -55.28
N SER D 91 40.33 22.87 -56.57
CA SER D 91 41.32 23.22 -57.57
C SER D 91 41.60 24.72 -57.62
N GLY D 92 40.84 25.52 -56.87
CA GLY D 92 41.05 26.95 -56.81
C GLY D 92 42.18 27.33 -55.88
N ALA D 93 43.41 27.12 -56.35
CA ALA D 93 44.66 27.43 -55.63
C ALA D 93 44.78 26.69 -54.31
N ARG D 94 44.24 25.46 -54.26
CA ARG D 94 44.42 24.49 -53.18
C ARG D 94 43.91 25.04 -51.83
N ILE D 95 42.59 25.25 -51.79
CA ILE D 95 41.95 25.67 -50.56
C ILE D 95 41.85 24.48 -49.61
N HIS D 96 42.43 24.63 -48.42
CA HIS D 96 42.53 23.55 -47.43
C HIS D 96 41.64 23.79 -46.22
N GLY D 97 40.43 24.30 -46.44
CA GLY D 97 39.53 24.53 -45.33
C GLY D 97 38.18 25.08 -45.74
N LEU D 98 37.13 24.68 -45.01
CA LEU D 98 35.79 25.20 -45.25
C LEU D 98 35.09 25.43 -43.93
N VAL D 99 34.48 26.59 -43.79
CA VAL D 99 33.66 26.95 -42.63
C VAL D 99 32.27 27.25 -43.18
N PHE D 100 31.33 26.31 -43.00
CA PHE D 100 30.01 26.42 -43.61
C PHE D 100 28.95 26.52 -42.52
N GLY D 101 28.01 27.44 -42.72
CA GLY D 101 26.86 27.55 -41.83
C GLY D 101 25.58 27.56 -42.63
N ASP D 102 24.52 27.04 -42.02
CA ASP D 102 23.24 26.87 -42.68
C ASP D 102 22.16 27.70 -41.99
N ASP D 103 21.19 28.15 -42.77
CA ASP D 103 20.00 28.81 -42.24
C ASP D 103 18.76 27.92 -42.23
N THR D 104 18.78 26.83 -42.98
CA THR D 104 17.63 25.95 -43.09
C THR D 104 17.69 24.84 -42.03
N ASP D 105 16.84 23.83 -42.18
CA ASP D 105 16.76 22.71 -41.25
C ASP D 105 16.89 21.39 -41.99
N GLN D 106 17.90 21.30 -42.86
CA GLN D 106 18.16 20.09 -43.64
C GLN D 106 19.45 19.46 -43.14
N GLU D 107 19.32 18.40 -42.35
CA GLU D 107 20.48 17.70 -41.79
C GLU D 107 21.19 16.81 -42.81
N ALA D 108 20.57 16.55 -43.97
CA ALA D 108 21.21 15.76 -45.00
C ALA D 108 22.35 16.50 -45.66
N VAL D 109 22.36 17.83 -45.59
CA VAL D 109 23.48 18.61 -46.11
C VAL D 109 24.73 18.35 -45.29
N ALA D 110 24.57 18.17 -43.98
CA ALA D 110 25.69 17.77 -43.14
C ALA D 110 26.20 16.38 -43.50
N GLN D 111 25.30 15.48 -43.91
CA GLN D 111 25.70 14.16 -44.35
C GLN D 111 26.47 14.23 -45.67
N MET D 112 26.04 15.12 -46.57
CA MET D 112 26.76 15.31 -47.83
C MET D 112 28.14 15.92 -47.58
N LEU D 113 28.24 16.85 -46.63
CA LEU D 113 29.53 17.44 -46.30
C LEU D 113 30.45 16.45 -45.61
N ASP D 114 29.88 15.54 -44.80
CA ASP D 114 30.69 14.49 -44.20
C ASP D 114 31.15 13.48 -45.26
N PHE D 115 30.33 13.27 -46.30
CA PHE D 115 30.76 12.40 -47.39
C PHE D 115 31.87 13.06 -48.22
N ILE D 116 31.76 14.37 -48.44
CA ILE D 116 32.81 15.11 -49.14
C ILE D 116 34.10 15.11 -48.32
N SER D 117 33.97 15.24 -47.00
CA SER D 117 35.13 15.16 -46.12
C SER D 117 35.71 13.75 -46.06
N SER D 118 34.95 12.73 -46.44
CA SER D 118 35.49 11.40 -46.63
C SER D 118 36.14 11.23 -48.00
N GLN D 119 36.00 12.22 -48.88
CA GLN D 119 36.61 12.18 -50.20
C GLN D 119 37.75 13.18 -50.34
N THR D 120 37.52 14.44 -49.98
CA THR D 120 38.55 15.46 -50.06
C THR D 120 39.53 15.38 -48.89
N PHE D 121 39.11 14.78 -47.78
CA PHE D 121 39.90 14.64 -46.55
C PHE D 121 40.38 15.99 -46.01
N ILE D 122 39.49 16.97 -46.07
CA ILE D 122 39.76 18.33 -45.61
C ILE D 122 38.89 18.59 -44.39
N PRO D 123 39.45 19.11 -43.30
CA PRO D 123 38.63 19.44 -42.11
C PRO D 123 37.65 20.57 -42.41
N ILE D 124 36.36 20.26 -42.32
CA ILE D 124 35.29 21.19 -42.66
C ILE D 124 34.45 21.40 -41.41
N LEU D 125 34.21 22.66 -41.06
CA LEU D 125 33.50 23.03 -39.85
C LEU D 125 32.06 23.39 -40.19
N GLY D 126 31.13 22.54 -39.75
CA GLY D 126 29.72 22.87 -39.81
C GLY D 126 29.32 23.69 -38.60
N ILE D 127 28.75 24.87 -38.83
CA ILE D 127 28.57 25.84 -37.74
C ILE D 127 27.16 25.77 -37.17
N SER D 128 26.16 26.09 -37.98
CA SER D 128 24.79 26.20 -37.51
C SER D 128 23.85 25.68 -38.59
N GLY D 129 22.55 25.68 -38.27
CA GLY D 129 21.55 25.19 -39.18
C GLY D 129 21.62 23.68 -39.33
N GLY D 130 21.25 23.20 -40.52
CA GLY D 130 21.30 21.78 -40.81
C GLY D 130 22.70 21.21 -40.96
N ALA D 131 23.71 22.06 -41.10
CA ALA D 131 25.08 21.60 -41.28
C ALA D 131 25.70 21.07 -40.00
N SER D 132 25.15 21.44 -38.83
CA SER D 132 25.69 21.02 -37.55
C SER D 132 24.69 20.19 -36.74
N MET D 133 23.66 19.67 -37.39
CA MET D 133 22.66 18.88 -36.69
C MET D 133 23.18 17.47 -36.41
N ILE D 134 22.59 16.84 -35.41
CA ILE D 134 23.06 15.55 -34.89
C ILE D 134 22.64 14.45 -35.87
N MET D 135 23.62 13.83 -36.53
CA MET D 135 23.37 12.66 -37.35
C MET D 135 23.50 11.42 -36.46
N ALA D 136 23.47 10.24 -37.07
CA ALA D 136 23.40 9.01 -36.27
C ALA D 136 24.78 8.56 -35.79
N ASP D 137 25.65 8.18 -36.72
CA ASP D 137 26.93 7.53 -36.38
C ASP D 137 28.01 8.04 -37.31
N LYS D 138 28.93 8.83 -36.78
CA LYS D 138 30.05 9.33 -37.58
C LYS D 138 31.04 8.20 -37.86
N ASP D 139 31.83 8.40 -38.92
CA ASP D 139 32.81 7.42 -39.31
C ASP D 139 34.21 7.92 -39.05
N PRO D 140 35.16 7.02 -38.77
CA PRO D 140 36.57 7.44 -38.65
C PRO D 140 37.20 7.85 -39.96
N THR D 141 36.56 7.56 -41.10
CA THR D 141 37.09 7.87 -42.42
C THR D 141 36.68 9.27 -42.90
N SER D 142 36.31 10.16 -41.99
CA SER D 142 35.91 11.52 -42.35
C SER D 142 36.46 12.51 -41.33
N THR D 143 36.81 13.70 -41.81
CA THR D 143 37.37 14.75 -40.97
C THR D 143 36.41 15.92 -40.79
N PHE D 144 35.11 15.69 -40.97
CA PHE D 144 34.11 16.74 -40.82
C PHE D 144 33.81 16.95 -39.34
N PHE D 145 33.80 18.21 -38.90
CA PHE D 145 33.58 18.54 -37.51
C PHE D 145 32.35 19.44 -37.38
N GLN D 146 31.42 19.03 -36.51
CA GLN D 146 30.31 19.86 -36.10
C GLN D 146 30.63 20.50 -34.75
N PHE D 147 29.94 21.59 -34.46
CA PHE D 147 30.12 22.34 -33.22
C PHE D 147 28.92 22.11 -32.31
N GLY D 148 29.20 21.88 -31.03
CA GLY D 148 28.16 21.62 -30.06
C GLY D 148 28.43 20.37 -29.25
N ALA D 149 27.38 19.74 -28.76
CA ALA D 149 27.48 18.52 -27.96
C ALA D 149 26.66 17.42 -28.60
N SER D 150 26.79 16.22 -28.05
CA SER D 150 25.99 15.10 -28.52
C SER D 150 24.56 15.22 -27.99
N ILE D 151 23.68 14.38 -28.54
CA ILE D 151 22.29 14.39 -28.09
C ILE D 151 22.18 13.76 -26.70
N GLN D 152 23.13 12.90 -26.33
CA GLN D 152 23.11 12.30 -25.00
C GLN D 152 23.55 13.31 -23.94
N GLN D 153 24.49 14.18 -24.28
CA GLN D 153 24.89 15.23 -23.35
C GLN D 153 23.79 16.28 -23.20
N GLN D 154 23.04 16.56 -24.27
CA GLN D 154 21.90 17.45 -24.16
C GLN D 154 20.78 16.81 -23.34
N ALA D 155 20.61 15.49 -23.46
CA ALA D 155 19.67 14.78 -22.60
C ALA D 155 20.13 14.82 -21.14
N THR D 156 21.45 14.77 -20.91
CA THR D 156 21.98 14.89 -19.56
C THR D 156 21.71 16.28 -18.98
N VAL D 157 21.84 17.31 -19.82
CA VAL D 157 21.53 18.68 -19.39
C VAL D 157 20.03 18.83 -19.08
N MET D 158 19.17 18.22 -19.90
CA MET D 158 17.73 18.31 -19.66
C MET D 158 17.32 17.54 -18.41
N LEU D 159 17.96 16.39 -18.15
CA LEU D 159 17.68 15.68 -16.91
C LEU D 159 18.28 16.39 -15.71
N LYS D 160 19.35 17.17 -15.91
CA LYS D 160 19.86 18.04 -14.86
C LYS D 160 18.86 19.16 -14.54
N ILE D 161 18.19 19.67 -15.58
CA ILE D 161 17.11 20.64 -15.38
C ILE D 161 15.96 20.01 -14.60
N MET D 162 15.58 18.78 -14.98
CA MET D 162 14.50 18.09 -14.29
C MET D 162 14.87 17.73 -12.85
N GLN D 163 16.16 17.51 -12.59
CA GLN D 163 16.62 17.28 -11.22
C GLN D 163 16.61 18.57 -10.41
N ASP D 164 16.97 19.69 -11.06
CA ASP D 164 16.95 20.97 -10.37
C ASP D 164 15.53 21.46 -10.11
N TYR D 165 14.57 21.00 -10.91
CA TYR D 165 13.17 21.38 -10.72
C TYR D 165 12.34 20.29 -10.06
N ASP D 166 12.93 19.11 -9.84
CA ASP D 166 12.35 18.02 -9.04
C ASP D 166 11.03 17.51 -9.63
N TRP D 167 11.05 17.21 -10.93
CA TRP D 167 9.90 16.69 -11.64
C TRP D 167 10.26 15.29 -12.09
N HIS D 168 9.80 14.29 -11.33
CA HIS D 168 10.33 12.93 -11.41
C HIS D 168 9.44 11.97 -12.18
N VAL D 169 8.14 12.25 -12.28
CA VAL D 169 7.21 11.41 -13.01
C VAL D 169 7.07 11.98 -14.41
N PHE D 170 7.63 11.28 -15.41
CA PHE D 170 7.69 11.80 -16.76
C PHE D 170 7.42 10.68 -17.76
N SER D 171 7.24 11.07 -19.01
CA SER D 171 6.99 10.16 -20.12
C SER D 171 8.04 10.35 -21.20
N LEU D 172 7.97 9.51 -22.24
CA LEU D 172 8.94 9.56 -23.33
C LEU D 172 8.24 9.08 -24.59
N VAL D 173 7.97 10.01 -25.51
CA VAL D 173 7.33 9.71 -26.79
C VAL D 173 8.40 9.84 -27.86
N THR D 174 8.77 8.73 -28.48
CA THR D 174 9.79 8.72 -29.53
C THR D 174 9.21 8.13 -30.80
N THR D 175 9.44 8.81 -31.91
CA THR D 175 9.02 8.38 -33.24
C THR D 175 10.15 7.59 -33.89
N ILE D 176 10.09 7.43 -35.21
CA ILE D 176 11.13 6.75 -35.99
C ILE D 176 12.15 7.77 -36.48
N PHE D 177 12.18 8.94 -35.83
CA PHE D 177 13.14 9.98 -36.12
C PHE D 177 14.57 9.46 -35.90
N PRO D 178 15.52 9.83 -36.76
CA PRO D 178 16.86 9.21 -36.69
C PRO D 178 17.64 9.56 -35.44
N GLY D 179 18.62 8.72 -35.13
CA GLY D 179 19.36 8.82 -33.89
C GLY D 179 18.60 8.36 -32.68
N TYR D 180 17.57 7.54 -32.85
CA TYR D 180 16.70 7.19 -31.74
C TYR D 180 17.26 6.06 -30.89
N ARG D 181 18.07 5.17 -31.47
CA ARG D 181 18.48 3.95 -30.79
C ARG D 181 19.37 4.25 -29.57
N ASP D 182 20.50 4.91 -29.81
CA ASP D 182 21.42 5.23 -28.72
C ASP D 182 20.83 6.26 -27.77
N PHE D 183 19.92 7.11 -28.25
CA PHE D 183 19.29 8.11 -27.41
C PHE D 183 18.33 7.46 -26.40
N ILE D 184 17.45 6.59 -26.89
CA ILE D 184 16.56 5.82 -26.01
C ILE D 184 17.36 4.90 -25.10
N SER D 185 18.46 4.34 -25.60
CA SER D 185 19.32 3.48 -24.77
C SER D 185 19.98 4.27 -23.65
N PHE D 186 20.40 5.51 -23.93
CA PHE D 186 20.98 6.35 -22.89
C PHE D 186 19.94 6.77 -21.87
N ILE D 187 18.71 7.02 -22.32
CA ILE D 187 17.62 7.33 -21.39
C ILE D 187 17.32 6.13 -20.49
N LYS D 188 17.31 4.92 -21.08
CA LYS D 188 17.05 3.71 -20.30
C LYS D 188 18.17 3.43 -19.30
N THR D 189 19.43 3.64 -19.70
CA THR D 189 20.52 3.44 -18.76
C THR D 189 20.57 4.55 -17.71
N THR D 190 20.03 5.73 -18.00
CA THR D 190 19.99 6.79 -17.00
C THR D 190 18.90 6.52 -15.97
N VAL D 191 17.73 6.04 -16.44
CA VAL D 191 16.65 5.69 -15.51
C VAL D 191 17.01 4.44 -14.72
N ASP D 192 17.72 3.50 -15.32
CA ASP D 192 18.18 2.33 -14.57
C ASP D 192 19.30 2.66 -13.59
N ASN D 193 19.96 3.80 -13.75
CA ASN D 193 20.99 4.26 -12.83
C ASN D 193 20.52 5.50 -12.07
N SER D 194 19.25 5.50 -11.66
CA SER D 194 18.64 6.67 -11.04
C SER D 194 18.88 6.61 -9.53
N PHE D 195 19.84 7.41 -9.06
CA PHE D 195 19.91 7.68 -7.62
C PHE D 195 18.74 8.54 -7.16
N VAL D 196 18.23 9.38 -8.07
CA VAL D 196 17.04 10.17 -7.80
C VAL D 196 15.81 9.28 -7.69
N GLY D 197 15.75 8.21 -8.50
CA GLY D 197 14.57 7.40 -8.58
C GLY D 197 13.58 7.97 -9.58
N TRP D 198 14.00 8.09 -10.83
CA TRP D 198 13.19 8.71 -11.86
C TRP D 198 12.05 7.78 -12.27
N ASP D 199 10.82 8.30 -12.19
CA ASP D 199 9.64 7.57 -12.63
C ASP D 199 9.42 7.84 -14.10
N MET D 200 9.90 6.93 -14.95
CA MET D 200 9.76 7.05 -16.39
C MET D 200 8.58 6.19 -16.86
N GLN D 201 7.58 6.84 -17.44
CA GLN D 201 6.54 6.11 -18.14
C GLN D 201 7.14 5.50 -19.41
N ASN D 202 6.62 4.35 -19.81
CA ASN D 202 7.23 3.52 -20.86
C ASN D 202 7.20 4.22 -22.21
N VAL D 203 8.03 3.72 -23.11
CA VAL D 203 8.39 4.44 -24.35
C VAL D 203 7.21 4.35 -25.32
N ILE D 204 6.59 5.49 -25.58
CA ILE D 204 5.52 5.58 -26.58
C ILE D 204 6.17 5.59 -27.96
N THR D 205 5.96 4.52 -28.72
CA THR D 205 6.56 4.35 -30.03
C THR D 205 5.52 4.56 -31.12
N LEU D 206 5.93 5.24 -32.19
CA LEU D 206 5.10 5.43 -33.37
C LEU D 206 5.88 4.98 -34.59
N ASP D 207 5.40 3.90 -35.23
CA ASP D 207 6.08 3.38 -36.41
C ASP D 207 5.89 4.31 -37.61
N THR D 208 4.70 4.91 -37.73
CA THR D 208 4.39 5.82 -38.82
C THR D 208 3.86 7.13 -38.24
N SER D 209 3.25 7.96 -39.08
CA SER D 209 2.60 9.18 -38.61
C SER D 209 1.28 8.83 -37.93
N PHE D 210 0.49 9.86 -37.62
CA PHE D 210 -0.72 9.69 -36.83
C PHE D 210 -1.78 8.94 -37.63
N GLU D 211 -2.25 7.83 -37.07
CA GLU D 211 -3.30 7.02 -37.68
C GLU D 211 -4.69 7.48 -37.25
N ASP D 212 -4.76 8.17 -36.09
CA ASP D 212 -5.98 8.56 -35.37
C ASP D 212 -6.78 7.33 -34.89
N ALA D 213 -6.17 6.15 -34.91
CA ALA D 213 -6.73 4.95 -34.34
C ALA D 213 -5.84 4.34 -33.27
N LYS D 214 -4.57 4.10 -33.59
CA LYS D 214 -3.63 3.48 -32.65
C LYS D 214 -2.70 4.47 -31.98
N THR D 215 -2.32 5.54 -32.67
CA THR D 215 -1.44 6.53 -32.08
C THR D 215 -2.16 7.38 -31.04
N GLN D 216 -3.48 7.56 -31.20
CA GLN D 216 -4.27 8.32 -30.24
C GLN D 216 -4.35 7.59 -28.90
N VAL D 217 -4.45 6.26 -28.94
CA VAL D 217 -4.48 5.46 -27.71
C VAL D 217 -3.14 5.55 -27.00
N GLN D 218 -2.04 5.56 -27.76
CA GLN D 218 -0.72 5.73 -27.18
C GLN D 218 -0.52 7.13 -26.62
N LEU D 219 -1.17 8.13 -27.21
CA LEU D 219 -1.10 9.48 -26.64
C LEU D 219 -1.94 9.61 -25.38
N LYS D 220 -3.04 8.87 -25.28
CA LYS D 220 -3.92 8.98 -24.12
C LYS D 220 -3.54 8.05 -22.98
N LYS D 221 -2.43 7.31 -23.10
CA LYS D 221 -1.91 6.56 -21.96
C LYS D 221 -1.08 7.41 -21.01
N ILE D 222 -0.82 8.67 -21.36
CA ILE D 222 0.09 9.52 -20.60
C ILE D 222 -0.69 10.20 -19.48
N HIS D 223 -0.27 9.96 -18.24
CA HIS D 223 -0.77 10.69 -17.09
C HIS D 223 0.38 11.22 -16.23
N SER D 224 1.56 11.39 -16.81
CA SER D 224 2.73 11.88 -16.10
C SER D 224 2.78 13.40 -16.20
N SER D 225 3.92 13.99 -15.81
CA SER D 225 4.07 15.44 -15.80
C SER D 225 4.82 15.97 -17.01
N VAL D 226 6.00 15.42 -17.32
CA VAL D 226 6.83 15.90 -18.40
C VAL D 226 6.73 14.92 -19.56
N ILE D 227 6.26 15.40 -20.71
CA ILE D 227 6.17 14.60 -21.92
C ILE D 227 7.34 14.98 -22.81
N LEU D 228 8.13 13.99 -23.20
CA LEU D 228 9.32 14.20 -24.01
C LEU D 228 9.04 13.73 -25.43
N LEU D 229 9.13 14.64 -26.39
CA LEU D 229 8.79 14.37 -27.78
C LEU D 229 10.05 14.29 -28.62
N TYR D 230 10.12 13.28 -29.49
CA TYR D 230 11.31 13.02 -30.31
C TYR D 230 10.85 12.79 -31.75
N CYS D 231 10.82 13.85 -32.54
CA CYS D 231 10.45 13.80 -33.95
C CYS D 231 11.01 15.03 -34.65
N SER D 232 10.53 15.29 -35.87
CA SER D 232 10.96 16.45 -36.63
C SER D 232 10.13 17.66 -36.23
N LYS D 233 10.23 18.74 -37.01
CA LYS D 233 9.57 20.00 -36.64
C LYS D 233 8.08 19.96 -36.94
N ASP D 234 7.71 19.68 -38.19
CA ASP D 234 6.29 19.65 -38.57
C ASP D 234 5.57 18.49 -37.93
N GLU D 235 6.27 17.38 -37.68
CA GLU D 235 5.69 16.29 -36.91
C GLU D 235 5.42 16.72 -35.46
N ALA D 236 6.29 17.56 -34.90
CA ALA D 236 6.03 18.11 -33.56
C ALA D 236 4.84 19.05 -33.59
N VAL D 237 4.68 19.81 -34.67
CA VAL D 237 3.52 20.69 -34.81
C VAL D 237 2.24 19.87 -34.88
N LEU D 238 2.26 18.77 -35.63
CA LEU D 238 1.07 17.91 -35.75
C LEU D 238 0.77 17.19 -34.43
N ILE D 239 1.80 16.76 -33.70
CA ILE D 239 1.56 16.06 -32.44
C ILE D 239 1.07 17.02 -31.37
N LEU D 240 1.62 18.24 -31.33
CA LEU D 240 1.10 19.25 -30.41
C LEU D 240 -0.31 19.70 -30.79
N SER D 241 -0.64 19.72 -32.08
CA SER D 241 -2.00 20.03 -32.48
C SER D 241 -2.97 18.92 -32.08
N GLU D 242 -2.54 17.66 -32.19
CA GLU D 242 -3.36 16.54 -31.75
C GLU D 242 -3.53 16.55 -30.23
N ALA D 243 -2.49 16.93 -29.50
CA ALA D 243 -2.56 16.97 -28.05
C ALA D 243 -3.42 18.13 -27.56
N ARG D 244 -3.36 19.26 -28.26
CA ARG D 244 -4.22 20.39 -27.93
C ARG D 244 -5.67 20.11 -28.30
N SER D 245 -5.90 19.39 -29.39
CA SER D 245 -7.26 19.00 -29.76
C SER D 245 -7.83 17.95 -28.81
N LEU D 246 -6.98 17.18 -28.14
CA LEU D 246 -7.43 16.19 -27.16
C LEU D 246 -7.27 16.67 -25.72
N GLY D 247 -6.85 17.91 -25.51
CA GLY D 247 -6.72 18.44 -24.18
C GLY D 247 -5.52 17.93 -23.41
N LEU D 248 -4.48 17.46 -24.11
CA LEU D 248 -3.28 16.94 -23.49
C LEU D 248 -2.19 17.99 -23.31
N THR D 249 -2.54 19.28 -23.42
CA THR D 249 -1.58 20.37 -23.34
C THR D 249 -1.86 21.27 -22.13
N GLY D 250 -2.18 20.67 -20.99
CA GLY D 250 -2.32 21.42 -19.77
C GLY D 250 -0.97 21.77 -19.16
N TYR D 251 -1.01 22.60 -18.11
CA TYR D 251 0.22 22.96 -17.40
C TYR D 251 0.72 21.81 -16.53
N ASP D 252 -0.12 20.83 -16.23
CA ASP D 252 0.36 19.60 -15.63
C ASP D 252 1.21 18.82 -16.63
N PHE D 253 0.88 18.90 -17.92
CA PHE D 253 1.53 18.12 -18.96
C PHE D 253 2.63 18.97 -19.59
N PHE D 254 3.85 18.80 -19.10
CA PHE D 254 4.96 19.62 -19.57
C PHE D 254 5.51 19.11 -20.89
N TRP D 255 6.26 19.98 -21.58
CA TRP D 255 6.75 19.70 -22.92
C TRP D 255 8.18 20.21 -23.03
N ILE D 256 9.14 19.29 -23.14
CA ILE D 256 10.56 19.64 -23.27
C ILE D 256 11.09 18.95 -24.51
N VAL D 257 11.61 19.72 -25.45
CA VAL D 257 12.18 19.17 -26.69
C VAL D 257 13.59 19.72 -26.89
N PRO D 258 14.48 18.97 -27.55
CA PRO D 258 15.82 19.51 -27.85
C PRO D 258 15.83 20.41 -29.07
N SER D 259 17.04 20.81 -29.50
CA SER D 259 17.18 21.72 -30.64
C SER D 259 16.80 21.06 -31.95
N LEU D 260 17.08 19.76 -32.08
CA LEU D 260 16.84 19.07 -33.35
C LEU D 260 15.36 18.84 -33.59
N VAL D 261 14.57 18.73 -32.52
CA VAL D 261 13.13 18.67 -32.67
C VAL D 261 12.56 20.06 -32.99
N SER D 262 13.13 21.10 -32.38
CA SER D 262 12.60 22.45 -32.53
C SER D 262 12.89 23.01 -33.93
N GLY D 263 14.16 23.15 -34.27
CA GLY D 263 14.56 23.61 -35.58
C GLY D 263 15.01 25.07 -35.57
N ASN D 264 14.46 25.88 -36.47
CA ASN D 264 14.86 27.27 -36.61
C ASN D 264 14.34 28.10 -35.44
N THR D 265 15.24 28.89 -34.85
CA THR D 265 14.85 29.75 -33.73
C THR D 265 14.01 30.93 -34.21
N GLU D 266 14.15 31.34 -35.47
CA GLU D 266 13.43 32.49 -35.97
C GLU D 266 12.00 32.14 -36.35
N LEU D 267 11.75 30.90 -36.76
CA LEU D 267 10.43 30.47 -37.21
C LEU D 267 9.69 29.83 -36.05
N ILE D 268 8.55 30.40 -35.68
CA ILE D 268 7.73 29.88 -34.59
C ILE D 268 6.37 29.50 -35.16
N PRO D 269 6.15 28.23 -35.52
CA PRO D 269 4.85 27.82 -36.06
C PRO D 269 3.73 27.74 -35.02
N LYS D 270 2.58 27.26 -35.46
CA LYS D 270 1.34 27.25 -34.70
C LYS D 270 1.32 26.06 -33.73
N GLU D 271 0.40 26.15 -32.76
CA GLU D 271 0.12 25.12 -31.75
C GLU D 271 1.33 24.86 -30.85
N PHE D 272 1.82 25.93 -30.24
CA PHE D 272 2.87 25.87 -29.23
C PHE D 272 2.32 26.34 -27.89
N PRO D 273 2.46 25.55 -26.82
CA PRO D 273 2.03 26.03 -25.51
C PRO D 273 3.01 27.06 -24.97
N SER D 274 2.45 28.10 -24.35
CA SER D 274 3.23 29.21 -23.80
C SER D 274 4.00 28.71 -22.58
N GLY D 275 5.28 28.42 -22.77
CA GLY D 275 6.06 27.74 -21.74
C GLY D 275 6.75 26.52 -22.32
N LEU D 276 6.92 26.51 -23.64
CA LEU D 276 7.53 25.38 -24.34
C LEU D 276 9.03 25.39 -24.10
N ILE D 277 9.50 24.48 -23.25
CA ILE D 277 10.92 24.42 -22.91
C ILE D 277 11.68 23.81 -24.07
N SER D 278 12.67 24.55 -24.58
CA SER D 278 13.57 24.04 -25.60
C SER D 278 15.00 24.28 -25.16
N VAL D 279 15.90 23.42 -25.63
CA VAL D 279 17.33 23.54 -25.36
C VAL D 279 18.05 23.57 -26.70
N SER D 280 18.74 24.68 -26.97
CA SER D 280 19.43 24.86 -28.24
C SER D 280 20.76 25.54 -27.95
N TYR D 281 21.40 26.06 -28.99
CA TYR D 281 22.62 26.84 -28.82
C TYR D 281 22.68 28.06 -29.73
N ASP D 282 21.64 28.35 -30.50
CA ASP D 282 21.62 29.48 -31.43
C ASP D 282 21.17 30.72 -30.67
N ASP D 283 22.09 31.26 -29.87
CA ASP D 283 21.83 32.48 -29.14
C ASP D 283 21.99 33.68 -30.06
N TRP D 284 21.08 34.65 -29.93
CA TRP D 284 21.23 35.91 -30.65
C TRP D 284 22.27 36.82 -30.02
N ASP D 285 22.64 36.57 -28.76
CA ASP D 285 23.72 37.32 -28.14
C ASP D 285 25.08 36.81 -28.58
N TYR D 286 25.22 35.49 -28.71
CA TYR D 286 26.45 34.87 -29.20
C TYR D 286 26.20 34.46 -30.65
N SER D 287 26.44 35.40 -31.56
CA SER D 287 25.97 35.30 -32.94
C SER D 287 26.92 34.46 -33.79
N LEU D 288 26.71 34.52 -35.11
CA LEU D 288 27.46 33.68 -36.05
C LEU D 288 28.90 34.16 -36.23
N GLU D 289 29.14 35.47 -36.07
CA GLU D 289 30.44 36.03 -36.38
C GLU D 289 31.50 35.60 -35.38
N ALA D 290 31.15 35.57 -34.08
CA ALA D 290 32.07 35.06 -33.08
C ALA D 290 32.33 33.57 -33.27
N ARG D 291 31.32 32.83 -33.72
CA ARG D 291 31.48 31.40 -33.99
C ARG D 291 32.47 31.16 -35.13
N VAL D 292 32.31 31.90 -36.23
CA VAL D 292 33.21 31.66 -37.37
C VAL D 292 34.60 32.24 -37.09
N ARG D 293 34.70 33.28 -36.26
CA ARG D 293 36.02 33.80 -35.90
C ARG D 293 36.76 32.82 -35.00
N ASP D 294 36.05 32.20 -34.04
CA ASP D 294 36.67 31.18 -33.21
C ASP D 294 37.01 29.93 -34.02
N GLY D 295 36.18 29.60 -35.02
CA GLY D 295 36.50 28.45 -35.87
C GLY D 295 37.74 28.69 -36.73
N LEU D 296 37.87 29.90 -37.28
CA LEU D 296 39.08 30.24 -38.01
C LEU D 296 40.30 30.31 -37.10
N GLY D 297 40.10 30.74 -35.84
CA GLY D 297 41.20 30.70 -34.89
C GLY D 297 41.65 29.27 -34.58
N ILE D 298 40.70 28.35 -34.46
CA ILE D 298 41.03 26.95 -34.25
C ILE D 298 41.73 26.36 -35.47
N LEU D 299 41.29 26.73 -36.68
CA LEU D 299 41.92 26.22 -37.89
C LEU D 299 43.34 26.76 -38.07
N THR D 300 43.56 28.04 -37.78
CA THR D 300 44.92 28.58 -37.86
C THR D 300 45.80 28.06 -36.73
N THR D 301 45.23 27.78 -35.55
CA THR D 301 45.98 27.15 -34.48
C THR D 301 46.39 25.73 -34.86
N ALA D 302 45.50 25.00 -35.53
CA ALA D 302 45.82 23.66 -35.99
C ALA D 302 46.89 23.69 -37.08
N ALA D 303 46.82 24.68 -37.98
CA ALA D 303 47.83 24.84 -39.02
C ALA D 303 49.19 25.19 -38.42
N SER D 304 49.22 26.06 -37.41
CA SER D 304 50.48 26.42 -36.75
C SER D 304 51.02 25.27 -35.91
N SER D 305 50.15 24.45 -35.32
CA SER D 305 50.60 23.34 -34.50
C SER D 305 51.10 22.18 -35.35
N MET D 306 50.48 21.95 -36.51
CA MET D 306 50.97 20.92 -37.41
C MET D 306 52.17 21.39 -38.21
N LEU D 307 52.32 22.71 -38.40
CA LEU D 307 53.47 23.24 -39.11
C LEU D 307 54.75 23.10 -38.30
N GLU D 308 54.66 23.26 -36.97
CA GLU D 308 55.83 23.07 -36.11
C GLU D 308 56.20 21.61 -35.95
N LYS D 309 55.32 20.68 -36.31
CA LYS D 309 55.62 19.26 -36.26
C LYS D 309 55.97 18.67 -37.61
N PHE D 310 55.21 19.00 -38.65
CA PHE D 310 55.47 18.51 -39.99
C PHE D 310 55.59 19.70 -40.95
N SER D 311 56.37 19.51 -42.02
CA SER D 311 56.67 20.60 -42.93
C SER D 311 55.64 20.74 -44.05
N TYR D 312 55.45 19.68 -44.84
CA TYR D 312 54.59 19.73 -46.03
C TYR D 312 53.12 19.66 -45.59
N ILE D 313 52.61 20.79 -45.13
CA ILE D 313 51.23 20.93 -44.67
C ILE D 313 50.22 20.87 -45.82
N PRO D 314 50.37 21.60 -47.00
CA PRO D 314 49.33 21.47 -48.03
C PRO D 314 49.31 20.11 -48.72
N GLU D 315 48.28 19.32 -48.42
CA GLU D 315 48.09 17.98 -48.98
C GLU D 315 46.59 17.83 -49.29
N ALA D 316 46.22 18.10 -50.53
CA ALA D 316 44.83 17.99 -50.94
C ALA D 316 44.74 17.39 -52.33
N LYS D 317 43.52 17.00 -52.70
CA LYS D 317 43.26 16.46 -54.02
C LYS D 317 43.30 17.58 -55.05
N ALA D 318 43.83 17.29 -56.24
CA ALA D 318 44.02 18.32 -57.25
C ALA D 318 42.69 18.72 -57.89
N SER D 319 42.02 17.77 -58.53
CA SER D 319 40.75 18.03 -59.17
C SER D 319 39.85 16.83 -58.98
N CYS D 320 38.53 17.07 -59.07
CA CYS D 320 37.55 16.01 -58.83
C CYS D 320 37.52 14.98 -59.95
N TYR D 321 37.96 15.34 -61.15
CA TYR D 321 37.87 14.44 -62.29
C TYR D 321 39.06 13.49 -62.33
N GLY D 322 38.79 12.26 -62.78
CA GLY D 322 39.84 11.28 -63.04
C GLY D 322 40.53 10.72 -61.81
N GLN D 323 39.81 9.93 -61.01
CA GLN D 323 40.42 9.27 -59.87
C GLN D 323 41.25 8.06 -60.32
N PRO D 330 46.02 10.47 -47.00
CA PRO D 330 45.90 10.06 -45.60
C PRO D 330 47.26 9.91 -44.91
N LEU D 331 48.05 10.98 -44.91
CA LEU D 331 49.38 10.98 -44.31
C LEU D 331 49.48 11.88 -43.09
N HIS D 332 49.13 13.16 -43.23
CA HIS D 332 49.22 14.12 -42.14
C HIS D 332 47.96 14.98 -42.15
N THR D 333 47.03 14.67 -41.26
CA THR D 333 45.74 15.34 -41.18
C THR D 333 45.62 16.05 -39.83
N LEU D 334 44.44 16.59 -39.58
CA LEU D 334 44.15 17.30 -38.33
C LEU D 334 43.02 16.67 -37.54
N HIS D 335 42.58 15.47 -37.93
CA HIS D 335 41.45 14.83 -37.26
C HIS D 335 41.87 14.28 -35.90
N GLN D 336 42.96 13.52 -35.86
CA GLN D 336 43.49 12.94 -34.63
C GLN D 336 44.64 13.76 -34.07
N PHE D 337 44.57 15.09 -34.23
CA PHE D 337 45.65 15.97 -33.84
C PHE D 337 45.22 17.10 -32.91
N MET D 338 43.95 17.50 -32.91
CA MET D 338 43.52 18.68 -32.18
C MET D 338 42.55 18.33 -31.06
N VAL D 339 42.87 17.31 -30.27
CA VAL D 339 42.03 16.94 -29.14
C VAL D 339 42.14 17.99 -28.03
N ASN D 340 43.36 18.32 -27.64
CA ASN D 340 43.60 19.37 -26.64
C ASN D 340 43.81 20.69 -27.36
N VAL D 341 42.82 21.58 -27.27
CA VAL D 341 42.93 22.94 -27.78
C VAL D 341 42.02 23.83 -26.93
N THR D 342 42.53 25.01 -26.57
CA THR D 342 41.78 26.00 -25.80
C THR D 342 42.03 27.35 -26.46
N TRP D 343 41.08 27.78 -27.29
CA TRP D 343 41.22 29.01 -28.07
C TRP D 343 40.38 30.12 -27.45
N ASP D 344 41.00 31.32 -27.38
CA ASP D 344 40.39 32.54 -26.82
C ASP D 344 39.92 32.35 -25.38
N GLY D 345 40.72 31.62 -24.60
CA GLY D 345 40.39 31.39 -23.19
C GLY D 345 39.39 30.30 -22.90
N LYS D 346 38.26 30.29 -23.62
CA LYS D 346 37.23 29.29 -23.41
C LYS D 346 37.65 27.96 -24.01
N ASP D 347 37.17 26.87 -23.40
CA ASP D 347 37.56 25.52 -23.79
C ASP D 347 36.80 25.16 -25.06
N LEU D 348 37.52 25.17 -26.18
CA LEU D 348 36.97 24.80 -27.48
C LEU D 348 37.58 23.48 -27.98
N SER D 349 37.79 22.55 -27.06
CA SER D 349 38.44 21.29 -27.40
C SER D 349 37.47 20.37 -28.14
N PHE D 350 38.04 19.35 -28.78
CA PHE D 350 37.29 18.41 -29.60
C PHE D 350 37.04 17.12 -28.83
N THR D 351 35.84 16.58 -28.96
CA THR D 351 35.54 15.28 -28.39
C THR D 351 36.07 14.17 -29.30
N GLU D 352 35.98 12.94 -28.81
CA GLU D 352 36.37 11.79 -29.63
C GLU D 352 35.33 11.45 -30.68
N GLU D 353 34.10 11.96 -30.55
CA GLU D 353 33.05 11.73 -31.52
C GLU D 353 32.76 12.96 -32.38
N GLY D 354 33.73 13.86 -32.50
CA GLY D 354 33.60 14.97 -33.43
C GLY D 354 32.70 16.09 -32.99
N TYR D 355 32.79 16.51 -31.73
CA TYR D 355 32.00 17.64 -31.23
C TYR D 355 32.86 18.45 -30.27
N GLN D 356 32.31 19.57 -29.82
CA GLN D 356 32.97 20.39 -28.82
C GLN D 356 32.84 19.74 -27.45
N VAL D 357 33.88 19.91 -26.63
CA VAL D 357 33.84 19.38 -25.27
C VAL D 357 32.96 20.24 -24.39
N HIS D 358 33.15 21.57 -24.42
CA HIS D 358 32.34 22.51 -23.65
C HIS D 358 31.71 23.53 -24.59
N PRO D 359 30.53 23.24 -25.15
CA PRO D 359 29.83 24.25 -25.94
C PRO D 359 29.06 25.22 -25.06
N ARG D 360 28.26 26.10 -25.67
CA ARG D 360 27.45 27.06 -24.92
C ARG D 360 25.98 26.71 -25.14
N LEU D 361 25.32 26.25 -24.08
CA LEU D 361 23.94 25.79 -24.14
C LEU D 361 22.99 26.91 -23.72
N VAL D 362 21.86 27.00 -24.41
CA VAL D 362 20.85 28.03 -24.18
C VAL D 362 19.51 27.34 -23.97
N VAL D 363 18.91 27.53 -22.80
CA VAL D 363 17.62 26.95 -22.47
C VAL D 363 16.58 28.06 -22.52
N ILE D 364 15.57 27.88 -23.36
CA ILE D 364 14.54 28.88 -23.63
C ILE D 364 13.16 28.30 -23.29
N VAL D 365 12.21 29.21 -23.10
CA VAL D 365 10.80 28.87 -22.99
C VAL D 365 10.01 29.78 -23.94
N LEU D 366 8.69 29.59 -23.95
CA LEU D 366 7.78 30.42 -24.73
C LEU D 366 6.97 31.30 -23.79
N ASN D 367 6.93 32.60 -24.08
CA ASN D 367 6.15 33.53 -23.26
C ASN D 367 4.72 33.59 -23.78
N LYS D 368 3.94 34.53 -23.26
CA LYS D 368 2.59 34.77 -23.77
C LYS D 368 2.58 35.67 -25.00
N ASP D 369 3.74 36.17 -25.43
CA ASP D 369 3.85 37.08 -26.56
C ASP D 369 4.42 36.40 -27.80
N ARG D 370 4.36 35.06 -27.85
CA ARG D 370 4.83 34.23 -28.98
C ARG D 370 6.31 34.46 -29.27
N GLU D 371 7.11 34.54 -28.22
CA GLU D 371 8.54 34.80 -28.34
C GLU D 371 9.31 33.76 -27.54
N TRP D 372 10.37 33.22 -28.14
CA TRP D 372 11.22 32.23 -27.49
C TRP D 372 12.29 32.98 -26.69
N GLU D 373 12.03 33.16 -25.39
CA GLU D 373 12.87 33.99 -24.54
C GLU D 373 13.97 33.17 -23.88
N LYS D 374 15.18 33.70 -23.90
CA LYS D 374 16.32 33.04 -23.27
C LYS D 374 16.18 33.03 -21.76
N VAL D 375 16.40 31.87 -21.14
CA VAL D 375 16.25 31.72 -19.70
C VAL D 375 17.58 31.31 -19.07
N GLY D 376 18.12 30.17 -19.47
CA GLY D 376 19.25 29.57 -18.80
C GLY D 376 20.44 29.37 -19.70
N LYS D 377 21.63 29.41 -19.10
CA LYS D 377 22.89 29.10 -19.76
C LYS D 377 23.59 27.97 -19.02
N TRP D 378 24.65 27.45 -19.62
CA TRP D 378 25.37 26.31 -19.07
C TRP D 378 26.73 26.76 -18.54
N GLU D 379 27.16 26.15 -17.44
CA GLU D 379 28.42 26.50 -16.79
C GLU D 379 29.52 25.65 -17.44
N ASN D 380 30.74 25.67 -16.88
CA ASN D 380 31.82 24.87 -17.43
C ASN D 380 31.59 23.38 -17.16
N GLN D 381 31.38 23.01 -15.90
CA GLN D 381 31.17 21.63 -15.53
C GLN D 381 29.71 21.34 -15.19
N THR D 382 29.14 22.09 -14.24
CA THR D 382 27.78 21.87 -13.79
C THR D 382 26.81 22.71 -14.64
N LEU D 383 25.57 22.84 -14.18
CA LEU D 383 24.55 23.62 -14.85
C LEU D 383 23.95 24.63 -13.88
N SER D 384 23.87 25.88 -14.29
CA SER D 384 23.26 26.95 -13.51
C SER D 384 21.97 27.41 -14.17
N LEU D 385 21.04 27.90 -13.35
CA LEU D 385 19.76 28.38 -13.86
C LEU D 385 19.43 29.70 -13.19
N ARG D 386 18.99 30.67 -14.00
CA ARG D 386 18.58 31.96 -13.46
C ARG D 386 17.21 31.87 -12.80
N HIS D 387 16.21 31.38 -13.52
CA HIS D 387 14.86 31.27 -12.99
C HIS D 387 14.69 29.92 -12.28
N ALA D 388 15.27 29.85 -11.07
CA ALA D 388 15.02 28.72 -10.20
C ALA D 388 13.58 28.72 -9.73
N VAL D 389 13.06 29.89 -9.36
CA VAL D 389 11.62 30.05 -9.21
C VAL D 389 10.97 29.92 -10.58
N TRP D 390 9.98 29.05 -10.68
CA TRP D 390 9.46 28.64 -11.98
C TRP D 390 8.13 29.33 -12.28
N PRO D 391 8.08 30.23 -13.26
CA PRO D 391 6.78 30.75 -13.70
C PRO D 391 6.04 29.73 -14.55
N ARG D 392 4.73 29.93 -14.67
CA ARG D 392 3.87 28.93 -15.28
C ARG D 392 3.29 29.35 -16.62
N TYR D 393 3.12 30.66 -16.86
CA TYR D 393 2.61 31.24 -18.11
C TYR D 393 1.23 30.68 -18.44
N LYS D 394 0.27 31.09 -17.59
CA LYS D 394 -1.06 30.49 -17.51
C LYS D 394 -1.83 30.53 -18.83
N SER D 395 -1.56 31.51 -19.68
CA SER D 395 -2.29 31.67 -20.96
C SER D 395 -1.79 30.62 -21.95
N PHE D 396 -2.26 29.39 -21.77
CA PHE D 396 -2.04 28.31 -22.72
C PHE D 396 -3.16 28.25 -23.76
N SER D 397 -4.40 28.37 -23.30
CA SER D 397 -5.59 28.19 -24.13
C SER D 397 -6.59 29.26 -23.73
N ASP D 398 -7.86 29.05 -24.08
CA ASP D 398 -8.92 30.00 -23.74
C ASP D 398 -9.13 30.07 -22.22
N CYS D 399 -9.10 28.92 -21.55
CA CYS D 399 -9.31 28.92 -20.09
C CYS D 399 -8.65 27.68 -19.49
N GLU D 400 -7.61 27.89 -18.68
CA GLU D 400 -7.01 26.83 -17.87
C GLU D 400 -6.74 27.40 -16.48
N PRO D 401 -7.60 27.13 -15.50
CA PRO D 401 -7.42 27.71 -14.17
C PRO D 401 -6.31 27.03 -13.39
N ASP D 402 -5.72 27.79 -12.46
CA ASP D 402 -4.64 27.31 -11.61
C ASP D 402 -5.16 26.86 -10.25
N ASP D 403 -6.35 26.26 -10.23
CA ASP D 403 -6.97 25.77 -9.01
C ASP D 403 -6.31 24.51 -8.48
N ASN D 404 -5.45 23.86 -9.28
CA ASN D 404 -4.79 22.64 -8.86
C ASN D 404 -3.74 22.89 -7.78
N HIS D 405 -3.11 24.06 -7.80
CA HIS D 405 -2.01 24.38 -6.90
C HIS D 405 -2.51 25.13 -5.68
N LEU D 406 -1.88 24.86 -4.53
CA LEU D 406 -2.29 25.44 -3.25
C LEU D 406 -1.06 25.95 -2.52
N SER D 407 -1.07 27.24 -2.17
CA SER D 407 0.05 27.86 -1.47
C SER D 407 0.09 27.36 -0.03
N ILE D 408 1.21 26.75 0.35
CA ILE D 408 1.35 26.07 1.64
C ILE D 408 2.59 26.61 2.35
N VAL D 409 2.42 27.04 3.59
CA VAL D 409 3.51 27.49 4.44
C VAL D 409 3.34 26.85 5.81
N THR D 410 4.46 26.56 6.47
CA THR D 410 4.44 25.91 7.78
C THR D 410 5.64 26.37 8.60
N LEU D 411 5.76 25.82 9.80
CA LEU D 411 6.81 26.17 10.75
C LEU D 411 7.54 24.91 11.18
N GLU D 412 8.81 25.07 11.55
CA GLU D 412 9.69 23.96 11.92
C GLU D 412 9.20 23.28 13.19
N GLU D 413 8.77 22.02 13.07
CA GLU D 413 8.28 21.23 14.20
C GLU D 413 8.90 19.85 14.13
N ALA D 414 9.61 19.46 15.19
CA ALA D 414 10.43 18.24 15.21
C ALA D 414 9.67 16.92 15.00
N PRO D 415 8.44 16.71 15.48
CA PRO D 415 7.71 15.53 15.01
C PRO D 415 6.92 15.75 13.72
N PHE D 416 6.74 16.97 13.27
CA PHE D 416 5.87 17.25 12.12
C PHE D 416 6.65 17.75 10.91
N VAL D 417 7.38 18.86 11.05
CA VAL D 417 8.07 19.45 9.91
C VAL D 417 9.58 19.33 10.16
N ILE D 418 10.16 18.25 9.66
CA ILE D 418 11.59 17.99 9.82
C ILE D 418 12.30 18.58 8.61
N VAL D 419 13.06 19.65 8.84
CA VAL D 419 13.72 20.41 7.79
C VAL D 419 15.21 20.09 7.84
N GLU D 420 15.75 19.67 6.69
CA GLU D 420 17.16 19.30 6.59
C GLU D 420 17.77 19.95 5.36
N ASP D 421 19.10 19.95 5.32
CA ASP D 421 19.85 20.46 4.18
C ASP D 421 19.66 19.57 2.96
N ILE D 422 19.86 20.15 1.79
CA ILE D 422 19.92 19.37 0.57
C ILE D 422 21.30 18.77 0.45
N ASP D 423 21.38 17.54 -0.06
CA ASP D 423 22.66 16.85 -0.17
C ASP D 423 23.46 17.43 -1.32
N PRO D 424 24.65 17.99 -1.08
CA PRO D 424 25.44 18.53 -2.19
C PRO D 424 26.07 17.46 -3.06
N LEU D 425 26.17 16.23 -2.57
CA LEU D 425 26.76 15.15 -3.37
C LEU D 425 25.79 14.67 -4.44
N THR D 426 24.49 14.82 -4.22
CA THR D 426 23.49 14.36 -5.16
C THR D 426 22.67 15.48 -5.79
N GLU D 427 22.53 16.61 -5.08
CA GLU D 427 21.63 17.73 -5.44
C GLU D 427 20.21 17.21 -5.66
N THR D 428 19.73 16.42 -4.70
CA THR D 428 18.45 15.72 -4.83
C THR D 428 17.91 15.42 -3.45
N CYS D 429 16.73 15.95 -3.13
CA CYS D 429 15.99 15.45 -1.98
C CYS D 429 15.46 14.06 -2.30
N VAL D 430 15.68 13.12 -1.38
CA VAL D 430 15.25 11.74 -1.58
C VAL D 430 13.72 11.67 -1.57
N ARG D 431 13.15 10.70 -2.29
CA ARG D 431 11.78 10.76 -2.78
C ARG D 431 10.71 10.71 -1.70
N ASN D 432 11.04 10.29 -0.48
CA ASN D 432 10.08 10.41 0.62
C ASN D 432 10.17 11.75 1.33
N THR D 433 11.06 12.63 0.89
CA THR D 433 11.15 14.01 1.34
C THR D 433 10.71 14.94 0.21
N VAL D 434 10.28 16.13 0.57
CA VAL D 434 9.86 17.11 -0.44
C VAL D 434 10.70 18.38 -0.31
N PRO D 435 11.02 19.05 -1.41
CA PRO D 435 11.78 20.30 -1.33
C PRO D 435 10.89 21.49 -1.01
N CYS D 436 11.51 22.51 -0.43
CA CYS D 436 10.82 23.76 -0.15
C CYS D 436 11.82 24.90 -0.28
N ARG D 437 11.29 26.10 -0.53
CA ARG D 437 12.12 27.29 -0.64
C ARG D 437 11.95 28.16 0.61
N LYS D 438 13.00 28.91 0.92
CA LYS D 438 13.00 29.81 2.06
C LYS D 438 13.65 31.12 1.65
N PHE D 439 12.98 32.23 1.95
CA PHE D 439 13.47 33.57 1.68
C PHE D 439 14.43 33.94 2.81
N VAL D 440 15.70 33.59 2.63
CA VAL D 440 16.72 33.85 3.63
C VAL D 440 17.33 35.22 3.36
N LYS D 441 17.19 36.14 4.31
CA LYS D 441 17.77 37.46 4.19
C LYS D 441 19.25 37.42 4.56
N ILE D 442 20.04 38.24 3.86
CA ILE D 442 21.48 38.23 4.06
C ILE D 442 21.87 39.02 5.30
N ASN D 443 21.56 40.31 5.31
CA ASN D 443 21.93 41.20 6.40
C ASN D 443 20.71 41.57 7.24
N ASN D 444 20.99 42.14 8.41
CA ASN D 444 19.94 42.46 9.37
C ASN D 444 19.24 43.77 9.07
N SER D 445 19.82 44.61 8.21
CA SER D 445 19.24 45.92 7.89
C SER D 445 19.04 46.10 6.39
N THR D 446 18.94 45.01 5.63
CA THR D 446 18.76 45.06 4.19
C THR D 446 17.36 44.61 3.81
N ASN D 447 17.03 44.80 2.54
CA ASN D 447 15.76 44.34 1.97
C ASN D 447 15.94 43.24 0.95
N GLU D 448 17.17 42.74 0.77
CA GLU D 448 17.44 41.69 -0.20
C GLU D 448 17.52 40.34 0.50
N GLY D 449 17.00 39.31 -0.17
CA GLY D 449 17.07 37.97 0.35
C GLY D 449 17.06 36.96 -0.77
N MET D 450 17.75 35.85 -0.56
CA MET D 450 17.85 34.79 -1.54
C MET D 450 16.86 33.68 -1.22
N ASN D 451 16.80 32.68 -2.10
CA ASN D 451 15.90 31.54 -1.93
C ASN D 451 16.73 30.28 -1.77
N VAL D 452 16.61 29.64 -0.61
CA VAL D 452 17.34 28.41 -0.30
C VAL D 452 16.36 27.24 -0.33
N LYS D 453 16.69 26.21 -1.10
CA LYS D 453 15.87 25.03 -1.22
C LYS D 453 16.40 23.94 -0.28
N LYS D 454 15.51 23.44 0.57
CA LYS D 454 15.86 22.48 1.62
C LYS D 454 14.85 21.34 1.63
N CYS D 455 15.29 20.20 2.14
CA CYS D 455 14.47 18.99 2.15
C CYS D 455 13.60 18.97 3.41
N CYS D 456 12.45 18.29 3.31
CA CYS D 456 11.55 18.17 4.44
C CYS D 456 10.93 16.77 4.48
N LYS D 457 10.97 16.16 5.66
CA LYS D 457 10.28 14.91 5.94
C LYS D 457 9.57 15.05 7.28
N GLY D 458 8.61 14.17 7.53
CA GLY D 458 7.94 14.17 8.81
C GLY D 458 6.50 13.72 8.68
N PHE D 459 5.72 14.07 9.70
CA PHE D 459 4.33 13.63 9.76
C PHE D 459 3.46 14.41 8.77
N CYS D 460 3.55 15.75 8.81
CA CYS D 460 2.73 16.59 7.94
C CYS D 460 3.12 16.44 6.49
N ILE D 461 4.38 16.07 6.22
CA ILE D 461 4.79 15.73 4.86
C ILE D 461 4.03 14.51 4.36
N ASP D 462 3.88 13.50 5.22
CA ASP D 462 3.13 12.30 4.86
C ASP D 462 1.65 12.59 4.71
N ILE D 463 1.13 13.49 5.55
CA ILE D 463 -0.27 13.91 5.45
C ILE D 463 -0.53 14.61 4.13
N LEU D 464 0.37 15.51 3.73
CA LEU D 464 0.22 16.24 2.47
C LEU D 464 0.38 15.30 1.27
N LYS D 465 1.29 14.32 1.37
CA LYS D 465 1.45 13.36 0.28
C LYS D 465 0.23 12.46 0.14
N LYS D 466 -0.37 12.04 1.25
CA LYS D 466 -1.56 11.20 1.15
C LYS D 466 -2.78 12.00 0.71
N LEU D 467 -2.85 13.28 1.08
CA LEU D 467 -3.90 14.15 0.54
C LEU D 467 -3.74 14.35 -0.95
N SER D 468 -2.49 14.50 -1.42
CA SER D 468 -2.24 14.59 -2.86
C SER D 468 -2.50 13.26 -3.56
N ARG D 469 -2.42 12.14 -2.85
CA ARG D 469 -2.84 10.87 -3.42
C ARG D 469 -4.36 10.80 -3.57
N THR D 470 -5.08 11.17 -2.51
CA THR D 470 -6.53 10.97 -2.50
C THR D 470 -7.29 12.10 -3.17
N VAL D 471 -7.06 13.35 -2.72
CA VAL D 471 -7.78 14.48 -3.28
C VAL D 471 -7.27 14.82 -4.68
N LYS D 472 -6.03 14.40 -4.98
CA LYS D 472 -5.36 14.57 -6.28
C LYS D 472 -5.23 16.04 -6.66
N PHE D 473 -4.48 16.75 -5.83
CA PHE D 473 -4.11 18.14 -6.08
C PHE D 473 -2.58 18.26 -6.09
N THR D 474 -2.11 19.47 -6.31
CA THR D 474 -0.69 19.78 -6.29
C THR D 474 -0.40 20.81 -5.21
N TYR D 475 0.80 20.76 -4.67
CA TYR D 475 1.19 21.56 -3.52
C TYR D 475 2.22 22.61 -3.90
N ASP D 476 2.20 23.73 -3.19
CA ASP D 476 3.19 24.81 -3.33
C ASP D 476 3.77 25.04 -1.94
N LEU D 477 4.89 24.38 -1.64
CA LEU D 477 5.46 24.37 -0.31
C LEU D 477 6.61 25.37 -0.20
N TYR D 478 6.57 26.19 0.85
CA TYR D 478 7.65 27.11 1.17
C TYR D 478 7.65 27.33 2.67
N LEU D 479 8.61 28.11 3.15
CA LEU D 479 8.81 28.32 4.57
C LEU D 479 8.43 29.74 4.98
N VAL D 480 8.17 29.89 6.26
CA VAL D 480 7.78 31.18 6.84
C VAL D 480 9.03 31.97 7.19
N THR D 481 8.97 33.29 7.01
CA THR D 481 10.08 34.18 7.32
C THR D 481 9.77 35.18 8.42
N ASN D 482 8.50 35.43 8.73
CA ASN D 482 8.17 36.42 9.74
C ASN D 482 8.34 35.86 11.15
N GLY D 483 8.05 34.58 11.35
CA GLY D 483 8.25 33.99 12.65
C GLY D 483 7.36 32.80 12.98
N LYS D 484 6.67 32.88 14.10
CA LYS D 484 5.92 31.76 14.67
C LYS D 484 4.51 31.72 14.06
N HIS D 485 3.60 31.00 14.71
CA HIS D 485 2.28 30.68 14.16
C HIS D 485 1.46 31.93 13.88
N GLY D 486 1.11 32.68 14.91
CA GLY D 486 0.33 33.88 14.71
C GLY D 486 -0.04 34.66 15.96
N LYS D 487 0.12 35.98 15.91
CA LYS D 487 -0.30 36.85 17.00
C LYS D 487 -0.52 38.24 16.43
N LYS D 488 -1.66 38.85 16.74
CA LYS D 488 -2.03 40.14 16.18
C LYS D 488 -1.37 41.24 17.01
N VAL D 489 -0.37 41.91 16.43
CA VAL D 489 0.34 42.99 17.10
C VAL D 489 -0.23 44.29 16.54
N ASN D 490 -1.26 44.80 17.21
CA ASN D 490 -1.95 46.06 16.87
C ASN D 490 -2.49 46.04 15.43
N ASN D 491 -3.43 45.12 15.20
CA ASN D 491 -4.08 44.87 13.90
C ASN D 491 -3.05 44.46 12.83
N VAL D 492 -1.95 43.82 13.25
CA VAL D 492 -0.94 43.28 12.36
C VAL D 492 -0.61 41.88 12.86
N TRP D 493 -0.94 40.87 12.06
CA TRP D 493 -0.63 39.50 12.40
C TRP D 493 0.81 39.17 11.99
N ASN D 494 1.22 37.92 12.24
CA ASN D 494 2.54 37.46 11.88
C ASN D 494 2.50 35.98 11.53
N GLY D 495 3.46 35.56 10.71
CA GLY D 495 3.58 34.16 10.38
C GLY D 495 2.50 33.70 9.41
N MET D 496 1.98 32.49 9.67
CA MET D 496 1.00 31.88 8.78
C MET D 496 -0.32 32.62 8.79
N ILE D 497 -0.67 33.26 9.91
CA ILE D 497 -1.86 34.10 9.95
C ILE D 497 -1.61 35.36 9.14
N GLY D 498 -0.39 35.89 9.18
CA GLY D 498 -0.04 37.01 8.32
C GLY D 498 0.11 36.66 6.86
N GLU D 499 0.16 35.37 6.52
CA GLU D 499 0.22 34.93 5.13
C GLU D 499 -1.14 34.57 4.55
N VAL D 500 -1.96 33.83 5.30
CA VAL D 500 -3.22 33.34 4.75
C VAL D 500 -4.29 34.43 4.76
N VAL D 501 -4.41 35.16 5.87
CA VAL D 501 -5.46 36.17 6.00
C VAL D 501 -5.19 37.34 5.05
N TYR D 502 -3.91 37.69 4.87
CA TYR D 502 -3.50 38.69 3.90
C TYR D 502 -3.38 38.13 2.49
N GLN D 503 -3.84 36.88 2.28
CA GLN D 503 -4.03 36.23 0.98
C GLN D 503 -2.73 36.05 0.20
N ARG D 504 -1.59 36.02 0.89
CA ARG D 504 -0.35 35.60 0.28
C ARG D 504 -0.14 34.10 0.37
N ALA D 505 -1.00 33.40 1.12
CA ALA D 505 -1.01 31.95 1.18
C ALA D 505 -2.46 31.47 1.16
N VAL D 506 -2.66 30.25 0.66
CA VAL D 506 -4.01 29.71 0.55
C VAL D 506 -4.45 29.11 1.87
N MET D 507 -3.70 28.13 2.39
CA MET D 507 -4.10 27.44 3.60
C MET D 507 -2.86 26.98 4.35
N ALA D 508 -3.08 26.61 5.61
CA ALA D 508 -2.02 26.15 6.51
C ALA D 508 -2.15 24.64 6.66
N VAL D 509 -1.49 23.91 5.75
CA VAL D 509 -1.46 22.45 5.84
C VAL D 509 -0.56 22.02 6.99
N GLY D 510 0.42 22.84 7.35
CA GLY D 510 1.20 22.59 8.55
C GLY D 510 0.36 22.75 9.81
N SER D 511 0.92 22.26 10.92
CA SER D 511 0.20 22.21 12.18
C SER D 511 0.00 23.61 12.76
N LEU D 512 -1.12 23.77 13.47
CA LEU D 512 -1.53 25.07 13.96
C LEU D 512 -2.51 24.89 15.12
N THR D 513 -2.30 25.66 16.18
CA THR D 513 -3.24 25.67 17.29
C THR D 513 -4.54 26.36 16.89
N ILE D 514 -5.62 26.00 17.58
CA ILE D 514 -6.96 26.48 17.27
C ILE D 514 -7.51 27.21 18.48
N ASN D 515 -7.94 28.46 18.27
CA ASN D 515 -8.56 29.24 19.32
C ASN D 515 -9.58 30.18 18.68
N GLU D 516 -9.96 31.23 19.41
CA GLU D 516 -11.13 32.04 19.04
C GLU D 516 -10.86 32.89 17.81
N GLU D 517 -9.89 33.80 17.88
CA GLU D 517 -9.73 34.79 16.82
C GLU D 517 -9.10 34.19 15.56
N ARG D 518 -8.34 33.10 15.70
CA ARG D 518 -7.86 32.40 14.51
C ARG D 518 -8.99 31.70 13.79
N SER D 519 -9.98 31.19 14.52
CA SER D 519 -11.19 30.71 13.87
C SER D 519 -12.06 31.84 13.34
N GLU D 520 -11.90 33.04 13.91
CA GLU D 520 -12.62 34.20 13.38
C GLU D 520 -12.05 34.64 12.03
N VAL D 521 -10.74 34.55 11.87
CA VAL D 521 -10.14 35.07 10.64
C VAL D 521 -10.12 34.04 9.51
N VAL D 522 -9.94 32.74 9.82
CA VAL D 522 -9.93 31.68 8.82
C VAL D 522 -10.70 30.49 9.38
N ASP D 523 -10.99 29.53 8.50
CA ASP D 523 -11.77 28.35 8.84
C ASP D 523 -10.86 27.13 8.95
N PHE D 524 -10.83 26.53 10.13
CA PHE D 524 -10.05 25.32 10.35
C PHE D 524 -10.77 24.11 9.77
N SER D 525 -10.03 23.01 9.66
CA SER D 525 -10.60 21.74 9.21
C SER D 525 -11.07 20.94 10.42
N VAL D 526 -11.39 19.66 10.20
CA VAL D 526 -11.75 18.74 11.27
C VAL D 526 -10.50 18.41 12.07
N PRO D 527 -10.61 18.10 13.37
CA PRO D 527 -9.42 17.70 14.13
C PRO D 527 -8.96 16.31 13.76
N PHE D 528 -7.66 16.20 13.46
CA PHE D 528 -7.07 14.94 13.03
C PHE D 528 -6.15 14.31 14.08
N VAL D 529 -5.84 15.03 15.15
CA VAL D 529 -4.93 14.52 16.18
C VAL D 529 -5.31 15.14 17.51
N GLU D 530 -5.18 14.35 18.59
CA GLU D 530 -5.56 14.78 19.93
C GLU D 530 -4.35 15.44 20.57
N THR D 531 -4.23 16.75 20.39
CA THR D 531 -3.10 17.53 20.89
C THR D 531 -3.61 18.66 21.76
N GLY D 532 -3.70 18.42 23.07
CA GLY D 532 -3.96 19.48 24.02
C GLY D 532 -2.67 20.16 24.44
N ILE D 533 -2.55 20.45 25.73
CA ILE D 533 -1.32 21.00 26.31
C ILE D 533 -0.94 20.16 27.52
N SER D 534 0.30 20.35 27.97
CA SER D 534 0.87 19.54 29.03
C SER D 534 2.10 20.24 29.60
N VAL D 535 2.56 19.72 30.74
CA VAL D 535 3.71 20.24 31.47
C VAL D 535 4.72 19.12 31.64
N MET D 536 5.95 19.37 31.19
CA MET D 536 7.07 18.45 31.34
C MET D 536 7.88 18.83 32.58
N VAL D 537 8.21 17.83 33.40
CA VAL D 537 9.17 17.97 34.49
C VAL D 537 10.19 16.85 34.37
N SER D 538 11.19 16.91 35.25
CA SER D 538 12.30 15.97 35.24
C SER D 538 12.02 14.80 36.18
N ARG D 539 13.05 14.01 36.48
CA ARG D 539 12.93 12.90 37.41
C ARG D 539 12.79 13.39 38.84
N SER D 540 12.50 12.43 39.73
CA SER D 540 12.41 12.62 41.19
C SER D 540 11.43 13.71 41.63
N PRO D 546 7.71 7.32 50.39
CA PRO D 546 6.80 7.00 51.49
C PRO D 546 6.98 7.90 52.70
N SER D 547 5.93 8.01 53.52
CA SER D 547 5.92 8.90 54.68
C SER D 547 6.23 8.18 55.98
N ALA D 548 5.59 7.04 56.23
CA ALA D 548 5.81 6.29 57.47
C ALA D 548 5.52 4.82 57.21
N PHE D 549 5.76 3.99 58.23
CA PHE D 549 5.51 2.55 58.09
C PHE D 549 4.89 1.93 59.33
N LEU D 550 4.33 2.71 60.24
CA LEU D 550 3.71 2.18 61.45
C LEU D 550 2.22 2.48 61.54
N GLU D 551 1.81 3.73 61.28
CA GLU D 551 0.40 4.09 61.44
C GLU D 551 -0.48 3.62 60.28
N PRO D 552 -0.13 3.80 58.96
CA PRO D 552 -1.02 3.24 57.94
C PRO D 552 -0.88 1.73 57.78
N PHE D 553 0.35 1.24 57.87
CA PHE D 553 0.63 -0.17 57.56
C PHE D 553 0.27 -1.08 58.73
N SER D 554 0.87 -0.83 59.90
CA SER D 554 0.58 -1.62 61.10
C SER D 554 -0.58 -0.97 61.88
N ALA D 555 -1.75 -0.96 61.24
CA ALA D 555 -2.92 -0.32 61.83
C ALA D 555 -3.63 -1.24 62.81
N SER D 556 -4.14 -2.38 62.32
CA SER D 556 -4.90 -3.30 63.15
C SER D 556 -4.15 -4.56 63.55
N VAL D 557 -3.05 -4.88 62.86
CA VAL D 557 -2.20 -5.97 63.30
C VAL D 557 -1.52 -5.61 64.62
N TRP D 558 -1.22 -4.31 64.79
CA TRP D 558 -0.63 -3.77 66.02
C TRP D 558 -1.47 -4.07 67.24
N VAL D 559 -2.79 -4.01 67.10
CA VAL D 559 -3.71 -4.26 68.20
C VAL D 559 -3.66 -5.73 68.62
N MET D 560 -3.74 -6.66 67.65
CA MET D 560 -3.70 -8.08 67.97
C MET D 560 -2.33 -8.51 68.47
N MET D 561 -1.26 -7.86 68.00
CA MET D 561 0.07 -8.16 68.54
C MET D 561 0.17 -7.73 70.00
N PHE D 562 -0.41 -6.58 70.36
CA PHE D 562 -0.42 -6.20 71.76
C PHE D 562 -1.34 -7.08 72.60
N VAL D 563 -2.45 -7.57 72.02
CA VAL D 563 -3.35 -8.47 72.75
C VAL D 563 -2.65 -9.78 73.07
N MET D 564 -2.01 -10.38 72.06
CA MET D 564 -1.28 -11.62 72.29
C MET D 564 -0.04 -11.39 73.16
N LEU D 565 0.55 -10.20 73.11
CA LEU D 565 1.68 -9.88 73.99
C LEU D 565 1.24 -9.82 75.45
N LEU D 566 0.11 -9.17 75.74
CA LEU D 566 -0.41 -9.18 77.11
C LEU D 566 -0.84 -10.57 77.56
N ILE D 567 -1.36 -11.40 76.64
CA ILE D 567 -1.74 -12.76 77.00
C ILE D 567 -0.51 -13.59 77.38
N VAL D 568 0.54 -13.55 76.54
CA VAL D 568 1.76 -14.31 76.81
C VAL D 568 2.49 -13.77 78.04
N SER D 569 2.39 -12.46 78.30
CA SER D 569 2.99 -11.91 79.51
C SER D 569 2.25 -12.37 80.76
N ALA D 570 0.92 -12.46 80.70
CA ALA D 570 0.15 -13.01 81.81
C ALA D 570 0.47 -14.49 82.02
N ILE D 571 0.69 -15.22 80.93
CA ILE D 571 1.12 -16.62 81.02
C ILE D 571 2.47 -16.74 81.72
N ALA D 572 3.42 -15.88 81.38
CA ALA D 572 4.74 -15.93 81.99
C ALA D 572 4.70 -15.53 83.47
N VAL D 573 3.85 -14.56 83.81
CA VAL D 573 3.67 -14.18 85.22
C VAL D 573 3.05 -15.33 86.00
N PHE D 574 2.09 -16.04 85.41
CA PHE D 574 1.48 -17.17 86.10
C PHE D 574 2.45 -18.34 86.26
N VAL D 575 3.33 -18.56 85.27
CA VAL D 575 4.33 -19.61 85.38
C VAL D 575 5.36 -19.26 86.45
N PHE D 576 5.78 -18.00 86.52
CA PHE D 576 6.76 -17.61 87.53
C PHE D 576 6.15 -17.60 88.93
N GLU D 577 4.86 -17.26 89.05
CA GLU D 577 4.22 -17.21 90.36
C GLU D 577 3.63 -18.55 90.79
N TYR D 578 3.61 -19.55 89.90
CA TYR D 578 3.15 -20.87 90.31
C TYR D 578 4.16 -21.56 91.21
N PHE D 579 5.36 -21.78 90.69
CA PHE D 579 6.41 -22.43 91.48
C PHE D 579 7.04 -21.44 92.45
N SER D 598 14.28 -14.91 88.16
CA SER D 598 14.06 -14.62 89.57
C SER D 598 13.50 -13.21 89.76
N PHE D 599 13.24 -12.52 88.66
CA PHE D 599 12.75 -11.15 88.71
C PHE D 599 11.71 -10.87 87.64
N THR D 600 11.03 -11.90 87.12
CA THR D 600 10.21 -11.78 85.92
C THR D 600 8.75 -11.55 86.27
N ILE D 601 8.50 -10.78 87.32
CA ILE D 601 7.13 -10.41 87.68
C ILE D 601 6.65 -9.25 86.83
N GLY D 602 7.33 -8.11 86.94
CA GLY D 602 7.00 -6.96 86.12
C GLY D 602 8.01 -6.75 85.02
N LYS D 603 9.13 -7.45 85.09
CA LYS D 603 10.20 -7.35 84.10
C LYS D 603 10.01 -8.29 82.93
N ALA D 604 8.84 -8.93 82.83
CA ALA D 604 8.56 -9.78 81.67
C ALA D 604 8.29 -8.99 80.41
N ILE D 605 8.04 -7.68 80.54
CA ILE D 605 7.72 -6.84 79.38
C ILE D 605 8.96 -6.64 78.52
N TRP D 606 10.09 -6.30 79.15
CA TRP D 606 11.35 -6.08 78.43
C TRP D 606 11.84 -7.38 77.80
N LEU D 607 11.76 -8.48 78.55
CA LEU D 607 12.13 -9.80 78.03
C LEU D 607 11.27 -10.20 76.84
N LEU D 608 9.95 -10.01 76.97
CA LEU D 608 9.02 -10.45 75.95
C LEU D 608 9.12 -9.60 74.69
N TRP D 609 9.30 -8.29 74.84
CA TRP D 609 9.38 -7.46 73.64
C TRP D 609 10.79 -7.43 73.07
N GLY D 610 11.79 -7.89 73.82
CA GLY D 610 13.07 -8.19 73.23
C GLY D 610 13.05 -9.49 72.45
N LEU D 611 12.24 -10.45 72.89
CA LEU D 611 12.06 -11.69 72.14
C LEU D 611 11.04 -11.56 71.02
N VAL D 612 10.28 -10.46 70.98
CA VAL D 612 9.51 -10.13 69.78
C VAL D 612 10.43 -9.97 68.58
N PHE D 613 11.51 -9.20 68.75
CA PHE D 613 12.46 -8.97 67.68
C PHE D 613 13.55 -10.03 67.63
N ASN D 614 13.84 -10.68 68.76
CA ASN D 614 15.05 -11.49 68.97
C ASN D 614 16.31 -10.68 68.64
N ASN D 615 16.52 -9.63 69.45
CA ASN D 615 17.67 -8.74 69.32
C ASN D 615 18.90 -9.27 70.05
N SER D 616 18.92 -10.56 70.40
CA SER D 616 19.88 -11.18 71.31
C SER D 616 19.95 -10.42 72.63
N VAL D 617 18.78 -10.22 73.22
CA VAL D 617 18.61 -9.44 74.44
C VAL D 617 19.04 -10.28 75.64
N PRO D 618 20.05 -9.86 76.40
CA PRO D 618 20.44 -10.61 77.59
C PRO D 618 19.44 -10.45 78.73
N VAL D 619 18.68 -11.51 79.02
CA VAL D 619 17.66 -11.43 80.06
C VAL D 619 17.92 -12.40 81.20
N GLN D 620 17.90 -13.70 80.93
CA GLN D 620 17.94 -14.75 81.94
C GLN D 620 18.07 -16.09 81.25
N ASN D 621 18.59 -17.06 81.98
CA ASN D 621 18.66 -18.45 81.53
C ASN D 621 17.31 -19.10 81.81
N PRO D 622 16.53 -19.44 80.77
CA PRO D 622 15.14 -19.87 80.98
C PRO D 622 15.00 -21.25 81.60
N LYS D 623 14.64 -21.27 82.88
CA LYS D 623 14.45 -22.51 83.62
C LYS D 623 13.02 -23.04 83.55
N GLY D 624 12.05 -22.17 83.30
CA GLY D 624 10.68 -22.61 83.19
C GLY D 624 10.44 -23.32 81.87
N THR D 625 9.94 -24.55 81.93
CA THR D 625 9.70 -25.34 80.72
C THR D 625 8.55 -24.76 79.91
N THR D 626 7.48 -24.33 80.59
CA THR D 626 6.39 -23.65 79.93
C THR D 626 6.86 -22.33 79.32
N SER D 627 7.76 -21.64 80.03
CA SER D 627 8.37 -20.42 79.49
C SER D 627 9.17 -20.71 78.22
N LYS D 628 9.94 -21.80 78.21
CA LYS D 628 10.72 -22.16 77.03
C LYS D 628 9.82 -22.56 75.86
N ILE D 629 8.70 -23.23 76.15
CA ILE D 629 7.76 -23.60 75.09
C ILE D 629 7.11 -22.37 74.49
N MET D 630 6.66 -21.44 75.34
CA MET D 630 6.03 -20.22 74.85
C MET D 630 7.02 -19.33 74.10
N VAL D 631 8.28 -19.29 74.56
CA VAL D 631 9.33 -18.54 73.86
C VAL D 631 9.64 -19.18 72.52
N SER D 632 9.63 -20.52 72.43
CA SER D 632 9.88 -21.20 71.17
C SER D 632 8.76 -20.95 70.16
N VAL D 633 7.51 -21.03 70.61
CA VAL D 633 6.37 -20.76 69.72
C VAL D 633 6.37 -19.30 69.27
N TRP D 634 6.63 -18.38 70.20
CA TRP D 634 6.66 -16.96 69.85
C TRP D 634 7.87 -16.62 68.99
N ALA D 635 8.97 -17.36 69.11
CA ALA D 635 10.13 -17.11 68.26
C ALA D 635 9.90 -17.60 66.85
N PHE D 636 9.22 -18.75 66.71
CA PHE D 636 8.81 -19.21 65.38
C PHE D 636 7.82 -18.25 64.74
N PHE D 637 6.90 -17.72 65.55
CA PHE D 637 5.97 -16.69 65.07
C PHE D 637 6.71 -15.42 64.67
N ALA D 638 7.77 -15.07 65.39
CA ALA D 638 8.53 -13.87 65.08
C ALA D 638 9.34 -14.05 63.79
N VAL D 639 9.86 -15.26 63.57
CA VAL D 639 10.59 -15.55 62.33
C VAL D 639 9.65 -15.50 61.13
N ILE D 640 8.46 -16.10 61.24
CA ILE D 640 7.55 -16.06 60.10
C ILE D 640 6.96 -14.67 59.91
N PHE D 641 6.83 -13.89 60.99
CA PHE D 641 6.36 -12.51 60.83
C PHE D 641 7.44 -11.63 60.21
N LEU D 642 8.71 -11.88 60.53
CA LEU D 642 9.80 -11.16 59.89
C LEU D 642 9.88 -11.50 58.41
N ALA D 643 9.65 -12.77 58.07
CA ALA D 643 9.60 -13.17 56.65
C ALA D 643 8.45 -12.49 55.92
N SER D 644 7.28 -12.43 56.57
CA SER D 644 6.13 -11.76 55.97
C SER D 644 6.36 -10.26 55.83
N TYR D 645 7.07 -9.65 56.77
CA TYR D 645 7.32 -8.21 56.69
C TYR D 645 8.38 -7.88 55.64
N THR D 646 9.37 -8.76 55.45
CA THR D 646 10.32 -8.58 54.35
C THR D 646 9.62 -8.75 53.00
N ALA D 647 8.69 -9.71 52.90
CA ALA D 647 7.88 -9.85 51.70
C ALA D 647 6.98 -8.64 51.49
N ASN D 648 6.50 -8.03 52.58
CA ASN D 648 5.69 -6.83 52.50
C ASN D 648 6.50 -5.65 51.98
N LEU D 649 7.74 -5.50 52.46
CA LEU D 649 8.60 -4.43 51.96
C LEU D 649 9.03 -4.66 50.52
N ALA D 650 9.20 -5.93 50.13
CA ALA D 650 9.51 -6.24 48.73
C ALA D 650 8.34 -5.88 47.82
N ALA D 651 7.12 -6.26 48.22
CA ALA D 651 5.94 -5.89 47.44
C ALA D 651 5.67 -4.39 47.48
N PHE D 652 6.12 -3.71 48.54
CA PHE D 652 6.00 -2.26 48.59
C PHE D 652 6.96 -1.60 47.62
N MET D 653 8.16 -2.15 47.45
CA MET D 653 9.07 -1.60 46.46
C MET D 653 8.62 -1.94 45.05
N ILE D 654 7.96 -3.10 44.86
CA ILE D 654 7.42 -3.45 43.55
C ILE D 654 6.28 -2.51 43.18
N GLN D 655 5.38 -2.24 44.13
CA GLN D 655 4.32 -1.24 43.92
C GLN D 655 4.97 0.14 44.06
N GLU D 656 5.61 0.58 42.99
CA GLU D 656 6.43 1.78 42.98
C GLU D 656 5.68 2.88 42.23
N GLU D 657 5.09 3.80 43.00
CA GLU D 657 4.47 4.98 42.43
C GLU D 657 5.49 6.11 42.32
N PHE D 658 5.17 7.09 41.51
CA PHE D 658 6.01 8.27 41.31
C PHE D 658 5.12 9.51 41.44
N VAL D 659 5.03 10.04 42.65
CA VAL D 659 4.22 11.22 42.89
C VAL D 659 4.95 12.46 42.36
N ASP D 660 4.17 13.49 42.03
CA ASP D 660 4.70 14.74 41.51
C ASP D 660 4.63 15.82 42.57
N GLN D 661 5.44 16.87 42.36
CA GLN D 661 5.39 18.01 43.27
C GLN D 661 4.15 18.87 43.02
N VAL D 662 3.75 19.03 41.76
CA VAL D 662 2.57 19.79 41.39
C VAL D 662 1.64 18.88 40.61
N THR D 663 0.41 18.70 41.11
CA THR D 663 -0.63 17.94 40.44
C THR D 663 -1.87 18.80 40.22
N GLY D 664 -1.67 20.06 39.84
CA GLY D 664 -2.80 20.96 39.66
C GLY D 664 -2.44 22.29 39.03
N LEU D 665 -3.26 22.74 38.08
CA LEU D 665 -3.07 24.06 37.47
C LEU D 665 -3.43 25.18 38.44
N SER D 666 -4.27 24.90 39.43
CA SER D 666 -4.66 25.88 40.45
C SER D 666 -3.84 25.71 41.72
N ASP D 667 -2.57 25.38 41.55
CA ASP D 667 -1.69 25.06 42.67
C ASP D 667 -1.41 26.29 43.51
N LYS D 668 -1.20 26.06 44.82
CA LYS D 668 -0.70 27.11 45.69
C LYS D 668 0.74 27.48 45.34
N LYS D 669 1.49 26.53 44.78
CA LYS D 669 2.79 26.86 44.19
C LYS D 669 2.62 27.73 42.96
N PHE D 670 1.50 27.60 42.26
CA PHE D 670 1.18 28.41 41.08
C PHE D 670 0.54 29.74 41.44
N GLN D 671 0.67 30.19 42.68
CA GLN D 671 0.22 31.50 43.11
C GLN D 671 1.32 32.37 43.68
N ARG D 672 2.29 31.78 44.37
CA ARG D 672 3.44 32.49 44.91
C ARG D 672 4.56 31.50 45.16
N PRO D 673 5.75 31.72 44.60
CA PRO D 673 6.88 30.81 44.85
C PRO D 673 7.53 30.97 46.23
N HIS D 674 7.00 31.82 47.09
CA HIS D 674 7.37 31.88 48.50
C HIS D 674 6.67 30.79 49.31
N ASP D 675 5.84 29.96 48.66
CA ASP D 675 5.20 28.82 49.31
C ASP D 675 6.25 27.82 49.80
N TYR D 676 7.35 27.67 49.08
CA TYR D 676 8.47 26.86 49.51
C TYR D 676 9.77 27.59 49.23
N SER D 677 10.80 27.26 50.00
CA SER D 677 12.06 28.00 50.02
C SER D 677 12.86 27.94 48.72
N PRO D 678 12.88 26.86 47.93
CA PRO D 678 13.35 27.00 46.55
C PRO D 678 12.23 27.42 45.62
N PRO D 679 12.38 28.53 44.91
CA PRO D 679 11.41 28.89 43.87
C PRO D 679 11.72 28.16 42.57
N PHE D 680 10.71 27.52 42.00
CA PHE D 680 10.88 26.79 40.75
C PHE D 680 10.63 27.74 39.58
N ARG D 681 10.60 27.21 38.37
CA ARG D 681 10.60 28.04 37.17
C ARG D 681 10.02 27.25 36.00
N PHE D 682 9.30 27.97 35.14
CA PHE D 682 8.67 27.38 33.96
C PHE D 682 8.32 28.50 32.99
N GLY D 683 8.55 28.24 31.70
CA GLY D 683 8.24 29.21 30.68
C GLY D 683 7.77 28.58 29.39
N THR D 684 7.58 29.39 28.35
CA THR D 684 7.21 28.92 27.02
C THR D 684 8.06 29.65 26.00
N VAL D 685 7.72 29.50 24.72
CA VAL D 685 8.34 30.26 23.65
C VAL D 685 7.67 31.63 23.60
N PRO D 686 8.38 32.70 23.23
CA PRO D 686 7.76 34.02 23.22
C PRO D 686 6.81 34.20 22.04
N GLN D 687 5.81 35.06 22.25
CA GLN D 687 4.81 35.44 21.25
C GLN D 687 4.02 34.25 20.71
N GLY D 688 3.79 33.25 21.55
CA GLY D 688 3.10 32.04 21.16
C GLY D 688 1.63 32.06 21.55
N SER D 689 0.91 31.09 20.98
CA SER D 689 -0.52 30.97 21.28
C SER D 689 -0.77 30.44 22.69
N THR D 690 0.18 29.68 23.23
CA THR D 690 0.08 29.23 24.61
C THR D 690 0.16 30.39 25.60
N GLU D 691 0.98 31.40 25.27
CA GLU D 691 1.03 32.62 26.06
C GLU D 691 -0.30 33.35 26.04
N ARG D 692 -0.95 33.40 24.87
CA ARG D 692 -2.27 34.00 24.76
C ARG D 692 -3.31 33.20 25.54
N ASN D 693 -3.17 31.88 25.57
CA ASN D 693 -4.11 31.04 26.32
C ASN D 693 -3.92 31.23 27.82
N ILE D 694 -2.69 31.44 28.28
CA ILE D 694 -2.45 31.73 29.68
C ILE D 694 -2.96 33.11 30.04
N ARG D 695 -2.74 34.10 29.16
CA ARG D 695 -3.25 35.45 29.40
C ARG D 695 -4.77 35.52 29.31
N ASN D 696 -5.39 34.60 28.57
CA ASN D 696 -6.83 34.46 28.59
C ASN D 696 -7.32 33.67 29.80
N ASN D 697 -6.42 33.09 30.58
CA ASN D 697 -6.76 32.37 31.80
C ASN D 697 -6.34 33.14 33.05
N TYR D 698 -5.06 33.50 33.15
CA TYR D 698 -4.58 34.22 34.33
C TYR D 698 -3.53 35.25 33.92
N PRO D 699 -3.83 36.54 34.08
CA PRO D 699 -2.79 37.56 33.83
C PRO D 699 -1.68 37.53 34.87
N TYR D 700 -1.98 37.12 36.11
CA TYR D 700 -0.94 37.02 37.13
C TYR D 700 0.02 35.88 36.82
N MET D 701 -0.46 34.81 36.18
CA MET D 701 0.43 33.75 35.72
C MET D 701 1.36 34.27 34.63
N HIS D 702 0.86 35.16 33.77
CA HIS D 702 1.72 35.83 32.80
C HIS D 702 2.71 36.76 33.48
N GLN D 703 2.31 37.38 34.59
CA GLN D 703 3.23 38.23 35.35
C GLN D 703 4.37 37.42 35.96
N TYR D 704 4.07 36.22 36.47
CA TYR D 704 5.13 35.37 36.99
C TYR D 704 5.97 34.77 35.86
N MET D 705 5.36 34.50 34.71
CA MET D 705 6.08 33.96 33.57
C MET D 705 6.96 35.02 32.89
N THR D 706 6.66 36.30 33.12
CA THR D 706 7.46 37.40 32.57
C THR D 706 8.90 37.34 33.09
N ARG D 707 9.09 36.96 34.35
CA ARG D 707 10.42 36.73 34.87
C ARG D 707 11.04 35.42 34.39
N PHE D 708 10.24 34.54 33.75
CA PHE D 708 10.67 33.21 33.34
C PHE D 708 10.63 33.07 31.83
N ASN D 709 11.13 34.07 31.11
CA ASN D 709 11.05 34.10 29.66
C ASN D 709 12.27 33.43 29.04
N GLN D 710 12.03 32.63 28.01
CA GLN D 710 13.09 31.96 27.28
C GLN D 710 12.64 31.78 25.84
N ARG D 711 13.61 31.56 24.94
CA ARG D 711 13.33 31.65 23.51
C ARG D 711 13.01 30.31 22.86
N GLY D 712 13.97 29.37 22.88
CA GLY D 712 13.90 28.21 22.02
C GLY D 712 13.27 26.98 22.67
N VAL D 713 12.73 26.11 21.81
CA VAL D 713 12.19 24.83 22.27
C VAL D 713 13.32 23.92 22.73
N GLU D 714 14.29 23.68 21.83
CA GLU D 714 15.44 22.88 22.20
C GLU D 714 16.37 23.60 23.15
N ASP D 715 16.32 24.94 23.18
CA ASP D 715 17.02 25.69 24.23
C ASP D 715 16.43 25.38 25.59
N ALA D 716 15.09 25.30 25.66
CA ALA D 716 14.43 24.87 26.90
C ALA D 716 14.73 23.41 27.21
N LEU D 717 14.91 22.59 26.17
CA LEU D 717 15.31 21.19 26.37
C LEU D 717 16.70 21.08 26.99
N VAL D 718 17.64 21.89 26.50
CA VAL D 718 18.99 21.94 27.07
C VAL D 718 18.94 22.48 28.49
N SER D 719 18.07 23.44 28.76
CA SER D 719 17.91 23.96 30.11
C SER D 719 17.29 22.93 31.05
N LEU D 720 16.43 22.06 30.54
CA LEU D 720 15.89 20.99 31.37
C LEU D 720 16.92 19.90 31.62
N LYS D 721 17.77 19.62 30.62
CA LYS D 721 18.78 18.57 30.80
C LYS D 721 19.89 19.03 31.75
N THR D 722 20.38 20.26 31.58
CA THR D 722 21.44 20.76 32.44
C THR D 722 20.94 21.22 33.81
N GLY D 723 19.63 21.31 34.01
CA GLY D 723 19.08 21.74 35.27
C GLY D 723 18.86 23.23 35.39
N LYS D 724 18.91 23.98 34.28
CA LYS D 724 18.64 25.40 34.28
C LYS D 724 17.17 25.72 34.11
N LEU D 725 16.29 24.73 34.25
CA LEU D 725 14.85 24.92 34.14
C LEU D 725 14.16 23.80 34.91
N ASP D 726 13.14 24.18 35.70
CA ASP D 726 12.42 23.19 36.50
C ASP D 726 11.32 22.51 35.71
N ALA D 727 10.34 23.27 35.23
CA ALA D 727 9.20 22.73 34.50
C ALA D 727 9.08 23.44 33.16
N PHE D 728 8.21 22.91 32.30
CA PHE D 728 8.00 23.52 30.99
C PHE D 728 6.59 23.24 30.52
N ILE D 729 6.00 24.18 29.79
CA ILE D 729 4.64 24.08 29.30
C ILE D 729 4.66 24.07 27.78
N TYR D 730 4.08 23.04 27.17
CA TYR D 730 3.96 22.99 25.72
C TYR D 730 2.71 22.18 25.40
N ASP D 731 2.59 21.69 24.17
CA ASP D 731 1.46 20.86 23.78
C ASP D 731 1.65 19.43 24.30
N ALA D 732 0.58 18.64 24.15
CA ALA D 732 0.56 17.32 24.78
C ALA D 732 1.36 16.29 23.99
N ALA D 733 0.96 16.04 22.74
CA ALA D 733 1.54 14.94 21.99
C ALA D 733 2.96 15.22 21.54
N VAL D 734 3.32 16.50 21.37
CA VAL D 734 4.69 16.83 20.98
C VAL D 734 5.64 16.56 22.14
N LEU D 735 5.22 16.89 23.36
CA LEU D 735 6.01 16.52 24.53
C LEU D 735 5.98 15.03 24.79
N ASN D 736 4.90 14.35 24.41
CA ASN D 736 4.89 12.89 24.48
C ASN D 736 5.91 12.28 23.53
N TYR D 737 6.05 12.87 22.34
CA TYR D 737 7.08 12.46 21.40
C TYR D 737 8.47 12.76 21.94
N LYS D 738 8.64 13.92 22.58
CA LYS D 738 9.94 14.26 23.16
C LYS D 738 10.30 13.37 24.33
N ALA D 739 9.31 12.93 25.10
CA ALA D 739 9.55 11.99 26.19
C ALA D 739 9.81 10.58 25.68
N GLY D 740 9.24 10.22 24.52
CA GLY D 740 9.56 8.94 23.92
C GLY D 740 10.99 8.87 23.42
N ARG D 741 11.52 9.98 22.93
CA ARG D 741 12.90 10.06 22.47
C ARG D 741 13.82 10.62 23.54
N ASP D 742 13.37 10.70 24.78
CA ASP D 742 14.16 11.24 25.86
C ASP D 742 15.32 10.31 26.21
N GLU D 743 16.50 10.90 26.39
CA GLU D 743 17.72 10.13 26.67
C GLU D 743 17.68 9.63 28.10
N GLY D 744 17.28 8.37 28.28
CA GLY D 744 17.23 7.76 29.59
C GLY D 744 15.93 7.95 30.34
N CYS D 745 14.87 8.40 29.66
CA CYS D 745 13.55 8.67 30.25
C CYS D 745 13.64 9.67 31.40
N LYS D 746 14.49 10.69 31.23
CA LYS D 746 14.74 11.66 32.29
C LYS D 746 13.60 12.67 32.45
N LEU D 747 12.77 12.84 31.43
CA LEU D 747 11.72 13.86 31.42
C LEU D 747 10.37 13.18 31.30
N VAL D 748 9.57 13.26 32.36
CA VAL D 748 8.25 12.65 32.42
C VAL D 748 7.24 13.77 32.66
N THR D 749 6.15 13.76 31.88
CA THR D 749 5.11 14.77 32.03
C THR D 749 4.33 14.55 33.33
N ILE D 750 3.56 15.57 33.69
CA ILE D 750 2.64 15.49 34.83
C ILE D 750 1.30 15.00 34.28
N GLY D 751 1.04 13.71 34.46
CA GLY D 751 -0.18 13.15 33.94
C GLY D 751 -0.13 12.99 32.42
N SER D 752 -1.31 12.85 31.84
CA SER D 752 -1.49 12.68 30.41
C SER D 752 -2.58 13.61 29.89
N GLY D 753 -2.52 14.86 30.30
CA GLY D 753 -3.52 15.84 29.87
C GLY D 753 -4.80 15.76 30.66
N TYR D 754 -4.72 16.00 31.97
CA TYR D 754 -5.88 15.93 32.86
C TYR D 754 -6.47 17.30 33.16
N ILE D 755 -5.65 18.27 33.51
CA ILE D 755 -6.12 19.56 34.03
C ILE D 755 -5.77 20.61 32.98
N PHE D 756 -5.89 20.24 31.71
CA PHE D 756 -5.40 21.06 30.61
C PHE D 756 -6.55 21.43 29.68
N ALA D 757 -6.19 22.08 28.55
CA ALA D 757 -7.19 22.69 27.68
C ALA D 757 -7.90 21.67 26.81
N THR D 758 -7.17 20.62 26.38
CA THR D 758 -7.66 19.51 25.55
C THR D 758 -8.24 20.06 24.23
N THR D 759 -7.33 20.59 23.42
CA THR D 759 -7.63 21.15 22.12
C THR D 759 -7.11 20.21 21.03
N GLY D 760 -7.17 20.66 19.78
CA GLY D 760 -6.71 19.86 18.67
C GLY D 760 -6.05 20.64 17.55
N TYR D 761 -5.71 19.94 16.46
CA TYR D 761 -5.07 20.53 15.30
C TYR D 761 -5.94 20.35 14.07
N GLY D 762 -6.01 21.38 13.24
CA GLY D 762 -6.75 21.31 11.99
C GLY D 762 -6.00 21.92 10.83
N ILE D 763 -6.67 22.09 9.70
CA ILE D 763 -6.09 22.74 8.53
C ILE D 763 -6.88 24.02 8.30
N ALA D 764 -6.22 25.15 8.48
CA ALA D 764 -6.89 26.46 8.40
C ALA D 764 -7.04 26.85 6.94
N LEU D 765 -8.24 26.73 6.41
CA LEU D 765 -8.57 27.21 5.07
C LEU D 765 -9.22 28.59 5.17
N GLN D 766 -9.29 29.27 4.03
CA GLN D 766 -9.89 30.59 3.99
C GLN D 766 -11.40 30.49 4.16
N LYS D 767 -11.99 31.57 4.68
CA LYS D 767 -13.42 31.61 4.94
C LYS D 767 -14.20 31.71 3.64
N GLY D 768 -14.61 30.57 3.10
CA GLY D 768 -15.28 30.54 1.82
C GLY D 768 -14.54 29.68 0.81
N SER D 769 -13.60 28.88 1.29
CA SER D 769 -12.83 28.01 0.40
C SER D 769 -13.68 26.81 0.00
N PRO D 770 -13.78 26.51 -1.30
CA PRO D 770 -14.62 25.37 -1.72
C PRO D 770 -14.01 24.02 -1.42
N TRP D 771 -12.72 23.96 -1.10
CA TRP D 771 -12.04 22.69 -0.83
C TRP D 771 -12.28 22.16 0.58
N LYS D 772 -13.02 22.89 1.41
CA LYS D 772 -13.11 22.55 2.83
C LYS D 772 -13.84 21.23 3.05
N ARG D 773 -14.94 21.02 2.33
CA ARG D 773 -15.73 19.80 2.50
C ARG D 773 -14.96 18.57 2.05
N GLN D 774 -14.25 18.67 0.92
CA GLN D 774 -13.49 17.54 0.40
C GLN D 774 -12.32 17.19 1.29
N ILE D 775 -11.64 18.22 1.83
CA ILE D 775 -10.52 17.99 2.73
C ILE D 775 -11.00 17.39 4.05
N ASP D 776 -12.16 17.84 4.54
CA ASP D 776 -12.73 17.27 5.76
C ASP D 776 -13.12 15.81 5.57
N LEU D 777 -13.76 15.48 4.44
CA LEU D 777 -14.10 14.09 4.17
C LEU D 777 -12.86 13.24 3.94
N ALA D 778 -11.81 13.82 3.35
CA ALA D 778 -10.56 13.08 3.16
C ALA D 778 -9.87 12.79 4.48
N LEU D 779 -9.90 13.75 5.40
CA LEU D 779 -9.32 13.50 6.72
C LEU D 779 -10.13 12.48 7.51
N LEU D 780 -11.46 12.53 7.39
CA LEU D 780 -12.29 11.52 8.04
C LEU D 780 -12.10 10.14 7.42
N GLN D 781 -11.74 10.08 6.13
CA GLN D 781 -11.35 8.80 5.54
C GLN D 781 -9.99 8.36 6.06
N PHE D 782 -9.06 9.31 6.23
CA PHE D 782 -7.70 8.97 6.65
C PHE D 782 -7.64 8.51 8.11
N VAL D 783 -8.57 8.97 8.95
CA VAL D 783 -8.53 8.56 10.35
C VAL D 783 -9.16 7.18 10.51
N GLY D 784 -10.38 6.99 10.00
CA GLY D 784 -11.14 5.79 10.31
C GLY D 784 -10.83 4.56 9.49
N ASP D 785 -9.56 4.32 9.19
CA ASP D 785 -9.19 3.09 8.48
C ASP D 785 -7.86 2.49 8.95
N GLY D 786 -7.25 3.03 10.00
CA GLY D 786 -5.95 2.57 10.44
C GLY D 786 -4.78 3.21 9.74
N GLU D 787 -5.04 4.07 8.75
CA GLU D 787 -3.97 4.78 8.06
C GLU D 787 -3.34 5.84 8.96
N MET D 788 -4.18 6.61 9.65
CA MET D 788 -3.70 7.56 10.65
C MET D 788 -3.04 6.84 11.82
N GLU D 789 -3.55 5.66 12.18
CA GLU D 789 -2.92 4.86 13.23
C GLU D 789 -1.57 4.33 12.78
N GLU D 790 -1.45 3.98 11.50
CA GLU D 790 -0.15 3.56 10.96
C GLU D 790 0.85 4.71 10.97
N LEU D 791 0.38 5.92 10.63
CA LEU D 791 1.26 7.08 10.69
C LEU D 791 1.64 7.45 12.11
N GLU D 792 0.73 7.25 13.07
CA GLU D 792 1.06 7.48 14.47
C GLU D 792 2.04 6.43 14.99
N THR D 793 1.92 5.20 14.51
CA THR D 793 2.89 4.16 14.88
C THR D 793 4.25 4.47 14.29
N LEU D 794 4.27 5.02 13.07
CA LEU D 794 5.53 5.32 12.40
C LEU D 794 6.20 6.56 12.98
N TRP D 795 5.42 7.54 13.42
CA TRP D 795 5.97 8.86 13.73
C TRP D 795 5.85 9.25 15.20
N LEU D 796 5.58 8.31 16.10
CA LEU D 796 5.59 8.59 17.52
C LEU D 796 6.41 7.53 18.23
N THR D 797 7.47 7.98 18.91
CA THR D 797 8.26 7.09 19.76
C THR D 797 7.64 6.99 21.16
N GLY D 798 7.57 5.77 21.68
CA GLY D 798 6.89 5.52 22.93
C GLY D 798 7.59 4.52 23.83
N ILE D 799 8.93 4.50 23.77
CA ILE D 799 9.70 3.53 24.53
C ILE D 799 9.62 3.82 26.03
N CYS D 800 9.66 5.11 26.41
CA CYS D 800 9.49 5.46 27.81
C CYS D 800 8.03 5.28 28.24
N HIS D 801 7.72 4.10 28.78
CA HIS D 801 6.37 3.82 29.27
C HIS D 801 6.22 4.34 30.70
N ASN D 802 5.14 3.94 31.35
CA ASN D 802 4.86 4.32 32.72
C ASN D 802 5.15 3.15 33.66
N GLU D 803 5.27 3.49 34.96
CA GLU D 803 5.49 2.54 36.07
C GLU D 803 6.78 1.73 35.87
N LYS D 804 7.89 2.44 35.86
CA LYS D 804 9.20 1.80 35.74
C LYS D 804 10.05 2.07 36.98
N SER D 810 17.81 5.29 44.55
CA SER D 810 17.46 6.25 45.59
C SER D 810 18.24 5.98 46.87
N GLN D 811 17.94 4.83 47.50
CA GLN D 811 18.64 4.19 48.61
C GLN D 811 18.51 4.95 49.93
N LEU D 812 17.89 6.13 49.91
CA LEU D 812 17.73 6.94 51.12
C LEU D 812 16.33 7.54 51.14
N ASP D 813 15.45 6.96 51.94
CA ASP D 813 14.20 7.63 52.28
C ASP D 813 14.49 8.69 53.34
N ILE D 814 13.55 9.62 53.49
CA ILE D 814 13.72 10.77 54.35
C ILE D 814 12.61 10.86 55.40
N ASP D 815 11.36 10.68 54.98
CA ASP D 815 10.22 10.95 55.86
C ASP D 815 10.04 9.86 56.92
N ASN D 816 10.41 8.61 56.59
CA ASN D 816 10.09 7.50 57.48
C ASN D 816 10.94 7.52 58.75
N MET D 817 12.27 7.61 58.62
CA MET D 817 13.10 7.65 59.81
C MET D 817 12.99 8.98 60.54
N ALA D 818 12.55 10.04 59.84
CA ALA D 818 12.27 11.29 60.53
C ALA D 818 11.03 11.18 61.41
N GLY D 819 9.99 10.49 60.92
CA GLY D 819 8.82 10.24 61.76
C GLY D 819 9.14 9.31 62.92
N VAL D 820 10.02 8.34 62.70
CA VAL D 820 10.50 7.52 63.81
C VAL D 820 11.35 8.34 64.77
N PHE D 821 12.04 9.38 64.27
CA PHE D 821 12.74 10.31 65.16
C PHE D 821 11.78 11.15 65.99
N TYR D 822 10.63 11.52 65.42
CA TYR D 822 9.62 12.24 66.21
C TYR D 822 9.03 11.33 67.29
N MET D 823 8.78 10.06 66.95
CA MET D 823 8.34 9.10 67.96
C MET D 823 9.43 8.83 68.99
N LEU D 824 10.70 8.94 68.58
CA LEU D 824 11.81 8.80 69.53
C LEU D 824 11.87 10.00 70.47
N ALA D 825 11.58 11.20 69.97
CA ALA D 825 11.52 12.38 70.83
C ALA D 825 10.37 12.27 71.82
N ALA D 826 9.25 11.68 71.38
CA ALA D 826 8.15 11.36 72.30
C ALA D 826 8.59 10.32 73.33
N ALA D 827 9.46 9.39 72.94
CA ALA D 827 10.00 8.42 73.90
C ALA D 827 10.94 9.08 74.90
N MET D 828 11.72 10.09 74.45
CA MET D 828 12.48 10.93 75.38
C MET D 828 11.57 11.62 76.38
N ALA D 829 10.44 12.15 75.91
CA ALA D 829 9.49 12.82 76.80
C ALA D 829 8.88 11.84 77.80
N LEU D 830 8.54 10.63 77.35
CA LEU D 830 8.02 9.61 78.25
C LEU D 830 9.08 9.12 79.24
N SER D 831 10.34 9.06 78.81
CA SER D 831 11.42 8.69 79.72
C SER D 831 11.64 9.77 80.77
N LEU D 832 11.47 11.03 80.39
CA LEU D 832 11.56 12.13 81.35
C LEU D 832 10.42 12.08 82.36
N ILE D 833 9.21 11.73 81.88
CA ILE D 833 8.06 11.59 82.78
C ILE D 833 8.27 10.45 83.76
N THR D 834 8.77 9.30 83.28
CA THR D 834 9.05 8.19 84.18
C THR D 834 10.25 8.44 85.07
N PHE D 835 11.15 9.35 84.68
CA PHE D 835 12.31 9.66 85.51
C PHE D 835 11.96 10.62 86.63
N ILE D 836 11.10 11.62 86.36
CA ILE D 836 10.72 12.54 87.42
C ILE D 836 9.74 11.90 88.40
N TRP D 837 9.06 10.83 87.99
CA TRP D 837 8.19 10.08 88.88
C TRP D 837 8.07 8.63 88.44
C1 NAG E . -44.72 38.01 -32.07
C2 NAG E . -45.17 37.15 -33.27
C3 NAG E . -46.23 37.83 -34.11
C4 NAG E . -45.70 39.19 -34.55
C5 NAG E . -45.34 40.02 -33.31
C6 NAG E . -46.26 41.24 -33.21
C7 NAG E . -42.98 36.12 -33.86
C8 NAG E . -41.66 36.80 -33.68
N2 NAG E . -44.02 36.93 -34.13
O3 NAG E . -47.41 38.03 -33.32
O4 NAG E . -44.52 38.97 -35.33
O5 NAG E . -45.44 39.26 -32.10
O6 NAG E . -47.59 40.81 -32.90
O7 NAG E . -43.09 34.91 -33.76
C1 NAG E . -44.27 40.09 -36.22
C2 NAG E . -43.09 39.71 -37.14
C3 NAG E . -42.88 40.79 -38.20
C4 NAG E . -44.17 41.11 -38.94
C5 NAG E . -45.27 41.46 -37.93
C6 NAG E . -46.59 41.71 -38.65
C7 NAG E . -40.99 38.54 -36.72
C8 NAG E . -39.55 38.86 -36.48
N2 NAG E . -41.87 39.50 -36.39
O3 NAG E . -41.89 40.35 -39.14
O4 NAG E . -43.96 42.21 -39.82
O5 NAG E . -45.42 40.39 -36.99
O6 NAG E . -47.58 42.14 -37.70
O7 NAG E . -41.36 37.47 -37.19
C1 NAG F . -25.28 38.55 -19.76
C2 NAG F . -25.04 39.60 -20.84
C3 NAG F . -23.56 39.94 -21.02
C4 NAG F . -22.61 39.74 -19.83
C5 NAG F . -23.21 39.10 -18.57
C6 NAG F . -22.88 39.92 -17.32
C7 NAG F . -25.46 39.78 -23.25
C8 NAG F . -24.96 38.95 -24.40
N2 NAG F . -25.62 39.14 -22.09
O3 NAG F . -23.45 41.32 -21.42
O4 NAG F . -21.51 38.95 -20.30
O5 NAG F . -24.62 39.00 -18.57
O6 NAG F . -23.44 39.30 -16.17
O7 NAG F . -25.72 40.97 -23.38
C1 NAG F . -20.22 39.36 -19.75
C2 NAG F . -19.16 39.28 -20.86
C3 NAG F . -17.80 39.77 -20.34
C4 NAG F . -17.92 41.14 -19.66
C5 NAG F . -19.02 41.13 -18.63
C6 NAG F . -19.21 42.51 -18.01
C7 NAG F . -18.81 37.67 -22.63
C8 NAG F . -17.98 36.44 -22.91
N2 NAG F . -19.05 37.93 -21.36
O3 NAG F . -16.87 39.84 -21.42
O4 NAG F . -16.68 41.46 -19.03
O5 NAG F . -20.25 40.69 -19.22
O6 NAG F . -17.96 42.98 -17.50
O7 NAG F . -19.22 38.39 -23.53
C1 NAG G . 8.80 -24.11 -46.53
C2 NAG G . 8.66 -25.12 -45.39
C3 NAG G . 8.14 -24.43 -44.12
C4 NAG G . 6.82 -23.69 -44.32
C5 NAG G . 6.67 -23.06 -45.71
C6 NAG G . 6.12 -21.65 -45.61
C7 NAG G . 7.37 -27.16 -44.98
C8 NAG G . 8.36 -28.21 -44.56
N2 NAG G . 7.82 -26.23 -45.81
O3 NAG G . 9.14 -23.50 -43.68
O4 NAG G . 5.74 -24.60 -44.12
O5 NAG G . 7.91 -22.98 -46.40
O6 NAG G . 4.91 -21.64 -44.84
O7 NAG G . 6.22 -27.17 -44.57
C1 NAG G . 5.14 -24.36 -42.83
C2 NAG G . 3.62 -24.17 -43.07
C3 NAG G . 2.86 -25.49 -43.21
C4 NAG G . 3.52 -26.73 -42.57
C5 NAG G . 4.48 -26.35 -41.45
C6 NAG G . 5.16 -27.60 -40.88
C7 NAG G . 2.98 -22.03 -42.11
C8 NAG G . 2.26 -21.33 -41.00
N2 NAG G . 3.04 -23.36 -42.02
O3 NAG G . 2.66 -25.75 -44.62
O4 NAG G . 2.49 -27.59 -42.06
O5 NAG G . 5.48 -25.43 -41.93
O6 NAG G . 4.17 -28.59 -40.59
O7 NAG G . 3.48 -21.41 -43.03
C1 NAG H . 23.18 -36.18 -12.66
C2 NAG H . 23.62 -36.64 -14.06
C3 NAG H . 22.61 -37.67 -14.58
C4 NAG H . 22.21 -38.76 -13.58
C5 NAG H . 22.25 -38.32 -12.11
C6 NAG H . 22.55 -39.48 -11.17
C7 NAG H . 24.88 -34.87 -15.13
C8 NAG H . 25.69 -35.29 -16.32
N2 NAG H . 23.72 -35.52 -14.95
O3 NAG H . 23.15 -38.29 -15.74
O4 NAG H . 20.84 -39.11 -13.90
O5 NAG H . 23.26 -37.35 -11.85
O6 NAG H . 23.85 -40.02 -11.47
O7 NAG H . 25.25 -34.00 -14.36
C1 NAG H . 20.61 -40.54 -14.06
C2 NAG H . 20.01 -40.80 -15.44
C3 NAG H . 19.80 -42.30 -15.64
C4 NAG H . 21.08 -43.09 -15.39
C5 NAG H . 21.66 -42.72 -14.03
C6 NAG H . 23.00 -43.40 -13.79
C7 NAG H . 18.66 -38.91 -16.17
C8 NAG H . 18.05 -37.83 -15.32
N2 NAG H . 18.74 -40.11 -15.58
O3 NAG H . 19.34 -42.54 -16.97
O4 NAG H . 20.80 -44.49 -15.43
O5 NAG H . 21.82 -41.30 -13.91
O6 NAG H . 23.99 -42.80 -14.64
O7 NAG H . 19.05 -38.70 -17.30
C1 NAG I . -45.40 17.28 -53.68
C2 NAG I . -45.67 16.47 -54.96
C3 NAG I . -47.17 16.25 -55.18
C4 NAG I . -47.85 15.71 -53.93
C5 NAG I . -47.55 16.63 -52.76
C6 NAG I . -48.18 16.11 -51.48
C7 NAG I . -43.86 16.94 -56.54
C8 NAG I . -43.04 18.16 -56.81
N2 NAG I . -45.11 17.16 -56.11
O3 NAG I . -47.36 15.34 -56.26
O4 NAG I . -49.26 15.66 -54.14
O5 NAG I . -46.14 16.75 -52.57
O6 NAG I . -47.53 14.90 -51.08
O7 NAG I . -43.42 15.81 -56.68
C1 NAG J . -57.47 19.25 5.94
C2 NAG J . -58.94 19.70 6.10
C3 NAG J . -59.14 20.34 7.46
C4 NAG J . -58.70 19.37 8.57
C5 NAG J . -57.28 18.89 8.32
C6 NAG J . -56.88 17.83 9.34
C7 NAG J . -60.02 20.16 3.98
C8 NAG J . -59.71 20.85 2.69
N2 NAG J . -59.34 20.60 5.04
O3 NAG J . -60.51 20.68 7.64
O4 NAG J . -58.76 20.04 9.83
O5 NAG J . -57.13 18.34 7.00
O6 NAG J . -57.67 16.66 9.15
O7 NAG J . -60.83 19.25 4.06
C1 NAG K . -53.69 35.94 8.71
C2 NAG K . -54.84 36.52 9.52
C3 NAG K . -54.44 37.76 10.35
C4 NAG K . -53.16 38.48 9.90
C5 NAG K . -52.04 37.51 9.53
C6 NAG K . -50.91 37.59 10.54
C7 NAG K . -56.07 36.91 7.38
C8 NAG K . -55.92 38.30 6.82
N2 NAG K . -56.02 36.82 8.71
O3 NAG K . -54.26 37.35 11.71
O4 NAG K . -53.45 39.34 8.80
O5 NAG K . -52.47 36.14 9.44
O6 NAG K . -50.60 38.97 10.80
O7 NAG K . -56.24 35.94 6.66
C1 NAG L . -19.88 6.49 -44.87
C2 NAG L . -18.80 7.52 -44.52
C3 NAG L . -17.43 6.84 -44.51
C4 NAG L . -17.43 5.66 -43.53
C5 NAG L . -18.57 4.70 -43.87
C6 NAG L . -18.65 3.58 -42.84
C7 NAG L . -19.43 9.77 -45.19
C8 NAG L . -18.57 10.99 -45.15
N2 NAG L . -18.81 8.63 -45.46
O3 NAG L . -16.44 7.79 -44.10
O4 NAG L . -16.18 4.97 -43.62
O5 NAG L . -19.83 5.39 -43.94
O6 NAG L . -18.99 4.13 -41.57
O7 NAG L . -20.63 9.81 -44.97
C1 NAG M . -31.42 38.92 -26.24
C2 NAG M . -31.26 38.92 -27.76
C3 NAG M . -30.17 39.90 -28.22
C4 NAG M . -30.35 41.28 -27.60
C5 NAG M . -30.43 41.15 -26.09
C6 NAG M . -30.69 42.52 -25.45
C7 NAG M . -31.04 37.16 -29.46
C8 NAG M . -32.32 37.48 -30.19
N2 NAG M . -30.98 37.56 -28.20
O3 NAG M . -30.20 40.09 -29.65
O4 NAG M . -29.25 42.12 -27.96
O5 NAG M . -31.48 40.26 -25.72
O6 NAG M . -31.94 43.03 -25.92
O7 NAG M . -30.13 36.57 -30.00
C1 NAG N . -44.52 0.52 30.52
C2 NAG N . -45.49 1.25 31.46
C3 NAG N . -46.08 0.30 32.49
C4 NAG N . -46.68 -0.94 31.82
C5 NAG N . -45.62 -1.62 30.96
C6 NAG N . -46.20 -2.82 30.25
C7 NAG N . -45.05 3.60 31.93
C8 NAG N . -46.21 4.18 32.68
N2 NAG N . -44.79 2.32 32.16
O3 NAG N . -47.11 0.97 33.23
O4 NAG N . -47.13 -1.86 32.83
O5 NAG N . -45.11 -0.69 30.00
O6 NAG N . -47.17 -2.38 29.28
O7 NAG N . -44.38 4.27 31.17
C1 NAG O . -28.89 37.88 23.97
C2 NAG O . -29.44 38.40 25.31
C3 NAG O . -28.33 39.04 26.18
C4 NAG O . -27.22 39.73 25.36
C5 NAG O . -26.71 38.82 24.24
C6 NAG O . -25.25 38.45 24.47
C7 NAG O . -31.79 38.88 25.10
C8 NAG O . -32.54 39.03 23.82
N2 NAG O . -30.53 39.32 25.09
O3 NAG O . -27.75 38.03 27.00
O4 NAG O . -27.72 40.95 24.81
O5 NAG O . -27.49 37.62 24.11
O6 NAG O . -24.49 39.65 24.69
O7 NAG O . -32.29 38.38 26.09
C1 NAG P . -23.30 35.00 15.43
C2 NAG P . -22.38 35.02 14.20
C3 NAG P . -22.58 36.26 13.31
C4 NAG P . -24.05 36.61 13.10
C5 NAG P . -24.72 36.75 14.46
C6 NAG P . -26.18 37.15 14.32
C7 NAG P . -20.24 35.99 15.00
C8 NAG P . -18.95 36.17 14.24
N2 NAG P . -20.99 34.93 14.62
O3 NAG P . -21.96 36.04 12.05
O4 NAG P . -24.16 37.83 12.37
O5 NAG P . -24.63 35.50 15.17
O6 NAG P . -26.92 36.07 13.75
O7 NAG P . -20.55 36.75 15.90
C1 NAG Q . -38.97 -5.92 5.84
C2 NAG Q . -37.55 -6.41 6.14
C3 NAG Q . -37.42 -7.92 5.97
C4 NAG Q . -38.48 -8.63 6.81
C5 NAG Q . -39.85 -8.15 6.38
C6 NAG Q . -40.95 -8.81 7.22
C7 NAG Q . -35.80 -4.79 5.69
C8 NAG Q . -34.36 -5.17 5.85
N2 NAG Q . -36.60 -5.77 5.26
O3 NAG Q . -36.12 -8.34 6.37
O4 NAG Q . -38.37 -10.05 6.60
O5 NAG Q . -39.95 -6.73 6.51
O6 NAG Q . -40.68 -10.21 7.33
O7 NAG Q . -36.20 -3.67 5.93
C1 NAG R . -50.55 -12.16 -46.13
C2 NAG R . -51.68 -12.88 -46.87
C3 NAG R . -52.52 -11.90 -47.70
C4 NAG R . -52.96 -10.70 -46.88
C5 NAG R . -51.74 -10.07 -46.21
C6 NAG R . -52.11 -8.85 -45.39
C7 NAG R . -51.23 -15.22 -47.33
C8 NAG R . -52.59 -15.75 -46.97
N2 NAG R . -51.18 -13.95 -47.71
O3 NAG R . -53.68 -12.58 -48.20
O4 NAG R . -53.59 -9.73 -47.73
O5 NAG R . -51.10 -11.05 -45.39
O6 NAG R . -51.01 -7.92 -45.43
O7 NAG R . -50.22 -15.92 -47.26
C1 NAG S . -56.77 -10.73 -4.86
C2 NAG S . -57.39 -11.56 -3.73
C3 NAG S . -58.78 -11.02 -3.36
C4 NAG S . -58.71 -9.53 -3.06
C5 NAG S . -58.07 -8.80 -4.24
C6 NAG S . -57.97 -7.30 -3.95
C7 NAG S . -56.59 -13.86 -3.78
C8 NAG S . -56.70 -15.20 -4.45
N2 NAG S . -57.49 -12.95 -4.14
O3 NAG S . -59.26 -11.72 -2.21
O4 NAG S . -60.04 -9.03 -2.84
O5 NAG S . -56.78 -9.33 -4.51
O6 NAG S . -57.05 -7.11 -2.86
O7 NAG S . -55.72 -13.63 -2.95
C1 NAG T . -40.33 -21.30 -3.78
C2 NAG T . -39.89 -22.75 -4.06
C3 NAG T . -39.17 -23.39 -2.88
C4 NAG T . -38.06 -22.48 -2.36
C5 NAG T . -38.66 -21.11 -2.00
C6 NAG T . -37.57 -20.18 -1.49
C7 NAG T . -42.25 -23.46 -3.94
C8 NAG T . -43.35 -23.18 -4.93
N2 NAG T . -41.03 -23.57 -4.46
O3 NAG T . -38.60 -24.63 -3.29
O4 NAG T . -37.46 -23.06 -1.20
O5 NAG T . -39.29 -20.53 -3.13
O6 NAG T . -36.81 -20.83 -0.46
O7 NAG T . -42.49 -23.60 -2.75
C1 NAG U . -24.13 -41.83 1.73
C2 NAG U . -24.24 -42.34 3.16
C3 NAG U . -23.45 -41.42 4.09
C4 NAG U . -24.00 -40.01 4.06
C5 NAG U . -24.23 -39.51 2.63
C6 NAG U . -23.55 -38.17 2.41
C7 NAG U . -26.72 -42.23 2.97
C8 NAG U . -27.45 -43.40 2.38
N2 NAG U . -25.61 -42.51 3.65
O3 NAG U . -22.08 -41.42 3.70
O4 NAG U . -25.24 -39.96 4.76
O5 NAG U . -23.73 -40.45 1.66
O6 NAG U . -23.73 -37.74 1.06
O7 NAG U . -27.16 -41.09 2.84
C1 NAG V . -17.60 -44.69 3.81
C2 NAG V . -18.85 -44.32 4.61
C3 NAG V . -18.72 -44.75 6.08
C4 NAG V . -17.41 -44.29 6.71
C5 NAG V . -16.21 -44.53 5.80
C6 NAG V . -15.11 -45.28 6.54
C7 NAG V . -18.38 -41.92 4.14
C8 NAG V . -18.72 -41.27 2.83
N2 NAG V . -19.19 -42.90 4.52
O3 NAG V . -18.81 -46.18 6.16
O4 NAG V . -17.49 -42.90 7.03
O5 NAG V . -16.60 -45.30 4.64
O6 NAG V . -15.60 -46.57 6.94
O7 NAG V . -17.42 -41.54 4.80
C1 NAG W . -2.24 -44.87 5.24
C2 NAG W . -3.76 -44.69 5.43
C3 NAG W . -4.50 -46.03 5.39
C4 NAG W . -4.12 -46.83 4.15
C5 NAG W . -2.60 -47.00 4.10
C6 NAG W . -2.18 -47.78 2.86
C7 NAG W . -4.20 -42.73 6.80
C8 NAG W . -5.38 -42.30 7.63
N2 NAG W . -4.02 -44.04 6.71
O3 NAG W . -5.90 -45.78 5.37
O4 NAG W . -4.74 -48.12 4.21
O5 NAG W . -1.98 -45.71 4.10
O6 NAG W . -2.91 -49.01 2.81
O7 NAG W . -3.47 -41.93 6.26
C1 NAG X . 12.96 8.01 -71.89
C2 NAG X . 12.46 8.88 -73.05
C3 NAG X . 13.60 9.20 -74.03
C4 NAG X . 14.80 9.77 -73.30
C5 NAG X . 15.23 8.82 -72.20
C6 NAG X . 16.41 9.39 -71.41
C7 NAG X . 10.10 8.45 -73.48
C8 NAG X . 9.30 9.04 -74.60
N2 NAG X . 11.39 8.21 -73.76
O3 NAG X . 13.13 10.15 -75.00
O4 NAG X . 15.89 9.95 -74.23
O5 NAG X . 14.14 8.57 -71.30
O6 NAG X . 15.98 10.59 -70.74
O7 NAG X . 9.62 8.20 -72.39
C1 NAG Y . 51.60 -13.12 -29.44
C2 NAG Y . 52.68 -14.02 -30.06
C3 NAG Y . 53.24 -14.97 -29.00
C4 NAG Y . 53.73 -14.21 -27.78
C5 NAG Y . 52.61 -13.32 -27.24
C6 NAG Y . 53.09 -12.49 -26.06
C7 NAG Y . 52.33 -14.43 -32.42
C8 NAG Y . 51.31 -14.98 -33.39
N2 NAG Y . 52.17 -14.80 -31.16
O3 NAG Y . 54.32 -15.73 -29.56
O4 NAG Y . 54.14 -15.15 -26.77
O5 NAG Y . 52.10 -12.46 -28.27
O6 NAG Y . 53.71 -13.35 -25.10
O7 NAG Y . 53.23 -13.69 -32.78
C1 NAG Z . 46.19 -31.93 -32.39
C2 NAG Z . 44.82 -32.58 -32.72
C3 NAG Z . 44.90 -34.10 -32.53
C4 NAG Z . 46.10 -34.70 -33.27
C5 NAG Z . 47.38 -33.94 -32.91
C6 NAG Z . 48.57 -34.47 -33.71
C7 NAG Z . 43.75 -31.39 -30.81
C8 NAG Z . 43.59 -32.23 -29.57
N2 NAG Z . 43.69 -32.03 -31.98
O3 NAG Z . 43.70 -34.70 -33.02
O4 NAG Z . 46.25 -36.08 -32.90
O5 NAG Z . 47.21 -32.55 -33.19
O6 NAG Z . 48.76 -35.86 -33.41
O7 NAG Z . 43.90 -30.18 -30.74
C1 NAG AA . 18.45 -17.11 -63.54
C2 NAG AA . 19.25 -17.96 -64.54
C3 NAG AA . 18.44 -18.24 -65.80
C4 NAG AA . 17.06 -18.79 -65.48
C5 NAG AA . 16.35 -17.85 -64.52
C6 NAG AA . 14.98 -18.40 -64.13
C7 NAG AA . 21.66 -17.64 -64.41
C8 NAG AA . 22.79 -16.69 -64.65
N2 NAG AA . 20.48 -17.28 -64.92
O3 NAG AA . 19.15 -19.16 -66.63
O4 NAG AA . 16.31 -18.92 -66.69
O5 NAG AA . 17.14 -17.66 -63.35
O6 NAG AA . 15.17 -19.57 -63.32
O7 NAG AA . 21.81 -18.69 -63.79
C1 NAG BA . -4.69 13.13 -48.62
C2 NAG BA . -3.50 13.14 -47.66
C3 NAG BA . -3.87 13.78 -46.32
C4 NAG BA . -5.14 13.21 -45.70
C5 NAG BA . -6.23 12.93 -46.74
C6 NAG BA . -7.59 13.42 -46.26
C7 NAG BA . -3.49 10.64 -47.65
C8 NAG BA . -3.03 9.82 -48.81
N2 NAG BA . -2.90 11.82 -47.48
O3 NAG BA . -4.03 15.19 -46.50
O4 NAG BA . -4.83 11.99 -45.01
O5 NAG BA . -5.91 13.57 -47.98
O6 NAG BA . -8.61 12.96 -47.16
O7 NAG BA . -4.35 10.22 -46.89
C1 NAG CA . 11.91 -20.32 -51.34
C2 NAG CA . 10.87 -19.22 -51.17
C3 NAG CA . 9.47 -19.82 -51.16
C4 NAG CA . 9.23 -20.69 -52.39
C5 NAG CA . 10.34 -21.74 -52.51
C6 NAG CA . 10.18 -22.57 -53.77
C7 NAG CA . 11.25 -17.15 -49.98
C8 NAG CA . 10.18 -16.35 -49.29
N2 NAG CA . 11.09 -18.46 -49.95
O3 NAG CA . 8.49 -18.78 -51.11
O4 NAG CA . 7.96 -21.35 -52.29
O5 NAG CA . 11.63 -21.10 -52.51
O6 NAG CA . 8.91 -23.23 -53.75
O7 NAG CA . 12.21 -16.62 -50.53
C1 NAG DA . 49.69 -7.92 1.40
C2 NAG DA . 50.22 -9.12 2.22
C3 NAG DA . 51.70 -9.03 2.61
C4 NAG DA . 52.33 -7.64 2.49
C5 NAG DA . 51.29 -6.56 2.76
C6 NAG DA . 51.91 -5.17 2.73
C7 NAG DA . 48.09 -9.45 3.40
C8 NAG DA . 47.34 -8.63 4.39
N2 NAG DA . 49.41 -9.29 3.42
O3 NAG DA . 52.46 -9.98 1.86
O4 NAG DA . 53.42 -7.51 3.42
O5 NAG DA . 50.25 -6.65 1.78
O6 NAG DA . 52.96 -5.10 3.72
O7 NAG DA . 47.54 -10.23 2.64
C1 NAG EA . 32.75 -41.17 -11.25
C2 NAG EA . 31.26 -40.94 -11.53
C3 NAG EA . 30.71 -42.05 -12.44
C4 NAG EA . 31.60 -42.25 -13.67
C5 NAG EA . 33.07 -42.40 -13.27
C6 NAG EA . 33.97 -42.53 -14.50
C7 NAG EA . 29.97 -41.79 -9.61
C8 NAG EA . 28.48 -41.75 -9.42
N2 NAG EA . 30.49 -40.78 -10.31
O3 NAG EA . 29.39 -41.71 -12.87
O4 NAG EA . 31.18 -43.43 -14.38
O5 NAG EA . 33.48 -41.27 -12.48
O6 NAG EA . 33.56 -43.67 -15.25
O7 NAG EA . 30.65 -42.69 -9.15
C1 NAG FA . 36.37 6.01 -12.28
C2 NAG FA . 36.54 4.60 -11.71
C3 NAG FA . 37.00 4.64 -10.26
C4 NAG FA . 38.24 5.53 -10.10
C5 NAG FA . 37.97 6.91 -10.69
C6 NAG FA . 39.21 7.78 -10.61
C7 NAG FA . 35.27 2.58 -12.20
C8 NAG FA . 34.63 1.63 -11.24
N2 NAG FA . 35.29 3.86 -11.82
O3 NAG FA . 37.30 3.32 -9.81
O4 NAG FA . 38.58 5.64 -8.72
O5 NAG FA . 37.55 6.79 -12.05
O6 NAG FA . 40.24 7.22 -11.45
O7 NAG FA . 35.74 2.22 -13.27
C1 NAG GA . 17.88 34.41 -53.09
C2 NAG GA . 17.27 34.48 -51.68
C3 NAG GA . 16.08 35.43 -51.64
C4 NAG GA . 16.44 36.80 -52.24
C5 NAG GA . 17.06 36.62 -53.62
C6 NAG GA . 17.49 37.97 -54.21
C7 NAG GA . 16.93 32.75 -49.99
C8 NAG GA . 16.72 31.29 -49.74
N2 NAG GA . 16.86 33.14 -51.25
O3 NAG GA . 15.64 35.61 -50.30
O4 NAG GA . 15.25 37.59 -52.35
O5 NAG GA . 18.19 35.75 -53.52
O6 NAG GA . 17.99 37.75 -55.54
O7 NAG GA . 17.13 33.55 -49.08
C1 NAG HA . 45.13 16.11 -23.41
C2 NAG HA . 45.15 14.67 -23.96
C3 NAG HA . 46.25 13.85 -23.31
C4 NAG HA . 46.20 13.90 -21.78
C5 NAG HA . 45.94 15.31 -21.26
C6 NAG HA . 46.93 15.66 -20.15
C7 NAG HA . 43.61 12.79 -24.04
C8 NAG HA . 43.51 12.47 -25.50
N2 NAG HA . 43.85 14.06 -23.74
O3 NAG HA . 47.53 14.35 -23.75
O4 NAG HA . 45.17 13.02 -21.31
O5 NAG HA . 46.05 16.27 -22.32
O6 NAG HA . 48.25 15.76 -20.71
O7 NAG HA . 43.48 11.94 -23.17
C1 NAG IA . 34.61 28.82 -16.88
C2 NAG IA . 35.07 29.61 -15.64
C3 NAG IA . 35.64 30.96 -16.05
C4 NAG IA . 36.70 30.82 -17.14
C5 NAG IA . 36.13 30.04 -18.31
C6 NAG IA . 37.17 29.83 -19.40
C7 NAG IA . 33.76 28.99 -13.68
C8 NAG IA . 33.95 29.61 -12.33
N2 NAG IA . 33.96 29.80 -14.72
O3 NAG IA . 36.21 31.60 -14.91
O4 NAG IA . 37.11 32.12 -17.58
O5 NAG IA . 35.65 28.76 -17.86
O6 NAG IA . 38.20 28.96 -18.92
O7 NAG IA . 33.45 27.82 -13.82
C1 NAG JA . 26.19 41.28 5.35
C2 NAG JA . 27.34 41.84 6.18
C3 NAG JA . 28.69 41.42 5.60
C4 NAG JA . 28.76 39.91 5.41
C5 NAG JA . 27.56 39.42 4.61
C6 NAG JA . 27.56 37.90 4.51
C7 NAG JA . 27.52 43.93 7.41
C8 NAG JA . 28.39 45.14 7.28
N2 NAG JA . 27.26 43.28 6.28
O3 NAG JA . 29.75 41.85 6.45
O4 NAG JA . 29.97 39.56 4.73
O5 NAG JA . 26.34 39.86 5.20
O6 NAG JA . 27.37 37.33 5.82
O7 NAG JA . 27.09 43.54 8.49
C1 NAG KA . 22.63 39.78 12.35
C2 NAG KA . 23.98 39.41 11.74
C3 NAG KA . 24.72 38.32 12.51
C4 NAG KA . 24.73 38.59 14.01
C5 NAG KA . 23.29 38.78 14.49
C6 NAG KA . 23.27 39.07 15.98
C7 NAG KA . 22.82 38.52 9.71
C8 NAG KA . 22.66 37.02 9.74
N2 NAG KA . 23.89 39.03 10.32
O3 NAG KA . 26.06 38.22 12.04
O4 NAG KA . 25.33 37.49 14.70
O5 NAG KA . 22.69 39.87 13.78
O6 NAG KA . 23.98 40.28 16.24
O7 NAG KA . 22.02 39.21 9.10
#